data_8CU8
#
_entry.id   8CU8
#
_cell.length_a   1.00
_cell.length_b   1.00
_cell.length_c   1.00
_cell.angle_alpha   90.00
_cell.angle_beta   90.00
_cell.angle_gamma   90.00
#
_symmetry.space_group_name_H-M   'P 1'
#
loop_
_entity.id
_entity.type
_entity.pdbx_description
1 polymer Ferritin
2 non-polymer 'FE (III) ION'
3 water water
#
_entity_poly.entity_id   1
_entity_poly.type   'polypeptide(L)'
_entity_poly.pdbx_seq_one_letter_code
;SLARQNYHSEVEAAVNKQINIELYASYVYLSMSFYFDRDDVALPNIAKFFKEQSDEEREHATELMRVQNLRGGRVVLQDI
QKPENDEWGTALKAFEAALALEKFNNESLLKLHSTAGNHNDAHLTDFIEEKYLDEQVKSINEFARMVANLKRVGPGVGEY
VFDKEHFS
;
_entity_poly.pdbx_strand_id   A,C,D,E,F,G,H,I,J,K,L,M,N,O,P,Q,R,S,T,U,V,W,X,Y
#
loop_
_chem_comp.id
_chem_comp.type
_chem_comp.name
_chem_comp.formula
FE non-polymer 'FE (III) ION' 'Fe 3'
#
# COMPACT_ATOMS: atom_id res chain seq x y z
N SER A 1 34.45 26.97 41.67
CA SER A 1 33.34 26.17 41.21
C SER A 1 32.35 25.88 42.34
N LEU A 2 31.07 26.08 42.08
CA LEU A 2 30.03 25.74 43.04
C LEU A 2 29.77 24.24 43.12
N ALA A 3 30.22 23.48 42.13
CA ALA A 3 29.91 22.06 42.04
C ALA A 3 31.00 21.16 42.61
N ARG A 4 32.19 21.70 42.91
CA ARG A 4 33.34 20.87 43.27
C ARG A 4 33.15 20.26 44.66
N GLN A 5 33.34 18.94 44.75
CA GLN A 5 33.16 18.20 45.99
C GLN A 5 33.92 16.90 45.88
N ASN A 6 34.83 16.63 46.85
CA ASN A 6 35.65 15.43 46.91
C ASN A 6 36.50 15.25 45.65
N TYR A 7 37.21 16.30 45.27
CA TYR A 7 38.01 16.31 44.04
C TYR A 7 39.32 17.02 44.35
N HIS A 8 40.35 16.26 44.67
CA HIS A 8 41.62 16.84 45.10
C HIS A 8 42.44 17.31 43.90
N SER A 9 43.43 18.15 44.19
CA SER A 9 44.20 18.81 43.14
C SER A 9 45.15 17.86 42.41
N GLU A 10 45.64 16.84 43.11
CA GLU A 10 46.52 15.85 42.48
C GLU A 10 45.79 15.05 41.41
N VAL A 11 44.52 14.73 41.67
CA VAL A 11 43.71 14.01 40.69
C VAL A 11 43.44 14.89 39.47
N GLU A 12 43.23 16.20 39.69
CA GLU A 12 43.03 17.15 38.60
C GLU A 12 44.28 17.25 37.71
N ALA A 13 45.46 17.31 38.33
CA ALA A 13 46.70 17.36 37.57
C ALA A 13 46.94 16.08 36.79
N ALA A 14 46.62 14.92 37.38
CA ALA A 14 46.77 13.66 36.66
C ALA A 14 45.81 13.54 35.47
N VAL A 15 44.60 14.09 35.59
CA VAL A 15 43.66 14.09 34.48
C VAL A 15 44.18 14.96 33.32
N ASN A 16 44.78 16.12 33.65
CA ASN A 16 45.36 16.97 32.60
C ASN A 16 46.53 16.27 31.88
N LYS A 17 47.36 15.54 32.64
CA LYS A 17 48.44 14.77 32.06
C LYS A 17 47.92 13.69 31.09
N GLN A 18 46.85 12.99 31.49
CA GLN A 18 46.27 11.97 30.62
C GLN A 18 45.67 12.56 29.35
N ILE A 19 45.11 13.78 29.44
CA ILE A 19 44.60 14.47 28.25
C ILE A 19 45.71 14.70 27.22
N ASN A 20 46.87 15.16 27.70
CA ASN A 20 47.99 15.39 26.77
C ASN A 20 48.48 14.07 26.15
N ILE A 21 48.45 12.99 26.93
CA ILE A 21 48.88 11.68 26.41
C ILE A 21 47.95 11.20 25.28
N GLU A 22 46.63 11.36 25.45
CA GLU A 22 45.69 10.93 24.41
C GLU A 22 45.83 11.78 23.14
N LEU A 23 46.10 13.08 23.29
CA LEU A 23 46.27 13.93 22.11
C LEU A 23 47.53 13.57 21.33
N TYR A 24 48.62 13.23 22.05
CA TYR A 24 49.84 12.79 21.39
C TYR A 24 49.63 11.48 20.62
N ALA A 25 48.86 10.55 21.20
CA ALA A 25 48.59 9.29 20.51
C ALA A 25 47.77 9.50 19.23
N SER A 26 46.80 10.43 19.29
CA SER A 26 46.03 10.78 18.10
C SER A 26 46.92 11.33 16.98
N TYR A 27 47.90 12.16 17.34
CA TYR A 27 48.74 12.76 16.32
C TYR A 27 49.72 11.74 15.72
N VAL A 28 50.18 10.78 16.52
CA VAL A 28 51.00 9.67 16.01
C VAL A 28 50.21 8.83 15.01
N TYR A 29 48.95 8.51 15.32
CA TYR A 29 48.15 7.71 14.39
C TYR A 29 47.83 8.48 13.10
N LEU A 30 47.70 9.80 13.17
CA LEU A 30 47.54 10.60 11.95
C LEU A 30 48.78 10.53 11.06
N SER A 31 49.96 10.57 11.68
CA SER A 31 51.21 10.43 10.92
C SER A 31 51.31 9.07 10.23
N MET A 32 50.91 7.99 10.93
CA MET A 32 50.95 6.66 10.33
C MET A 32 49.95 6.55 9.17
N SER A 33 48.76 7.11 9.36
CA SER A 33 47.71 7.10 8.33
C SER A 33 48.18 7.77 7.05
N PHE A 34 48.87 8.89 7.16
CA PHE A 34 49.32 9.51 5.91
C PHE A 34 50.65 8.98 5.42
N TYR A 35 51.37 8.17 6.22
CA TYR A 35 52.46 7.40 5.63
C TYR A 35 51.94 6.31 4.71
N PHE A 36 50.90 5.59 5.13
CA PHE A 36 50.41 4.52 4.25
C PHE A 36 49.58 5.02 3.07
N ASP A 37 49.33 6.32 2.98
CA ASP A 37 48.64 6.94 1.85
C ASP A 37 49.58 7.35 0.73
N ARG A 38 50.89 7.20 0.92
CA ARG A 38 51.87 7.63 -0.08
C ARG A 38 51.76 6.78 -1.35
N ASP A 39 52.20 7.37 -2.47
CA ASP A 39 52.03 6.70 -3.76
C ASP A 39 53.03 5.57 -3.96
N ASP A 40 54.11 5.52 -3.20
CA ASP A 40 55.06 4.42 -3.26
C ASP A 40 54.84 3.38 -2.18
N VAL A 41 53.82 3.55 -1.33
CA VAL A 41 53.41 2.53 -0.37
C VAL A 41 52.07 1.92 -0.76
N ALA A 42 51.01 2.74 -0.81
CA ALA A 42 49.73 2.45 -1.47
C ALA A 42 49.01 1.24 -0.85
N LEU A 43 48.74 1.33 0.44
CA LEU A 43 47.90 0.35 1.15
C LEU A 43 46.73 1.10 1.75
N PRO A 44 45.62 1.26 1.01
CA PRO A 44 44.59 2.23 1.42
C PRO A 44 43.75 1.82 2.61
N ASN A 45 43.51 0.51 2.81
CA ASN A 45 42.67 0.10 3.94
C ASN A 45 43.41 0.24 5.26
N ILE A 46 44.73 0.04 5.27
CA ILE A 46 45.54 0.28 6.45
C ILE A 46 45.54 1.77 6.81
N ALA A 47 45.61 2.63 5.78
CA ALA A 47 45.58 4.08 6.00
C ALA A 47 44.24 4.54 6.56
N LYS A 48 43.15 3.96 6.05
CA LYS A 48 41.82 4.26 6.58
C LYS A 48 41.67 3.79 8.03
N PHE A 49 42.23 2.62 8.35
CA PHE A 49 42.21 2.10 9.71
C PHE A 49 42.94 3.03 10.69
N PHE A 50 44.11 3.52 10.30
CA PHE A 50 44.85 4.41 11.18
C PHE A 50 44.20 5.78 11.30
N LYS A 51 43.49 6.24 10.26
CA LYS A 51 42.71 7.47 10.38
C LYS A 51 41.58 7.33 11.40
N GLU A 52 40.90 6.17 11.38
CA GLU A 52 39.87 5.91 12.38
C GLU A 52 40.44 5.83 13.79
N GLN A 53 41.63 5.25 13.95
CA GLN A 53 42.28 5.20 15.26
C GLN A 53 42.63 6.59 15.77
N SER A 54 43.06 7.49 14.87
CA SER A 54 43.36 8.87 15.25
C SER A 54 42.11 9.59 15.74
N ASP A 55 40.98 9.40 15.03
CA ASP A 55 39.72 10.01 15.47
C ASP A 55 39.27 9.46 16.83
N GLU A 56 39.49 8.16 17.08
CA GLU A 56 39.11 7.58 18.35
C GLU A 56 39.93 8.13 19.51
N GLU A 57 41.24 8.31 19.32
CA GLU A 57 42.06 8.88 20.38
C GLU A 57 41.70 10.34 20.67
N ARG A 58 41.30 11.09 19.63
CA ARG A 58 40.81 12.44 19.86
C ARG A 58 39.52 12.45 20.67
N GLU A 59 38.64 11.47 20.43
CA GLU A 59 37.42 11.34 21.23
C GLU A 59 37.72 11.01 22.69
N HIS A 60 38.73 10.17 22.93
CA HIS A 60 39.15 9.87 24.31
C HIS A 60 39.61 11.12 25.04
N ALA A 61 40.40 11.96 24.36
CA ALA A 61 40.87 13.20 24.98
C ALA A 61 39.72 14.16 25.28
N THR A 62 38.75 14.27 24.37
CA THR A 62 37.64 15.19 24.63
C THR A 62 36.71 14.68 25.74
N GLU A 63 36.57 13.37 25.89
CA GLU A 63 35.77 12.86 27.01
C GLU A 63 36.46 13.09 28.36
N LEU A 64 37.80 13.03 28.39
CA LEU A 64 38.49 13.39 29.62
C LEU A 64 38.34 14.87 29.95
N MET A 65 38.38 15.74 28.93
CA MET A 65 38.10 17.17 29.15
C MET A 65 36.70 17.40 29.69
N ARG A 66 35.73 16.65 29.18
CA ARG A 66 34.34 16.79 29.63
C ARG A 66 34.18 16.36 31.09
N VAL A 67 34.83 15.27 31.51
CA VAL A 67 34.67 14.86 32.91
C VAL A 67 35.45 15.79 33.84
N GLN A 68 36.53 16.41 33.35
CA GLN A 68 37.22 17.43 34.13
C GLN A 68 36.32 18.64 34.37
N ASN A 69 35.58 19.07 33.35
CA ASN A 69 34.62 20.14 33.56
C ASN A 69 33.44 19.71 34.44
N LEU A 70 33.05 18.44 34.35
CA LEU A 70 31.92 17.96 35.13
C LEU A 70 32.23 17.92 36.63
N ARG A 71 33.46 17.58 37.00
CA ARG A 71 33.79 17.52 38.42
C ARG A 71 34.19 18.88 39.00
N GLY A 72 34.21 19.94 38.19
CA GLY A 72 34.55 21.25 38.68
C GLY A 72 36.01 21.61 38.64
N GLY A 73 36.84 20.81 37.98
CA GLY A 73 38.23 21.17 37.76
C GLY A 73 38.40 22.06 36.54
N ARG A 74 39.65 22.41 36.26
CA ARG A 74 39.97 23.31 35.17
C ARG A 74 40.95 22.64 34.21
N VAL A 75 40.63 22.68 32.92
CA VAL A 75 41.45 22.09 31.88
C VAL A 75 42.64 22.99 31.61
N VAL A 76 43.85 22.43 31.64
CA VAL A 76 45.08 23.13 31.33
C VAL A 76 45.80 22.37 30.22
N LEU A 77 45.92 22.98 29.05
CA LEU A 77 46.50 22.32 27.88
C LEU A 77 47.99 22.63 27.75
N GLN A 78 48.72 21.68 27.15
CA GLN A 78 50.15 21.81 26.91
C GLN A 78 50.43 21.59 25.43
N ASP A 79 51.70 21.73 25.06
CA ASP A 79 52.14 21.46 23.70
C ASP A 79 51.98 19.98 23.35
N ILE A 80 51.66 19.71 22.09
CA ILE A 80 51.60 18.37 21.56
C ILE A 80 52.89 18.12 20.78
N GLN A 81 53.69 17.17 21.23
CA GLN A 81 54.96 16.87 20.58
C GLN A 81 54.73 16.14 19.26
N LYS A 82 55.64 16.37 18.31
CA LYS A 82 55.57 15.70 17.03
C LYS A 82 55.96 14.22 17.20
N PRO A 83 55.49 13.34 16.31
CA PRO A 83 55.83 11.92 16.42
C PRO A 83 57.31 11.65 16.20
N GLU A 84 57.73 10.45 16.63
CA GLU A 84 59.14 10.11 16.64
C GLU A 84 59.70 9.88 15.24
N ASN A 85 58.87 9.40 14.31
CA ASN A 85 59.33 9.09 12.97
C ASN A 85 58.45 9.77 11.94
N ASP A 86 59.03 10.08 10.79
CA ASP A 86 58.25 10.54 9.65
C ASP A 86 57.80 9.38 8.77
N GLU A 87 58.59 8.32 8.68
CA GLU A 87 58.24 7.14 7.91
C GLU A 87 58.36 5.91 8.81
N TRP A 88 57.48 4.93 8.57
CA TRP A 88 57.28 3.85 9.53
C TRP A 88 57.65 2.47 8.99
N GLY A 89 58.38 2.39 7.88
CA GLY A 89 58.90 1.11 7.42
C GLY A 89 57.84 0.23 6.80
N THR A 90 57.96 -1.07 7.03
CA THR A 90 57.00 -2.04 6.54
C THR A 90 55.74 -1.99 7.39
N ALA A 91 54.73 -2.78 6.99
CA ALA A 91 53.48 -2.83 7.76
C ALA A 91 53.68 -3.48 9.11
N LEU A 92 54.56 -4.49 9.18
CA LEU A 92 54.81 -5.19 10.43
C LEU A 92 55.48 -4.28 11.46
N LYS A 93 56.43 -3.46 11.03
CA LYS A 93 57.10 -2.52 11.93
C LYS A 93 56.14 -1.45 12.44
N ALA A 94 55.25 -0.98 11.57
CA ALA A 94 54.27 0.02 11.98
C ALA A 94 53.28 -0.53 12.98
N PHE A 95 52.81 -1.77 12.78
CA PHE A 95 51.86 -2.34 13.73
C PHE A 95 52.54 -2.71 15.04
N GLU A 96 53.84 -3.05 15.02
CA GLU A 96 54.56 -3.28 16.26
C GLU A 96 54.76 -2.00 17.06
N ALA A 97 55.06 -0.90 16.37
CA ALA A 97 55.16 0.40 17.04
C ALA A 97 53.82 0.85 17.61
N ALA A 98 52.73 0.57 16.89
CA ALA A 98 51.39 0.88 17.40
C ALA A 98 51.05 0.06 18.64
N LEU A 99 51.47 -1.21 18.67
CA LEU A 99 51.24 -2.04 19.85
C LEU A 99 52.00 -1.52 21.05
N ALA A 100 53.26 -1.08 20.85
CA ALA A 100 54.03 -0.51 21.94
C ALA A 100 53.40 0.80 22.46
N LEU A 101 52.84 1.60 21.55
CA LEU A 101 52.17 2.83 21.97
C LEU A 101 50.91 2.54 22.80
N GLU A 102 50.13 1.53 22.39
CA GLU A 102 48.94 1.15 23.15
C GLU A 102 49.30 0.64 24.55
N LYS A 103 50.41 -0.09 24.67
CA LYS A 103 50.80 -0.58 25.99
C LYS A 103 51.31 0.55 26.90
N PHE A 104 52.01 1.54 26.32
CA PHE A 104 52.40 2.73 27.09
C PHE A 104 51.18 3.49 27.60
N ASN A 105 50.16 3.63 26.75
N ASN A 105 50.15 3.63 26.76
CA ASN A 105 48.93 4.31 27.14
CA ASN A 105 48.93 4.32 27.18
C ASN A 105 48.20 3.55 28.24
C ASN A 105 48.19 3.55 28.25
N ASN A 106 48.21 2.21 28.18
CA ASN A 106 47.60 1.40 29.22
C ASN A 106 48.31 1.55 30.56
N GLU A 107 49.64 1.66 30.54
CA GLU A 107 50.38 1.87 31.78
C GLU A 107 50.08 3.24 32.39
N SER A 108 49.93 4.27 31.55
CA SER A 108 49.54 5.59 32.05
C SER A 108 48.12 5.59 32.63
N LEU A 109 47.20 4.87 31.99
CA LEU A 109 45.83 4.79 32.51
C LEU A 109 45.77 4.07 33.84
N LEU A 110 46.58 3.01 34.01
CA LEU A 110 46.61 2.29 35.28
C LEU A 110 47.21 3.15 36.38
N LYS A 111 48.20 3.99 36.06
CA LYS A 111 48.74 4.91 37.06
C LYS A 111 47.71 5.96 37.47
N LEU A 112 46.92 6.47 36.52
CA LEU A 112 45.86 7.41 36.86
C LEU A 112 44.79 6.78 37.75
N HIS A 113 44.42 5.53 37.44
CA HIS A 113 43.47 4.80 38.26
C HIS A 113 44.00 4.57 39.67
N SER A 114 45.30 4.31 39.79
CA SER A 114 45.90 4.12 41.11
C SER A 114 45.92 5.41 41.92
N THR A 115 46.19 6.55 41.28
CA THR A 115 46.16 7.83 41.98
C THR A 115 44.74 8.18 42.47
N ALA A 116 43.74 7.99 41.60
CA ALA A 116 42.36 8.25 42.00
C ALA A 116 41.89 7.29 43.09
N GLY A 117 42.38 6.05 43.08
CA GLY A 117 42.06 5.15 44.17
C GLY A 117 42.74 5.51 45.48
N ASN A 118 43.96 6.05 45.41
CA ASN A 118 44.66 6.46 46.63
C ASN A 118 44.02 7.68 47.26
N HIS A 119 43.38 8.54 46.47
CA HIS A 119 42.73 9.71 47.05
C HIS A 119 41.25 9.49 47.35
N ASN A 120 40.78 8.25 47.34
CA ASN A 120 39.40 7.85 47.69
C ASN A 120 38.36 8.56 46.83
N ASP A 121 38.60 8.59 45.54
CA ASP A 121 37.69 9.22 44.58
C ASP A 121 36.93 8.11 43.87
N ALA A 122 35.74 7.78 44.38
CA ALA A 122 35.00 6.62 43.90
C ALA A 122 34.43 6.84 42.51
N HIS A 123 33.93 8.05 42.24
CA HIS A 123 33.32 8.35 40.95
C HIS A 123 34.33 8.28 39.82
N LEU A 124 35.54 8.77 40.05
CA LEU A 124 36.52 8.78 38.97
C LEU A 124 37.12 7.41 38.71
N THR A 125 37.33 6.60 39.76
CA THR A 125 37.77 5.22 39.53
C THR A 125 36.72 4.42 38.77
N ASP A 126 35.44 4.63 39.10
CA ASP A 126 34.39 3.95 38.34
C ASP A 126 34.32 4.45 36.89
N PHE A 127 34.53 5.75 36.68
CA PHE A 127 34.53 6.32 35.33
C PHE A 127 35.65 5.73 34.48
N ILE A 128 36.86 5.66 35.05
CA ILE A 128 38.02 5.12 34.34
C ILE A 128 37.81 3.65 34.03
N GLU A 129 37.30 2.88 35.00
CA GLU A 129 37.04 1.46 34.79
C GLU A 129 35.98 1.22 33.72
N GLU A 130 34.93 2.03 33.69
CA GLU A 130 33.85 1.77 32.74
C GLU A 130 34.18 2.27 31.34
N LYS A 131 34.99 3.31 31.20
CA LYS A 131 35.19 3.90 29.89
C LYS A 131 36.57 3.68 29.27
N TYR A 132 37.59 3.31 30.03
CA TYR A 132 38.90 3.33 29.40
C TYR A 132 39.65 2.01 29.48
N LEU A 133 39.56 1.29 30.60
CA LEU A 133 40.42 0.13 30.83
C LEU A 133 40.05 -1.05 29.93
N ASP A 134 38.75 -1.35 29.82
CA ASP A 134 38.32 -2.47 28.99
C ASP A 134 38.56 -2.20 27.50
N GLU A 135 38.31 -0.97 27.07
CA GLU A 135 38.60 -0.57 25.69
C GLU A 135 40.09 -0.66 25.38
N GLN A 136 40.94 -0.31 26.36
CA GLN A 136 42.38 -0.40 26.14
C GLN A 136 42.85 -1.84 26.06
N VAL A 137 42.29 -2.72 26.88
CA VAL A 137 42.63 -4.15 26.82
C VAL A 137 42.22 -4.74 25.48
N LYS A 138 41.03 -4.37 24.98
CA LYS A 138 40.58 -4.88 23.68
C LYS A 138 41.42 -4.33 22.53
N SER A 139 41.88 -3.08 22.64
CA SER A 139 42.72 -2.51 21.60
C SER A 139 44.10 -3.19 21.55
N ILE A 140 44.67 -3.49 22.71
CA ILE A 140 45.96 -4.18 22.76
C ILE A 140 45.84 -5.59 22.17
N ASN A 141 44.73 -6.28 22.47
CA ASN A 141 44.51 -7.61 21.92
C ASN A 141 44.34 -7.58 20.40
N GLU A 142 43.64 -6.56 19.88
CA GLU A 142 43.45 -6.43 18.43
C GLU A 142 44.78 -6.18 17.72
N PHE A 143 45.63 -5.31 18.26
CA PHE A 143 46.93 -5.06 17.63
C PHE A 143 47.85 -6.27 17.72
N ALA A 144 47.77 -7.05 18.81
CA ALA A 144 48.60 -8.26 18.90
C ALA A 144 48.17 -9.31 17.88
N ARG A 145 46.87 -9.46 17.65
CA ARG A 145 46.40 -10.39 16.63
C ARG A 145 46.81 -9.95 15.23
N MET A 146 46.80 -8.63 14.98
CA MET A 146 47.23 -8.14 13.66
C MET A 146 48.72 -8.35 13.44
N VAL A 147 49.53 -8.20 14.50
CA VAL A 147 50.97 -8.48 14.39
C VAL A 147 51.21 -9.96 14.09
N ALA A 148 50.44 -10.84 14.74
CA ALA A 148 50.58 -12.28 14.49
C ALA A 148 50.21 -12.65 13.04
N ASN A 149 49.14 -12.05 12.52
CA ASN A 149 48.75 -12.35 11.14
C ASN A 149 49.73 -11.77 10.13
N LEU A 150 50.32 -10.60 10.42
CA LEU A 150 51.31 -10.04 9.52
C LEU A 150 52.61 -10.84 9.54
N LYS A 151 52.95 -11.44 10.67
CA LYS A 151 54.07 -12.38 10.68
C LYS A 151 53.75 -13.64 9.91
N ARG A 152 52.48 -14.07 9.91
CA ARG A 152 52.10 -15.28 9.19
C ARG A 152 52.18 -15.08 7.68
N VAL A 153 51.60 -14.00 7.15
CA VAL A 153 51.48 -13.88 5.70
C VAL A 153 52.79 -13.51 5.01
N GLY A 154 53.74 -12.89 5.71
CA GLY A 154 55.00 -12.52 5.11
C GLY A 154 54.91 -11.33 4.19
N PRO A 155 56.03 -10.94 3.58
CA PRO A 155 56.04 -9.75 2.72
C PRO A 155 55.56 -10.05 1.30
N GLY A 156 55.07 -9.01 0.65
CA GLY A 156 54.70 -9.08 -0.76
C GLY A 156 53.21 -9.38 -0.95
N VAL A 157 52.92 -10.53 -1.56
CA VAL A 157 51.54 -10.86 -1.91
C VAL A 157 50.73 -11.14 -0.64
N GLY A 158 51.38 -11.60 0.42
CA GLY A 158 50.69 -11.75 1.69
C GLY A 158 50.28 -10.41 2.29
N GLU A 159 51.13 -9.40 2.14
CA GLU A 159 50.80 -8.06 2.59
C GLU A 159 49.65 -7.46 1.79
N TYR A 160 49.63 -7.72 0.47
CA TYR A 160 48.52 -7.26 -0.36
C TYR A 160 47.21 -7.95 0.02
N VAL A 161 47.25 -9.26 0.28
CA VAL A 161 46.05 -10.01 0.65
C VAL A 161 45.55 -9.57 2.03
N PHE A 162 46.49 -9.29 2.95
CA PHE A 162 46.12 -8.76 4.27
C PHE A 162 45.44 -7.40 4.15
N ASP A 163 45.95 -6.52 3.28
CA ASP A 163 45.30 -5.22 3.11
C ASP A 163 43.93 -5.35 2.45
N LYS A 164 43.75 -6.33 1.57
CA LYS A 164 42.44 -6.47 0.94
C LYS A 164 41.41 -7.14 1.83
N GLU A 165 41.82 -8.05 2.72
CA GLU A 165 40.88 -8.94 3.38
C GLU A 165 40.59 -8.59 4.84
N HIS A 166 41.56 -8.04 5.57
CA HIS A 166 41.47 -7.99 7.02
C HIS A 166 40.50 -6.94 7.55
N PHE A 167 40.16 -5.93 6.75
CA PHE A 167 39.38 -4.80 7.25
C PHE A 167 38.00 -4.72 6.64
N SER A 168 37.56 -5.75 5.92
CA SER A 168 36.24 -5.76 5.31
C SER A 168 35.30 -6.66 6.08
N SER B 1 9.17 -48.17 35.30
CA SER B 1 8.54 -47.44 34.23
C SER B 1 7.32 -48.17 33.69
N LEU B 2 6.21 -47.46 33.54
CA LEU B 2 5.02 -48.03 32.94
C LEU B 2 5.12 -48.16 31.43
N ALA B 3 6.07 -47.47 30.81
CA ALA B 3 6.18 -47.42 29.36
C ALA B 3 7.18 -48.42 28.79
N ARG B 4 8.00 -49.06 29.62
CA ARG B 4 9.11 -49.88 29.13
C ARG B 4 8.59 -51.17 28.49
N GLN B 5 9.06 -51.45 27.28
CA GLN B 5 8.63 -52.62 26.52
C GLN B 5 9.68 -52.91 25.46
N ASN B 6 10.20 -54.15 25.45
CA ASN B 6 11.22 -54.62 24.51
C ASN B 6 12.48 -53.75 24.56
N TYR B 7 13.00 -53.54 25.76
CA TYR B 7 14.16 -52.68 25.98
C TYR B 7 15.05 -53.36 27.03
N HIS B 8 16.06 -54.08 26.57
CA HIS B 8 16.89 -54.87 27.47
C HIS B 8 17.94 -53.99 28.14
N SER B 9 18.52 -54.52 29.21
CA SER B 9 19.43 -53.74 30.05
C SER B 9 20.78 -53.49 29.39
N GLU B 10 21.22 -54.41 28.53
CA GLU B 10 22.49 -54.23 27.81
C GLU B 10 22.41 -53.06 26.85
N VAL B 11 21.27 -52.89 26.20
CA VAL B 11 21.06 -51.76 25.29
C VAL B 11 21.04 -50.45 26.05
N GLU B 12 20.45 -50.45 27.26
CA GLU B 12 20.44 -49.27 28.12
C GLU B 12 21.85 -48.86 28.55
N ALA B 13 22.67 -49.85 28.92
CA ALA B 13 24.06 -49.57 29.31
C ALA B 13 24.87 -49.05 28.13
N ALA B 14 24.65 -49.60 26.93
CA ALA B 14 25.37 -49.11 25.76
C ALA B 14 24.97 -47.68 25.38
N VAL B 15 23.70 -47.31 25.59
CA VAL B 15 23.25 -45.94 25.34
C VAL B 15 23.92 -44.96 26.31
N ASN B 16 24.06 -45.36 27.58
CA ASN B 16 24.74 -44.50 28.56
C ASN B 16 26.22 -44.31 28.20
N LYS B 17 26.88 -45.38 27.72
CA LYS B 17 28.25 -45.29 27.26
C LYS B 17 28.40 -44.31 26.08
N GLN B 18 27.47 -44.38 25.12
CA GLN B 18 27.53 -43.47 23.98
C GLN B 18 27.29 -42.02 24.38
N ILE B 19 26.46 -41.79 25.41
CA ILE B 19 26.25 -40.44 25.94
C ILE B 19 27.56 -39.84 26.45
N ASN B 20 28.32 -40.64 27.21
CA ASN B 20 29.61 -40.14 27.72
C ASN B 20 30.60 -39.86 26.59
N ILE B 21 30.57 -40.69 25.53
CA ILE B 21 31.46 -40.48 24.39
C ILE B 21 31.16 -39.15 23.67
N GLU B 22 29.87 -38.84 23.47
CA GLU B 22 29.50 -37.58 22.81
C GLU B 22 29.88 -36.36 23.66
N LEU B 23 29.74 -36.47 24.98
CA LEU B 23 30.11 -35.34 25.84
C LEU B 23 31.62 -35.09 25.83
N TYR B 24 32.42 -36.17 25.80
CA TYR B 24 33.86 -36.02 25.70
C TYR B 24 34.28 -35.36 24.38
N ALA B 25 33.61 -35.73 23.27
CA ALA B 25 33.93 -35.12 21.99
C ALA B 25 33.60 -33.62 21.97
N SER B 26 32.48 -33.24 22.61
CA SER B 26 32.13 -31.83 22.74
C SER B 26 33.19 -31.05 23.50
N TYR B 27 33.74 -31.63 24.57
CA TYR B 27 34.72 -30.92 25.37
C TYR B 27 36.07 -30.80 24.65
N VAL B 28 36.43 -31.80 23.84
CA VAL B 28 37.63 -31.72 22.99
C VAL B 28 37.49 -30.60 21.96
N TYR B 29 36.33 -30.48 21.32
CA TYR B 29 36.15 -29.41 20.34
C TYR B 29 36.13 -28.02 20.99
N LEU B 30 35.66 -27.92 22.23
CA LEU B 30 35.76 -26.65 22.95
C LEU B 30 37.21 -26.25 23.21
N SER B 31 38.04 -27.24 23.57
CA SER B 31 39.46 -26.98 23.77
C SER B 31 40.14 -26.51 22.48
N MET B 32 39.80 -27.14 21.34
CA MET B 32 40.38 -26.71 20.06
C MET B 32 39.93 -25.30 19.68
N SER B 33 38.65 -25.00 19.91
CA SER B 33 38.10 -23.67 19.61
C SER B 33 38.81 -22.57 20.38
N PHE B 34 39.11 -22.81 21.65
CA PHE B 34 39.81 -21.74 22.36
C PHE B 34 41.32 -21.80 22.20
N TYR B 35 41.87 -22.87 21.62
CA TYR B 35 43.26 -22.78 21.17
C TYR B 35 43.39 -21.85 19.97
N PHE B 36 42.49 -21.95 19.00
CA PHE B 36 42.63 -21.07 17.84
C PHE B 36 42.19 -19.63 18.10
N ASP B 37 41.67 -19.33 19.28
CA ASP B 37 41.31 -17.98 19.69
C ASP B 37 42.46 -17.22 20.34
N ARG B 38 43.61 -17.86 20.55
CA ARG B 38 44.74 -17.23 21.21
C ARG B 38 45.31 -16.10 20.37
N ASP B 39 45.96 -15.14 21.05
CA ASP B 39 46.45 -13.95 20.35
C ASP B 39 47.70 -14.22 19.53
N ASP B 40 48.40 -15.31 19.77
CA ASP B 40 49.55 -15.69 18.96
C ASP B 40 49.22 -16.73 17.91
N VAL B 41 47.95 -17.15 17.81
CA VAL B 41 47.50 -18.00 16.72
C VAL B 41 46.58 -17.23 15.76
N ALA B 42 45.44 -16.73 16.27
CA ALA B 42 44.60 -15.71 15.65
C ALA B 42 44.04 -16.14 14.29
N LEU B 43 43.30 -17.25 14.31
CA LEU B 43 42.54 -17.71 13.15
C LEU B 43 41.08 -17.79 13.56
N PRO B 44 40.31 -16.70 13.41
CA PRO B 44 39.00 -16.63 14.07
C PRO B 44 37.91 -17.49 13.45
N ASN B 45 37.95 -17.72 12.13
CA ASN B 45 36.89 -18.52 11.51
C ASN B 45 37.04 -20.00 11.85
N ILE B 46 38.27 -20.48 12.01
CA ILE B 46 38.52 -21.84 12.46
C ILE B 46 38.02 -22.02 13.90
N ALA B 47 38.24 -21.01 14.74
CA ALA B 47 37.78 -21.06 16.13
C ALA B 47 36.25 -21.07 16.20
N LYS B 48 35.59 -20.27 15.36
CA LYS B 48 34.13 -20.27 15.30
C LYS B 48 33.59 -21.61 14.81
N PHE B 49 34.28 -22.22 13.84
CA PHE B 49 33.89 -23.54 13.33
C PHE B 49 33.96 -24.61 14.43
N PHE B 50 35.03 -24.61 15.21
CA PHE B 50 35.16 -25.61 16.26
C PHE B 50 34.18 -25.35 17.41
N LYS B 51 33.81 -24.09 17.66
CA LYS B 51 32.77 -23.81 18.64
C LYS B 51 31.41 -24.38 18.20
N GLU B 52 31.10 -24.24 16.91
CA GLU B 52 29.87 -24.84 16.38
C GLU B 52 29.90 -26.36 16.46
N GLN B 53 31.05 -26.98 16.22
CA GLN B 53 31.18 -28.43 16.35
C GLN B 53 30.96 -28.89 17.78
N SER B 54 31.45 -28.11 18.76
CA SER B 54 31.24 -28.43 20.16
C SER B 54 29.76 -28.38 20.54
N ASP B 55 29.05 -27.35 20.05
CA ASP B 55 27.61 -27.25 20.29
C ASP B 55 26.84 -28.42 19.66
N GLU B 56 27.27 -28.86 18.46
CA GLU B 56 26.61 -29.97 17.80
C GLU B 56 26.80 -31.29 18.55
N GLU B 57 28.00 -31.55 19.08
CA GLU B 57 28.21 -32.77 19.85
C GLU B 57 27.42 -32.76 21.16
N ARG B 58 27.25 -31.59 21.77
CA ARG B 58 26.39 -31.49 22.95
C ARG B 58 24.93 -31.80 22.61
N GLU B 59 24.48 -31.36 21.43
CA GLU B 59 23.12 -31.69 20.98
C GLU B 59 22.95 -33.19 20.75
N HIS B 60 23.98 -33.86 20.22
CA HIS B 60 23.93 -35.31 20.04
C HIS B 60 23.77 -36.04 21.37
N ALA B 61 24.53 -35.59 22.38
CA ALA B 61 24.41 -36.20 23.72
C ALA B 61 23.02 -35.99 24.32
N THR B 62 22.45 -34.79 24.17
CA THR B 62 21.13 -34.56 24.76
C THR B 62 20.03 -35.32 24.02
N GLU B 63 20.17 -35.55 22.72
CA GLU B 63 19.17 -36.36 22.03
C GLU B 63 19.24 -37.83 22.43
N LEU B 64 20.45 -38.34 22.73
CA LEU B 64 20.53 -39.69 23.27
C LEU B 64 19.92 -39.80 24.65
N MET B 65 20.10 -38.77 25.50
CA MET B 65 19.42 -38.74 26.81
C MET B 65 17.91 -38.73 26.66
N ARG B 66 17.41 -37.99 25.67
CA ARG B 66 15.96 -37.92 25.43
C ARG B 66 15.40 -39.27 24.98
N VAL B 67 16.10 -39.99 24.11
CA VAL B 67 15.54 -41.28 23.67
C VAL B 67 15.68 -42.33 24.78
N GLN B 68 16.68 -42.18 25.66
CA GLN B 68 16.77 -43.05 26.83
C GLN B 68 15.57 -42.84 27.76
N ASN B 69 15.16 -41.59 27.97
CA ASN B 69 13.95 -41.35 28.75
C ASN B 69 12.69 -41.80 28.02
N LEU B 70 12.68 -41.70 26.69
CA LEU B 70 11.50 -42.08 25.92
C LEU B 70 11.25 -43.59 25.98
N ARG B 71 12.31 -44.40 25.97
CA ARG B 71 12.11 -45.84 26.02
C ARG B 71 11.92 -46.39 27.43
N GLY B 72 11.97 -45.54 28.45
CA GLY B 72 11.76 -45.98 29.81
C GLY B 72 13.01 -46.42 30.54
N GLY B 73 14.19 -46.17 30.00
CA GLY B 73 15.42 -46.42 30.71
C GLY B 73 15.79 -45.25 31.61
N ARG B 74 16.93 -45.39 32.29
CA ARG B 74 17.40 -44.40 33.24
C ARG B 74 18.79 -43.90 32.84
N VAL B 75 18.96 -42.59 32.80
CA VAL B 75 20.22 -41.96 32.44
C VAL B 75 21.17 -42.04 33.63
N VAL B 76 22.38 -42.54 33.41
CA VAL B 76 23.43 -42.60 34.42
C VAL B 76 24.66 -41.90 33.87
N LEU B 77 25.04 -40.80 34.49
CA LEU B 77 26.14 -39.97 34.01
C LEU B 77 27.45 -40.33 34.70
N GLN B 78 28.56 -40.13 33.98
CA GLN B 78 29.90 -40.39 34.49
C GLN B 78 30.75 -39.13 34.34
N ASP B 79 31.99 -39.21 34.82
CA ASP B 79 32.94 -38.12 34.67
C ASP B 79 33.29 -37.89 33.21
N ILE B 80 33.52 -36.63 32.86
CA ILE B 80 34.00 -36.25 31.55
C ILE B 80 35.50 -35.99 31.65
N GLN B 81 36.29 -36.78 30.95
CA GLN B 81 37.74 -36.65 31.00
C GLN B 81 38.20 -35.41 30.23
N LYS B 82 39.30 -34.82 30.69
CA LYS B 82 39.87 -33.67 30.02
C LYS B 82 40.52 -34.11 28.70
N PRO B 83 40.65 -33.20 27.73
CA PRO B 83 41.26 -33.56 26.45
C PRO B 83 42.74 -33.90 26.58
N GLU B 84 43.25 -34.57 25.54
CA GLU B 84 44.61 -35.11 25.58
C GLU B 84 45.67 -34.02 25.51
N ASN B 85 45.38 -32.91 24.84
CA ASN B 85 46.36 -31.85 24.66
C ASN B 85 45.76 -30.51 25.07
N ASP B 86 46.63 -29.61 25.52
CA ASP B 86 46.23 -28.23 25.75
C ASP B 86 46.43 -27.37 24.51
N GLU B 87 47.44 -27.67 23.70
CA GLU B 87 47.70 -26.95 22.46
C GLU B 87 47.79 -27.95 21.31
N TRP B 88 47.32 -27.52 20.14
CA TRP B 88 47.05 -28.44 19.05
C TRP B 88 47.93 -28.22 17.82
N GLY B 89 49.00 -27.43 17.93
CA GLY B 89 49.96 -27.32 16.84
C GLY B 89 49.45 -26.46 15.70
N THR B 90 49.80 -26.84 14.48
CA THR B 90 49.35 -26.14 13.29
C THR B 90 47.90 -26.49 12.99
N ALA B 91 47.33 -25.85 11.97
CA ALA B 91 45.95 -26.13 11.60
C ALA B 91 45.80 -27.52 11.02
N LEU B 92 46.81 -28.00 10.28
CA LEU B 92 46.76 -29.33 9.67
C LEU B 92 46.76 -30.42 10.73
N LYS B 93 47.57 -30.27 11.77
CA LYS B 93 47.61 -31.25 12.86
C LYS B 93 46.30 -31.28 13.64
N ALA B 94 45.69 -30.12 13.85
CA ALA B 94 44.42 -30.06 14.56
C ALA B 94 43.30 -30.70 13.76
N PHE B 95 43.27 -30.47 12.44
CA PHE B 95 42.21 -31.09 11.65
C PHE B 95 42.43 -32.58 11.47
N GLU B 96 43.69 -33.04 11.49
CA GLU B 96 43.95 -34.48 11.46
C GLU B 96 43.52 -35.16 12.75
N ALA B 97 43.77 -34.52 13.90
CA ALA B 97 43.29 -35.05 15.17
C ALA B 97 41.77 -35.07 15.25
N ALA B 98 41.12 -34.05 14.68
CA ALA B 98 39.66 -34.03 14.63
C ALA B 98 39.11 -35.15 13.75
N LEU B 99 39.79 -35.44 12.63
CA LEU B 99 39.36 -36.54 11.77
C LEU B 99 39.48 -37.88 12.49
N ALA B 100 40.57 -38.08 13.24
CA ALA B 100 40.73 -39.31 14.01
C ALA B 100 39.66 -39.45 15.10
N LEU B 101 39.28 -38.33 15.72
CA LEU B 101 38.22 -38.36 16.73
C LEU B 101 36.86 -38.72 16.11
N GLU B 102 36.56 -38.18 14.93
CA GLU B 102 35.30 -38.51 14.25
C GLU B 102 35.25 -39.98 13.86
N LYS B 103 36.39 -40.56 13.45
CA LYS B 103 36.38 -41.97 13.09
C LYS B 103 36.22 -42.88 14.31
N PHE B 104 36.82 -42.49 15.45
CA PHE B 104 36.60 -43.22 16.70
C PHE B 104 35.13 -43.20 17.11
N ASN B 105 34.49 -42.04 16.98
N ASN B 105 34.47 -42.05 16.97
CA ASN B 105 33.07 -41.91 17.30
CA ASN B 105 33.06 -41.94 17.31
C ASN B 105 32.20 -42.76 16.37
C ASN B 105 32.19 -42.76 16.37
N ASN B 106 32.57 -42.84 15.09
CA ASN B 106 31.84 -43.68 14.14
C ASN B 106 31.95 -45.16 14.49
N GLU B 107 33.14 -45.59 14.95
CA GLU B 107 33.30 -46.98 15.35
C GLU B 107 32.46 -47.31 16.59
N SER B 108 32.39 -46.36 17.54
CA SER B 108 31.52 -46.58 18.70
C SER B 108 30.04 -46.62 18.33
N LEU B 109 29.62 -45.77 17.39
CA LEU B 109 28.22 -45.79 16.95
C LEU B 109 27.87 -47.08 16.24
N LEU B 110 28.79 -47.62 15.43
CA LEU B 110 28.53 -48.89 14.77
C LEU B 110 28.46 -50.05 15.75
N LYS B 111 29.26 -50.00 16.82
CA LYS B 111 29.16 -51.03 17.85
C LYS B 111 27.82 -50.97 18.60
N LEU B 112 27.33 -49.75 18.86
CA LEU B 112 26.02 -49.60 19.50
C LEU B 112 24.90 -50.11 18.60
N HIS B 113 24.99 -49.82 17.29
CA HIS B 113 24.01 -50.33 16.34
C HIS B 113 24.04 -51.85 16.26
N SER B 114 25.23 -52.44 16.36
CA SER B 114 25.34 -53.89 16.34
C SER B 114 24.74 -54.53 17.59
N THR B 115 24.92 -53.91 18.76
CA THR B 115 24.32 -54.42 19.99
C THR B 115 22.80 -54.36 19.94
N ALA B 116 22.26 -53.22 19.49
CA ALA B 116 20.81 -53.08 19.37
C ALA B 116 20.23 -54.03 18.33
N GLY B 117 20.98 -54.33 17.26
CA GLY B 117 20.53 -55.31 16.31
C GLY B 117 20.57 -56.73 16.85
N ASN B 118 21.56 -57.04 17.69
CA ASN B 118 21.63 -58.37 18.28
C ASN B 118 20.54 -58.62 19.29
N HIS B 119 20.03 -57.58 19.94
CA HIS B 119 18.95 -57.78 20.90
C HIS B 119 17.57 -57.56 20.29
N ASN B 120 17.45 -57.51 18.96
CA ASN B 120 16.19 -57.40 18.21
C ASN B 120 15.38 -56.16 18.61
N ASP B 121 16.07 -55.03 18.70
CA ASP B 121 15.43 -53.76 19.07
C ASP B 121 15.29 -52.94 17.79
N ALA B 122 14.11 -53.04 17.16
CA ALA B 122 13.91 -52.45 15.84
C ALA B 122 13.85 -50.93 15.89
N HIS B 123 13.19 -50.38 16.92
CA HIS B 123 13.03 -48.94 17.04
C HIS B 123 14.37 -48.24 17.25
N LEU B 124 15.26 -48.84 18.05
CA LEU B 124 16.52 -48.17 18.32
C LEU B 124 17.50 -48.28 17.16
N THR B 125 17.50 -49.40 16.42
CA THR B 125 18.33 -49.48 15.23
C THR B 125 17.86 -48.49 14.17
N ASP B 126 16.54 -48.32 14.02
CA ASP B 126 16.04 -47.31 13.09
C ASP B 126 16.37 -45.91 13.55
N PHE B 127 16.33 -45.65 14.86
CA PHE B 127 16.68 -44.34 15.41
C PHE B 127 18.14 -44.00 15.13
N ILE B 128 19.04 -44.96 15.39
CA ILE B 128 20.47 -44.75 15.19
C ILE B 128 20.77 -44.53 13.72
N GLU B 129 20.19 -45.36 12.85
CA GLU B 129 20.40 -45.23 11.40
C GLU B 129 19.88 -43.90 10.87
N GLU B 130 18.75 -43.44 11.39
CA GLU B 130 18.18 -42.20 10.86
C GLU B 130 18.93 -40.96 11.37
N LYS B 131 19.32 -40.93 12.63
CA LYS B 131 19.82 -39.70 13.21
C LYS B 131 21.33 -39.62 13.39
N TYR B 132 22.08 -40.72 13.31
CA TYR B 132 23.49 -40.62 13.68
C TYR B 132 24.46 -41.09 12.61
N LEU B 133 24.14 -42.18 11.89
CA LEU B 133 25.12 -42.80 11.00
C LEU B 133 25.41 -41.96 9.76
N ASP B 134 24.36 -41.42 9.13
CA ASP B 134 24.55 -40.61 7.93
C ASP B 134 25.24 -39.28 8.25
N GLU B 135 24.87 -38.67 9.39
CA GLU B 135 25.52 -37.45 9.84
C GLU B 135 27.00 -37.69 10.14
N GLN B 136 27.31 -38.85 10.71
CA GLN B 136 28.71 -39.17 11.02
C GLN B 136 29.53 -39.39 9.75
N VAL B 137 28.93 -40.05 8.75
CA VAL B 137 29.62 -40.26 7.46
C VAL B 137 29.89 -38.92 6.78
N LYS B 138 28.91 -38.01 6.82
CA LYS B 138 29.10 -36.69 6.21
C LYS B 138 30.14 -35.86 6.95
N SER B 139 30.19 -35.99 8.28
CA SER B 139 31.19 -35.27 9.06
C SER B 139 32.62 -35.76 8.78
N ILE B 140 32.79 -37.07 8.64
CA ILE B 140 34.10 -37.64 8.31
C ILE B 140 34.55 -37.18 6.92
N ASN B 141 33.61 -37.14 5.96
CA ASN B 141 33.94 -36.68 4.62
C ASN B 141 34.34 -35.20 4.60
N GLU B 142 33.64 -34.38 5.39
CA GLU B 142 33.97 -32.95 5.48
C GLU B 142 35.36 -32.72 6.06
N PHE B 143 35.70 -33.44 7.12
CA PHE B 143 37.04 -33.28 7.71
C PHE B 143 38.14 -33.80 6.79
N ALA B 144 37.86 -34.86 6.02
CA ALA B 144 38.88 -35.36 5.08
C ALA B 144 39.12 -34.37 3.95
N ARG B 145 38.07 -33.71 3.46
CA ARG B 145 38.24 -32.68 2.43
C ARG B 145 39.02 -31.48 2.97
N MET B 146 38.77 -31.11 4.23
CA MET B 146 39.52 -29.98 4.81
C MET B 146 40.99 -30.32 5.01
N VAL B 147 41.29 -31.58 5.37
CA VAL B 147 42.69 -32.00 5.49
C VAL B 147 43.38 -31.95 4.12
N ALA B 148 42.68 -32.38 3.07
CA ALA B 148 43.26 -32.33 1.72
C ALA B 148 43.53 -30.89 1.27
N ASN B 149 42.62 -29.97 1.56
CA ASN B 149 42.84 -28.58 1.16
C ASN B 149 43.94 -27.92 1.97
N LEU B 150 44.07 -28.28 3.26
CA LEU B 150 45.15 -27.73 4.07
C LEU B 150 46.51 -28.28 3.64
N LYS B 151 46.56 -29.51 3.15
CA LYS B 151 47.79 -30.01 2.55
C LYS B 151 48.09 -29.30 1.25
N ARG B 152 47.06 -28.91 0.50
CA ARG B 152 47.28 -28.22 -0.77
C ARG B 152 47.85 -26.82 -0.57
N VAL B 153 47.25 -26.02 0.32
CA VAL B 153 47.64 -24.61 0.40
C VAL B 153 48.97 -24.39 1.11
N GLY B 154 49.42 -25.31 1.95
CA GLY B 154 50.68 -25.15 2.65
C GLY B 154 50.63 -24.15 3.78
N PRO B 155 51.76 -23.93 4.45
CA PRO B 155 51.79 -23.01 5.59
C PRO B 155 51.94 -21.55 5.17
N GLY B 156 51.48 -20.67 6.03
CA GLY B 156 51.67 -19.24 5.87
C GLY B 156 50.49 -18.57 5.18
N VAL B 157 50.73 -18.01 4.00
CA VAL B 157 49.70 -17.24 3.31
C VAL B 157 48.58 -18.17 2.82
N GLY B 158 48.89 -19.43 2.55
CA GLY B 158 47.85 -20.39 2.24
C GLY B 158 46.93 -20.68 3.41
N GLU B 159 47.51 -20.72 4.61
CA GLU B 159 46.71 -20.90 5.82
C GLU B 159 45.81 -19.69 6.09
N TYR B 160 46.34 -18.48 5.83
CA TYR B 160 45.53 -17.27 5.97
C TYR B 160 44.38 -17.24 4.96
N VAL B 161 44.66 -17.62 3.70
CA VAL B 161 43.63 -17.63 2.66
C VAL B 161 42.57 -18.70 2.96
N PHE B 162 43.01 -19.86 3.48
CA PHE B 162 42.07 -20.90 3.90
C PHE B 162 41.16 -20.42 5.02
N ASP B 163 41.71 -19.70 6.01
CA ASP B 163 40.88 -19.19 7.09
C ASP B 163 39.91 -18.11 6.59
N LYS B 164 40.31 -17.32 5.60
CA LYS B 164 39.40 -16.29 5.11
C LYS B 164 38.32 -16.83 4.19
N GLU B 165 38.59 -17.89 3.43
CA GLU B 165 37.72 -18.27 2.33
C GLU B 165 36.86 -19.49 2.58
N HIS B 166 37.33 -20.46 3.38
CA HIS B 166 36.70 -21.77 3.40
C HIS B 166 35.38 -21.83 4.16
N PHE B 167 35.12 -20.87 5.04
CA PHE B 167 33.96 -20.94 5.92
C PHE B 167 32.91 -19.89 5.62
N SER B 168 33.04 -19.17 4.51
CA SER B 168 32.07 -18.14 4.15
C SER B 168 31.17 -18.61 3.03
N SER C 1 7.43 -40.87 -43.88
CA SER C 1 7.06 -39.58 -43.34
C SER C 1 6.34 -38.72 -44.38
N LEU C 2 5.22 -38.13 -43.99
CA LEU C 2 4.51 -37.21 -44.86
C LEU C 2 5.19 -35.85 -44.96
N ALA C 3 6.09 -35.53 -44.04
CA ALA C 3 6.70 -34.22 -43.97
C ALA C 3 8.05 -34.13 -44.67
N ARG C 4 8.65 -35.25 -45.06
CA ARG C 4 10.02 -35.27 -45.56
C ARG C 4 10.11 -34.62 -46.94
N GLN C 5 11.04 -33.67 -47.09
CA GLN C 5 11.22 -32.93 -48.33
C GLN C 5 12.62 -32.34 -48.34
N ASN C 6 13.40 -32.64 -49.39
CA ASN C 6 14.77 -32.16 -49.57
C ASN C 6 15.67 -32.56 -48.39
N TYR C 7 15.65 -33.84 -48.05
CA TYR C 7 16.40 -34.37 -46.90
C TYR C 7 16.99 -35.71 -47.32
N HIS C 8 18.23 -35.71 -47.76
CA HIS C 8 18.86 -36.91 -48.29
C HIS C 8 19.34 -37.82 -47.16
N SER C 9 19.61 -39.07 -47.51
CA SER C 9 19.92 -40.09 -46.51
C SER C 9 21.32 -39.92 -45.91
N GLU C 10 22.25 -39.37 -46.69
CA GLU C 10 23.60 -39.12 -46.18
C GLU C 10 23.60 -38.08 -45.07
N VAL C 11 22.76 -37.06 -45.21
CA VAL C 11 22.63 -36.03 -44.19
C VAL C 11 22.00 -36.61 -42.92
N GLU C 12 21.04 -37.53 -43.08
CA GLU C 12 20.42 -38.21 -41.94
C GLU C 12 21.43 -39.06 -41.17
N ALA C 13 22.28 -39.79 -41.90
CA ALA C 13 23.31 -40.60 -41.26
C ALA C 13 24.34 -39.74 -40.54
N ALA C 14 24.72 -38.60 -41.13
CA ALA C 14 25.66 -37.70 -40.48
C ALA C 14 25.09 -37.07 -39.21
N VAL C 15 23.78 -36.79 -39.19
CA VAL C 15 23.13 -36.26 -37.99
C VAL C 15 23.14 -37.30 -36.88
N ASN C 16 22.90 -38.58 -37.21
CA ASN C 16 22.95 -39.64 -36.20
C ASN C 16 24.36 -39.80 -35.61
N LYS C 17 25.38 -39.69 -36.48
CA LYS C 17 26.77 -39.72 -36.01
C LYS C 17 27.08 -38.58 -35.05
N GLN C 18 26.61 -37.38 -35.36
CA GLN C 18 26.85 -36.24 -34.47
C GLN C 18 26.13 -36.39 -33.13
N ILE C 19 24.95 -37.03 -33.13
CA ILE C 19 24.24 -37.33 -31.88
C ILE C 19 25.08 -38.20 -30.95
N ASN C 20 25.69 -39.25 -31.52
CA ASN C 20 26.54 -40.12 -30.70
C ASN C 20 27.77 -39.38 -30.17
N ILE C 21 28.32 -38.47 -30.97
CA ILE C 21 29.49 -37.70 -30.53
C ILE C 21 29.15 -36.79 -29.34
N GLU C 22 27.99 -36.12 -29.38
CA GLU C 22 27.58 -35.25 -28.27
C GLU C 22 27.31 -36.05 -27.00
N LEU C 23 26.74 -37.26 -27.13
CA LEU C 23 26.48 -38.07 -25.94
C LEU C 23 27.77 -38.56 -25.30
N TYR C 24 28.77 -38.92 -26.13
CA TYR C 24 30.07 -39.31 -25.60
C TYR C 24 30.75 -38.16 -24.85
N ALA C 25 30.65 -36.93 -25.39
CA ALA C 25 31.24 -35.79 -24.72
C ALA C 25 30.58 -35.51 -23.36
N SER C 26 29.25 -35.68 -23.29
CA SER C 26 28.54 -35.54 -22.02
C SER C 26 29.03 -36.54 -20.98
N TYR C 27 29.28 -37.78 -21.40
CA TYR C 27 29.69 -38.80 -20.45
C TYR C 27 31.14 -38.58 -19.98
N VAL C 28 32.00 -38.05 -20.85
CA VAL C 28 33.36 -37.67 -20.45
C VAL C 28 33.33 -36.56 -19.41
N TYR C 29 32.49 -35.54 -19.61
CA TYR C 29 32.42 -34.46 -18.62
C TYR C 29 31.83 -34.92 -17.29
N LEU C 30 30.93 -35.90 -17.31
CA LEU C 30 30.44 -36.48 -16.06
C LEU C 30 31.55 -37.19 -15.29
N SER C 31 32.41 -37.92 -16.02
CA SER C 31 33.56 -38.57 -15.39
C SER C 31 34.52 -37.56 -14.76
N MET C 32 34.78 -36.43 -15.45
CA MET C 32 35.65 -35.41 -14.89
C MET C 32 35.04 -34.76 -13.65
N SER C 33 33.73 -34.48 -13.70
CA SER C 33 33.02 -33.89 -12.58
C SER C 33 33.11 -34.75 -11.33
N PHE C 34 32.97 -36.06 -11.47
CA PHE C 34 33.08 -36.86 -10.25
C PHE C 34 34.51 -37.24 -9.91
N TYR C 35 35.48 -36.99 -10.79
CA TYR C 35 36.87 -37.05 -10.34
C TYR C 35 37.19 -35.89 -9.41
N PHE C 36 36.75 -34.68 -9.74
CA PHE C 36 37.08 -33.56 -8.86
C PHE C 36 36.23 -33.50 -7.59
N ASP C 37 35.26 -34.40 -7.44
CA ASP C 37 34.45 -34.52 -6.23
C ASP C 37 35.06 -35.45 -5.19
N ARG C 38 36.18 -36.10 -5.51
CA ARG C 38 36.80 -37.06 -4.59
C ARG C 38 37.34 -36.36 -3.35
N ASP C 39 37.44 -37.12 -2.25
CA ASP C 39 37.83 -36.53 -0.98
C ASP C 39 39.32 -36.22 -0.90
N ASP C 40 40.13 -36.80 -1.77
CA ASP C 40 41.55 -36.48 -1.83
C ASP C 40 41.90 -35.49 -2.92
N VAL C 41 40.90 -34.99 -3.66
CA VAL C 41 41.09 -33.90 -4.61
C VAL C 41 40.43 -32.62 -4.11
N ALA C 42 39.10 -32.65 -3.94
CA ALA C 42 38.31 -31.67 -3.17
C ALA C 42 38.40 -30.25 -3.75
N LEU C 43 38.00 -30.12 -5.02
CA LEU C 43 37.86 -28.82 -5.66
C LEU C 43 36.42 -28.70 -6.13
N PRO C 44 35.52 -28.19 -5.29
CA PRO C 44 34.08 -28.34 -5.57
C PRO C 44 33.54 -27.47 -6.69
N ASN C 45 34.11 -26.27 -6.90
CA ASN C 45 33.58 -25.40 -7.95
C ASN C 45 33.96 -25.92 -9.34
N ILE C 46 35.12 -26.55 -9.47
CA ILE C 46 35.52 -27.19 -10.72
C ILE C 46 34.59 -28.37 -11.03
N ALA C 47 34.24 -29.14 -9.99
CA ALA C 47 33.34 -30.27 -10.16
C ALA C 47 31.94 -29.81 -10.58
N LYS C 48 31.45 -28.72 -9.98
CA LYS C 48 30.17 -28.16 -10.37
C LYS C 48 30.19 -27.64 -11.81
N PHE C 49 31.30 -27.03 -12.22
CA PHE C 49 31.47 -26.56 -13.59
C PHE C 49 31.40 -27.71 -14.60
N PHE C 50 32.08 -28.81 -14.31
CA PHE C 50 32.06 -29.94 -15.24
C PHE C 50 30.71 -30.64 -15.25
N LYS C 51 29.97 -30.62 -14.13
CA LYS C 51 28.61 -31.14 -14.14
C LYS C 51 27.69 -30.32 -15.05
N GLU C 52 27.84 -28.99 -15.01
CA GLU C 52 27.07 -28.13 -15.91
C GLU C 52 27.45 -28.36 -17.38
N GLN C 53 28.73 -28.60 -17.65
CA GLN C 53 29.15 -28.91 -19.02
C GLN C 53 28.56 -30.22 -19.52
N SER C 54 28.45 -31.22 -18.64
CA SER C 54 27.83 -32.49 -18.99
C SER C 54 26.35 -32.32 -19.34
N ASP C 55 25.63 -31.52 -18.54
CA ASP C 55 24.23 -31.22 -18.83
C ASP C 55 24.06 -30.49 -20.17
N GLU C 56 24.99 -29.57 -20.47
CA GLU C 56 24.91 -28.82 -21.73
C GLU C 56 25.13 -29.72 -22.94
N GLU C 57 26.08 -30.66 -22.87
CA GLU C 57 26.30 -31.57 -23.98
C GLU C 57 25.11 -32.51 -24.19
N ARG C 58 24.45 -32.91 -23.10
CA ARG C 58 23.23 -33.70 -23.24
C ARG C 58 22.12 -32.90 -23.92
N GLU C 59 22.02 -31.60 -23.62
CA GLU C 59 21.05 -30.74 -24.31
C GLU C 59 21.35 -30.62 -25.80
N HIS C 60 22.63 -30.54 -26.17
CA HIS C 60 23.01 -30.51 -27.58
C HIS C 60 22.57 -31.76 -28.32
N ALA C 61 22.77 -32.93 -27.69
CA ALA C 61 22.33 -34.19 -28.30
C ALA C 61 20.82 -34.25 -28.46
N THR C 62 20.06 -33.79 -27.46
CA THR C 62 18.61 -33.86 -27.59
C THR C 62 18.07 -32.86 -28.62
N GLU C 63 18.73 -31.72 -28.81
CA GLU C 63 18.28 -30.80 -29.86
C GLU C 63 18.56 -31.36 -31.25
N LEU C 64 19.67 -32.10 -31.42
CA LEU C 64 19.88 -32.77 -32.70
C LEU C 64 18.85 -33.86 -32.95
N MET C 65 18.46 -34.61 -31.92
CA MET C 65 17.37 -35.59 -32.07
C MET C 65 16.06 -34.92 -32.47
N ARG C 66 15.78 -33.75 -31.89
CA ARG C 66 14.55 -33.01 -32.21
C ARG C 66 14.54 -32.53 -33.66
N VAL C 67 15.67 -32.04 -34.17
CA VAL C 67 15.65 -31.56 -35.56
C VAL C 67 15.63 -32.75 -36.53
N GLN C 68 16.17 -33.90 -36.13
CA GLN C 68 16.04 -35.11 -36.93
C GLN C 68 14.58 -35.54 -37.05
N ASN C 69 13.83 -35.47 -35.96
CA ASN C 69 12.40 -35.76 -36.03
C ASN C 69 11.64 -34.68 -36.81
N LEU C 70 12.09 -33.43 -36.72
CA LEU C 70 11.40 -32.33 -37.41
C LEU C 70 11.53 -32.45 -38.93
N ARG C 71 12.68 -32.89 -39.43
CA ARG C 71 12.84 -33.01 -40.87
C ARG C 71 12.30 -34.31 -41.44
N GLY C 72 11.76 -35.19 -40.61
CA GLY C 72 11.20 -36.44 -41.09
C GLY C 72 12.16 -37.60 -41.18
N GLY C 73 13.36 -37.47 -40.62
CA GLY C 73 14.27 -38.60 -40.53
C GLY C 73 13.99 -39.45 -39.30
N ARG C 74 14.80 -40.48 -39.13
CA ARG C 74 14.63 -41.43 -38.04
C ARG C 74 15.89 -41.50 -37.20
N VAL C 75 15.74 -41.39 -35.89
CA VAL C 75 16.85 -41.44 -34.95
C VAL C 75 17.28 -42.88 -34.77
N VAL C 76 18.58 -43.15 -34.93
CA VAL C 76 19.17 -44.46 -34.70
C VAL C 76 20.30 -44.31 -33.70
N LEU C 77 20.14 -44.92 -32.53
CA LEU C 77 21.10 -44.77 -31.45
C LEU C 77 22.12 -45.91 -31.44
N GLN C 78 23.32 -45.60 -30.95
CA GLN C 78 24.41 -46.55 -30.85
C GLN C 78 24.91 -46.59 -29.40
N ASP C 79 25.87 -47.48 -29.14
CA ASP C 79 26.52 -47.57 -27.84
C ASP C 79 27.30 -46.30 -27.53
N ILE C 80 27.32 -45.93 -26.26
CA ILE C 80 28.13 -44.83 -25.76
C ILE C 80 29.37 -45.43 -25.11
N GLN C 81 30.54 -45.13 -25.66
CA GLN C 81 31.78 -45.66 -25.14
C GLN C 81 32.17 -44.99 -23.83
N LYS C 82 32.85 -45.74 -22.97
CA LYS C 82 33.32 -45.20 -21.71
C LYS C 82 34.49 -44.24 -21.96
N PRO C 83 34.73 -43.29 -21.06
CA PRO C 83 35.84 -42.35 -21.26
C PRO C 83 37.20 -43.02 -21.19
N GLU C 84 38.20 -42.30 -21.68
CA GLU C 84 39.55 -42.86 -21.84
C GLU C 84 40.26 -43.04 -20.51
N ASN C 85 39.95 -42.22 -19.52
CA ASN C 85 40.64 -42.27 -18.23
C ASN C 85 39.62 -42.33 -17.10
N ASP C 86 40.02 -42.95 -16.01
CA ASP C 86 39.23 -42.89 -14.78
C ASP C 86 39.64 -41.72 -13.90
N GLU C 87 40.92 -41.34 -13.92
CA GLU C 87 41.42 -40.21 -13.16
C GLU C 87 42.17 -39.28 -14.10
N TRP C 88 42.06 -37.97 -13.81
CA TRP C 88 42.45 -36.96 -14.78
C TRP C 88 43.62 -36.09 -14.33
N GLY C 89 44.35 -36.49 -13.29
CA GLY C 89 45.58 -35.79 -12.93
C GLY C 89 45.31 -34.47 -12.24
N THR C 90 46.17 -33.49 -12.51
CA THR C 90 46.02 -32.16 -11.97
C THR C 90 44.91 -31.41 -12.69
N ALA C 91 44.61 -30.19 -12.23
CA ALA C 91 43.58 -29.39 -12.87
C ALA C 91 44.00 -28.93 -14.26
N LEU C 92 45.29 -28.65 -14.44
CA LEU C 92 45.80 -28.20 -15.73
C LEU C 92 45.68 -29.30 -16.79
N LYS C 93 46.00 -30.54 -16.43
CA LYS C 93 45.88 -31.66 -17.36
C LYS C 93 44.43 -31.93 -17.73
N ALA C 94 43.51 -31.80 -16.78
CA ALA C 94 42.11 -32.01 -17.05
C ALA C 94 41.55 -30.94 -17.97
N PHE C 95 41.94 -29.68 -17.77
CA PHE C 95 41.43 -28.63 -18.65
C PHE C 95 42.06 -28.69 -20.03
N GLU C 96 43.31 -29.19 -20.13
CA GLU C 96 43.91 -29.40 -21.45
C GLU C 96 43.22 -30.52 -22.22
N ALA C 97 42.87 -31.61 -21.52
CA ALA C 97 42.11 -32.69 -22.17
C ALA C 97 40.72 -32.23 -22.59
N ALA C 98 40.09 -31.38 -21.78
CA ALA C 98 38.79 -30.82 -22.15
C ALA C 98 38.89 -29.92 -23.37
N LEU C 99 39.98 -29.14 -23.49
CA LEU C 99 40.18 -28.30 -24.67
C LEU C 99 40.36 -29.13 -25.92
N ALA C 100 41.12 -30.24 -25.82
CA ALA C 100 41.29 -31.13 -26.96
C ALA C 100 39.96 -31.79 -27.38
N LEU C 101 39.12 -32.12 -26.39
CA LEU C 101 37.81 -32.70 -26.71
C LEU C 101 36.90 -31.68 -27.42
N GLU C 102 36.93 -30.42 -26.98
CA GLU C 102 36.13 -29.38 -27.63
C GLU C 102 36.58 -29.15 -29.07
N LYS C 103 37.90 -29.22 -29.32
CA LYS C 103 38.38 -29.02 -30.68
C LYS C 103 38.01 -30.20 -31.60
N PHE C 104 38.04 -31.43 -31.06
CA PHE C 104 37.57 -32.59 -31.83
C PHE C 104 36.10 -32.46 -32.20
N ASN C 105 35.28 -32.00 -31.25
N ASN C 105 35.27 -31.98 -31.27
CA ASN C 105 33.86 -31.79 -31.50
CA ASN C 105 33.86 -31.80 -31.54
C ASN C 105 33.62 -30.71 -32.55
C ASN C 105 33.62 -30.70 -32.56
N ASN C 106 34.44 -29.65 -32.54
CA ASN C 106 34.34 -28.59 -33.54
C ASN C 106 34.68 -29.10 -34.94
N GLU C 107 35.68 -29.98 -35.04
CA GLU C 107 36.03 -30.55 -36.33
C GLU C 107 34.91 -31.45 -36.87
N SER C 108 34.26 -32.21 -35.98
CA SER C 108 33.12 -33.02 -36.41
C SER C 108 31.94 -32.16 -36.85
N LEU C 109 31.68 -31.06 -36.14
CA LEU C 109 30.59 -30.16 -36.54
C LEU C 109 30.85 -29.50 -37.88
N LEU C 110 32.11 -29.12 -38.15
CA LEU C 110 32.43 -28.54 -39.45
C LEU C 110 32.30 -29.55 -40.58
N LYS C 111 32.62 -30.81 -40.32
CA LYS C 111 32.41 -31.85 -41.33
C LYS C 111 30.92 -32.07 -41.63
N LEU C 112 30.09 -32.02 -40.58
CA LEU C 112 28.64 -32.15 -40.78
C LEU C 112 28.08 -30.97 -41.58
N HIS C 113 28.57 -29.75 -41.29
CA HIS C 113 28.16 -28.57 -42.04
C HIS C 113 28.59 -28.66 -43.50
N SER C 114 29.77 -29.23 -43.75
CA SER C 114 30.23 -29.39 -45.12
C SER C 114 29.40 -30.41 -45.89
N THR C 115 28.99 -31.50 -45.24
CA THR C 115 28.13 -32.49 -45.89
C THR C 115 26.77 -31.91 -46.24
N ALA C 116 26.16 -31.19 -45.28
CA ALA C 116 24.87 -30.55 -45.54
C ALA C 116 24.96 -29.48 -46.61
N GLY C 117 26.09 -28.78 -46.70
CA GLY C 117 26.28 -27.83 -47.77
C GLY C 117 26.47 -28.49 -49.13
N ASN C 118 27.13 -29.64 -49.16
CA ASN C 118 27.32 -30.35 -50.42
C ASN C 118 26.03 -30.94 -50.95
N HIS C 119 25.08 -31.27 -50.08
CA HIS C 119 23.81 -31.80 -50.56
C HIS C 119 22.73 -30.73 -50.72
N ASN C 120 23.10 -29.44 -50.70
CA ASN C 120 22.21 -28.30 -50.94
C ASN C 120 21.03 -28.26 -49.96
N ASP C 121 21.33 -28.48 -48.69
CA ASP C 121 20.31 -28.47 -47.63
C ASP C 121 20.44 -27.14 -46.89
N ALA C 122 19.64 -26.16 -47.30
CA ALA C 122 19.79 -24.80 -46.79
C ALA C 122 19.34 -24.68 -45.33
N HIS C 123 18.24 -25.36 -44.98
CA HIS C 123 17.69 -25.27 -43.63
C HIS C 123 18.65 -25.86 -42.60
N LEU C 124 19.30 -26.97 -42.94
CA LEU C 124 20.17 -27.60 -41.96
C LEU C 124 21.50 -26.87 -41.80
N THR C 125 22.04 -26.29 -42.88
CA THR C 125 23.24 -25.47 -42.74
C THR C 125 22.96 -24.22 -41.91
N ASP C 126 21.78 -23.61 -42.11
CA ASP C 126 21.43 -22.47 -41.27
C ASP C 126 21.21 -22.88 -39.82
N PHE C 127 20.63 -24.06 -39.59
CA PHE C 127 20.42 -24.56 -38.23
C PHE C 127 21.74 -24.78 -37.51
N ILE C 128 22.69 -25.43 -38.19
CA ILE C 128 24.00 -25.71 -37.61
C ILE C 128 24.75 -24.43 -37.32
N GLU C 129 24.75 -23.50 -38.28
CA GLU C 129 25.44 -22.21 -38.10
C GLU C 129 24.82 -21.40 -36.96
N GLU C 130 23.51 -21.44 -36.81
CA GLU C 130 22.88 -20.63 -35.77
C GLU C 130 23.06 -21.24 -34.39
N LYS C 131 22.95 -22.55 -34.25
CA LYS C 131 22.89 -23.14 -32.92
C LYS C 131 24.16 -23.83 -32.44
N TYR C 132 25.13 -24.13 -33.30
CA TYR C 132 26.24 -24.95 -32.83
C TYR C 132 27.61 -24.34 -33.03
N LEU C 133 27.86 -23.66 -34.16
CA LEU C 133 29.22 -23.24 -34.50
C LEU C 133 29.72 -22.10 -33.62
N ASP C 134 28.87 -21.09 -33.38
CA ASP C 134 29.27 -19.96 -32.55
C ASP C 134 29.44 -20.37 -31.08
N GLU C 135 28.55 -21.24 -30.60
CA GLU C 135 28.66 -21.77 -29.24
C GLU C 135 29.94 -22.58 -29.07
N GLN C 136 30.32 -23.34 -30.11
CA GLN C 136 31.54 -24.15 -30.04
C GLN C 136 32.79 -23.27 -30.03
N VAL C 137 32.78 -22.19 -30.83
CA VAL C 137 33.91 -21.26 -30.86
C VAL C 137 34.07 -20.58 -29.50
N LYS C 138 32.94 -20.18 -28.88
CA LYS C 138 33.01 -19.55 -27.56
C LYS C 138 33.46 -20.52 -26.48
N SER C 139 33.07 -21.80 -26.59
CA SER C 139 33.50 -22.80 -25.62
C SER C 139 35.01 -23.08 -25.72
N ILE C 140 35.54 -23.14 -26.94
CA ILE C 140 36.98 -23.35 -27.13
C ILE C 140 37.77 -22.16 -26.57
N ASN C 141 37.27 -20.94 -26.79
CA ASN C 141 37.93 -19.75 -26.26
C ASN C 141 37.93 -19.73 -24.73
N GLU C 142 36.82 -20.14 -24.12
CA GLU C 142 36.72 -20.19 -22.66
C GLU C 142 37.70 -21.20 -22.06
N PHE C 143 37.81 -22.38 -22.66
CA PHE C 143 38.75 -23.37 -22.15
C PHE C 143 40.21 -22.95 -22.36
N ALA C 144 40.50 -22.24 -23.46
CA ALA C 144 41.87 -21.77 -23.67
C ALA C 144 42.26 -20.71 -22.65
N ARG C 145 41.32 -19.82 -22.30
CA ARG C 145 41.59 -18.82 -21.27
C ARG C 145 41.80 -19.46 -19.90
N MET C 146 41.03 -20.53 -19.60
CA MET C 146 41.21 -21.21 -18.32
C MET C 146 42.54 -21.95 -18.25
N VAL C 147 43.00 -22.51 -19.38
CA VAL C 147 44.32 -23.14 -19.41
C VAL C 147 45.42 -22.11 -19.18
N ALA C 148 45.28 -20.93 -19.78
CA ALA C 148 46.27 -19.87 -19.59
C ALA C 148 46.33 -19.39 -18.13
N ASN C 149 45.17 -19.26 -17.49
CA ASN C 149 45.17 -18.82 -16.09
C ASN C 149 45.70 -19.90 -15.15
N LEU C 150 45.44 -21.18 -15.47
CA LEU C 150 45.98 -22.26 -14.64
C LEU C 150 47.49 -22.39 -14.81
N LYS C 151 48.02 -22.07 -16.00
CA LYS C 151 49.46 -21.99 -16.14
C LYS C 151 50.03 -20.81 -15.38
N ARG C 152 49.28 -19.71 -15.27
CA ARG C 152 49.76 -18.53 -14.55
C ARG C 152 49.85 -18.79 -13.06
N VAL C 153 48.80 -19.33 -12.44
CA VAL C 153 48.77 -19.40 -10.98
C VAL C 153 49.66 -20.50 -10.41
N GLY C 154 49.98 -21.53 -11.17
CA GLY C 154 50.82 -22.60 -10.68
C GLY C 154 50.12 -23.55 -9.72
N PRO C 155 50.84 -24.54 -9.21
CA PRO C 155 50.22 -25.52 -8.32
C PRO C 155 50.15 -25.04 -6.87
N GLY C 156 49.20 -25.60 -6.15
CA GLY C 156 49.08 -25.37 -4.71
C GLY C 156 48.10 -24.24 -4.39
N VAL C 157 48.60 -23.17 -3.79
CA VAL C 157 47.74 -22.09 -3.32
C VAL C 157 47.14 -21.34 -4.51
N GLY C 158 47.83 -21.32 -5.66
CA GLY C 158 47.25 -20.76 -6.85
C GLY C 158 46.07 -21.57 -7.37
N GLU C 159 46.16 -22.89 -7.26
CA GLU C 159 45.05 -23.76 -7.64
C GLU C 159 43.85 -23.57 -6.72
N TYR C 160 44.12 -23.40 -5.41
CA TYR C 160 43.03 -23.13 -4.46
C TYR C 160 42.37 -21.79 -4.74
N VAL C 161 43.16 -20.75 -5.03
CA VAL C 161 42.62 -19.42 -5.32
C VAL C 161 41.82 -19.43 -6.63
N PHE C 162 42.31 -20.18 -7.63
CA PHE C 162 41.58 -20.35 -8.89
C PHE C 162 40.24 -21.03 -8.66
N ASP C 163 40.20 -22.07 -7.82
CA ASP C 163 38.93 -22.74 -7.55
C ASP C 163 37.97 -21.83 -6.77
N LYS C 164 38.49 -20.97 -5.90
CA LYS C 164 37.60 -20.09 -5.15
C LYS C 164 37.10 -18.91 -5.97
N GLU C 165 37.88 -18.40 -6.92
CA GLU C 165 37.59 -17.11 -7.51
C GLU C 165 37.02 -17.17 -8.92
N HIS C 166 37.40 -18.17 -9.73
CA HIS C 166 37.15 -18.10 -11.16
C HIS C 166 35.71 -18.36 -11.56
N PHE C 167 34.91 -18.99 -10.71
CA PHE C 167 33.57 -19.41 -11.09
C PHE C 167 32.47 -18.67 -10.35
N SER C 168 32.81 -17.60 -9.63
CA SER C 168 31.82 -16.84 -8.89
C SER C 168 31.53 -15.52 -9.60
N SER D 1 32.70 34.27 -37.51
CA SER D 1 31.86 34.03 -36.36
C SER D 1 31.38 35.33 -35.73
N LEU D 2 30.08 35.41 -35.45
CA LEU D 2 29.53 36.56 -34.76
C LEU D 2 29.84 36.56 -33.27
N ALA D 3 30.23 35.42 -32.72
CA ALA D 3 30.43 35.27 -31.29
C ALA D 3 31.88 35.46 -30.84
N ARG D 4 32.83 35.50 -31.77
CA ARG D 4 34.25 35.49 -31.42
C ARG D 4 34.67 36.81 -30.77
N GLN D 5 35.32 36.72 -29.61
CA GLN D 5 35.75 37.89 -28.86
C GLN D 5 36.86 37.46 -27.91
N ASN D 6 38.02 38.14 -27.99
CA ASN D 6 39.20 37.88 -27.17
C ASN D 6 39.69 36.43 -27.31
N TYR D 7 39.86 35.99 -28.55
CA TYR D 7 40.25 34.61 -28.85
C TYR D 7 41.26 34.66 -29.99
N HIS D 8 42.53 34.64 -29.65
CA HIS D 8 43.59 34.79 -30.65
C HIS D 8 43.84 33.48 -31.39
N SER D 9 44.52 33.60 -32.53
CA SER D 9 44.69 32.46 -33.43
C SER D 9 45.69 31.43 -32.89
N GLU D 10 46.67 31.88 -32.11
CA GLU D 10 47.64 30.95 -31.51
C GLU D 10 46.97 30.03 -30.50
N VAL D 11 46.02 30.55 -29.74
CA VAL D 11 45.27 29.75 -28.78
C VAL D 11 44.40 28.73 -29.50
N GLU D 12 43.81 29.12 -30.65
CA GLU D 12 43.01 28.21 -31.47
C GLU D 12 43.86 27.05 -32.01
N ALA D 13 45.07 27.37 -32.49
CA ALA D 13 45.96 26.33 -33.00
C ALA D 13 46.41 25.39 -31.89
N ALA D 14 46.68 25.92 -30.69
CA ALA D 14 47.07 25.06 -29.57
C ALA D 14 45.94 24.15 -29.11
N VAL D 15 44.69 24.62 -29.19
CA VAL D 15 43.54 23.78 -28.86
C VAL D 15 43.40 22.63 -29.85
N ASN D 16 43.62 22.90 -31.15
CA ASN D 16 43.56 21.83 -32.15
C ASN D 16 44.66 20.78 -31.93
N LYS D 17 45.87 21.24 -31.55
CA LYS D 17 46.95 20.32 -31.22
C LYS D 17 46.60 19.42 -30.03
N GLN D 18 45.99 20.00 -28.99
CA GLN D 18 45.60 19.20 -27.83
C GLN D 18 44.50 18.19 -28.16
N ILE D 19 43.61 18.53 -29.10
CA ILE D 19 42.58 17.58 -29.56
C ILE D 19 43.23 16.34 -30.18
N ASN D 20 44.23 16.55 -31.03
CA ASN D 20 44.92 15.41 -31.64
C ASN D 20 45.65 14.55 -30.60
N ILE D 21 46.21 15.20 -29.58
CA ILE D 21 46.91 14.46 -28.52
C ILE D 21 45.95 13.56 -27.73
N GLU D 22 44.75 14.07 -27.40
CA GLU D 22 43.77 13.26 -26.67
C GLU D 22 43.26 12.09 -27.51
N LEU D 23 43.09 12.30 -28.82
CA LEU D 23 42.63 11.20 -29.68
C LEU D 23 43.68 10.09 -29.80
N TYR D 24 44.97 10.49 -29.88
CA TYR D 24 46.04 9.50 -29.91
C TYR D 24 46.10 8.68 -28.61
N ALA D 25 45.90 9.34 -27.47
CA ALA D 25 45.91 8.62 -26.20
C ALA D 25 44.75 7.61 -26.10
N SER D 26 43.58 8.00 -26.62
CA SER D 26 42.44 7.07 -26.67
C SER D 26 42.75 5.83 -27.51
N TYR D 27 43.44 6.02 -28.63
CA TYR D 27 43.71 4.88 -29.50
C TYR D 27 44.79 3.96 -28.91
N VAL D 28 45.75 4.53 -28.17
CA VAL D 28 46.74 3.72 -27.44
C VAL D 28 46.06 2.87 -26.37
N TYR D 29 45.12 3.45 -25.62
CA TYR D 29 44.43 2.67 -24.58
C TYR D 29 43.53 1.59 -25.18
N LEU D 30 42.96 1.82 -26.37
CA LEU D 30 42.22 0.76 -27.06
C LEU D 30 43.12 -0.41 -27.44
N SER D 31 44.33 -0.10 -27.91
CA SER D 31 45.30 -1.16 -28.23
C SER D 31 45.68 -1.98 -27.00
N MET D 32 45.88 -1.32 -25.85
CA MET D 32 46.22 -2.03 -24.62
C MET D 32 45.05 -2.91 -24.16
N SER D 33 43.83 -2.38 -24.25
CA SER D 33 42.63 -3.12 -23.86
C SER D 33 42.47 -4.40 -24.66
N PHE D 34 42.73 -4.36 -25.96
CA PHE D 34 42.58 -5.61 -26.70
C PHE D 34 43.84 -6.46 -26.69
N TYR D 35 44.97 -5.95 -26.19
CA TYR D 35 46.07 -6.87 -25.87
C TYR D 35 45.73 -7.73 -24.67
N PHE D 36 45.16 -7.14 -23.62
CA PHE D 36 44.86 -7.97 -22.44
C PHE D 36 43.62 -8.85 -22.62
N ASP D 37 42.92 -8.75 -23.74
CA ASP D 37 41.78 -9.60 -24.07
C ASP D 37 42.19 -10.88 -24.80
N ARG D 38 43.47 -11.04 -25.13
CA ARG D 38 43.93 -12.20 -25.88
C ARG D 38 43.79 -13.48 -25.06
N ASP D 39 43.67 -14.61 -25.77
CA ASP D 39 43.41 -15.88 -25.09
C ASP D 39 44.65 -16.43 -24.39
N ASP D 40 45.84 -15.97 -24.74
CA ASP D 40 47.06 -16.38 -24.05
C ASP D 40 47.52 -15.38 -23.01
N VAL D 41 46.76 -14.29 -22.79
CA VAL D 41 47.01 -13.37 -21.69
C VAL D 41 45.91 -13.47 -20.64
N ALA D 42 44.66 -13.17 -21.02
CA ALA D 42 43.44 -13.52 -20.29
C ALA D 42 43.38 -12.87 -18.90
N LEU D 43 43.45 -11.55 -18.88
CA LEU D 43 43.23 -10.76 -17.67
C LEU D 43 42.07 -9.81 -17.94
N PRO D 44 40.83 -10.23 -17.68
CA PRO D 44 39.67 -9.48 -18.21
C PRO D 44 39.38 -8.17 -17.52
N ASN D 45 39.67 -8.04 -16.22
CA ASN D 45 39.36 -6.79 -15.53
C ASN D 45 40.33 -5.68 -15.92
N ILE D 46 41.58 -6.03 -16.22
CA ILE D 46 42.55 -5.07 -16.73
C ILE D 46 42.12 -4.57 -18.12
N ALA D 47 41.61 -5.50 -18.95
CA ALA D 47 41.14 -5.13 -20.28
C ALA D 47 39.92 -4.21 -20.23
N LYS D 48 39.01 -4.49 -19.29
CA LYS D 48 37.85 -3.62 -19.09
C LYS D 48 38.26 -2.23 -18.60
N PHE D 49 39.26 -2.18 -17.71
CA PHE D 49 39.80 -0.92 -17.21
C PHE D 49 40.38 -0.06 -18.34
N PHE D 50 41.16 -0.68 -19.23
CA PHE D 50 41.75 0.08 -20.32
C PHE D 50 40.72 0.49 -21.36
N LYS D 51 39.65 -0.29 -21.53
CA LYS D 51 38.55 0.14 -22.40
C LYS D 51 37.86 1.39 -21.85
N GLU D 52 37.64 1.42 -20.53
CA GLU D 52 37.07 2.62 -19.91
C GLU D 52 37.99 3.83 -20.03
N GLN D 53 39.30 3.62 -19.93
CA GLN D 53 40.26 4.72 -20.12
C GLN D 53 40.23 5.26 -21.53
N SER D 54 40.06 4.38 -22.53
CA SER D 54 39.95 4.80 -23.91
C SER D 54 38.70 5.66 -24.15
N ASP D 55 37.57 5.24 -23.56
CA ASP D 55 36.34 6.04 -23.67
C ASP D 55 36.48 7.41 -23.00
N GLU D 56 37.20 7.45 -21.86
CA GLU D 56 37.41 8.73 -21.17
C GLU D 56 38.27 9.69 -21.98
N GLU D 57 39.32 9.20 -22.63
CA GLU D 57 40.15 10.08 -23.45
C GLU D 57 39.39 10.58 -24.68
N ARG D 58 38.50 9.76 -25.23
CA ARG D 58 37.65 10.24 -26.32
C ARG D 58 36.70 11.34 -25.85
N GLU D 59 36.19 11.22 -24.62
CA GLU D 59 35.35 12.29 -24.06
C GLU D 59 36.12 13.58 -23.86
N HIS D 60 37.39 13.49 -23.45
CA HIS D 60 38.24 14.68 -23.31
C HIS D 60 38.42 15.40 -24.64
N ALA D 61 38.66 14.62 -25.71
CA ALA D 61 38.80 15.22 -27.05
C ALA D 61 37.51 15.90 -27.51
N THR D 62 36.36 15.27 -27.27
CA THR D 62 35.11 15.89 -27.73
C THR D 62 34.76 17.14 -26.91
N GLU D 63 35.13 17.20 -25.63
CA GLU D 63 34.88 18.42 -24.87
C GLU D 63 35.78 19.57 -25.33
N LEU D 64 37.01 19.27 -25.75
CA LEU D 64 37.84 20.31 -26.34
C LEU D 64 37.28 20.80 -27.67
N MET D 65 36.73 19.90 -28.49
CA MET D 65 36.05 20.33 -29.73
C MET D 65 34.85 21.22 -29.43
N ARG D 66 34.10 20.89 -28.38
CA ARG D 66 32.93 21.69 -28.00
C ARG D 66 33.33 23.09 -27.55
N VAL D 67 34.40 23.23 -26.77
CA VAL D 67 34.77 24.58 -26.32
C VAL D 67 35.40 25.37 -27.47
N GLN D 68 36.03 24.69 -28.43
CA GLN D 68 36.50 25.37 -29.64
C GLN D 68 35.33 25.95 -30.44
N ASN D 69 34.24 25.19 -30.57
CA ASN D 69 33.06 25.73 -31.23
C ASN D 69 32.39 26.83 -30.40
N LEU D 70 32.45 26.71 -29.07
CA LEU D 70 31.82 27.71 -28.20
C LEU D 70 32.51 29.07 -28.28
N ARG D 71 33.84 29.09 -28.40
CA ARG D 71 34.53 30.36 -28.48
C ARG D 71 34.57 30.95 -29.88
N GLY D 72 34.01 30.28 -30.87
CA GLY D 72 33.98 30.80 -32.22
C GLY D 72 35.16 30.43 -33.08
N GLY D 73 36.01 29.50 -32.65
CA GLY D 73 37.07 28.99 -33.48
C GLY D 73 36.59 27.86 -34.37
N ARG D 74 37.51 27.31 -35.15
CA ARG D 74 37.20 26.27 -36.11
C ARG D 74 38.05 25.04 -35.84
N VAL D 75 37.41 23.88 -35.77
CA VAL D 75 38.09 22.61 -35.51
C VAL D 75 38.77 22.14 -36.79
N VAL D 76 40.05 21.82 -36.70
CA VAL D 76 40.82 21.27 -37.81
C VAL D 76 41.44 19.96 -37.35
N LEU D 77 41.04 18.86 -37.97
CA LEU D 77 41.47 17.53 -37.58
C LEU D 77 42.66 17.06 -38.40
N GLN D 78 43.49 16.22 -37.79
CA GLN D 78 44.67 15.64 -38.41
C GLN D 78 44.60 14.12 -38.31
N ASP D 79 45.59 13.45 -38.90
CA ASP D 79 45.70 12.00 -38.81
C ASP D 79 45.99 11.56 -37.38
N ILE D 80 45.45 10.40 -37.01
CA ILE D 80 45.73 9.77 -35.74
C ILE D 80 46.76 8.68 -35.98
N GLN D 81 47.94 8.82 -35.39
CA GLN D 81 49.01 7.85 -35.57
C GLN D 81 48.70 6.56 -34.81
N LYS D 82 49.19 5.45 -35.35
CA LYS D 82 49.02 4.16 -34.70
C LYS D 82 49.92 4.08 -33.47
N PRO D 83 49.57 3.25 -32.48
CA PRO D 83 50.40 3.14 -31.28
C PRO D 83 51.78 2.53 -31.56
N GLU D 84 52.68 2.73 -30.60
CA GLU D 84 54.07 2.36 -30.79
C GLU D 84 54.29 0.85 -30.77
N ASN D 85 53.46 0.11 -30.04
CA ASN D 85 53.63 -1.33 -29.91
C ASN D 85 52.33 -2.05 -30.24
N ASP D 86 52.47 -3.26 -30.75
CA ASP D 86 51.33 -4.14 -30.92
C ASP D 86 51.05 -4.97 -29.68
N GLU D 87 52.10 -5.37 -28.96
CA GLU D 87 51.97 -6.12 -27.72
C GLU D 87 52.74 -5.42 -26.61
N TRP D 88 52.22 -5.52 -25.39
CA TRP D 88 52.66 -4.65 -24.31
C TRP D 88 53.33 -5.40 -23.16
N GLY D 89 53.72 -6.66 -23.35
CA GLY D 89 54.51 -7.36 -22.35
C GLY D 89 53.70 -7.79 -21.14
N THR D 90 54.33 -7.72 -19.97
CA THR D 90 53.67 -8.05 -18.72
C THR D 90 52.75 -6.92 -18.30
N ALA D 91 52.01 -7.13 -17.20
CA ALA D 91 51.11 -6.09 -16.71
C ALA D 91 51.88 -4.89 -16.16
N LEU D 92 53.04 -5.14 -15.54
CA LEU D 92 53.85 -4.07 -14.97
C LEU D 92 54.40 -3.15 -16.06
N LYS D 93 54.86 -3.72 -17.17
CA LYS D 93 55.37 -2.93 -18.29
C LYS D 93 54.27 -2.10 -18.94
N ALA D 94 53.08 -2.66 -19.05
CA ALA D 94 51.96 -1.93 -19.64
C ALA D 94 51.52 -0.77 -18.76
N PHE D 95 51.48 -0.98 -17.44
CA PHE D 95 51.08 0.12 -16.56
C PHE D 95 52.17 1.18 -16.46
N GLU D 96 53.45 0.80 -16.61
CA GLU D 96 54.52 1.80 -16.65
C GLU D 96 54.45 2.64 -17.91
N ALA D 97 54.16 2.01 -19.06
CA ALA D 97 53.98 2.77 -20.30
C ALA D 97 52.77 3.69 -20.23
N ALA D 98 51.69 3.24 -19.57
CA ALA D 98 50.52 4.09 -19.38
C ALA D 98 50.83 5.29 -18.49
N LEU D 99 51.65 5.09 -17.45
CA LEU D 99 52.06 6.20 -16.59
C LEU D 99 52.88 7.23 -17.35
N ALA D 100 53.80 6.76 -18.22
CA ALA D 100 54.59 7.68 -19.03
C ALA D 100 53.71 8.46 -20.02
N LEU D 101 52.68 7.80 -20.56
CA LEU D 101 51.76 8.50 -21.47
C LEU D 101 50.95 9.58 -20.74
N GLU D 102 50.50 9.28 -19.51
CA GLU D 102 49.76 10.27 -18.73
C GLU D 102 50.63 11.48 -18.38
N LYS D 103 51.92 11.25 -18.10
CA LYS D 103 52.79 12.37 -17.78
C LYS D 103 53.09 13.23 -19.02
N PHE D 104 53.23 12.60 -20.19
CA PHE D 104 53.37 13.36 -21.44
C PHE D 104 52.15 14.23 -21.71
N ASN D 105 50.96 13.68 -21.48
N ASN D 105 50.95 13.70 -21.47
CA ASN D 105 49.72 14.43 -21.66
CA ASN D 105 49.73 14.46 -21.67
C ASN D 105 49.62 15.60 -20.68
C ASN D 105 49.61 15.61 -20.68
N ASN D 106 50.08 15.40 -19.44
CA ASN D 106 50.09 16.48 -18.46
C ASN D 106 51.03 17.61 -18.85
N GLU D 107 52.18 17.27 -19.44
CA GLU D 107 53.11 18.30 -19.90
C GLU D 107 52.52 19.10 -21.07
N SER D 108 51.81 18.42 -21.98
CA SER D 108 51.13 19.14 -23.06
C SER D 108 50.02 20.05 -22.54
N LEU D 109 49.26 19.59 -21.55
CA LEU D 109 48.20 20.42 -20.97
C LEU D 109 48.76 21.65 -20.27
N LEU D 110 49.89 21.50 -19.57
CA LEU D 110 50.50 22.65 -18.93
C LEU D 110 51.05 23.66 -19.94
N LYS D 111 51.56 23.17 -21.07
CA LYS D 111 51.99 24.09 -22.13
C LYS D 111 50.82 24.87 -22.74
N LEU D 112 49.67 24.19 -22.92
CA LEU D 112 48.48 24.86 -23.43
C LEU D 112 47.97 25.92 -22.44
N HIS D 113 48.00 25.60 -21.14
CA HIS D 113 47.61 26.55 -20.11
C HIS D 113 48.55 27.76 -20.09
N SER D 114 49.84 27.52 -20.32
CA SER D 114 50.80 28.62 -20.35
C SER D 114 50.58 29.53 -21.56
N THR D 115 50.25 28.96 -22.72
CA THR D 115 49.96 29.77 -23.90
C THR D 115 48.71 30.63 -23.71
N ALA D 116 47.64 30.02 -23.18
CA ALA D 116 46.42 30.77 -22.92
C ALA D 116 46.62 31.84 -21.85
N GLY D 117 47.49 31.60 -20.87
CA GLY D 117 47.81 32.63 -19.91
C GLY D 117 48.64 33.76 -20.49
N ASN D 118 49.53 33.45 -21.43
CA ASN D 118 50.33 34.48 -22.07
C ASN D 118 49.51 35.37 -22.97
N HIS D 119 48.42 34.85 -23.55
CA HIS D 119 47.59 35.69 -24.40
C HIS D 119 46.42 36.33 -23.66
N ASN D 120 46.42 36.31 -22.32
CA ASN D 120 45.42 36.95 -21.46
C ASN D 120 43.99 36.45 -21.73
N ASP D 121 43.85 35.14 -21.86
CA ASP D 121 42.56 34.51 -22.12
C ASP D 121 42.08 33.90 -20.81
N ALA D 122 41.26 34.66 -20.08
CA ALA D 122 40.88 34.26 -18.72
C ALA D 122 39.91 33.08 -18.73
N HIS D 123 38.96 33.07 -19.67
CA HIS D 123 37.97 32.01 -19.73
C HIS D 123 38.60 30.66 -20.05
N LEU D 124 39.59 30.63 -20.93
CA LEU D 124 40.16 29.36 -21.31
C LEU D 124 41.12 28.82 -20.24
N THR D 125 41.86 29.70 -19.55
CA THR D 125 42.68 29.23 -18.44
C THR D 125 41.82 28.68 -17.31
N ASP D 126 40.68 29.33 -17.04
CA ASP D 126 39.77 28.79 -16.04
C ASP D 126 39.15 27.47 -16.47
N PHE D 127 38.84 27.34 -17.76
CA PHE D 127 38.28 26.10 -18.30
C PHE D 127 39.27 24.95 -18.17
N ILE D 128 40.53 25.19 -18.53
CA ILE D 128 41.56 24.16 -18.46
C ILE D 128 41.81 23.76 -17.01
N GLU D 129 41.93 24.74 -16.11
CA GLU D 129 42.16 24.46 -14.70
C GLU D 129 41.00 23.69 -14.08
N GLU D 130 39.77 24.01 -14.47
CA GLU D 130 38.63 23.34 -13.85
C GLU D 130 38.44 21.93 -14.39
N LYS D 131 38.62 21.71 -15.69
CA LYS D 131 38.23 20.43 -16.26
C LYS D 131 39.37 19.47 -16.59
N TYR D 132 40.63 19.90 -16.62
CA TYR D 132 41.65 19.00 -17.11
C TYR D 132 42.81 18.76 -16.16
N LEU D 133 43.27 19.80 -15.44
CA LEU D 133 44.51 19.69 -14.67
C LEU D 133 44.36 18.80 -13.44
N ASP D 134 43.26 18.98 -12.69
CA ASP D 134 43.04 18.17 -11.49
C ASP D 134 42.76 16.71 -11.84
N GLU D 135 42.00 16.48 -12.91
CA GLU D 135 41.74 15.12 -13.39
C GLU D 135 43.04 14.45 -13.84
N GLN D 136 43.94 15.20 -14.46
CA GLN D 136 45.20 14.63 -14.91
C GLN D 136 46.11 14.28 -13.74
N VAL D 137 46.12 15.13 -12.70
CA VAL D 137 46.91 14.85 -11.50
C VAL D 137 46.40 13.60 -10.80
N LYS D 138 45.07 13.45 -10.71
CA LYS D 138 44.49 12.26 -10.08
C LYS D 138 44.75 11.00 -10.90
N SER D 139 44.75 11.11 -12.23
CA SER D 139 45.04 9.96 -13.08
C SER D 139 46.50 9.50 -12.94
N ILE D 140 47.43 10.45 -12.86
CA ILE D 140 48.84 10.11 -12.68
C ILE D 140 49.06 9.43 -11.33
N ASN D 141 48.38 9.93 -10.28
CA ASN D 141 48.49 9.32 -8.96
C ASN D 141 47.94 7.89 -8.93
N GLU D 142 46.81 7.68 -9.63
CA GLU D 142 46.21 6.35 -9.69
C GLU D 142 47.13 5.34 -10.40
N PHE D 143 47.73 5.75 -11.52
CA PHE D 143 48.64 4.84 -12.22
C PHE D 143 49.92 4.58 -11.43
N ALA D 144 50.40 5.56 -10.66
CA ALA D 144 51.59 5.33 -9.85
C ALA D 144 51.31 4.35 -8.71
N ARG D 145 50.12 4.44 -8.11
CA ARG D 145 49.74 3.48 -7.07
C ARG D 145 49.59 2.07 -7.63
N MET D 146 49.06 1.96 -8.86
CA MET D 146 48.93 0.64 -9.46
C MET D 146 50.28 0.03 -9.82
N VAL D 147 51.24 0.86 -10.25
CA VAL D 147 52.59 0.38 -10.50
C VAL D 147 53.25 -0.12 -9.21
N ALA D 148 53.04 0.61 -8.11
CA ALA D 148 53.60 0.18 -6.83
C ALA D 148 53.00 -1.15 -6.35
N ASN D 149 51.70 -1.33 -6.52
CA ASN D 149 51.08 -2.59 -6.10
C ASN D 149 51.49 -3.76 -7.00
N LEU D 150 51.69 -3.50 -8.30
CA LEU D 150 52.14 -4.56 -9.19
C LEU D 150 53.59 -4.95 -8.92
N LYS D 151 54.42 -3.99 -8.47
CA LYS D 151 55.74 -4.36 -8.01
C LYS D 151 55.69 -5.15 -6.71
N ARG D 152 54.70 -4.87 -5.86
CA ARG D 152 54.58 -5.59 -4.59
C ARG D 152 54.19 -7.05 -4.81
N VAL D 153 53.15 -7.30 -5.61
CA VAL D 153 52.61 -8.66 -5.68
C VAL D 153 53.48 -9.61 -6.51
N GLY D 154 54.30 -9.12 -7.42
CA GLY D 154 55.14 -9.98 -8.22
C GLY D 154 54.40 -10.72 -9.32
N PRO D 155 55.11 -11.55 -10.08
CA PRO D 155 54.47 -12.26 -11.19
C PRO D 155 53.77 -13.53 -10.74
N GLY D 156 52.79 -13.94 -11.53
CA GLY D 156 52.10 -15.21 -11.34
C GLY D 156 50.83 -15.06 -10.51
N VAL D 157 50.79 -15.69 -9.35
CA VAL D 157 49.58 -15.71 -8.54
C VAL D 157 49.28 -14.32 -7.98
N GLY D 158 50.32 -13.49 -7.78
CA GLY D 158 50.09 -12.12 -7.39
C GLY D 158 49.41 -11.30 -8.49
N GLU D 159 49.79 -11.57 -9.74
CA GLU D 159 49.14 -10.92 -10.87
C GLU D 159 47.69 -11.34 -11.01
N TYR D 160 47.41 -12.63 -10.77
CA TYR D 160 46.02 -13.11 -10.79
C TYR D 160 45.19 -12.48 -9.67
N VAL D 161 45.75 -12.38 -8.48
CA VAL D 161 45.04 -11.80 -7.33
C VAL D 161 44.80 -10.31 -7.56
N PHE D 162 45.79 -9.62 -8.16
CA PHE D 162 45.63 -8.21 -8.52
C PHE D 162 44.51 -8.02 -9.54
N ASP D 163 44.43 -8.89 -10.54
CA ASP D 163 43.35 -8.77 -11.52
C ASP D 163 41.99 -9.07 -10.91
N LYS D 164 41.93 -9.98 -9.93
CA LYS D 164 40.64 -10.28 -9.32
C LYS D 164 40.19 -9.22 -8.32
N GLU D 165 41.11 -8.56 -7.62
CA GLU D 165 40.74 -7.78 -6.45
C GLU D 165 40.76 -6.27 -6.67
N HIS D 166 41.63 -5.75 -7.53
CA HIS D 166 41.92 -4.32 -7.54
C HIS D 166 40.83 -3.47 -8.18
N PHE D 167 39.96 -4.05 -8.99
CA PHE D 167 38.99 -3.27 -9.76
C PHE D 167 37.56 -3.50 -9.33
N SER D 168 37.34 -4.19 -8.22
CA SER D 168 35.99 -4.45 -7.74
C SER D 168 35.66 -3.57 -6.55
N SER E 1 34.85 48.64 8.42
CA SER E 1 34.55 47.22 8.44
C SER E 1 35.62 46.43 9.18
N LEU E 2 35.20 45.55 10.09
CA LEU E 2 36.13 44.67 10.78
C LEU E 2 36.62 43.53 9.90
N ALA E 3 35.93 43.25 8.80
CA ALA E 3 36.23 42.10 7.96
C ALA E 3 37.13 42.43 6.77
N ARG E 4 37.36 43.71 6.47
CA ARG E 4 38.05 44.10 5.24
C ARG E 4 39.54 43.74 5.30
N GLN E 5 40.01 43.05 4.27
CA GLN E 5 41.40 42.60 4.20
C GLN E 5 41.74 42.33 2.75
N ASN E 6 42.81 42.96 2.25
CA ASN E 6 43.30 42.83 0.86
C ASN E 6 42.21 43.19 -0.15
N TYR E 7 41.61 44.36 0.03
CA TYR E 7 40.51 44.82 -0.82
C TYR E 7 40.71 46.32 -1.06
N HIS E 8 41.32 46.66 -2.19
CA HIS E 8 41.67 48.03 -2.48
C HIS E 8 40.46 48.81 -3.00
N SER E 9 40.57 50.13 -2.96
CA SER E 9 39.43 50.99 -3.27
C SER E 9 39.11 51.03 -4.77
N GLU E 10 40.12 50.83 -5.62
CA GLU E 10 39.88 50.79 -7.07
C GLU E 10 39.03 49.59 -7.46
N VAL E 11 39.26 48.45 -6.80
CA VAL E 11 38.47 47.26 -7.05
C VAL E 11 37.03 47.45 -6.59
N GLU E 12 36.84 48.16 -5.46
CA GLU E 12 35.51 48.48 -4.96
C GLU E 12 34.74 49.38 -5.94
N ALA E 13 35.42 50.39 -6.48
CA ALA E 13 34.78 51.27 -7.46
C ALA E 13 34.43 50.53 -8.74
N ALA E 14 35.29 49.62 -9.20
CA ALA E 14 34.99 48.85 -10.40
C ALA E 14 33.82 47.89 -10.19
N VAL E 15 33.66 47.34 -8.98
CA VAL E 15 32.52 46.49 -8.67
C VAL E 15 31.22 47.29 -8.71
N ASN E 16 31.24 48.52 -8.19
CA ASN E 16 30.04 49.37 -8.24
C ASN E 16 29.66 49.72 -9.69
N LYS E 17 30.67 49.98 -10.53
CA LYS E 17 30.42 50.24 -11.95
C LYS E 17 29.78 49.03 -12.64
N GLN E 18 30.27 47.83 -12.34
CA GLN E 18 29.68 46.62 -12.94
C GLN E 18 28.25 46.38 -12.47
N ILE E 19 27.93 46.75 -11.23
CA ILE E 19 26.56 46.65 -10.72
C ILE E 19 25.60 47.51 -11.56
N ASN E 20 26.02 48.75 -11.85
CA ASN E 20 25.17 49.62 -12.67
C ASN E 20 25.00 49.08 -14.09
N ILE E 21 26.05 48.46 -14.64
CA ILE E 21 25.96 47.89 -15.98
C ILE E 21 24.96 46.73 -16.04
N GLU E 22 24.97 45.85 -15.03
CA GLU E 22 24.02 44.73 -15.00
C GLU E 22 22.57 45.22 -14.84
N LEU E 23 22.36 46.28 -14.05
CA LEU E 23 21.01 46.80 -13.87
C LEU E 23 20.47 47.43 -15.16
N TYR E 24 21.35 48.13 -15.91
CA TYR E 24 20.95 48.68 -17.19
C TYR E 24 20.58 47.59 -18.20
N ALA E 25 21.34 46.49 -18.21
CA ALA E 25 21.02 45.39 -19.12
C ALA E 25 19.67 44.74 -18.79
N SER E 26 19.37 44.61 -17.49
CA SER E 26 18.07 44.11 -17.07
C SER E 26 16.92 44.98 -17.56
N TYR E 27 17.11 46.30 -17.50
CA TYR E 27 16.03 47.19 -17.90
C TYR E 27 15.84 47.21 -19.42
N VAL E 28 16.93 47.04 -20.19
CA VAL E 28 16.83 46.89 -21.64
C VAL E 28 16.05 45.63 -22.01
N TYR E 29 16.33 44.51 -21.34
CA TYR E 29 15.60 43.28 -21.65
C TYR E 29 14.13 43.36 -21.25
N LEU E 30 13.80 44.12 -20.21
CA LEU E 30 12.40 44.35 -19.86
C LEU E 30 11.67 45.13 -20.96
N SER E 31 12.36 46.14 -21.52
CA SER E 31 11.78 46.89 -22.63
C SER E 31 11.53 46.01 -23.86
N MET E 32 12.48 45.11 -24.18
CA MET E 32 12.29 44.21 -25.31
C MET E 32 11.13 43.23 -25.08
N SER E 33 11.04 42.72 -23.85
CA SER E 33 9.98 41.79 -23.48
C SER E 33 8.60 42.41 -23.65
N PHE E 34 8.44 43.66 -23.26
CA PHE E 34 7.11 44.24 -23.45
C PHE E 34 6.91 44.85 -24.83
N TYR E 35 7.97 44.98 -25.64
CA TYR E 35 7.73 45.24 -27.06
C TYR E 35 7.12 44.03 -27.75
N PHE E 36 7.63 42.83 -27.48
CA PHE E 36 7.07 41.67 -28.17
C PHE E 36 5.73 41.21 -27.59
N ASP E 37 5.24 41.84 -26.53
CA ASP E 37 3.93 41.57 -25.96
C ASP E 37 2.82 42.41 -26.58
N ARG E 38 3.15 43.33 -27.48
CA ARG E 38 2.16 44.21 -28.09
C ARG E 38 1.19 43.43 -28.97
N ASP E 39 -0.01 44.00 -29.14
CA ASP E 39 -1.06 43.28 -29.86
C ASP E 39 -0.84 43.29 -31.37
N ASP E 40 0.00 44.17 -31.89
CA ASP E 40 0.33 44.18 -33.31
C ASP E 40 1.65 43.49 -33.61
N VAL E 41 2.32 42.93 -32.59
CA VAL E 41 3.50 42.09 -32.79
C VAL E 41 3.19 40.63 -32.47
N ALA E 42 2.81 40.35 -31.21
CA ALA E 42 2.16 39.11 -30.77
C ALA E 42 3.03 37.86 -31.00
N LEU E 43 4.22 37.88 -30.41
CA LEU E 43 5.10 36.72 -30.37
C LEU E 43 5.36 36.38 -28.91
N PRO E 44 4.52 35.54 -28.29
CA PRO E 44 4.54 35.43 -26.82
C PRO E 44 5.72 34.68 -26.24
N ASN E 45 6.27 33.69 -26.96
CA ASN E 45 7.39 32.94 -26.40
C ASN E 45 8.67 33.75 -26.42
N ILE E 46 8.85 34.63 -27.41
CA ILE E 46 9.97 35.55 -27.44
C ILE E 46 9.88 36.54 -26.27
N ALA E 47 8.66 37.02 -25.99
CA ALA E 47 8.45 37.94 -24.88
C ALA E 47 8.74 37.29 -23.53
N LYS E 48 8.32 36.03 -23.38
CA LYS E 48 8.63 35.29 -22.16
C LYS E 48 10.13 35.05 -22.00
N PHE E 49 10.82 34.77 -23.11
CA PHE E 49 12.27 34.60 -23.10
C PHE E 49 12.99 35.86 -22.63
N PHE E 50 12.58 37.02 -23.15
CA PHE E 50 13.23 38.26 -22.75
C PHE E 50 12.89 38.65 -21.31
N LYS E 51 11.70 38.28 -20.82
CA LYS E 51 11.39 38.49 -19.41
C LYS E 51 12.31 37.66 -18.50
N GLU E 52 12.57 36.42 -18.89
CA GLU E 52 13.51 35.59 -18.13
C GLU E 52 14.93 36.14 -18.17
N GLN E 53 15.34 36.70 -19.31
CA GLN E 53 16.66 37.33 -19.40
C GLN E 53 16.78 38.55 -18.50
N SER E 54 15.69 39.33 -18.39
CA SER E 54 15.68 40.48 -17.50
C SER E 54 15.83 40.07 -16.03
N ASP E 55 15.12 39.00 -15.63
CA ASP E 55 15.25 38.48 -14.27
C ASP E 55 16.67 37.97 -13.99
N GLU E 56 17.29 37.33 -14.99
CA GLU E 56 18.66 36.83 -14.81
C GLU E 56 19.67 37.95 -14.63
N GLU E 57 19.54 39.04 -15.40
CA GLU E 57 20.46 40.16 -15.23
C GLU E 57 20.28 40.85 -13.88
N ARG E 58 19.04 40.90 -13.37
CA ARG E 58 18.82 41.42 -12.03
C ARG E 58 19.48 40.55 -10.97
N GLU E 59 19.46 39.22 -11.17
CA GLU E 59 20.15 38.31 -10.25
C GLU E 59 21.66 38.52 -10.28
N HIS E 60 22.23 38.78 -11.46
CA HIS E 60 23.66 39.08 -11.57
C HIS E 60 24.04 40.32 -10.77
N ALA E 61 23.21 41.37 -10.88
CA ALA E 61 23.48 42.60 -10.12
C ALA E 61 23.39 42.37 -8.61
N THR E 62 22.41 41.59 -8.15
CA THR E 62 22.29 41.38 -6.71
C THR E 62 23.42 40.49 -6.18
N GLU E 63 23.94 39.56 -6.98
CA GLU E 63 25.08 38.77 -6.51
C GLU E 63 26.35 39.61 -6.42
N LEU E 64 26.53 40.59 -7.32
CA LEU E 64 27.65 41.50 -7.17
C LEU E 64 27.51 42.38 -5.93
N MET E 65 26.30 42.83 -5.61
CA MET E 65 26.07 43.57 -4.36
C MET E 65 26.40 42.71 -3.14
N ARG E 66 26.04 41.43 -3.19
CA ARG E 66 26.32 40.52 -2.07
C ARG E 66 27.82 40.31 -1.87
N VAL E 67 28.59 40.17 -2.95
CA VAL E 67 30.03 39.96 -2.75
C VAL E 67 30.72 41.26 -2.33
N GLN E 68 30.16 42.41 -2.73
CA GLN E 68 30.66 43.69 -2.24
C GLN E 68 30.47 43.81 -0.73
N ASN E 69 29.31 43.39 -0.22
CA ASN E 69 29.12 43.38 1.22
C ASN E 69 29.97 42.32 1.92
N LEU E 70 30.22 41.20 1.24
CA LEU E 70 31.01 40.13 1.84
C LEU E 70 32.48 40.53 2.03
N ARG E 71 33.04 41.29 1.09
CA ARG E 71 34.42 41.69 1.23
C ARG E 71 34.62 42.93 2.09
N GLY E 72 33.55 43.52 2.61
CA GLY E 72 33.66 44.68 3.47
C GLY E 72 33.65 46.01 2.76
N GLY E 73 33.32 46.05 1.48
CA GLY E 73 33.13 47.30 0.78
C GLY E 73 31.72 47.84 0.97
N ARG E 74 31.46 48.98 0.33
CA ARG E 74 30.18 49.67 0.46
C ARG E 74 29.55 49.86 -0.91
N VAL E 75 28.28 49.48 -1.03
CA VAL E 75 27.53 49.59 -2.27
C VAL E 75 27.12 51.04 -2.47
N VAL E 76 27.41 51.60 -3.64
CA VAL E 76 27.01 52.94 -4.02
C VAL E 76 26.24 52.86 -5.34
N LEU E 77 24.96 53.19 -5.30
CA LEU E 77 24.08 53.07 -6.46
C LEU E 77 24.00 54.37 -7.24
N GLN E 78 23.77 54.25 -8.55
CA GLN E 78 23.62 55.38 -9.45
C GLN E 78 22.30 55.27 -10.20
N ASP E 79 22.01 56.28 -11.02
CA ASP E 79 20.84 56.27 -11.87
C ASP E 79 20.92 55.16 -12.91
N ILE E 80 19.77 54.58 -13.24
CA ILE E 80 19.64 53.60 -14.32
C ILE E 80 19.08 54.33 -15.53
N GLN E 81 19.86 54.39 -16.60
CA GLN E 81 19.43 55.08 -17.82
C GLN E 81 18.37 54.27 -18.55
N LYS E 82 17.48 54.99 -19.24
CA LYS E 82 16.45 54.34 -20.03
C LYS E 82 17.07 53.71 -21.28
N PRO E 83 16.43 52.68 -21.85
CA PRO E 83 16.98 52.05 -23.05
C PRO E 83 16.99 52.97 -24.26
N GLU E 84 17.78 52.58 -25.26
CA GLU E 84 18.02 53.43 -26.42
C GLU E 84 16.80 53.52 -27.33
N ASN E 85 15.97 52.49 -27.37
CA ASN E 85 14.83 52.45 -28.27
C ASN E 85 13.57 52.11 -27.52
N ASP E 86 12.45 52.63 -28.00
CA ASP E 86 11.15 52.22 -27.51
C ASP E 86 10.61 51.01 -28.25
N GLU E 87 10.88 50.89 -29.54
CA GLU E 87 10.48 49.76 -30.35
C GLU E 87 11.69 49.18 -31.06
N TRP E 88 11.67 47.85 -31.25
CA TRP E 88 12.88 47.12 -31.62
C TRP E 88 12.80 46.46 -32.98
N GLY E 89 11.83 46.81 -33.82
CA GLY E 89 11.81 46.34 -35.20
C GLY E 89 11.38 44.89 -35.31
N THR E 90 11.98 44.18 -36.26
CA THR E 90 11.72 42.77 -36.46
C THR E 90 12.41 41.94 -35.38
N ALA E 91 12.17 40.63 -35.40
CA ALA E 91 12.81 39.75 -34.42
C ALA E 91 14.30 39.65 -34.64
N LEU E 92 14.74 39.68 -35.91
CA LEU E 92 16.16 39.58 -36.23
C LEU E 92 16.93 40.80 -35.72
N LYS E 93 16.36 41.99 -35.88
CA LYS E 93 17.01 43.21 -35.39
C LYS E 93 17.09 43.23 -33.87
N ALA E 94 16.06 42.75 -33.20
CA ALA E 94 16.07 42.70 -31.74
C ALA E 94 17.10 41.72 -31.21
N PHE E 95 17.23 40.55 -31.85
CA PHE E 95 18.22 39.59 -31.38
C PHE E 95 19.63 40.03 -31.72
N GLU E 96 19.82 40.79 -32.81
CA GLU E 96 21.14 41.35 -33.10
C GLU E 96 21.54 42.42 -32.09
N ALA E 97 20.58 43.27 -31.70
CA ALA E 97 20.86 44.26 -30.65
C ALA E 97 21.16 43.60 -29.31
N ALA E 98 20.46 42.50 -29.00
CA ALA E 98 20.74 41.75 -27.77
C ALA E 98 22.12 41.12 -27.80
N LEU E 99 22.56 40.63 -28.96
CA LEU E 99 23.91 40.07 -29.08
C LEU E 99 24.97 41.14 -28.88
N ALA E 100 24.75 42.34 -29.43
CA ALA E 100 25.70 43.44 -29.22
C ALA E 100 25.76 43.86 -27.74
N LEU E 101 24.61 43.83 -27.06
CA LEU E 101 24.60 44.16 -25.63
C LEU E 101 25.36 43.12 -24.80
N GLU E 102 25.20 41.84 -25.13
CA GLU E 102 25.93 40.79 -24.42
C GLU E 102 27.44 40.91 -24.63
N LYS E 103 27.87 41.31 -25.83
CA LYS E 103 29.30 41.45 -26.07
C LYS E 103 29.88 42.67 -25.34
N PHE E 104 29.10 43.76 -25.25
CA PHE E 104 29.52 44.92 -24.45
C PHE E 104 29.69 44.55 -22.98
N ASN E 105 28.74 43.76 -22.45
N ASN E 105 28.76 43.75 -22.44
CA ASN E 105 28.81 43.30 -21.07
CA ASN E 105 28.85 43.32 -21.05
C ASN E 105 30.03 42.40 -20.83
C ASN E 105 30.03 42.39 -20.82
N ASN E 106 30.35 41.55 -21.81
CA ASN E 106 31.53 40.70 -21.71
C ASN E 106 32.82 41.50 -21.68
N GLU E 107 32.89 42.58 -22.47
CA GLU E 107 34.07 43.43 -22.46
C GLU E 107 34.23 44.15 -21.12
N SER E 108 33.11 44.59 -20.53
CA SER E 108 33.18 45.20 -19.20
C SER E 108 33.61 44.20 -18.12
N LEU E 109 33.12 42.96 -18.21
CA LEU E 109 33.53 41.94 -17.24
C LEU E 109 35.01 41.60 -17.36
N LEU E 110 35.54 41.55 -18.58
CA LEU E 110 36.96 41.29 -18.75
C LEU E 110 37.82 42.43 -18.23
N LYS E 111 37.35 43.67 -18.37
CA LYS E 111 38.08 44.80 -17.79
C LYS E 111 38.09 44.75 -16.25
N LEU E 112 36.97 44.34 -15.65
CA LEU E 112 36.92 44.19 -14.20
C LEU E 112 37.85 43.08 -13.71
N HIS E 113 37.90 41.96 -14.45
CA HIS E 113 38.81 40.88 -14.13
C HIS E 113 40.26 41.31 -14.25
N SER E 114 40.56 42.15 -15.24
CA SER E 114 41.92 42.65 -15.40
C SER E 114 42.33 43.59 -14.27
N THR E 115 41.41 44.44 -13.80
CA THR E 115 41.70 45.32 -12.67
C THR E 115 41.95 44.54 -11.39
N ALA E 116 41.09 43.54 -11.11
CA ALA E 116 41.27 42.71 -9.93
C ALA E 116 42.54 41.88 -10.01
N GLY E 117 42.95 41.46 -11.21
CA GLY E 117 44.22 40.78 -11.35
C GLY E 117 45.42 41.69 -11.17
N ASN E 118 45.30 42.95 -11.59
CA ASN E 118 46.40 43.89 -11.41
C ASN E 118 46.59 44.27 -9.96
N HIS E 119 45.53 44.24 -9.15
CA HIS E 119 45.70 44.57 -7.74
C HIS E 119 45.92 43.34 -6.85
N ASN E 120 46.23 42.18 -7.44
CA ASN E 120 46.56 40.93 -6.74
C ASN E 120 45.44 40.47 -5.79
N ASP E 121 44.22 40.52 -6.29
CA ASP E 121 43.05 40.11 -5.51
C ASP E 121 42.63 38.73 -6.01
N ALA E 122 43.11 37.69 -5.33
CA ALA E 122 42.93 36.33 -5.81
C ALA E 122 41.48 35.85 -5.67
N HIS E 123 40.83 36.21 -4.56
CA HIS E 123 39.47 35.77 -4.30
C HIS E 123 38.49 36.36 -5.31
N LEU E 124 38.68 37.62 -5.69
CA LEU E 124 37.73 38.24 -6.60
C LEU E 124 37.93 37.78 -8.05
N THR E 125 39.18 37.54 -8.47
CA THR E 125 39.40 36.98 -9.80
C THR E 125 38.82 35.58 -9.90
N ASP E 126 38.96 34.77 -8.84
CA ASP E 126 38.34 33.46 -8.85
C ASP E 126 36.82 33.53 -8.85
N PHE E 127 36.26 34.51 -8.12
CA PHE E 127 34.81 34.70 -8.09
C PHE E 127 34.27 35.08 -9.46
N ILE E 128 34.94 36.02 -10.14
CA ILE E 128 34.51 36.46 -11.46
C ILE E 128 34.62 35.33 -12.47
N GLU E 129 35.74 34.60 -12.46
CA GLU E 129 35.94 33.49 -13.37
C GLU E 129 34.92 32.38 -13.15
N GLU E 130 34.57 32.11 -11.90
CA GLU E 130 33.64 31.02 -11.63
C GLU E 130 32.21 31.39 -11.96
N LYS E 131 31.78 32.62 -11.64
CA LYS E 131 30.35 32.92 -11.73
C LYS E 131 29.94 33.77 -12.93
N TYR E 132 30.85 34.42 -13.66
CA TYR E 132 30.40 35.36 -14.66
C TYR E 132 30.92 35.09 -16.06
N LEU E 133 32.19 34.70 -16.21
CA LEU E 133 32.82 34.63 -17.53
C LEU E 133 32.28 33.49 -18.38
N ASP E 134 32.14 32.30 -17.79
CA ASP E 134 31.63 31.15 -18.53
C ASP E 134 30.16 31.32 -18.91
N GLU E 135 29.37 31.88 -17.98
CA GLU E 135 27.97 32.17 -18.26
C GLU E 135 27.83 33.21 -19.37
N GLN E 136 28.73 34.19 -19.41
CA GLN E 136 28.67 35.21 -20.45
C GLN E 136 29.04 34.63 -21.82
N VAL E 137 30.04 33.73 -21.85
CA VAL E 137 30.43 33.08 -23.10
C VAL E 137 29.28 32.22 -23.64
N LYS E 138 28.60 31.49 -22.74
CA LYS E 138 27.47 30.66 -23.17
C LYS E 138 26.29 31.50 -23.64
N SER E 139 26.06 32.66 -23.01
CA SER E 139 24.99 33.55 -23.43
C SER E 139 25.25 34.15 -24.82
N ILE E 140 26.49 34.53 -25.09
CA ILE E 140 26.86 35.07 -26.40
C ILE E 140 26.69 34.00 -27.48
N ASN E 141 27.08 32.76 -27.18
CA ASN E 141 26.92 31.66 -28.13
C ASN E 141 25.45 31.37 -28.43
N GLU E 142 24.60 31.43 -27.39
CA GLU E 142 23.17 31.19 -27.56
C GLU E 142 22.52 32.26 -28.45
N PHE E 143 22.87 33.53 -28.23
CA PHE E 143 22.30 34.59 -29.06
C PHE E 143 22.82 34.53 -30.50
N ALA E 144 24.07 34.11 -30.70
CA ALA E 144 24.58 33.98 -32.07
C ALA E 144 23.88 32.86 -32.82
N ARG E 145 23.59 31.74 -32.15
CA ARG E 145 22.85 30.66 -32.78
C ARG E 145 21.42 31.08 -33.12
N MET E 146 20.80 31.89 -32.25
CA MET E 146 19.44 32.35 -32.54
C MET E 146 19.41 33.33 -33.71
N VAL E 147 20.46 34.17 -33.84
CA VAL E 147 20.56 35.06 -35.00
C VAL E 147 20.72 34.26 -36.29
N ALA E 148 21.53 33.20 -36.24
CA ALA E 148 21.71 32.36 -37.43
C ALA E 148 20.41 31.66 -37.84
N ASN E 149 19.65 31.16 -36.88
CA ASN E 149 18.39 30.50 -37.22
C ASN E 149 17.34 31.49 -37.72
N LEU E 150 17.33 32.71 -37.18
CA LEU E 150 16.39 33.71 -37.67
C LEU E 150 16.75 34.19 -39.07
N LYS E 151 18.04 34.20 -39.41
CA LYS E 151 18.41 34.46 -40.79
C LYS E 151 18.02 33.31 -41.70
N ARG E 152 18.04 32.08 -41.19
CA ARG E 152 17.66 30.92 -42.00
C ARG E 152 16.18 30.92 -42.32
N VAL E 153 15.31 31.11 -41.33
CA VAL E 153 13.88 30.91 -41.56
C VAL E 153 13.23 32.05 -42.33
N GLY E 154 13.80 33.25 -42.32
CA GLY E 154 13.22 34.37 -43.03
C GLY E 154 11.98 34.95 -42.37
N PRO E 155 11.39 35.97 -42.99
CA PRO E 155 10.23 36.63 -42.38
C PRO E 155 8.93 35.89 -42.68
N GLY E 156 7.97 36.10 -41.80
CA GLY E 156 6.61 35.60 -42.00
C GLY E 156 6.39 34.25 -41.31
N VAL E 157 6.11 33.22 -42.10
CA VAL E 157 5.76 31.92 -41.55
C VAL E 157 6.98 31.28 -40.87
N GLY E 158 8.19 31.61 -41.33
CA GLY E 158 9.37 31.16 -40.63
C GLY E 158 9.53 31.78 -39.25
N GLU E 159 9.15 33.06 -39.13
CA GLU E 159 9.17 33.72 -37.83
C GLU E 159 8.13 33.12 -36.88
N TYR E 160 6.95 32.78 -37.42
CA TYR E 160 5.93 32.12 -36.60
C TYR E 160 6.38 30.74 -36.14
N VAL E 161 7.01 29.97 -37.03
CA VAL E 161 7.48 28.62 -36.69
C VAL E 161 8.62 28.70 -35.68
N PHE E 162 9.50 29.70 -35.83
CA PHE E 162 10.57 29.93 -34.85
C PHE E 162 10.00 30.26 -33.47
N ASP E 163 8.97 31.11 -33.41
CA ASP E 163 8.37 31.43 -32.12
C ASP E 163 7.66 30.22 -31.50
N LYS E 164 7.09 29.34 -32.33
CA LYS E 164 6.41 28.18 -31.76
C LYS E 164 7.38 27.08 -31.33
N GLU E 165 8.52 26.92 -32.00
CA GLU E 165 9.32 25.72 -31.84
C GLU E 165 10.59 25.92 -31.00
N HIS E 166 11.21 27.10 -31.04
CA HIS E 166 12.57 27.24 -30.54
C HIS E 166 12.69 27.25 -29.02
N PHE E 167 11.60 27.54 -28.30
CA PHE E 167 11.68 27.73 -26.86
C PHE E 167 10.96 26.65 -26.07
N SER E 168 10.54 25.57 -26.73
CA SER E 168 9.84 24.49 -26.04
C SER E 168 10.76 23.29 -25.87
N SER F 1 48.41 -19.37 -30.53
CA SER F 1 47.12 -19.52 -29.89
C SER F 1 46.72 -20.98 -29.77
N LEU F 2 46.27 -21.39 -28.58
CA LEU F 2 45.77 -22.73 -28.39
C LEU F 2 44.37 -22.93 -28.97
N ALA F 3 43.66 -21.84 -29.25
CA ALA F 3 42.28 -21.91 -29.69
C ALA F 3 42.11 -21.87 -31.20
N ARG F 4 43.15 -21.54 -31.96
CA ARG F 4 43.02 -21.30 -33.39
C ARG F 4 42.75 -22.58 -34.15
N GLN F 5 41.71 -22.56 -34.99
CA GLN F 5 41.29 -23.73 -35.76
C GLN F 5 40.46 -23.26 -36.93
N ASN F 6 40.85 -23.66 -38.15
CA ASN F 6 40.18 -23.30 -39.41
C ASN F 6 40.08 -21.78 -39.58
N TYR F 7 41.22 -21.10 -39.44
CA TYR F 7 41.28 -19.65 -39.52
C TYR F 7 42.54 -19.27 -40.28
N HIS F 8 42.41 -19.04 -41.58
CA HIS F 8 43.56 -18.78 -42.43
C HIS F 8 44.03 -17.33 -42.30
N SER F 9 45.27 -17.09 -42.75
CA SER F 9 45.89 -15.79 -42.53
C SER F 9 45.31 -14.70 -43.42
N GLU F 10 44.81 -15.07 -44.60
CA GLU F 10 44.18 -14.09 -45.49
C GLU F 10 42.91 -13.51 -44.88
N VAL F 11 42.14 -14.36 -44.20
CA VAL F 11 40.93 -13.91 -43.52
C VAL F 11 41.28 -12.98 -42.36
N GLU F 12 42.37 -13.28 -41.64
CA GLU F 12 42.85 -12.43 -40.55
C GLU F 12 43.27 -11.05 -41.06
N ALA F 13 43.97 -11.00 -42.19
CA ALA F 13 44.37 -9.73 -42.78
C ALA F 13 43.17 -8.92 -43.26
N ALA F 14 42.17 -9.59 -43.84
CA ALA F 14 40.97 -8.88 -44.27
C ALA F 14 40.16 -8.32 -43.10
N VAL F 15 40.16 -9.03 -41.96
CA VAL F 15 39.48 -8.52 -40.77
C VAL F 15 40.18 -7.27 -40.24
N ASN F 16 41.52 -7.26 -40.26
CA ASN F 16 42.26 -6.06 -39.82
C ASN F 16 41.98 -4.86 -40.74
N LYS F 17 41.89 -5.11 -42.06
CA LYS F 17 41.54 -4.06 -43.00
C LYS F 17 40.15 -3.48 -42.73
N GLN F 18 39.17 -4.35 -42.44
CA GLN F 18 37.83 -3.87 -42.14
C GLN F 18 37.77 -3.07 -40.84
N ILE F 19 38.61 -3.42 -39.86
CA ILE F 19 38.70 -2.65 -38.62
C ILE F 19 39.14 -1.21 -38.90
N ASN F 20 40.16 -1.05 -39.75
CA ASN F 20 40.61 0.31 -40.09
C ASN F 20 39.54 1.10 -40.84
N ILE F 21 38.76 0.41 -41.69
CA ILE F 21 37.70 1.09 -42.43
C ILE F 21 36.60 1.60 -41.50
N GLU F 22 36.21 0.80 -40.50
CA GLU F 22 35.18 1.24 -39.55
C GLU F 22 35.67 2.41 -38.69
N LEU F 23 36.95 2.41 -38.31
CA LEU F 23 37.48 3.52 -37.51
C LEU F 23 37.52 4.82 -38.30
N TYR F 24 37.87 4.73 -39.60
CA TYR F 24 37.85 5.91 -40.46
C TYR F 24 36.44 6.49 -40.62
N ALA F 25 35.44 5.60 -40.75
CA ALA F 25 34.06 6.08 -40.87
C ALA F 25 33.59 6.78 -39.60
N SER F 26 33.99 6.25 -38.43
CA SER F 26 33.67 6.90 -37.17
C SER F 26 34.26 8.31 -37.09
N TYR F 27 35.49 8.48 -37.56
CA TYR F 27 36.13 9.78 -37.46
C TYR F 27 35.53 10.79 -38.45
N VAL F 28 35.08 10.32 -39.62
CA VAL F 28 34.35 11.17 -40.57
C VAL F 28 33.03 11.66 -39.97
N TYR F 29 32.29 10.77 -39.30
CA TYR F 29 31.03 11.20 -38.69
C TYR F 29 31.24 12.15 -37.52
N LEU F 30 32.35 12.02 -36.80
CA LEU F 30 32.68 13.00 -35.76
C LEU F 30 32.94 14.38 -36.34
N SER F 31 33.64 14.43 -37.48
CA SER F 31 33.87 15.70 -38.16
C SER F 31 32.56 16.35 -38.62
N MET F 32 31.63 15.55 -39.16
CA MET F 32 30.34 16.10 -39.58
C MET F 32 29.52 16.62 -38.39
N SER F 33 29.55 15.86 -37.29
CA SER F 33 28.83 16.25 -36.07
C SER F 33 29.31 17.59 -35.53
N PHE F 34 30.61 17.83 -35.55
CA PHE F 34 31.04 19.13 -35.04
C PHE F 34 31.04 20.22 -36.11
N TYR F 35 30.83 19.88 -37.39
CA TYR F 35 30.50 20.94 -38.34
C TYR F 35 29.10 21.48 -38.09
N PHE F 36 28.13 20.61 -37.83
CA PHE F 36 26.77 21.13 -37.63
C PHE F 36 26.57 21.75 -36.25
N ASP F 37 27.57 21.70 -35.38
CA ASP F 37 27.53 22.34 -34.06
C ASP F 37 28.03 23.78 -34.09
N ARG F 38 28.51 24.26 -35.23
CA ARG F 38 29.06 25.61 -35.33
C ARG F 38 27.97 26.66 -35.13
N ASP F 39 28.40 27.85 -34.68
CA ASP F 39 27.44 28.89 -34.33
C ASP F 39 26.83 29.57 -35.56
N ASP F 40 27.45 29.43 -36.72
CA ASP F 40 26.88 29.96 -37.96
C ASP F 40 26.15 28.91 -38.78
N VAL F 41 26.06 27.67 -38.28
CA VAL F 41 25.23 26.64 -38.90
C VAL F 41 24.02 26.32 -38.02
N ALA F 42 24.27 25.84 -36.79
CA ALA F 42 23.30 25.78 -35.69
C ALA F 42 22.08 24.89 -36.00
N LEU F 43 22.36 23.64 -36.32
CA LEU F 43 21.33 22.61 -36.47
C LEU F 43 21.61 21.51 -35.47
N PRO F 44 21.09 21.60 -34.24
CA PRO F 44 21.58 20.74 -33.16
C PRO F 44 21.15 19.29 -33.24
N ASN F 45 19.96 18.99 -33.79
CA ASN F 45 19.52 17.60 -33.85
C ASN F 45 20.27 16.82 -34.90
N ILE F 46 20.67 17.46 -36.00
CA ILE F 46 21.52 16.84 -37.00
C ILE F 46 22.90 16.52 -36.41
N ALA F 47 23.43 17.45 -35.60
CA ALA F 47 24.72 17.23 -34.95
C ALA F 47 24.68 16.08 -33.96
N LYS F 48 23.58 15.99 -33.20
CA LYS F 48 23.41 14.87 -32.27
C LYS F 48 23.27 13.54 -33.01
N PHE F 49 22.59 13.55 -34.15
CA PHE F 49 22.45 12.35 -34.99
C PHE F 49 23.81 11.85 -35.49
N PHE F 50 24.65 12.77 -35.97
CA PHE F 50 25.95 12.36 -36.47
C PHE F 50 26.89 11.93 -35.34
N LYS F 51 26.73 12.49 -34.14
CA LYS F 51 27.49 12.00 -32.99
C LYS F 51 27.11 10.55 -32.65
N GLU F 52 25.82 10.24 -32.70
CA GLU F 52 25.39 8.86 -32.47
C GLU F 52 25.90 7.91 -33.55
N GLN F 53 25.96 8.37 -34.80
CA GLN F 53 26.51 7.55 -35.89
C GLN F 53 27.99 7.27 -35.68
N SER F 54 28.74 8.26 -35.17
CA SER F 54 30.15 8.08 -34.88
C SER F 54 30.37 7.03 -33.78
N ASP F 55 29.55 7.09 -32.73
CA ASP F 55 29.63 6.08 -31.66
C ASP F 55 29.29 4.68 -32.18
N GLU F 56 28.31 4.58 -33.09
CA GLU F 56 27.95 3.27 -33.65
C GLU F 56 29.06 2.68 -34.49
N GLU F 57 29.74 3.49 -35.30
CA GLU F 57 30.85 2.97 -36.10
C GLU F 57 32.03 2.54 -35.22
N ARG F 58 32.26 3.24 -34.11
CA ARG F 58 33.28 2.79 -33.16
C ARG F 58 32.92 1.45 -32.53
N GLU F 59 31.63 1.24 -32.25
CA GLU F 59 31.18 -0.07 -31.73
C GLU F 59 31.38 -1.18 -32.75
N HIS F 60 31.14 -0.89 -34.04
CA HIS F 60 31.40 -1.88 -35.09
C HIS F 60 32.86 -2.30 -35.14
N ALA F 61 33.77 -1.32 -35.03
CA ALA F 61 35.20 -1.63 -35.03
C ALA F 61 35.60 -2.46 -33.81
N THR F 62 35.06 -2.15 -32.63
CA THR F 62 35.45 -2.93 -31.45
C THR F 62 34.87 -4.34 -31.49
N GLU F 63 33.70 -4.54 -32.09
CA GLU F 63 33.19 -5.91 -32.22
C GLU F 63 34.01 -6.75 -33.20
N LEU F 64 34.54 -6.12 -34.26
CA LEU F 64 35.46 -6.85 -35.13
C LEU F 64 36.76 -7.21 -34.43
N MET F 65 37.28 -6.31 -33.58
CA MET F 65 38.46 -6.64 -32.76
C MET F 65 38.18 -7.80 -31.82
N ARG F 66 36.98 -7.83 -31.24
CA ARG F 66 36.61 -8.91 -30.32
C ARG F 66 36.52 -10.26 -31.04
N VAL F 67 35.96 -10.30 -32.25
CA VAL F 67 35.88 -11.60 -32.93
C VAL F 67 37.25 -12.03 -33.46
N GLN F 68 38.13 -11.07 -33.76
CA GLN F 68 39.51 -11.41 -34.10
C GLN F 68 40.23 -12.06 -32.93
N ASN F 69 40.03 -11.55 -31.72
CA ASN F 69 40.60 -12.20 -30.55
C ASN F 69 39.93 -13.55 -30.26
N LEU F 70 38.63 -13.66 -30.55
CA LEU F 70 37.91 -14.90 -30.27
C LEU F 70 38.37 -16.05 -31.17
N ARG F 71 38.70 -15.76 -32.43
CA ARG F 71 39.14 -16.83 -33.32
C ARG F 71 40.63 -17.14 -33.19
N GLY F 72 41.36 -16.43 -32.34
CA GLY F 72 42.77 -16.70 -32.15
C GLY F 72 43.70 -15.94 -33.06
N GLY F 73 43.21 -14.95 -33.80
CA GLY F 73 44.07 -14.08 -34.57
C GLY F 73 44.62 -12.95 -33.74
N ARG F 74 45.40 -12.08 -34.38
CA ARG F 74 46.05 -10.97 -33.71
C ARG F 74 45.65 -9.66 -34.37
N VAL F 75 45.25 -8.69 -33.55
CA VAL F 75 44.83 -7.38 -34.02
C VAL F 75 46.07 -6.56 -34.36
N VAL F 76 46.11 -5.99 -35.56
CA VAL F 76 47.18 -5.11 -36.00
C VAL F 76 46.56 -3.79 -36.46
N LEU F 77 46.87 -2.71 -35.74
CA LEU F 77 46.27 -1.42 -36.00
C LEU F 77 47.13 -0.57 -36.91
N GLN F 78 46.49 0.31 -37.68
CA GLN F 78 47.15 1.22 -38.60
C GLN F 78 46.73 2.65 -38.28
N ASP F 79 47.31 3.61 -39.01
CA ASP F 79 46.94 5.01 -38.89
C ASP F 79 45.50 5.24 -39.35
N ILE F 80 44.82 6.17 -38.70
CA ILE F 80 43.51 6.62 -39.10
C ILE F 80 43.66 7.93 -39.85
N GLN F 81 43.29 7.93 -41.13
CA GLN F 81 43.42 9.12 -41.95
C GLN F 81 42.37 10.16 -41.58
N LYS F 82 42.73 11.43 -41.75
CA LYS F 82 41.80 12.52 -41.48
C LYS F 82 40.73 12.57 -42.57
N PRO F 83 39.56 13.12 -42.27
CA PRO F 83 38.50 13.19 -43.28
C PRO F 83 38.85 14.11 -44.43
N GLU F 84 38.09 13.95 -45.52
CA GLU F 84 38.40 14.64 -46.77
C GLU F 84 38.11 16.13 -46.70
N ASN F 85 37.12 16.54 -45.91
CA ASN F 85 36.72 17.94 -45.83
C ASN F 85 36.67 18.39 -44.39
N ASP F 86 36.92 19.68 -44.18
CA ASP F 86 36.69 20.29 -42.88
C ASP F 86 35.29 20.84 -42.73
N GLU F 87 34.69 21.29 -43.82
CA GLU F 87 33.32 21.79 -43.82
C GLU F 87 32.53 21.08 -44.91
N TRP F 88 31.24 20.85 -44.63
CA TRP F 88 30.45 19.93 -45.42
C TRP F 88 29.28 20.58 -46.15
N GLY F 89 29.26 21.91 -46.26
CA GLY F 89 28.26 22.57 -47.09
C GLY F 89 26.88 22.59 -46.46
N THR F 90 25.86 22.46 -47.30
CA THR F 90 24.48 22.42 -46.83
C THR F 90 24.18 21.05 -46.23
N ALA F 91 22.97 20.90 -45.68
CA ALA F 91 22.58 19.62 -45.10
C ALA F 91 22.41 18.55 -46.15
N LEU F 92 21.94 18.92 -47.35
CA LEU F 92 21.74 17.96 -48.43
C LEU F 92 23.07 17.39 -48.91
N LYS F 93 24.09 18.23 -49.05
CA LYS F 93 25.42 17.77 -49.47
C LYS F 93 26.05 16.86 -48.43
N ALA F 94 25.86 17.17 -47.15
CA ALA F 94 26.41 16.33 -46.09
C ALA F 94 25.74 14.97 -46.05
N PHE F 95 24.42 14.92 -46.22
CA PHE F 95 23.75 13.62 -46.20
C PHE F 95 24.03 12.82 -47.45
N GLU F 96 24.29 13.48 -48.59
CA GLU F 96 24.70 12.75 -49.79
C GLU F 96 26.10 12.16 -49.64
N ALA F 97 27.02 12.91 -49.03
CA ALA F 97 28.35 12.36 -48.75
C ALA F 97 28.29 11.21 -47.76
N ALA F 98 27.41 11.29 -46.77
CA ALA F 98 27.23 10.19 -45.82
C ALA F 98 26.66 8.94 -46.51
N LEU F 99 25.74 9.13 -47.46
CA LEU F 99 25.21 7.99 -48.21
C LEU F 99 26.28 7.32 -49.04
N ALA F 100 27.16 8.12 -49.68
CA ALA F 100 28.26 7.54 -50.45
C ALA F 100 29.24 6.78 -49.56
N LEU F 101 29.48 7.29 -48.34
CA LEU F 101 30.36 6.59 -47.40
C LEU F 101 29.76 5.25 -46.96
N GLU F 102 28.44 5.22 -46.69
CA GLU F 102 27.79 3.97 -46.31
C GLU F 102 27.84 2.94 -47.43
N LYS F 103 27.72 3.38 -48.69
CA LYS F 103 27.78 2.43 -49.79
C LYS F 103 29.20 1.88 -49.99
N PHE F 104 30.22 2.73 -49.79
CA PHE F 104 31.61 2.25 -49.83
C PHE F 104 31.86 1.20 -48.75
N ASN F 105 31.34 1.44 -47.54
N ASN F 105 31.34 1.42 -47.55
CA ASN F 105 31.49 0.49 -46.45
CA ASN F 105 31.51 0.46 -46.46
C ASN F 105 30.78 -0.83 -46.75
C ASN F 105 30.77 -0.84 -46.74
N ASN F 106 29.61 -0.76 -47.40
CA ASN F 106 28.89 -1.97 -47.78
C ASN F 106 29.65 -2.78 -48.82
N GLU F 107 30.32 -2.11 -49.76
CA GLU F 107 31.12 -2.82 -50.74
C GLU F 107 32.33 -3.51 -50.10
N SER F 108 32.96 -2.85 -49.11
CA SER F 108 34.05 -3.49 -48.39
C SER F 108 33.58 -4.69 -47.57
N LEU F 109 32.40 -4.58 -46.94
CA LEU F 109 31.87 -5.72 -46.18
C LEU F 109 31.53 -6.90 -47.07
N LEU F 110 31.00 -6.64 -48.26
CA LEU F 110 30.71 -7.73 -49.19
C LEU F 110 31.98 -8.40 -49.70
N LYS F 111 33.05 -7.63 -49.89
CA LYS F 111 34.33 -8.23 -50.27
C LYS F 111 34.91 -9.12 -49.15
N LEU F 112 34.76 -8.67 -47.90
CA LEU F 112 35.21 -9.49 -46.77
C LEU F 112 34.41 -10.79 -46.66
N HIS F 113 33.09 -10.70 -46.87
CA HIS F 113 32.24 -11.88 -46.86
C HIS F 113 32.61 -12.85 -47.98
N SER F 114 32.98 -12.31 -49.15
CA SER F 114 33.39 -13.16 -50.25
C SER F 114 34.71 -13.86 -49.98
N THR F 115 35.67 -13.18 -49.33
CA THR F 115 36.93 -13.81 -48.98
C THR F 115 36.74 -14.93 -47.96
N ALA F 116 35.94 -14.66 -46.92
CA ALA F 116 35.65 -15.69 -45.92
C ALA F 116 34.89 -16.87 -46.50
N GLY F 117 34.02 -16.62 -47.50
CA GLY F 117 33.36 -17.71 -48.17
C GLY F 117 34.29 -18.52 -49.06
N ASN F 118 35.26 -17.87 -49.69
CA ASN F 118 36.22 -18.58 -50.53
C ASN F 118 37.16 -19.44 -49.71
N HIS F 119 37.44 -19.08 -48.46
CA HIS F 119 38.31 -19.91 -47.64
C HIS F 119 37.56 -20.90 -46.76
N ASN F 120 36.26 -21.12 -47.02
CA ASN F 120 35.41 -22.10 -46.33
C ASN F 120 35.35 -21.87 -44.81
N ASP F 121 35.18 -20.62 -44.41
CA ASP F 121 35.10 -20.25 -43.01
C ASP F 121 33.63 -19.99 -42.69
N ALA F 122 32.97 -21.03 -42.17
CA ALA F 122 31.52 -20.97 -41.99
C ALA F 122 31.12 -20.03 -40.85
N HIS F 123 31.89 -20.06 -39.75
CA HIS F 123 31.56 -19.24 -38.59
C HIS F 123 31.67 -17.75 -38.90
N LEU F 124 32.68 -17.36 -39.68
CA LEU F 124 32.85 -15.94 -39.94
C LEU F 124 31.86 -15.41 -40.97
N THR F 125 31.49 -16.22 -41.97
CA THR F 125 30.45 -15.79 -42.89
C THR F 125 29.10 -15.66 -42.18
N ASP F 126 28.81 -16.56 -41.24
CA ASP F 126 27.58 -16.42 -40.46
C ASP F 126 27.63 -15.20 -39.55
N PHE F 127 28.81 -14.91 -38.97
CA PHE F 127 28.99 -13.73 -38.12
C PHE F 127 28.75 -12.44 -38.90
N ILE F 128 29.35 -12.35 -40.08
CA ILE F 128 29.22 -11.15 -40.91
C ILE F 128 27.77 -10.96 -41.36
N GLU F 129 27.14 -12.05 -41.83
CA GLU F 129 25.75 -11.99 -42.27
C GLU F 129 24.80 -11.61 -41.13
N GLU F 130 25.06 -12.10 -39.93
CA GLU F 130 24.15 -11.82 -38.83
C GLU F 130 24.33 -10.41 -38.29
N LYS F 131 25.57 -9.91 -38.18
CA LYS F 131 25.76 -8.66 -37.45
C LYS F 131 26.10 -7.45 -38.31
N TYR F 132 26.40 -7.60 -39.60
CA TYR F 132 26.85 -6.43 -40.34
C TYR F 132 26.04 -6.12 -41.60
N LEU F 133 25.64 -7.15 -42.37
CA LEU F 133 25.06 -6.91 -43.68
C LEU F 133 23.66 -6.31 -43.61
N ASP F 134 22.81 -6.84 -42.73
CA ASP F 134 21.45 -6.32 -42.59
C ASP F 134 21.43 -4.91 -42.01
N GLU F 135 22.31 -4.67 -41.02
CA GLU F 135 22.44 -3.33 -40.45
C GLU F 135 22.93 -2.33 -41.49
N GLN F 136 23.84 -2.76 -42.37
CA GLN F 136 24.34 -1.86 -43.41
C GLN F 136 23.27 -1.54 -44.44
N VAL F 137 22.44 -2.54 -44.80
CA VAL F 137 21.34 -2.31 -45.75
C VAL F 137 20.32 -1.34 -45.16
N LYS F 138 20.01 -1.50 -43.86
CA LYS F 138 19.06 -0.59 -43.22
C LYS F 138 19.62 0.82 -43.09
N SER F 139 20.93 0.95 -42.85
CA SER F 139 21.55 2.27 -42.77
C SER F 139 21.54 3.00 -44.12
N ILE F 140 21.81 2.27 -45.20
CA ILE F 140 21.77 2.87 -46.54
C ILE F 140 20.35 3.32 -46.89
N ASN F 141 19.35 2.52 -46.52
CA ASN F 141 17.96 2.89 -46.77
C ASN F 141 17.55 4.14 -45.99
N GLU F 142 18.01 4.23 -44.73
CA GLU F 142 17.70 5.40 -43.90
C GLU F 142 18.30 6.68 -44.47
N PHE F 143 19.56 6.62 -44.91
CA PHE F 143 20.18 7.80 -45.50
C PHE F 143 19.56 8.19 -46.84
N ALA F 144 19.09 7.21 -47.63
CA ALA F 144 18.44 7.54 -48.89
C ALA F 144 17.09 8.22 -48.66
N ARG F 145 16.35 7.77 -47.63
CA ARG F 145 15.09 8.43 -47.31
C ARG F 145 15.31 9.86 -46.80
N MET F 146 16.38 10.07 -46.03
CA MET F 146 16.67 11.42 -45.56
C MET F 146 17.10 12.34 -46.69
N VAL F 147 17.83 11.83 -47.68
CA VAL F 147 18.18 12.63 -48.85
C VAL F 147 16.94 13.01 -49.64
N ALA F 148 15.99 12.07 -49.78
CA ALA F 148 14.74 12.37 -50.49
C ALA F 148 13.91 13.44 -49.77
N ASN F 149 13.84 13.37 -48.44
CA ASN F 149 13.07 14.38 -47.70
C ASN F 149 13.76 15.74 -47.72
N LEU F 150 15.10 15.77 -47.71
CA LEU F 150 15.80 17.04 -47.79
C LEU F 150 15.67 17.67 -49.17
N LYS F 151 15.57 16.86 -50.22
CA LYS F 151 15.25 17.40 -51.53
C LYS F 151 13.82 17.92 -51.58
N ARG F 152 12.90 17.29 -50.84
CA ARG F 152 11.51 17.74 -50.84
C ARG F 152 11.35 19.09 -50.16
N VAL F 153 11.92 19.26 -48.96
CA VAL F 153 11.62 20.46 -48.18
C VAL F 153 12.34 21.71 -48.69
N GLY F 154 13.45 21.56 -49.40
CA GLY F 154 14.17 22.71 -49.91
C GLY F 154 14.95 23.46 -48.86
N PRO F 155 15.63 24.54 -49.24
CA PRO F 155 16.45 25.29 -48.30
C PRO F 155 15.64 26.29 -47.47
N GLY F 156 16.17 26.61 -46.31
CA GLY F 156 15.61 27.65 -45.46
C GLY F 156 14.66 27.09 -44.41
N VAL F 157 13.39 27.48 -44.49
CA VAL F 157 12.42 27.10 -43.47
C VAL F 157 12.13 25.60 -43.53
N GLY F 158 12.27 25.00 -44.71
CA GLY F 158 12.16 23.55 -44.81
C GLY F 158 13.28 22.82 -44.09
N GLU F 159 14.49 23.38 -44.17
CA GLU F 159 15.62 22.82 -43.45
C GLU F 159 15.45 22.94 -41.94
N TYR F 160 14.90 24.08 -41.49
CA TYR F 160 14.61 24.25 -40.06
C TYR F 160 13.54 23.28 -39.58
N VAL F 161 12.49 23.08 -40.37
CA VAL F 161 11.40 22.16 -40.00
C VAL F 161 11.90 20.72 -40.00
N PHE F 162 12.77 20.38 -40.96
CA PHE F 162 13.40 19.05 -40.98
C PHE F 162 14.25 18.81 -39.74
N ASP F 163 15.02 19.81 -39.32
CA ASP F 163 15.83 19.64 -38.12
C ASP F 163 14.97 19.54 -36.86
N LYS F 164 13.82 20.22 -36.83
CA LYS F 164 12.98 20.13 -35.64
C LYS F 164 12.17 18.85 -35.58
N GLU F 165 11.77 18.28 -36.72
CA GLU F 165 10.75 17.24 -36.73
C GLU F 165 11.28 15.83 -36.97
N HIS F 166 12.36 15.67 -37.75
CA HIS F 166 12.71 14.36 -38.27
C HIS F 166 13.34 13.42 -37.25
N PHE F 167 13.87 13.94 -36.15
CA PHE F 167 14.63 13.12 -35.22
C PHE F 167 13.95 12.97 -33.87
N SER F 168 12.70 13.38 -33.75
CA SER F 168 11.97 13.26 -32.49
C SER F 168 10.96 12.13 -32.55
N SER G 1 -29.32 -26.03 -45.97
CA SER G 1 -29.22 -25.41 -44.67
C SER G 1 -30.52 -25.54 -43.88
N LEU G 2 -30.41 -25.96 -42.63
CA LEU G 2 -31.57 -26.02 -41.75
C LEU G 2 -32.00 -24.65 -41.25
N ALA G 3 -31.14 -23.65 -41.35
CA ALA G 3 -31.40 -22.34 -40.79
C ALA G 3 -31.98 -21.34 -41.79
N ARG G 4 -31.97 -21.66 -43.09
CA ARG G 4 -32.33 -20.69 -44.12
C ARG G 4 -33.83 -20.38 -44.10
N GLN G 5 -34.16 -19.09 -44.06
CA GLN G 5 -35.54 -18.64 -44.00
C GLN G 5 -35.60 -17.20 -44.48
N ASN G 6 -36.45 -16.93 -45.49
CA ASN G 6 -36.64 -15.61 -46.08
C ASN G 6 -35.33 -15.03 -46.63
N TYR G 7 -34.63 -15.82 -47.43
CA TYR G 7 -33.32 -15.45 -47.97
C TYR G 7 -33.28 -15.91 -49.42
N HIS G 8 -33.59 -15.02 -50.34
CA HIS G 8 -33.69 -15.38 -51.75
C HIS G 8 -32.31 -15.45 -52.40
N SER G 9 -32.26 -16.10 -53.56
CA SER G 9 -30.99 -16.38 -54.21
C SER G 9 -30.34 -15.14 -54.83
N GLU G 10 -31.16 -14.18 -55.25
CA GLU G 10 -30.63 -12.93 -55.81
C GLU G 10 -29.88 -12.13 -54.76
N VAL G 11 -30.38 -12.13 -53.53
CA VAL G 11 -29.72 -11.44 -52.43
C VAL G 11 -28.39 -12.12 -52.09
N GLU G 12 -28.36 -13.46 -52.16
CA GLU G 12 -27.13 -14.23 -51.94
C GLU G 12 -26.07 -13.90 -52.98
N ALA G 13 -26.48 -13.82 -54.25
CA ALA G 13 -25.54 -13.48 -55.32
C ALA G 13 -25.02 -12.05 -55.17
N ALA G 14 -25.88 -11.11 -54.77
CA ALA G 14 -25.43 -9.74 -54.56
C ALA G 14 -24.46 -9.62 -53.38
N VAL G 15 -24.64 -10.42 -52.34
CA VAL G 15 -23.70 -10.43 -51.21
C VAL G 15 -22.33 -10.94 -51.65
N ASN G 16 -22.30 -11.99 -52.50
CA ASN G 16 -21.02 -12.50 -53.01
C ASN G 16 -20.30 -11.45 -53.87
N LYS G 17 -21.07 -10.71 -54.69
CA LYS G 17 -20.50 -9.63 -55.49
C LYS G 17 -19.88 -8.54 -54.61
N GLN G 18 -20.57 -8.16 -53.53
CA GLN G 18 -20.03 -7.14 -52.63
C GLN G 18 -18.78 -7.62 -51.90
N ILE G 19 -18.69 -8.92 -51.60
CA ILE G 19 -17.47 -9.49 -51.01
C ILE G 19 -16.26 -9.29 -51.92
N ASN G 20 -16.45 -9.58 -53.21
CA ASN G 20 -15.34 -9.39 -54.16
C ASN G 20 -14.94 -7.91 -54.28
N ILE G 21 -15.92 -7.01 -54.21
CA ILE G 21 -15.63 -5.57 -54.29
C ILE G 21 -14.79 -5.10 -53.10
N GLU G 22 -15.12 -5.57 -51.88
CA GLU G 22 -14.35 -5.17 -50.70
C GLU G 22 -12.92 -5.73 -50.74
N LEU G 23 -12.75 -6.95 -51.26
CA LEU G 23 -11.40 -7.52 -51.35
C LEU G 23 -10.53 -6.77 -52.36
N TYR G 24 -11.14 -6.35 -53.49
CA TYR G 24 -10.41 -5.54 -54.46
C TYR G 24 -9.97 -4.19 -53.88
N ALA G 25 -10.85 -3.56 -53.08
CA ALA G 25 -10.49 -2.29 -52.47
C ALA G 25 -9.33 -2.44 -51.47
N SER G 26 -9.34 -3.55 -50.71
CA SER G 26 -8.23 -3.84 -49.81
C SER G 26 -6.91 -3.98 -50.54
N TYR G 27 -6.92 -4.64 -51.70
CA TYR G 27 -5.68 -4.85 -52.43
C TYR G 27 -5.17 -3.56 -53.08
N VAL G 28 -6.08 -2.67 -53.51
CA VAL G 28 -5.70 -1.35 -54.00
C VAL G 28 -5.03 -0.53 -52.91
N TYR G 29 -5.58 -0.54 -51.69
CA TYR G 29 -4.97 0.22 -50.60
C TYR G 29 -3.62 -0.35 -50.18
N LEU G 30 -3.42 -1.67 -50.31
CA LEU G 30 -2.11 -2.25 -50.06
C LEU G 30 -1.07 -1.77 -51.07
N SER G 31 -1.49 -1.67 -52.34
CA SER G 31 -0.59 -1.13 -53.37
C SER G 31 -0.20 0.32 -53.10
N MET G 32 -1.17 1.14 -52.66
CA MET G 32 -0.86 2.54 -52.34
C MET G 32 0.08 2.65 -51.14
N SER G 33 -0.16 1.82 -50.12
CA SER G 33 0.68 1.80 -48.92
C SER G 33 2.13 1.47 -49.24
N PHE G 34 2.36 0.52 -50.13
CA PHE G 34 3.76 0.24 -50.43
C PHE G 34 4.33 1.13 -51.53
N TYR G 35 3.50 1.91 -52.23
CA TYR G 35 4.07 2.98 -53.04
C TYR G 35 4.64 4.09 -52.16
N PHE G 36 3.93 4.48 -51.11
CA PHE G 36 4.47 5.57 -50.28
C PHE G 36 5.60 5.12 -49.35
N ASP G 37 5.92 3.83 -49.32
CA ASP G 37 7.04 3.29 -48.55
C ASP G 37 8.35 3.29 -49.32
N ARG G 38 8.34 3.68 -50.59
CA ARG G 38 9.54 3.66 -51.42
C ARG G 38 10.57 4.67 -50.93
N ASP G 39 11.84 4.39 -51.24
CA ASP G 39 12.92 5.23 -50.71
C ASP G 39 13.03 6.57 -51.44
N ASP G 40 12.44 6.70 -52.62
CA ASP G 40 12.41 7.98 -53.32
C ASP G 40 11.11 8.74 -53.14
N VAL G 41 10.18 8.20 -52.34
CA VAL G 41 8.97 8.93 -51.95
C VAL G 41 9.02 9.30 -50.47
N ALA G 42 9.08 8.30 -49.59
CA ALA G 42 9.46 8.42 -48.17
C ALA G 42 8.50 9.32 -47.37
N LEU G 43 7.22 8.94 -47.38
CA LEU G 43 6.22 9.59 -46.54
C LEU G 43 5.61 8.51 -45.65
N PRO G 44 6.19 8.26 -44.47
CA PRO G 44 5.85 7.04 -43.73
C PRO G 44 4.48 7.05 -43.06
N ASN G 45 3.97 8.21 -42.64
CA ASN G 45 2.68 8.24 -41.97
C ASN G 45 1.54 8.02 -42.96
N ILE G 46 1.69 8.49 -44.20
CA ILE G 46 0.72 8.22 -45.25
C ILE G 46 0.69 6.72 -45.58
N ALA G 47 1.88 6.09 -45.61
CA ALA G 47 1.97 4.66 -45.87
C ALA G 47 1.31 3.84 -44.76
N LYS G 48 1.52 4.25 -43.51
CA LYS G 48 0.88 3.58 -42.39
C LYS G 48 -0.64 3.74 -42.43
N PHE G 49 -1.11 4.93 -42.83
CA PHE G 49 -2.55 5.19 -42.98
C PHE G 49 -3.18 4.27 -44.03
N PHE G 50 -2.52 4.12 -45.18
CA PHE G 50 -3.08 3.27 -46.22
C PHE G 50 -3.00 1.79 -45.85
N LYS G 51 -2.01 1.38 -45.05
CA LYS G 51 -1.98 0.01 -44.54
C LYS G 51 -3.17 -0.27 -43.62
N GLU G 52 -3.50 0.70 -42.75
CA GLU G 52 -4.67 0.55 -41.90
C GLU G 52 -5.96 0.51 -42.70
N GLN G 53 -6.06 1.28 -43.78
CA GLN G 53 -7.24 1.24 -44.65
C GLN G 53 -7.38 -0.11 -45.33
N SER G 54 -6.26 -0.73 -45.74
CA SER G 54 -6.29 -2.05 -46.34
C SER G 54 -6.80 -3.11 -45.35
N ASP G 55 -6.33 -3.04 -44.10
CA ASP G 55 -6.81 -3.95 -43.07
C ASP G 55 -8.31 -3.78 -42.80
N GLU G 56 -8.79 -2.52 -42.82
CA GLU G 56 -10.21 -2.26 -42.60
C GLU G 56 -11.08 -2.83 -43.71
N GLU G 57 -10.66 -2.69 -44.97
CA GLU G 57 -11.44 -3.25 -46.07
C GLU G 57 -11.46 -4.78 -46.03
N ARG G 58 -10.37 -5.40 -45.58
CA ARG G 58 -10.37 -6.85 -45.39
C ARG G 58 -11.35 -7.27 -44.30
N GLU G 59 -11.45 -6.47 -43.23
CA GLU G 59 -12.44 -6.75 -42.18
C GLU G 59 -13.87 -6.63 -42.69
N HIS G 60 -14.13 -5.65 -43.57
CA HIS G 60 -15.46 -5.52 -44.18
C HIS G 60 -15.84 -6.75 -44.99
N ALA G 61 -14.88 -7.27 -45.77
CA ALA G 61 -15.13 -8.48 -46.56
C ALA G 61 -15.40 -9.69 -45.67
N THR G 62 -14.65 -9.84 -44.58
CA THR G 62 -14.87 -11.01 -43.72
C THR G 62 -16.19 -10.91 -42.95
N GLU G 63 -16.65 -9.70 -42.61
CA GLU G 63 -17.95 -9.59 -41.97
C GLU G 63 -19.09 -9.90 -42.92
N LEU G 64 -18.94 -9.56 -44.21
CA LEU G 64 -19.95 -9.99 -45.17
C LEU G 64 -19.97 -11.50 -45.36
N MET G 65 -18.80 -12.15 -45.35
CA MET G 65 -18.75 -13.62 -45.38
C MET G 65 -19.43 -14.23 -44.17
N ARG G 66 -19.25 -13.62 -43.00
CA ARG G 66 -19.87 -14.13 -41.77
C ARG G 66 -21.39 -14.01 -41.82
N VAL G 67 -21.93 -12.90 -42.34
CA VAL G 67 -23.39 -12.79 -42.37
C VAL G 67 -23.98 -13.69 -43.46
N GLN G 68 -23.20 -13.96 -44.53
CA GLN G 68 -23.63 -14.94 -45.52
C GLN G 68 -23.75 -16.33 -44.92
N ASN G 69 -22.79 -16.72 -44.08
CA ASN G 69 -22.91 -17.99 -43.38
C ASN G 69 -24.02 -17.98 -42.34
N LEU G 70 -24.26 -16.83 -41.72
CA LEU G 70 -25.30 -16.74 -40.68
C LEU G 70 -26.70 -16.91 -41.26
N ARG G 71 -26.95 -16.38 -42.46
CA ARG G 71 -28.28 -16.51 -43.04
C ARG G 71 -28.49 -17.83 -43.78
N GLY G 72 -27.48 -18.70 -43.83
CA GLY G 72 -27.63 -19.98 -44.49
C GLY G 72 -27.29 -20.00 -45.96
N GLY G 73 -26.69 -18.95 -46.49
CA GLY G 73 -26.20 -18.96 -47.85
C GLY G 73 -24.81 -19.56 -47.94
N ARG G 74 -24.27 -19.59 -49.15
CA ARG G 74 -22.98 -20.19 -49.42
C ARG G 74 -22.05 -19.16 -50.05
N VAL G 75 -20.84 -19.05 -49.51
CA VAL G 75 -19.84 -18.12 -50.00
C VAL G 75 -19.21 -18.68 -51.27
N VAL G 76 -19.17 -17.89 -52.33
CA VAL G 76 -18.53 -18.26 -53.59
C VAL G 76 -17.52 -17.17 -53.94
N LEU G 77 -16.24 -17.54 -53.95
CA LEU G 77 -15.17 -16.57 -54.16
C LEU G 77 -14.75 -16.53 -55.63
N GLN G 78 -14.26 -15.35 -56.05
CA GLN G 78 -13.79 -15.12 -57.41
C GLN G 78 -12.37 -14.59 -57.36
N ASP G 79 -11.78 -14.39 -58.54
CA ASP G 79 -10.46 -13.80 -58.66
C ASP G 79 -10.46 -12.35 -58.18
N ILE G 80 -9.35 -11.94 -57.58
CA ILE G 80 -9.12 -10.56 -57.19
C ILE G 80 -8.23 -9.92 -58.23
N GLN G 81 -8.74 -8.91 -58.93
CA GLN G 81 -7.98 -8.24 -59.97
C GLN G 81 -6.90 -7.35 -59.37
N LYS G 82 -5.80 -7.21 -60.11
CA LYS G 82 -4.71 -6.35 -59.68
C LYS G 82 -5.13 -4.88 -59.82
N PRO G 83 -4.53 -3.98 -59.05
CA PRO G 83 -4.88 -2.56 -59.15
C PRO G 83 -4.51 -1.95 -60.49
N GLU G 84 -5.12 -0.78 -60.76
CA GLU G 84 -4.99 -0.15 -62.06
C GLU G 84 -3.60 0.43 -62.29
N ASN G 85 -2.92 0.87 -61.24
CA ASN G 85 -1.63 1.50 -61.37
C ASN G 85 -0.62 0.85 -60.43
N ASP G 86 0.64 0.88 -60.83
CA ASP G 86 1.73 0.48 -59.95
C ASP G 86 2.26 1.65 -59.13
N GLU G 87 2.24 2.86 -59.70
CA GLU G 87 2.68 4.06 -59.01
C GLU G 87 1.58 5.11 -59.08
N TRP G 88 1.47 5.90 -58.01
CA TRP G 88 0.28 6.72 -57.80
C TRP G 88 0.56 8.22 -57.82
N GLY G 89 1.73 8.64 -58.28
CA GLY G 89 1.98 10.07 -58.48
C GLY G 89 2.23 10.80 -57.18
N THR G 90 1.76 12.04 -57.11
CA THR G 90 1.88 12.85 -55.92
C THR G 90 0.88 12.40 -54.87
N ALA G 91 0.94 13.01 -53.68
CA ALA G 91 0.01 12.65 -52.62
C ALA G 91 -1.41 13.08 -52.94
N LEU G 92 -1.56 14.23 -53.63
CA LEU G 92 -2.88 14.73 -53.99
C LEU G 92 -3.58 13.82 -54.99
N LYS G 93 -2.85 13.31 -55.97
CA LYS G 93 -3.42 12.38 -56.95
C LYS G 93 -3.82 11.06 -56.32
N ALA G 94 -3.03 10.57 -55.36
CA ALA G 94 -3.35 9.33 -54.69
C ALA G 94 -4.58 9.48 -53.82
N PHE G 95 -4.72 10.60 -53.11
CA PHE G 95 -5.91 10.78 -52.28
C PHE G 95 -7.15 11.04 -53.11
N GLU G 96 -7.00 11.65 -54.30
CA GLU G 96 -8.14 11.81 -55.19
C GLU G 96 -8.61 10.47 -55.75
N ALA G 97 -7.66 9.60 -56.12
CA ALA G 97 -8.02 8.26 -56.58
C ALA G 97 -8.68 7.45 -55.47
N ALA G 98 -8.21 7.61 -54.23
CA ALA G 98 -8.84 6.93 -53.09
C ALA G 98 -10.26 7.43 -52.85
N LEU G 99 -10.49 8.74 -53.04
CA LEU G 99 -11.85 9.29 -52.88
C LEU G 99 -12.78 8.73 -53.95
N ALA G 100 -12.30 8.61 -55.19
CA ALA G 100 -13.12 8.02 -56.25
C ALA G 100 -13.44 6.55 -55.98
N LEU G 101 -12.48 5.82 -55.40
CA LEU G 101 -12.72 4.41 -55.05
C LEU G 101 -13.77 4.29 -53.94
N GLU G 102 -13.71 5.16 -52.93
CA GLU G 102 -14.71 5.14 -51.86
C GLU G 102 -16.11 5.46 -52.38
N LYS G 103 -16.22 6.37 -53.35
CA LYS G 103 -17.53 6.69 -53.89
C LYS G 103 -18.09 5.55 -54.75
N PHE G 104 -17.22 4.85 -55.50
CA PHE G 104 -17.65 3.66 -56.23
C PHE G 104 -18.17 2.58 -55.29
N ASN G 105 -17.47 2.37 -54.17
N ASN G 105 -17.49 2.37 -54.16
CA ASN G 105 -17.89 1.40 -53.17
CA ASN G 105 -17.93 1.38 -53.18
C ASN G 105 -19.23 1.77 -52.54
C ASN G 105 -19.24 1.77 -52.53
N ASN G 106 -19.45 3.07 -52.31
CA ASN G 106 -20.72 3.54 -51.77
C ASN G 106 -21.88 3.30 -52.73
N GLU G 107 -21.63 3.49 -54.04
CA GLU G 107 -22.66 3.22 -55.02
C GLU G 107 -23.02 1.73 -55.09
N SER G 108 -22.00 0.87 -54.97
CA SER G 108 -22.27 -0.58 -54.92
C SER G 108 -23.05 -0.98 -53.67
N LEU G 109 -22.71 -0.37 -52.52
CA LEU G 109 -23.45 -0.68 -51.29
C LEU G 109 -24.89 -0.23 -51.36
N LEU G 110 -25.15 0.93 -51.98
CA LEU G 110 -26.53 1.40 -52.12
C LEU G 110 -27.32 0.50 -53.06
N LYS G 111 -26.68 -0.04 -54.10
CA LYS G 111 -27.37 -0.98 -54.98
C LYS G 111 -27.70 -2.29 -54.26
N LEU G 112 -26.79 -2.77 -53.40
CA LEU G 112 -27.08 -3.96 -52.61
C LEU G 112 -28.24 -3.74 -51.63
N HIS G 113 -28.26 -2.56 -50.99
CA HIS G 113 -29.36 -2.21 -50.10
C HIS G 113 -30.68 -2.12 -50.84
N SER G 114 -30.66 -1.62 -52.08
CA SER G 114 -31.88 -1.54 -52.87
C SER G 114 -32.39 -2.92 -53.27
N THR G 115 -31.49 -3.84 -53.61
CA THR G 115 -31.90 -5.21 -53.94
C THR G 115 -32.51 -5.93 -52.73
N ALA G 116 -31.86 -5.81 -51.56
CA ALA G 116 -32.40 -6.42 -50.35
C ALA G 116 -33.72 -5.79 -49.93
N GLY G 117 -33.91 -4.49 -50.19
CA GLY G 117 -35.20 -3.89 -49.93
C GLY G 117 -36.28 -4.32 -50.90
N ASN G 118 -35.91 -4.57 -52.16
CA ASN G 118 -36.90 -5.03 -53.13
C ASN G 118 -37.35 -6.45 -52.85
N HIS G 119 -36.50 -7.28 -52.24
CA HIS G 119 -36.92 -8.64 -51.93
C HIS G 119 -37.47 -8.80 -50.52
N ASN G 120 -37.80 -7.70 -49.85
CA ASN G 120 -38.43 -7.67 -48.51
C ASN G 120 -37.61 -8.42 -47.46
N ASP G 121 -36.31 -8.16 -47.45
CA ASP G 121 -35.39 -8.79 -46.50
C ASP G 121 -35.06 -7.77 -45.44
N ALA G 122 -35.80 -7.80 -44.33
CA ALA G 122 -35.70 -6.75 -43.32
C ALA G 122 -34.39 -6.84 -42.54
N HIS G 123 -33.95 -8.05 -42.22
CA HIS G 123 -32.74 -8.24 -41.44
C HIS G 123 -31.50 -7.76 -42.19
N LEU G 124 -31.44 -8.02 -43.49
CA LEU G 124 -30.25 -7.63 -44.23
C LEU G 124 -30.20 -6.14 -44.52
N THR G 125 -31.35 -5.50 -44.77
CA THR G 125 -31.35 -4.04 -44.92
C THR G 125 -30.95 -3.36 -43.62
N ASP G 126 -31.41 -3.89 -42.47
CA ASP G 126 -30.98 -3.32 -41.20
C ASP G 126 -29.49 -3.56 -40.94
N PHE G 127 -28.98 -4.74 -41.34
CA PHE G 127 -27.56 -5.04 -41.18
C PHE G 127 -26.69 -4.08 -42.00
N ILE G 128 -27.07 -3.86 -43.26
CA ILE G 128 -26.32 -2.97 -44.15
C ILE G 128 -26.37 -1.55 -43.62
N GLU G 129 -27.54 -1.09 -43.18
CA GLU G 129 -27.68 0.26 -42.63
C GLU G 129 -26.86 0.46 -41.37
N GLU G 130 -26.82 -0.54 -40.50
CA GLU G 130 -26.12 -0.34 -39.23
C GLU G 130 -24.61 -0.51 -39.36
N LYS G 131 -24.14 -1.32 -40.31
CA LYS G 131 -22.71 -1.60 -40.36
C LYS G 131 -21.95 -1.00 -41.53
N TYR G 132 -22.61 -0.56 -42.59
CA TYR G 132 -21.80 -0.20 -43.75
C TYR G 132 -22.04 1.23 -44.25
N LEU G 133 -23.29 1.70 -44.25
CA LEU G 133 -23.62 2.96 -44.92
C LEU G 133 -23.06 4.17 -44.18
N ASP G 134 -23.22 4.21 -42.85
CA ASP G 134 -22.71 5.34 -42.07
C ASP G 134 -21.19 5.39 -42.07
N GLU G 135 -20.55 4.23 -41.97
CA GLU G 135 -19.09 4.15 -42.05
C GLU G 135 -18.59 4.61 -43.42
N GLN G 136 -19.32 4.28 -44.49
CA GLN G 136 -18.91 4.71 -45.82
C GLN G 136 -19.07 6.21 -46.01
N VAL G 137 -20.13 6.79 -45.46
CA VAL G 137 -20.33 8.24 -45.52
C VAL G 137 -19.22 8.97 -44.77
N LYS G 138 -18.84 8.45 -43.59
CA LYS G 138 -17.76 9.07 -42.82
C LYS G 138 -16.41 8.93 -43.51
N SER G 139 -16.17 7.81 -44.20
CA SER G 139 -14.92 7.62 -44.92
C SER G 139 -14.81 8.57 -46.11
N ILE G 140 -15.91 8.77 -46.84
CA ILE G 140 -15.91 9.71 -47.97
C ILE G 140 -15.65 11.13 -47.48
N ASN G 141 -16.26 11.51 -46.35
CA ASN G 141 -16.04 12.84 -45.79
C ASN G 141 -14.59 13.05 -45.35
N GLU G 142 -13.99 12.01 -44.76
CA GLU G 142 -12.59 12.09 -44.33
C GLU G 142 -11.64 12.27 -45.51
N PHE G 143 -11.85 11.52 -46.59
CA PHE G 143 -11.00 11.66 -47.76
C PHE G 143 -11.19 13.01 -48.47
N ALA G 144 -12.41 13.55 -48.45
CA ALA G 144 -12.64 14.86 -49.06
C ALA G 144 -11.95 15.97 -48.27
N ARG G 145 -11.95 15.87 -46.94
CA ARG G 145 -11.24 16.85 -46.11
C ARG G 145 -9.73 16.76 -46.33
N MET G 146 -9.20 15.53 -46.51
CA MET G 146 -7.78 15.40 -46.76
C MET G 146 -7.37 15.94 -48.12
N VAL G 147 -8.25 15.79 -49.13
CA VAL G 147 -7.98 16.38 -50.44
C VAL G 147 -7.97 17.91 -50.36
N ALA G 148 -8.90 18.48 -49.59
CA ALA G 148 -8.93 19.93 -49.42
C ALA G 148 -7.67 20.46 -48.72
N ASN G 149 -7.20 19.76 -47.70
CA ASN G 149 -5.99 20.21 -47.00
C ASN G 149 -4.74 20.04 -47.86
N LEU G 150 -4.69 18.99 -48.69
CA LEU G 150 -3.55 18.81 -49.57
C LEU G 150 -3.54 19.85 -50.69
N LYS G 151 -4.71 20.31 -51.13
CA LYS G 151 -4.75 21.44 -52.04
C LYS G 151 -4.32 22.72 -51.37
N ARG G 152 -4.61 22.86 -50.07
CA ARG G 152 -4.22 24.07 -49.34
C ARG G 152 -2.71 24.17 -49.17
N VAL G 153 -2.06 23.10 -48.70
CA VAL G 153 -0.65 23.22 -48.33
C VAL G 153 0.29 23.26 -49.53
N GLY G 154 -0.11 22.75 -50.69
CA GLY G 154 0.74 22.76 -51.86
C GLY G 154 1.86 21.75 -51.81
N PRO G 155 2.71 21.73 -52.84
CA PRO G 155 3.79 20.74 -52.90
C PRO G 155 5.02 21.18 -52.11
N GLY G 156 5.79 20.19 -51.70
CA GLY G 156 7.09 20.43 -51.06
C GLY G 156 6.98 20.44 -49.54
N VAL G 157 7.29 21.59 -48.93
CA VAL G 157 7.34 21.68 -47.48
C VAL G 157 5.94 21.55 -46.88
N GLY G 158 4.91 21.94 -47.63
CA GLY G 158 3.55 21.71 -47.18
C GLY G 158 3.19 20.24 -47.14
N GLU G 159 3.69 19.48 -48.11
CA GLU G 159 3.48 18.03 -48.12
C GLU G 159 4.20 17.36 -46.96
N TYR G 160 5.42 17.83 -46.64
CA TYR G 160 6.15 17.30 -45.49
C TYR G 160 5.44 17.62 -44.18
N VAL G 161 4.93 18.85 -44.03
CA VAL G 161 4.22 19.25 -42.81
C VAL G 161 2.91 18.47 -42.67
N PHE G 162 2.22 18.24 -43.80
CA PHE G 162 1.00 17.42 -43.79
C PHE G 162 1.30 15.99 -43.35
N ASP G 163 2.40 15.40 -43.83
CA ASP G 163 2.75 14.05 -43.41
C ASP G 163 3.14 14.00 -41.93
N LYS G 164 3.77 15.06 -41.42
CA LYS G 164 4.15 15.03 -40.01
C LYS G 164 2.99 15.30 -39.07
N GLU G 165 2.00 16.10 -39.47
CA GLU G 165 1.03 16.63 -38.53
C GLU G 165 -0.35 15.99 -38.59
N HIS G 166 -0.79 15.53 -39.77
CA HIS G 166 -2.19 15.21 -39.96
C HIS G 166 -2.63 13.90 -39.32
N PHE G 167 -1.70 13.00 -39.02
CA PHE G 167 -2.05 11.66 -38.55
C PHE G 167 -1.66 11.41 -37.11
N SER G 168 -1.25 12.43 -36.37
CA SER G 168 -0.86 12.26 -34.98
C SER G 168 -1.94 12.79 -34.05
N SER H 1 -42.89 41.98 -7.03
CA SER H 1 -41.79 41.33 -6.34
C SER H 1 -41.61 41.87 -4.93
N LEU H 2 -41.49 40.98 -3.95
CA LEU H 2 -41.21 41.38 -2.59
C LEU H 2 -39.76 41.80 -2.38
N ALA H 3 -38.87 41.44 -3.30
CA ALA H 3 -37.45 41.67 -3.14
C ALA H 3 -36.95 42.95 -3.81
N ARG H 4 -37.77 43.59 -4.66
CA ARG H 4 -37.30 44.70 -5.48
C ARG H 4 -37.03 45.95 -4.63
N GLN H 5 -35.85 46.52 -4.81
CA GLN H 5 -35.43 47.70 -4.04
C GLN H 5 -34.31 48.39 -4.80
N ASN H 6 -34.49 49.68 -5.08
CA ASN H 6 -33.52 50.53 -5.81
C ASN H 6 -33.19 49.94 -7.19
N TYR H 7 -34.23 49.64 -7.95
CA TYR H 7 -34.09 49.02 -9.27
C TYR H 7 -35.10 49.67 -10.20
N HIS H 8 -34.66 50.67 -10.96
CA HIS H 8 -35.57 51.43 -11.80
C HIS H 8 -35.87 50.70 -13.10
N SER H 9 -36.93 51.14 -13.77
CA SER H 9 -37.44 50.43 -14.94
C SER H 9 -36.54 50.59 -16.17
N GLU H 10 -35.85 51.73 -16.26
CA GLU H 10 -34.92 51.95 -17.38
C GLU H 10 -33.76 50.98 -17.34
N VAL H 11 -33.26 50.68 -16.13
CA VAL H 11 -32.18 49.72 -15.96
C VAL H 11 -32.64 48.32 -16.33
N GLU H 12 -33.90 47.98 -15.99
CA GLU H 12 -34.48 46.69 -16.34
C GLU H 12 -34.60 46.52 -17.86
N ALA H 13 -35.04 47.58 -18.55
CA ALA H 13 -35.15 47.53 -20.00
C ALA H 13 -33.77 47.41 -20.66
N ALA H 14 -32.77 48.11 -20.13
CA ALA H 14 -31.42 47.99 -20.69
C ALA H 14 -30.81 46.61 -20.47
N VAL H 15 -31.13 45.95 -19.35
CA VAL H 15 -30.67 44.58 -19.12
C VAL H 15 -31.29 43.62 -20.12
N ASN H 16 -32.59 43.80 -20.43
CA ASN H 16 -33.24 42.94 -21.43
C ASN H 16 -32.63 43.13 -22.82
N LYS H 17 -32.29 44.39 -23.17
CA LYS H 17 -31.62 44.67 -24.43
C LYS H 17 -30.26 43.97 -24.52
N GLN H 18 -29.49 44.01 -23.43
CA GLN H 18 -28.18 43.35 -23.43
C GLN H 18 -28.30 41.83 -23.53
N ILE H 19 -29.37 41.25 -22.97
CA ILE H 19 -29.63 39.82 -23.11
C ILE H 19 -29.79 39.43 -24.58
N ASN H 20 -30.58 40.22 -25.31
CA ASN H 20 -30.78 39.93 -26.74
C ASN H 20 -29.47 40.07 -27.53
N ILE H 21 -28.64 41.04 -27.15
CA ILE H 21 -27.35 41.23 -27.84
C ILE H 21 -26.42 40.02 -27.64
N GLU H 22 -26.36 39.48 -26.41
CA GLU H 22 -25.51 38.32 -26.16
C GLU H 22 -26.01 37.07 -26.90
N LEU H 23 -27.34 36.91 -27.00
CA LEU H 23 -27.87 35.75 -27.72
C LEU H 23 -27.58 35.83 -29.22
N TYR H 24 -27.66 37.05 -29.79
CA TYR H 24 -27.31 37.23 -31.19
C TYR H 24 -25.83 36.91 -31.46
N ALA H 25 -24.94 37.32 -30.54
CA ALA H 25 -23.53 37.03 -30.71
C ALA H 25 -23.25 35.52 -30.66
N SER H 26 -23.95 34.81 -29.77
CA SER H 26 -23.83 33.35 -29.71
C SER H 26 -24.24 32.68 -31.02
N TYR H 27 -25.31 33.18 -31.64
CA TYR H 27 -25.78 32.56 -32.86
C TYR H 27 -24.86 32.86 -34.05
N VAL H 28 -24.23 34.05 -34.07
CA VAL H 28 -23.22 34.37 -35.08
C VAL H 28 -22.01 33.45 -34.95
N TYR H 29 -21.54 33.20 -33.73
CA TYR H 29 -20.40 32.30 -33.55
C TYR H 29 -20.73 30.85 -33.91
N LEU H 30 -21.97 30.43 -33.71
CA LEU H 30 -22.39 29.10 -34.16
C LEU H 30 -22.34 28.98 -35.69
N SER H 31 -22.77 30.05 -36.38
CA SER H 31 -22.68 30.06 -37.84
C SER H 31 -21.24 29.98 -38.34
N MET H 32 -20.32 30.71 -37.68
CA MET H 32 -18.91 30.65 -38.07
C MET H 32 -18.31 29.27 -37.82
N SER H 33 -18.66 28.67 -36.67
CA SER H 33 -18.18 27.33 -36.31
C SER H 33 -18.58 26.29 -37.34
N PHE H 34 -19.81 26.35 -37.84
CA PHE H 34 -20.16 25.35 -38.84
C PHE H 34 -19.80 25.76 -40.25
N TYR H 35 -19.37 27.01 -40.49
CA TYR H 35 -18.71 27.30 -41.76
C TYR H 35 -17.34 26.64 -41.82
N PHE H 36 -16.56 26.71 -40.75
CA PHE H 36 -15.23 26.11 -40.82
C PHE H 36 -15.24 24.58 -40.69
N ASP H 37 -16.40 23.97 -40.48
CA ASP H 37 -16.57 22.52 -40.44
C ASP H 37 -16.86 21.92 -41.81
N ARG H 38 -17.02 22.75 -42.84
CA ARG H 38 -17.36 22.26 -44.18
C ARG H 38 -16.21 21.44 -44.77
N ASP H 39 -16.57 20.54 -45.70
CA ASP H 39 -15.58 19.62 -46.24
C ASP H 39 -14.65 20.29 -47.25
N ASP H 40 -15.01 21.45 -47.78
CA ASP H 40 -14.13 22.20 -48.67
C ASP H 40 -13.39 23.32 -47.97
N VAL H 41 -13.56 23.46 -46.65
CA VAL H 41 -12.76 24.38 -45.85
C VAL H 41 -11.82 23.62 -44.92
N ALA H 42 -12.38 22.81 -44.01
CA ALA H 42 -11.68 21.75 -43.26
C ALA H 42 -10.55 22.29 -42.37
N LEU H 43 -10.92 23.20 -41.47
CA LEU H 43 -10.01 23.69 -40.43
C LEU H 43 -10.64 23.39 -39.09
N PRO H 44 -10.38 22.20 -38.51
CA PRO H 44 -11.20 21.74 -37.39
C PRO H 44 -10.95 22.44 -36.06
N ASN H 45 -9.72 22.91 -35.80
CA ASN H 45 -9.44 23.56 -34.52
C ASN H 45 -10.07 24.95 -34.47
N ILE H 46 -10.14 25.65 -35.60
CA ILE H 46 -10.82 26.93 -35.69
C ILE H 46 -12.33 26.74 -35.44
N ALA H 47 -12.89 25.67 -36.00
CA ALA H 47 -14.31 25.37 -35.80
C ALA H 47 -14.62 25.05 -34.34
N LYS H 48 -13.74 24.29 -33.69
CA LYS H 48 -13.90 23.99 -32.27
C LYS H 48 -13.79 25.25 -31.42
N PHE H 49 -12.88 26.16 -31.78
CA PHE H 49 -12.72 27.43 -31.09
C PHE H 49 -14.00 28.28 -31.17
N PHE H 50 -14.59 28.36 -32.35
CA PHE H 50 -15.80 29.16 -32.50
C PHE H 50 -17.01 28.51 -31.82
N LYS H 51 -17.03 27.17 -31.74
CA LYS H 51 -18.08 26.51 -30.96
C LYS H 51 -17.98 26.85 -29.47
N GLU H 52 -16.75 26.88 -28.94
CA GLU H 52 -16.55 27.28 -27.55
C GLU H 52 -16.94 28.75 -27.32
N GLN H 53 -16.67 29.62 -28.28
CA GLN H 53 -17.09 31.02 -28.17
C GLN H 53 -18.60 31.16 -28.15
N SER H 54 -19.30 30.34 -28.95
CA SER H 54 -20.76 30.36 -28.96
C SER H 54 -21.33 29.93 -27.60
N ASP H 55 -20.75 28.88 -27.01
CA ASP H 55 -21.18 28.44 -25.68
C ASP H 55 -20.93 29.51 -24.62
N GLU H 56 -19.81 30.22 -24.73
CA GLU H 56 -19.50 31.29 -23.76
C GLU H 56 -20.48 32.45 -23.85
N GLU H 57 -20.86 32.86 -25.07
CA GLU H 57 -21.83 33.94 -25.20
C GLU H 57 -23.21 33.53 -24.69
N ARG H 58 -23.58 32.26 -24.85
CA ARG H 58 -24.83 31.78 -24.26
C ARG H 58 -24.78 31.83 -22.73
N GLU H 59 -23.62 31.52 -22.15
CA GLU H 59 -23.46 31.63 -20.69
C GLU H 59 -23.58 33.08 -20.22
N HIS H 60 -23.05 34.03 -20.99
CA HIS H 60 -23.20 35.45 -20.65
C HIS H 60 -24.66 35.87 -20.62
N ALA H 61 -25.43 35.43 -21.63
CA ALA H 61 -26.86 35.75 -21.66
C ALA H 61 -27.61 35.14 -20.47
N THR H 62 -27.30 33.90 -20.10
CA THR H 62 -28.02 33.29 -18.99
C THR H 62 -27.64 33.92 -17.64
N GLU H 63 -26.40 34.41 -17.49
CA GLU H 63 -26.06 35.09 -16.25
C GLU H 63 -26.75 36.45 -16.13
N LEU H 64 -26.96 37.14 -17.26
CA LEU H 64 -27.76 38.36 -17.21
C LEU H 64 -29.21 38.08 -16.87
N MET H 65 -29.78 36.99 -17.38
CA MET H 65 -31.14 36.59 -16.98
C MET H 65 -31.22 36.29 -15.49
N ARG H 66 -30.19 35.64 -14.95
CA ARG H 66 -30.16 35.31 -13.52
C ARG H 66 -30.10 36.57 -12.65
N VAL H 67 -29.30 37.57 -13.04
CA VAL H 67 -29.24 38.76 -12.19
C VAL H 67 -30.51 39.60 -12.34
N GLN H 68 -31.17 39.52 -13.50
CA GLN H 68 -32.48 40.16 -13.66
C GLN H 68 -33.51 39.54 -12.71
N ASN H 69 -33.51 38.22 -12.58
CA ASN H 69 -34.40 37.58 -11.61
C ASN H 69 -33.98 37.89 -10.17
N LEU H 70 -32.67 38.03 -9.93
CA LEU H 70 -32.19 38.28 -8.57
C LEU H 70 -32.60 39.67 -8.07
N ARG H 71 -32.61 40.67 -8.95
CA ARG H 71 -32.99 42.00 -8.51
C ARG H 71 -34.49 42.23 -8.50
N GLY H 72 -35.29 41.25 -8.89
CA GLY H 72 -36.73 41.40 -8.87
C GLY H 72 -37.34 41.95 -10.13
N GLY H 73 -36.58 42.06 -11.22
CA GLY H 73 -37.14 42.43 -12.50
C GLY H 73 -37.70 41.23 -13.23
N ARG H 74 -38.21 41.48 -14.44
CA ARG H 74 -38.86 40.45 -15.25
C ARG H 74 -38.15 40.34 -16.60
N VAL H 75 -37.81 39.12 -16.99
CA VAL H 75 -37.14 38.86 -18.25
C VAL H 75 -38.16 38.92 -19.37
N VAL H 76 -37.87 39.69 -20.42
CA VAL H 76 -38.70 39.80 -21.60
C VAL H 76 -37.84 39.48 -22.82
N LEU H 77 -38.14 38.39 -23.50
CA LEU H 77 -37.34 37.92 -24.62
C LEU H 77 -37.88 38.42 -25.95
N GLN H 78 -36.98 38.58 -26.92
CA GLN H 78 -37.32 39.03 -28.27
C GLN H 78 -36.79 38.02 -29.28
N ASP H 79 -37.08 38.27 -30.56
CA ASP H 79 -36.56 37.46 -31.64
C ASP H 79 -35.04 37.57 -31.74
N ILE H 80 -34.41 36.47 -32.12
CA ILE H 80 -32.98 36.43 -32.40
C ILE H 80 -32.80 36.48 -33.91
N GLN H 81 -32.17 37.54 -34.41
CA GLN H 81 -31.97 37.70 -35.83
C GLN H 81 -30.90 36.75 -36.35
N LYS H 82 -31.05 36.34 -37.60
CA LYS H 82 -30.08 35.47 -38.24
C LYS H 82 -28.80 36.26 -38.54
N PRO H 83 -27.65 35.59 -38.63
CA PRO H 83 -26.40 36.29 -38.92
C PRO H 83 -26.38 36.91 -40.31
N GLU H 84 -25.42 37.83 -40.49
CA GLU H 84 -25.38 38.63 -41.71
C GLU H 84 -24.91 37.82 -42.92
N ASN H 85 -24.07 36.82 -42.72
CA ASN H 85 -23.53 36.03 -43.80
C ASN H 85 -23.73 34.55 -43.55
N ASP H 86 -23.85 33.79 -44.63
CA ASP H 86 -23.84 32.35 -44.53
C ASP H 86 -22.43 31.77 -44.65
N GLU H 87 -21.55 32.42 -45.39
CA GLU H 87 -20.16 32.01 -45.54
C GLU H 87 -19.26 33.19 -45.24
N TRP H 88 -18.10 32.89 -44.64
CA TRP H 88 -17.29 33.92 -44.02
C TRP H 88 -15.91 34.09 -44.66
N GLY H 89 -15.70 33.55 -45.86
CA GLY H 89 -14.48 33.83 -46.60
C GLY H 89 -13.27 33.10 -46.04
N THR H 90 -12.12 33.76 -46.08
CA THR H 90 -10.88 33.20 -45.54
C THR H 90 -10.90 33.29 -44.02
N ALA H 91 -9.86 32.73 -43.39
CA ALA H 91 -9.77 32.78 -41.94
C ALA H 91 -9.52 34.19 -41.43
N LEU H 92 -8.76 34.99 -42.19
CA LEU H 92 -8.47 36.36 -41.79
C LEU H 92 -9.72 37.22 -41.80
N LYS H 93 -10.57 37.07 -42.80
CA LYS H 93 -11.83 37.83 -42.87
C LYS H 93 -12.78 37.44 -41.75
N ALA H 94 -12.83 36.16 -41.41
CA ALA H 94 -13.69 35.70 -40.33
C ALA H 94 -13.23 36.23 -38.98
N PHE H 95 -11.91 36.23 -38.74
CA PHE H 95 -11.44 36.74 -37.46
C PHE H 95 -11.55 38.26 -37.37
N GLU H 96 -11.47 38.96 -38.51
CA GLU H 96 -11.71 40.41 -38.50
C GLU H 96 -13.17 40.74 -38.21
N ALA H 97 -14.10 39.97 -38.79
CA ALA H 97 -15.52 40.16 -38.47
C ALA H 97 -15.82 39.84 -37.02
N ALA H 98 -15.16 38.82 -36.46
CA ALA H 98 -15.33 38.50 -35.04
C ALA H 98 -14.79 39.61 -34.15
N LEU H 99 -13.68 40.24 -34.53
CA LEU H 99 -13.15 41.36 -33.76
C LEU H 99 -14.09 42.55 -33.78
N ALA H 100 -14.70 42.83 -34.94
CA ALA H 100 -15.68 43.92 -35.02
C ALA H 100 -16.92 43.63 -34.17
N LEU H 101 -17.34 42.36 -34.12
CA LEU H 101 -18.48 41.99 -33.28
C LEU H 101 -18.17 42.16 -31.79
N GLU H 102 -16.96 41.78 -31.37
CA GLU H 102 -16.56 41.95 -29.97
C GLU H 102 -16.50 43.43 -29.58
N LYS H 103 -16.06 44.29 -30.50
CA LYS H 103 -16.01 45.71 -30.18
C LYS H 103 -17.41 46.33 -30.09
N PHE H 104 -18.33 45.89 -30.95
CA PHE H 104 -19.73 46.32 -30.85
C PHE H 104 -20.35 45.92 -29.51
N ASN H 105 -20.07 44.69 -29.07
N ASN H 105 -20.06 44.70 -29.05
CA ASN H 105 -20.56 44.20 -27.79
CA ASN H 105 -20.58 44.24 -27.77
C ASN H 105 -19.98 45.00 -26.62
C ASN H 105 -19.98 45.01 -26.61
N ASN H 106 -18.71 45.39 -26.72
CA ASN H 106 -18.08 46.21 -25.69
C ASN H 106 -18.71 47.60 -25.60
N GLU H 107 -19.06 48.18 -26.75
CA GLU H 107 -19.72 49.47 -26.74
C GLU H 107 -21.11 49.40 -26.11
N SER H 108 -21.84 48.30 -26.38
CA SER H 108 -23.14 48.12 -25.73
C SER H 108 -23.01 47.92 -24.22
N LEU H 109 -21.99 47.17 -23.79
CA LEU H 109 -21.78 46.97 -22.35
C LEU H 109 -21.42 48.27 -21.65
N LEU H 110 -20.62 49.13 -22.29
CA LEU H 110 -20.27 50.41 -21.69
C LEU H 110 -21.48 51.33 -21.60
N LYS H 111 -22.38 51.26 -22.58
CA LYS H 111 -23.62 52.05 -22.50
C LYS H 111 -24.52 51.57 -21.36
N LEU H 112 -24.60 50.25 -21.16
CA LEU H 112 -25.38 49.71 -20.04
C LEU H 112 -24.79 50.13 -18.69
N HIS H 113 -23.46 50.11 -18.58
CA HIS H 113 -22.79 50.55 -17.37
C HIS H 113 -23.03 52.04 -17.11
N SER H 114 -23.08 52.84 -18.17
CA SER H 114 -23.34 54.26 -18.02
C SER H 114 -24.77 54.52 -17.56
N THR H 115 -25.75 53.77 -18.08
CA THR H 115 -27.13 53.91 -17.64
C THR H 115 -27.31 53.53 -16.16
N ALA H 116 -26.71 52.40 -15.76
CA ALA H 116 -26.78 51.98 -14.36
C ALA H 116 -26.07 52.95 -13.44
N GLY H 117 -24.98 53.59 -13.91
CA GLY H 117 -24.34 54.61 -13.11
C GLY H 117 -25.16 55.89 -13.01
N ASN H 118 -25.87 56.25 -14.06
CA ASN H 118 -26.72 57.44 -14.02
C ASN H 118 -27.91 57.26 -13.10
N HIS H 119 -28.39 56.04 -12.92
CA HIS H 119 -29.53 55.84 -12.02
C HIS H 119 -29.11 55.44 -10.61
N ASN H 120 -27.83 55.60 -10.25
CA ASN H 120 -27.28 55.36 -8.92
C ASN H 120 -27.51 53.94 -8.42
N ASP H 121 -27.27 52.97 -9.31
CA ASP H 121 -27.45 51.56 -8.99
C ASP H 121 -26.06 50.97 -8.75
N ALA H 122 -25.65 50.92 -7.48
CA ALA H 122 -24.28 50.55 -7.14
C ALA H 122 -24.02 49.06 -7.36
N HIS H 123 -25.00 48.21 -7.02
CA HIS H 123 -24.83 46.77 -7.14
C HIS H 123 -24.68 46.35 -8.60
N LEU H 124 -25.45 46.97 -9.50
CA LEU H 124 -25.38 46.54 -10.89
C LEU H 124 -24.13 47.06 -11.60
N THR H 125 -23.66 48.27 -11.26
CA THR H 125 -22.39 48.73 -11.82
C THR H 125 -21.23 47.87 -11.34
N ASP H 126 -21.26 47.45 -10.06
CA ASP H 126 -20.22 46.55 -9.59
C ASP H 126 -20.32 45.18 -10.25
N PHE H 127 -21.53 44.70 -10.49
CA PHE H 127 -21.73 43.41 -11.17
C PHE H 127 -21.18 43.44 -12.59
N ILE H 128 -21.49 44.51 -13.33
CA ILE H 128 -21.03 44.64 -14.71
C ILE H 128 -19.52 44.76 -14.76
N GLU H 129 -18.94 45.59 -13.89
CA GLU H 129 -17.48 45.76 -13.85
C GLU H 129 -16.78 44.47 -13.47
N GLU H 130 -17.34 43.69 -12.56
CA GLU H 130 -16.66 42.48 -12.14
C GLU H 130 -16.78 41.37 -13.16
N LYS H 131 -17.93 41.19 -13.79
CA LYS H 131 -18.15 40.00 -14.61
C LYS H 131 -18.08 40.22 -16.12
N TYR H 132 -18.12 41.45 -16.63
CA TYR H 132 -18.25 41.59 -18.07
C TYR H 132 -17.17 42.43 -18.72
N LEU H 133 -16.75 43.54 -18.09
CA LEU H 133 -15.87 44.50 -18.76
C LEU H 133 -14.45 43.97 -18.95
N ASP H 134 -13.89 43.35 -17.91
CA ASP H 134 -12.53 42.81 -18.01
C ASP H 134 -12.46 41.63 -18.97
N GLU H 135 -13.48 40.77 -18.93
CA GLU H 135 -13.57 39.65 -19.87
C GLU H 135 -13.69 40.14 -21.31
N GLN H 136 -14.44 41.23 -21.53
CA GLN H 136 -14.58 41.76 -22.87
C GLN H 136 -13.28 42.37 -23.38
N VAL H 137 -12.54 43.06 -22.50
CA VAL H 137 -11.24 43.63 -22.88
C VAL H 137 -10.26 42.53 -23.25
N LYS H 138 -10.25 41.44 -22.47
CA LYS H 138 -9.35 40.32 -22.77
C LYS H 138 -9.74 39.60 -24.06
N SER H 139 -11.04 39.51 -24.35
CA SER H 139 -11.49 38.88 -25.59
C SER H 139 -11.10 39.71 -26.82
N ILE H 140 -11.22 41.03 -26.72
CA ILE H 140 -10.83 41.91 -27.83
C ILE H 140 -9.32 41.81 -28.08
N ASN H 141 -8.53 41.75 -27.00
CA ASN H 141 -7.08 41.61 -27.14
C ASN H 141 -6.69 40.28 -27.79
N GLU H 142 -7.39 39.20 -27.41
CA GLU H 142 -7.12 37.89 -27.99
C GLU H 142 -7.42 37.85 -29.49
N PHE H 143 -8.55 38.43 -29.90
CA PHE H 143 -8.88 38.46 -31.33
C PHE H 143 -7.94 39.35 -32.12
N ALA H 144 -7.46 40.45 -31.52
CA ALA H 144 -6.50 41.30 -32.23
C ALA H 144 -5.16 40.61 -32.43
N ARG H 145 -4.71 39.84 -31.44
CA ARG H 145 -3.48 39.07 -31.59
C ARG H 145 -3.62 37.98 -32.65
N MET H 146 -4.80 37.35 -32.73
CA MET H 146 -5.01 36.32 -33.75
C MET H 146 -5.05 36.92 -35.15
N VAL H 147 -5.62 38.13 -35.29
CA VAL H 147 -5.61 38.82 -36.59
C VAL H 147 -4.18 39.15 -37.01
N ALA H 148 -3.35 39.60 -36.05
CA ALA H 148 -1.96 39.92 -36.36
C ALA H 148 -1.17 38.68 -36.79
N ASN H 149 -1.39 37.55 -36.13
CA ASN H 149 -0.68 36.32 -36.51
C ASN H 149 -1.16 35.78 -37.85
N LEU H 150 -2.46 35.93 -38.16
CA LEU H 150 -2.96 35.48 -39.45
C LEU H 150 -2.46 36.37 -40.58
N LYS H 151 -2.24 37.66 -40.31
CA LYS H 151 -1.58 38.50 -41.30
C LYS H 151 -0.13 38.11 -41.47
N ARG H 152 0.53 37.65 -40.41
CA ARG H 152 1.93 37.26 -40.50
C ARG H 152 2.11 36.00 -41.33
N VAL H 153 1.33 34.95 -41.07
CA VAL H 153 1.61 33.66 -41.71
C VAL H 153 1.18 33.61 -43.17
N GLY H 154 0.24 34.43 -43.60
CA GLY H 154 -0.21 34.42 -44.98
C GLY H 154 -1.10 33.24 -45.33
N PRO H 155 -1.52 33.16 -46.58
CA PRO H 155 -2.43 32.08 -46.99
C PRO H 155 -1.69 30.79 -47.32
N GLY H 156 -2.41 29.69 -47.19
CA GLY H 156 -1.91 28.37 -47.60
C GLY H 156 -1.29 27.61 -46.44
N VAL H 157 0.01 27.33 -46.55
CA VAL H 157 0.68 26.50 -45.56
C VAL H 157 0.78 27.23 -44.22
N GLY H 158 0.82 28.57 -44.24
CA GLY H 158 0.77 29.32 -43.01
C GLY H 158 -0.57 29.19 -42.30
N GLU H 159 -1.65 29.15 -43.07
CA GLU H 159 -2.97 28.93 -42.50
C GLU H 159 -3.11 27.54 -41.90
N TYR H 160 -2.53 26.53 -42.58
CA TYR H 160 -2.53 25.17 -42.03
C TYR H 160 -1.72 25.09 -40.74
N VAL H 161 -0.55 25.72 -40.70
CA VAL H 161 0.30 25.71 -39.50
C VAL H 161 -0.37 26.45 -38.36
N PHE H 162 -1.05 27.57 -38.67
CA PHE H 162 -1.82 28.30 -37.66
C PHE H 162 -2.94 27.44 -37.08
N ASP H 163 -3.66 26.70 -37.93
CA ASP H 163 -4.72 25.83 -37.41
C ASP H 163 -4.16 24.68 -36.58
N LYS H 164 -2.97 24.18 -36.92
CA LYS H 164 -2.42 23.09 -36.13
C LYS H 164 -1.80 23.55 -34.81
N GLU H 165 -1.25 24.75 -34.74
CA GLU H 165 -0.41 25.12 -33.63
C GLU H 165 -1.04 26.07 -32.62
N HIS H 166 -1.94 26.96 -33.05
CA HIS H 166 -2.33 28.09 -32.22
C HIS H 166 -3.28 27.72 -31.09
N PHE H 167 -3.97 26.59 -31.16
CA PHE H 167 -5.01 26.26 -30.20
C PHE H 167 -4.65 25.08 -29.32
N SER H 168 -3.41 24.61 -29.36
CA SER H 168 -3.00 23.48 -28.54
C SER H 168 -2.14 23.95 -27.37
N SER I 1 -3.10 58.59 14.45
CA SER I 1 -2.69 57.46 13.64
C SER I 1 -1.66 57.86 12.59
N LEU I 2 -0.58 57.09 12.49
CA LEU I 2 0.41 57.32 11.45
C LEU I 2 -0.05 56.85 10.08
N ALA I 3 -1.07 56.01 10.02
CA ALA I 3 -1.52 55.40 8.78
C ALA I 3 -2.67 56.14 8.10
N ARG I 4 -3.31 57.09 8.78
CA ARG I 4 -4.53 57.71 8.28
C ARG I 4 -4.24 58.62 7.08
N GLN I 5 -4.99 58.41 6.00
CA GLN I 5 -4.81 59.17 4.76
C GLN I 5 -6.09 59.07 3.95
N ASN I 6 -6.65 60.22 3.57
CA ASN I 6 -7.89 60.34 2.78
C ASN I 6 -9.06 59.61 3.46
N TYR I 7 -9.27 59.92 4.74
CA TYR I 7 -10.31 59.28 5.54
C TYR I 7 -10.96 60.35 6.40
N HIS I 8 -12.09 60.89 5.94
CA HIS I 8 -12.72 62.00 6.62
C HIS I 8 -13.55 61.51 7.81
N SER I 9 -13.89 62.45 8.68
CA SER I 9 -14.54 62.11 9.95
C SER I 9 -16.00 61.68 9.77
N GLU I 10 -16.67 62.21 8.75
CA GLU I 10 -18.06 61.83 8.47
C GLU I 10 -18.15 60.37 8.06
N VAL I 11 -17.18 59.89 7.29
CA VAL I 11 -17.13 58.50 6.87
C VAL I 11 -16.88 57.59 8.07
N GLU I 12 -16.02 58.04 9.01
CA GLU I 12 -15.75 57.30 10.24
C GLU I 12 -17.01 57.16 11.10
N ALA I 13 -17.77 58.26 11.24
CA ALA I 13 -19.00 58.22 12.01
C ALA I 13 -20.05 57.31 11.36
N ALA I 14 -20.14 57.33 10.02
CA ALA I 14 -21.08 56.45 9.34
C ALA I 14 -20.70 54.98 9.47
N VAL I 15 -19.41 54.66 9.51
CA VAL I 15 -18.97 53.28 9.72
C VAL I 15 -19.35 52.81 11.12
N ASN I 16 -19.21 53.68 12.14
CA ASN I 16 -19.61 53.30 13.50
C ASN I 16 -21.12 53.06 13.60
N LYS I 17 -21.91 53.88 12.90
CA LYS I 17 -23.36 53.68 12.85
C LYS I 17 -23.72 52.33 12.21
N GLN I 18 -23.04 51.97 11.12
CA GLN I 18 -23.32 50.68 10.48
C GLN I 18 -22.92 49.50 11.36
N ILE I 19 -21.87 49.65 12.17
CA ILE I 19 -21.48 48.61 13.13
C ILE I 19 -22.61 48.33 14.12
N ASN I 20 -23.20 49.40 14.66
CA ASN I 20 -24.31 49.21 15.60
C ASN I 20 -25.53 48.55 14.94
N ILE I 21 -25.78 48.89 13.67
CA ILE I 21 -26.90 48.29 12.94
C ILE I 21 -26.71 46.78 12.75
N GLU I 22 -25.49 46.35 12.40
CA GLU I 22 -25.22 44.92 12.23
C GLU I 22 -25.33 44.15 13.55
N LEU I 23 -24.90 44.77 14.65
CA LEU I 23 -25.00 44.09 15.95
C LEU I 23 -26.46 43.93 16.39
N TYR I 24 -27.29 44.95 16.12
CA TYR I 24 -28.72 44.84 16.42
C TYR I 24 -29.39 43.73 15.60
N ALA I 25 -29.02 43.60 14.32
CA ALA I 25 -29.59 42.54 13.50
C ALA I 25 -29.21 41.15 14.00
N SER I 26 -27.95 41.00 14.46
CA SER I 26 -27.52 39.74 15.05
C SER I 26 -28.34 39.37 16.28
N TYR I 27 -28.65 40.36 17.12
CA TYR I 27 -29.38 40.06 18.34
C TYR I 27 -30.85 39.74 18.06
N VAL I 28 -31.44 40.36 17.02
CA VAL I 28 -32.79 40.01 16.58
C VAL I 28 -32.84 38.56 16.08
N TYR I 29 -31.85 38.14 15.29
CA TYR I 29 -31.85 36.76 14.80
C TYR I 29 -31.63 35.75 15.92
N LEU I 30 -30.87 36.12 16.95
CA LEU I 30 -30.74 35.24 18.12
C LEU I 30 -32.07 35.05 18.84
N SER I 31 -32.84 36.15 18.96
CA SER I 31 -34.17 36.05 19.57
C SER I 31 -35.11 35.14 18.77
N MET I 32 -35.07 35.24 17.43
CA MET I 32 -35.90 34.38 16.59
C MET I 32 -35.49 32.91 16.71
N SER I 33 -34.18 32.67 16.73
CA SER I 33 -33.64 31.31 16.87
C SER I 33 -34.10 30.64 18.15
N PHE I 34 -34.12 31.37 19.25
CA PHE I 34 -34.58 30.70 20.47
C PHE I 34 -36.09 30.77 20.65
N TYR I 35 -36.80 31.55 19.84
CA TYR I 35 -38.25 31.36 19.79
C TYR I 35 -38.62 30.04 19.13
N PHE I 36 -37.96 29.70 18.02
CA PHE I 36 -38.32 28.44 17.36
C PHE I 36 -37.77 27.20 18.06
N ASP I 37 -36.98 27.37 19.12
CA ASP I 37 -36.47 26.27 19.93
C ASP I 37 -37.40 25.89 21.07
N ARG I 38 -38.50 26.62 21.26
CA ARG I 38 -39.42 26.35 22.37
C ARG I 38 -40.11 25.01 22.20
N ASP I 39 -40.54 24.43 23.33
CA ASP I 39 -41.11 23.09 23.30
C ASP I 39 -42.53 23.07 22.75
N ASP I 40 -43.21 24.20 22.70
CA ASP I 40 -44.54 24.28 22.09
C ASP I 40 -44.50 24.80 20.67
N VAL I 41 -43.32 25.08 20.12
CA VAL I 41 -43.17 25.42 18.70
C VAL I 41 -42.46 24.29 17.95
N ALA I 42 -41.22 23.98 18.34
CA ALA I 42 -40.49 22.75 18.00
C ALA I 42 -40.28 22.59 16.48
N LEU I 43 -39.61 23.57 15.89
CA LEU I 43 -39.16 23.50 14.50
C LEU I 43 -37.65 23.67 14.50
N PRO I 44 -36.89 22.57 14.62
CA PRO I 44 -35.46 22.70 14.93
C PRO I 44 -34.59 23.19 13.79
N ASN I 45 -34.93 22.88 12.53
CA ASN I 45 -34.09 23.32 11.43
C ASN I 45 -34.23 24.81 11.17
N ILE I 46 -35.41 25.38 11.41
CA ILE I 46 -35.61 26.82 11.33
C ILE I 46 -34.80 27.53 12.42
N ALA I 47 -34.77 26.95 13.62
CA ALA I 47 -34.00 27.52 14.73
C ALA I 47 -32.50 27.49 14.44
N LYS I 48 -32.02 26.39 13.86
CA LYS I 48 -30.62 26.30 13.47
C LYS I 48 -30.27 27.31 12.37
N PHE I 49 -31.19 27.51 11.42
CA PHE I 49 -31.00 28.50 10.36
C PHE I 49 -30.86 29.92 10.93
N PHE I 50 -31.72 30.28 11.88
CA PHE I 50 -31.65 31.62 12.45
C PHE I 50 -30.43 31.79 13.35
N LYS I 51 -29.95 30.71 13.98
CA LYS I 51 -28.69 30.79 14.72
C LYS I 51 -27.51 31.07 13.79
N GLU I 52 -27.49 30.42 12.63
CA GLU I 52 -26.45 30.70 11.64
C GLU I 52 -26.52 32.13 11.10
N GLN I 53 -27.73 32.66 10.92
CA GLN I 53 -27.90 34.05 10.49
C GLN I 53 -27.38 35.03 11.53
N SER I 54 -27.59 34.72 12.82
CA SER I 54 -27.08 35.57 13.90
C SER I 54 -25.55 35.59 13.90
N ASP I 55 -24.92 34.42 13.72
CA ASP I 55 -23.46 34.36 13.64
C ASP I 55 -22.93 35.15 12.43
N GLU I 56 -23.64 35.08 11.30
CA GLU I 56 -23.20 35.82 10.11
C GLU I 56 -23.27 37.33 10.31
N GLU I 57 -24.33 37.83 10.95
CA GLU I 57 -24.42 39.27 11.20
C GLU I 57 -23.34 39.74 12.18
N ARG I 58 -22.98 38.90 13.15
CA ARG I 58 -21.87 39.24 14.04
C ARG I 58 -20.55 39.31 13.28
N GLU I 59 -20.36 38.42 12.30
CA GLU I 59 -19.16 38.48 11.46
C GLU I 59 -19.12 39.76 10.62
N HIS I 60 -20.27 40.20 10.11
CA HIS I 60 -20.33 41.47 9.37
C HIS I 60 -19.91 42.65 10.23
N ALA I 61 -20.38 42.68 11.48
CA ALA I 61 -19.99 43.76 12.40
C ALA I 61 -18.50 43.74 12.71
N THR I 62 -17.92 42.55 12.91
CA THR I 62 -16.49 42.51 13.23
C THR I 62 -15.63 42.86 12.01
N GLU I 63 -16.08 42.56 10.80
CA GLU I 63 -15.31 42.99 9.63
C GLU I 63 -15.35 44.50 9.43
N LEU I 64 -16.48 45.14 9.76
CA LEU I 64 -16.50 46.60 9.73
C LEU I 64 -15.59 47.21 10.79
N MET I 65 -15.52 46.61 11.98
CA MET I 65 -14.57 47.07 13.00
C MET I 65 -13.12 46.93 12.51
N ARG I 66 -12.83 45.83 11.81
CA ARG I 66 -11.48 45.61 11.30
C ARG I 66 -11.09 46.64 10.23
N VAL I 67 -12.02 46.99 9.33
CA VAL I 67 -11.64 47.97 8.31
C VAL I 67 -11.56 49.38 8.91
N GLN I 68 -12.32 49.64 9.98
CA GLN I 68 -12.17 50.90 10.70
C GLN I 68 -10.79 51.02 11.33
N ASN I 69 -10.29 49.94 11.92
CA ASN I 69 -8.92 49.97 12.43
C ASN I 69 -7.88 50.03 11.31
N LEU I 70 -8.18 49.41 10.17
CA LEU I 70 -7.23 49.41 9.06
C LEU I 70 -7.04 50.80 8.45
N ARG I 71 -8.11 51.59 8.37
CA ARG I 71 -7.98 52.92 7.80
C ARG I 71 -7.49 53.96 8.80
N GLY I 72 -7.26 53.60 10.05
CA GLY I 72 -6.77 54.53 11.04
C GLY I 72 -7.83 55.28 11.80
N GLY I 73 -9.10 54.90 11.69
CA GLY I 73 -10.14 55.46 12.51
C GLY I 73 -10.24 54.77 13.86
N ARG I 74 -11.20 55.21 14.67
CA ARG I 74 -11.38 54.70 16.01
C ARG I 74 -12.80 54.16 16.17
N VAL I 75 -12.91 52.95 16.69
CA VAL I 75 -14.19 52.30 16.91
C VAL I 75 -14.84 52.88 18.16
N VAL I 76 -16.09 53.31 18.05
CA VAL I 76 -16.88 53.82 19.17
C VAL I 76 -18.17 53.02 19.24
N LEU I 77 -18.35 52.27 20.32
CA LEU I 77 -19.49 51.38 20.47
C LEU I 77 -20.62 52.05 21.24
N GLN I 78 -21.85 51.62 20.94
CA GLN I 78 -23.05 52.13 21.58
C GLN I 78 -23.84 50.95 22.16
N ASP I 79 -24.95 51.28 22.84
CA ASP I 79 -25.85 50.27 23.35
C ASP I 79 -26.52 49.49 22.22
N ILE I 80 -26.76 48.21 22.46
CA ILE I 80 -27.52 47.36 21.56
C ILE I 80 -28.93 47.24 22.10
N GLN I 81 -29.91 47.73 21.35
CA GLN I 81 -31.30 47.69 21.78
C GLN I 81 -31.86 46.28 21.69
N LYS I 82 -32.80 45.98 22.58
CA LYS I 82 -33.45 44.68 22.58
C LYS I 82 -34.41 44.59 21.38
N PRO I 83 -34.70 43.38 20.91
CA PRO I 83 -35.61 43.24 19.77
C PRO I 83 -37.04 43.67 20.09
N GLU I 84 -37.81 43.90 19.02
CA GLU I 84 -39.14 44.47 19.16
C GLU I 84 -40.14 43.50 19.76
N ASN I 85 -39.96 42.20 19.55
CA ASN I 85 -40.90 41.20 20.02
C ASN I 85 -40.15 40.11 20.78
N ASP I 86 -40.85 39.50 21.74
CA ASP I 86 -40.35 38.31 22.40
C ASP I 86 -40.78 37.03 21.68
N GLU I 87 -41.97 37.04 21.08
CA GLU I 87 -42.47 35.91 20.32
C GLU I 87 -42.88 36.37 18.93
N TRP I 88 -42.67 35.50 17.95
CA TRP I 88 -42.71 35.89 16.55
C TRP I 88 -43.83 35.24 15.74
N GLY I 89 -44.80 34.62 16.40
CA GLY I 89 -45.99 34.13 15.70
C GLY I 89 -45.71 32.86 14.91
N THR I 90 -46.36 32.75 13.75
CA THR I 90 -46.15 31.62 12.87
C THR I 90 -44.83 31.75 12.13
N ALA I 91 -44.48 30.73 11.34
CA ALA I 91 -43.24 30.77 10.58
C ALA I 91 -43.29 31.82 9.47
N LEU I 92 -44.47 32.01 8.87
CA LEU I 92 -44.63 32.98 7.80
C LEU I 92 -44.44 34.40 8.30
N LYS I 93 -44.98 34.72 9.47
CA LYS I 93 -44.82 36.05 10.06
C LYS I 93 -43.36 36.32 10.44
N ALA I 94 -42.67 35.31 10.95
CA ALA I 94 -41.26 35.47 11.31
C ALA I 94 -40.39 35.69 10.09
N PHE I 95 -40.65 34.96 9.00
CA PHE I 95 -39.83 35.16 7.80
C PHE I 95 -40.16 36.47 7.11
N GLU I 96 -41.41 36.96 7.23
CA GLU I 96 -41.73 38.28 6.70
C GLU I 96 -41.05 39.40 7.48
N ALA I 97 -41.00 39.27 8.81
CA ALA I 97 -40.27 40.24 9.62
C ALA I 97 -38.77 40.21 9.33
N ALA I 98 -38.22 39.02 9.08
CA ALA I 98 -36.81 38.91 8.71
C ALA I 98 -36.53 39.56 7.36
N LEU I 99 -37.47 39.43 6.40
CA LEU I 99 -37.30 40.08 5.10
C LEU I 99 -37.32 41.59 5.23
N ALA I 100 -38.21 42.13 6.08
CA ALA I 100 -38.25 43.57 6.31
C ALA I 100 -36.96 44.07 6.98
N LEU I 101 -36.40 43.27 7.88
CA LEU I 101 -35.13 43.65 8.52
C LEU I 101 -33.97 43.67 7.52
N GLU I 102 -33.93 42.68 6.61
CA GLU I 102 -32.88 42.66 5.59
C GLU I 102 -32.99 43.86 4.64
N LYS I 103 -34.21 44.28 4.32
CA LYS I 103 -34.37 45.43 3.43
C LYS I 103 -33.97 46.74 4.13
N PHE I 104 -34.27 46.86 5.43
CA PHE I 104 -33.80 48.02 6.21
C PHE I 104 -32.28 48.09 6.24
N ASN I 105 -31.63 46.94 6.43
N ASN I 105 -31.62 46.95 6.41
CA ASN I 105 -30.17 46.87 6.44
CA ASN I 105 -30.16 46.91 6.43
C ASN I 105 -29.58 47.25 5.08
C ASN I 105 -29.57 47.25 5.07
N ASN I 106 -30.24 46.83 3.99
CA ASN I 106 -29.79 47.19 2.65
C ASN I 106 -29.89 48.69 2.40
N GLU I 107 -30.96 49.33 2.91
CA GLU I 107 -31.09 50.77 2.75
C GLU I 107 -30.01 51.52 3.53
N SER I 108 -29.66 51.03 4.74
CA SER I 108 -28.57 51.64 5.49
C SER I 108 -27.22 51.46 4.79
N LEU I 109 -26.98 50.29 4.20
CA LEU I 109 -25.72 50.07 3.47
C LEU I 109 -25.61 50.95 2.25
N LEU I 110 -26.72 51.18 1.54
CA LEU I 110 -26.69 52.05 0.38
C LEU I 110 -26.45 53.50 0.78
N LYS I 111 -26.97 53.92 1.93
CA LYS I 111 -26.69 55.27 2.42
C LYS I 111 -25.21 55.44 2.80
N LEU I 112 -24.61 54.41 3.41
CA LEU I 112 -23.19 54.45 3.73
C LEU I 112 -22.33 54.52 2.47
N HIS I 113 -22.70 53.74 1.44
CA HIS I 113 -22.00 53.78 0.17
C HIS I 113 -22.11 55.15 -0.50
N SER I 114 -23.28 55.79 -0.37
CA SER I 114 -23.46 57.12 -0.93
C SER I 114 -22.62 58.17 -0.22
N THR I 115 -22.51 58.07 1.11
CA THR I 115 -21.66 59.00 1.86
C THR I 115 -20.18 58.85 1.50
N ALA I 116 -19.70 57.60 1.42
CA ALA I 116 -18.32 57.36 1.04
C ALA I 116 -18.04 57.78 -0.40
N GLY I 117 -19.02 57.66 -1.28
CA GLY I 117 -18.85 58.17 -2.63
C GLY I 117 -18.85 59.69 -2.71
N ASN I 118 -19.63 60.35 -1.85
CA ASN I 118 -19.64 61.81 -1.84
C ASN I 118 -18.34 62.38 -1.29
N HIS I 119 -17.65 61.66 -0.41
CA HIS I 119 -16.39 62.18 0.10
C HIS I 119 -15.17 61.67 -0.67
N ASN I 120 -15.37 61.10 -1.85
CA ASN I 120 -14.31 60.63 -2.77
C ASN I 120 -13.37 59.62 -2.11
N ASP I 121 -13.95 58.66 -1.42
CA ASP I 121 -13.20 57.60 -0.75
C ASP I 121 -13.31 56.34 -1.59
N ALA I 122 -12.32 56.12 -2.46
CA ALA I 122 -12.40 55.05 -3.45
C ALA I 122 -12.25 53.68 -2.80
N HIS I 123 -11.35 53.56 -1.83
CA HIS I 123 -11.10 52.27 -1.19
C HIS I 123 -12.32 51.77 -0.42
N LEU I 124 -13.02 52.68 0.26
CA LEU I 124 -14.16 52.23 1.06
C LEU I 124 -15.38 51.91 0.20
N THR I 125 -15.61 52.66 -0.89
CA THR I 125 -16.70 52.29 -1.80
C THR I 125 -16.43 50.95 -2.45
N ASP I 126 -15.17 50.67 -2.82
CA ASP I 126 -14.85 49.36 -3.37
C ASP I 126 -15.01 48.25 -2.32
N PHE I 127 -14.64 48.54 -1.07
CA PHE I 127 -14.78 47.56 0.01
C PHE I 127 -16.25 47.21 0.24
N ILE I 128 -17.11 48.23 0.31
CA ILE I 128 -18.54 48.03 0.53
C ILE I 128 -19.15 47.26 -0.63
N GLU I 129 -18.79 47.63 -1.87
CA GLU I 129 -19.30 46.93 -3.05
C GLU I 129 -18.87 45.47 -3.09
N GLU I 130 -17.63 45.18 -2.72
CA GLU I 130 -17.15 43.80 -2.85
C GLU I 130 -17.62 42.92 -1.69
N LYS I 131 -17.85 43.48 -0.51
CA LYS I 131 -18.14 42.63 0.63
C LYS I 131 -19.57 42.70 1.16
N TYR I 132 -20.36 43.71 0.82
CA TYR I 132 -21.63 43.81 1.52
C TYR I 132 -22.85 43.85 0.60
N LEU I 133 -22.77 44.55 -0.53
CA LEU I 133 -23.95 44.82 -1.34
C LEU I 133 -24.47 43.57 -2.04
N ASP I 134 -23.57 42.78 -2.64
CA ASP I 134 -23.99 41.57 -3.34
C ASP I 134 -24.52 40.51 -2.37
N GLU I 135 -23.87 40.38 -1.21
CA GLU I 135 -24.34 39.47 -0.17
C GLU I 135 -25.71 39.88 0.34
N GLN I 136 -25.96 41.19 0.46
CA GLN I 136 -27.26 41.66 0.93
C GLN I 136 -28.35 41.41 -0.10
N VAL I 137 -28.04 41.59 -1.38
CA VAL I 137 -29.01 41.31 -2.45
C VAL I 137 -29.36 39.82 -2.46
N LYS I 138 -28.36 38.95 -2.30
CA LYS I 138 -28.62 37.51 -2.27
C LYS I 138 -29.41 37.09 -1.04
N SER I 139 -29.17 37.74 0.10
CA SER I 139 -29.93 37.43 1.31
C SER I 139 -31.40 37.84 1.18
N ILE I 140 -31.66 39.00 0.59
CA ILE I 140 -33.04 39.46 0.38
C ILE I 140 -33.77 38.51 -0.57
N ASN I 141 -33.08 38.05 -1.63
CA ASN I 141 -33.70 37.11 -2.57
C ASN I 141 -34.01 35.77 -1.91
N GLU I 142 -33.11 35.29 -1.04
CA GLU I 142 -33.34 34.03 -0.32
C GLU I 142 -34.55 34.11 0.61
N PHE I 143 -34.67 35.21 1.35
CA PHE I 143 -35.82 35.36 2.24
C PHE I 143 -37.13 35.53 1.47
N ALA I 144 -37.10 36.18 0.30
CA ALA I 144 -38.32 36.31 -0.50
C ALA I 144 -38.77 34.97 -1.05
N ARG I 145 -37.82 34.12 -1.47
CA ARG I 145 -38.18 32.79 -1.94
C ARG I 145 -38.75 31.93 -0.81
N MET I 146 -38.21 32.07 0.41
CA MET I 146 -38.74 31.31 1.53
C MET I 146 -40.13 31.78 1.92
N VAL I 147 -40.42 33.08 1.82
CA VAL I 147 -41.77 33.58 2.07
C VAL I 147 -42.75 33.04 1.05
N ALA I 148 -42.33 32.97 -0.22
CA ALA I 148 -43.20 32.43 -1.27
C ALA I 148 -43.50 30.94 -1.05
N ASN I 149 -42.50 30.16 -0.63
CA ASN I 149 -42.75 28.74 -0.39
C ASN I 149 -43.60 28.51 0.86
N LEU I 150 -43.44 29.36 1.88
CA LEU I 150 -44.29 29.23 3.07
C LEU I 150 -45.72 29.62 2.79
N LYS I 151 -45.94 30.57 1.87
CA LYS I 151 -47.30 30.84 1.43
C LYS I 151 -47.86 29.69 0.62
N ARG I 152 -47.02 28.98 -0.13
CA ARG I 152 -47.49 27.86 -0.93
C ARG I 152 -47.92 26.69 -0.07
N VAL I 153 -47.10 26.28 0.90
CA VAL I 153 -47.39 25.04 1.62
C VAL I 153 -48.51 25.18 2.64
N GLY I 154 -48.80 26.37 3.13
CA GLY I 154 -49.86 26.56 4.10
C GLY I 154 -49.50 26.08 5.50
N PRO I 155 -50.43 26.20 6.44
CA PRO I 155 -50.15 25.82 7.82
C PRO I 155 -50.33 24.32 8.06
N GLY I 156 -49.63 23.84 9.07
CA GLY I 156 -49.79 22.46 9.54
C GLY I 156 -48.76 21.52 8.91
N VAL I 157 -49.24 20.55 8.14
CA VAL I 157 -48.37 19.53 7.59
C VAL I 157 -47.43 20.13 6.54
N GLY I 158 -47.86 21.20 5.86
CA GLY I 158 -46.97 21.90 4.97
C GLY I 158 -45.82 22.58 5.69
N GLU I 159 -46.10 23.13 6.87
CA GLU I 159 -45.06 23.73 7.69
C GLU I 159 -44.07 22.68 8.20
N TYR I 160 -44.58 21.50 8.57
CA TYR I 160 -43.70 20.40 8.98
C TYR I 160 -42.82 19.92 7.83
N VAL I 161 -43.39 19.79 6.64
CA VAL I 161 -42.64 19.34 5.46
C VAL I 161 -41.59 20.38 5.06
N PHE I 162 -41.95 21.67 5.17
CA PHE I 162 -40.99 22.75 4.91
C PHE I 162 -39.83 22.70 5.89
N ASP I 163 -40.10 22.46 7.17
CA ASP I 163 -39.02 22.38 8.14
C ASP I 163 -38.14 21.15 7.91
N LYS I 164 -38.72 20.05 7.43
CA LYS I 164 -37.90 18.87 7.19
C LYS I 164 -37.09 18.95 5.90
N GLU I 165 -37.58 19.63 4.88
CA GLU I 165 -37.01 19.50 3.55
C GLU I 165 -36.16 20.68 3.09
N HIS I 166 -36.48 21.90 3.52
CA HIS I 166 -35.93 23.09 2.88
C HIS I 166 -34.48 23.37 3.23
N PHE I 167 -33.97 22.83 4.33
CA PHE I 167 -32.64 23.19 4.82
C PHE I 167 -31.64 22.05 4.73
N SER I 168 -31.99 20.96 4.05
CA SER I 168 -31.09 19.82 3.93
C SER I 168 -30.49 19.78 2.52
N SER J 1 -19.32 20.50 -53.46
CA SER J 1 -18.78 19.50 -52.55
C SER J 1 -18.27 18.27 -53.30
N LEU J 2 -17.06 17.83 -52.98
CA LEU J 2 -16.53 16.61 -53.55
C LEU J 2 -17.15 15.35 -52.95
N ALA J 3 -17.79 15.47 -51.80
CA ALA J 3 -18.31 14.32 -51.07
C ALA J 3 -19.78 14.03 -51.35
N ARG J 4 -20.51 14.94 -52.00
CA ARG J 4 -21.95 14.81 -52.14
C ARG J 4 -22.33 13.68 -53.09
N GLN J 5 -23.22 12.80 -52.63
CA GLN J 5 -23.65 11.64 -53.40
C GLN J 5 -24.98 11.16 -52.85
N ASN J 6 -26.00 11.06 -53.72
CA ASN J 6 -27.35 10.62 -53.38
C ASN J 6 -27.97 11.49 -52.28
N TYR J 7 -27.93 12.80 -52.49
CA TYR J 7 -28.42 13.77 -51.51
C TYR J 7 -29.15 14.87 -52.27
N HIS J 8 -30.46 14.75 -52.37
CA HIS J 8 -31.25 15.68 -53.17
C HIS J 8 -31.51 16.98 -52.42
N SER J 9 -31.90 18.00 -53.17
CA SER J 9 -32.03 19.34 -52.61
C SER J 9 -33.24 19.49 -51.69
N GLU J 10 -34.30 18.72 -51.94
CA GLU J 10 -35.48 18.77 -51.08
C GLU J 10 -35.17 18.25 -49.68
N VAL J 11 -34.34 17.21 -49.60
CA VAL J 11 -33.93 16.67 -48.31
C VAL J 11 -33.06 17.67 -47.56
N GLU J 12 -32.20 18.41 -48.28
CA GLU J 12 -31.37 19.45 -47.68
C GLU J 12 -32.22 20.58 -47.10
N ALA J 13 -33.24 21.01 -47.85
CA ALA J 13 -34.14 22.05 -47.36
C ALA J 13 -34.93 21.59 -46.14
N ALA J 14 -35.38 20.34 -46.13
CA ALA J 14 -36.10 19.82 -44.97
C ALA J 14 -35.22 19.71 -43.73
N VAL J 15 -33.93 19.40 -43.90
CA VAL J 15 -33.00 19.36 -42.78
C VAL J 15 -32.79 20.76 -42.19
N ASN J 16 -32.70 21.78 -43.05
CA ASN J 16 -32.57 23.16 -42.56
C ASN J 16 -33.81 23.60 -41.78
N LYS J 17 -35.00 23.20 -42.26
CA LYS J 17 -36.24 23.49 -41.55
C LYS J 17 -36.27 22.84 -40.16
N GLN J 18 -35.83 21.58 -40.08
CA GLN J 18 -35.79 20.91 -38.78
C GLN J 18 -34.80 21.54 -37.81
N ILE J 19 -33.68 22.07 -38.34
CA ILE J 19 -32.72 22.80 -37.50
C ILE J 19 -33.36 24.01 -36.83
N ASN J 20 -34.13 24.78 -37.61
CA ASN J 20 -34.80 25.94 -37.03
C ASN J 20 -35.85 25.54 -35.98
N ILE J 21 -36.53 24.41 -36.21
CA ILE J 21 -37.53 23.93 -35.25
C ILE J 21 -36.87 23.55 -33.91
N GLU J 22 -35.72 22.87 -33.95
CA GLU J 22 -35.03 22.49 -32.71
C GLU J 22 -34.51 23.72 -31.95
N LEU J 23 -34.04 24.74 -32.68
CA LEU J 23 -33.55 25.94 -32.01
C LEU J 23 -34.69 26.71 -31.33
N TYR J 24 -35.87 26.76 -31.98
CA TYR J 24 -37.03 27.39 -31.36
C TYR J 24 -37.47 26.66 -30.09
N ALA J 25 -37.43 25.32 -30.11
CA ALA J 25 -37.79 24.56 -28.91
C ALA J 25 -36.83 24.81 -27.75
N SER J 26 -35.53 24.93 -28.07
CA SER J 26 -34.54 25.26 -27.05
C SER J 26 -34.82 26.62 -26.41
N TYR J 27 -35.22 27.61 -27.21
CA TYR J 27 -35.44 28.93 -26.67
C TYR J 27 -36.73 28.99 -25.83
N VAL J 28 -37.75 28.21 -26.20
CA VAL J 28 -38.96 28.08 -25.38
C VAL J 28 -38.64 27.47 -24.02
N TYR J 29 -37.82 26.42 -23.99
CA TYR J 29 -37.46 25.81 -22.70
C TYR J 29 -36.61 26.73 -21.84
N LEU J 30 -35.79 27.58 -22.45
CA LEU J 30 -35.05 28.58 -21.68
C LEU J 30 -35.98 29.59 -21.02
N SER J 31 -37.02 30.01 -21.76
CA SER J 31 -38.02 30.91 -21.19
C SER J 31 -38.76 30.28 -20.00
N MET J 32 -39.12 28.99 -20.12
CA MET J 32 -39.80 28.31 -19.01
C MET J 32 -38.88 28.16 -17.79
N SER J 33 -37.61 27.85 -18.04
CA SER J 33 -36.62 27.70 -16.97
C SER J 33 -36.47 28.99 -16.17
N PHE J 34 -36.43 30.13 -16.84
CA PHE J 34 -36.29 31.35 -16.05
C PHE J 34 -37.62 31.91 -15.57
N TYR J 35 -38.75 31.38 -16.04
CA TYR J 35 -40.00 31.68 -15.33
C TYR J 35 -40.04 31.00 -13.97
N PHE J 36 -39.63 29.73 -13.90
CA PHE J 36 -39.69 29.06 -12.59
C PHE J 36 -38.58 29.48 -11.64
N ASP J 37 -37.65 30.31 -12.08
CA ASP J 37 -36.59 30.86 -11.24
C ASP J 37 -36.99 32.15 -10.54
N ARG J 38 -38.18 32.69 -10.82
CA ARG J 38 -38.61 33.95 -10.24
C ARG J 38 -38.82 33.83 -8.73
N ASP J 39 -38.70 34.97 -8.04
CA ASP J 39 -38.75 34.94 -6.58
C ASP J 39 -40.17 34.76 -6.05
N ASP J 40 -41.19 35.00 -6.86
CA ASP J 40 -42.57 34.75 -6.46
C ASP J 40 -43.10 33.42 -6.96
N VAL J 41 -42.28 32.62 -7.65
CA VAL J 41 -42.64 31.26 -8.02
C VAL J 41 -41.81 30.25 -7.23
N ALA J 42 -40.48 30.28 -7.39
CA ALA J 42 -39.49 29.65 -6.50
C ALA J 42 -39.65 28.12 -6.43
N LEU J 43 -39.55 27.48 -7.59
CA LEU J 43 -39.49 26.03 -7.70
C LEU J 43 -38.20 25.66 -8.40
N PRO J 44 -37.10 25.48 -7.65
CA PRO J 44 -35.77 25.44 -8.29
C PRO J 44 -35.46 24.17 -9.07
N ASN J 45 -36.01 23.01 -8.65
CA ASN J 45 -35.69 21.78 -9.37
C ASN J 45 -36.41 21.72 -10.71
N ILE J 46 -37.60 22.30 -10.81
CA ILE J 46 -38.31 22.42 -12.08
C ILE J 46 -37.53 23.34 -13.04
N ALA J 47 -36.98 24.43 -12.50
CA ALA J 47 -36.19 25.36 -13.31
C ALA J 47 -34.92 24.71 -13.83
N LYS J 48 -34.26 23.92 -12.97
CA LYS J 48 -33.07 23.19 -13.40
C LYS J 48 -33.40 22.14 -14.47
N PHE J 49 -34.55 21.48 -14.33
CA PHE J 49 -35.01 20.51 -15.32
C PHE J 49 -35.22 21.16 -16.69
N PHE J 50 -35.87 22.32 -16.71
CA PHE J 50 -36.12 22.98 -17.98
C PHE J 50 -34.84 23.56 -18.59
N LYS J 51 -33.87 23.95 -17.76
CA LYS J 51 -32.57 24.35 -18.28
C LYS J 51 -31.85 23.19 -18.97
N GLU J 52 -31.92 22.00 -18.38
CA GLU J 52 -31.34 20.81 -19.02
C GLU J 52 -32.04 20.47 -20.32
N GLN J 53 -33.37 20.64 -20.38
CA GLN J 53 -34.12 20.41 -21.62
C GLN J 53 -33.71 21.38 -22.71
N SER J 54 -33.45 22.64 -22.35
CA SER J 54 -33.00 23.63 -23.31
C SER J 54 -31.63 23.27 -23.90
N ASP J 55 -30.71 22.81 -23.03
CA ASP J 55 -29.40 22.37 -23.51
C ASP J 55 -29.51 21.15 -24.43
N GLU J 56 -30.44 20.23 -24.13
CA GLU J 56 -30.62 19.05 -24.96
C GLU J 56 -31.15 19.41 -26.35
N GLU J 57 -32.10 20.34 -26.43
CA GLU J 57 -32.62 20.74 -27.74
C GLU J 57 -31.55 21.47 -28.56
N ARG J 58 -30.68 22.23 -27.91
CA ARG J 58 -29.56 22.84 -28.62
C ARG J 58 -28.60 21.79 -29.17
N GLU J 59 -28.38 20.71 -28.41
CA GLU J 59 -27.55 19.61 -28.91
C GLU J 59 -28.18 18.91 -30.11
N HIS J 60 -29.51 18.76 -30.12
CA HIS J 60 -30.20 18.19 -31.27
C HIS J 60 -30.00 19.02 -32.53
N ALA J 61 -30.11 20.35 -32.38
CA ALA J 61 -29.89 21.25 -33.52
C ALA J 61 -28.45 21.17 -34.04
N THR J 62 -27.47 21.10 -33.15
CA THR J 62 -26.09 21.05 -33.63
C THR J 62 -25.75 19.70 -34.27
N GLU J 63 -26.38 18.61 -33.83
CA GLU J 63 -26.15 17.34 -34.51
C GLU J 63 -26.76 17.30 -35.90
N LEU J 64 -27.91 17.97 -36.09
CA LEU J 64 -28.45 18.09 -37.44
C LEU J 64 -27.56 18.93 -38.34
N MET J 65 -26.98 20.01 -37.80
CA MET J 65 -26.01 20.80 -38.57
C MET J 65 -24.79 19.96 -38.96
N ARG J 66 -24.33 19.11 -38.05
CA ARG J 66 -23.18 18.25 -38.33
C ARG J 66 -23.47 17.23 -39.43
N VAL J 67 -24.66 16.63 -39.43
CA VAL J 67 -24.94 15.65 -40.49
C VAL J 67 -25.20 16.34 -41.82
N GLN J 68 -25.69 17.59 -41.79
CA GLN J 68 -25.80 18.38 -43.02
C GLN J 68 -24.43 18.65 -43.63
N ASN J 69 -23.45 18.98 -42.80
CA ASN J 69 -22.09 19.14 -43.32
C ASN J 69 -21.48 17.81 -43.76
N LEU J 70 -21.84 16.72 -43.08
CA LEU J 70 -21.28 15.42 -43.42
C LEU J 70 -21.75 14.92 -44.78
N ARG J 71 -23.01 15.19 -45.14
CA ARG J 71 -23.51 14.73 -46.43
C ARG J 71 -23.17 15.67 -47.58
N GLY J 72 -22.50 16.79 -47.31
CA GLY J 72 -22.12 17.72 -48.36
C GLY J 72 -23.13 18.79 -48.67
N GLY J 73 -24.16 18.96 -47.85
CA GLY J 73 -25.08 20.07 -48.00
C GLY J 73 -24.57 21.32 -47.31
N ARG J 74 -25.37 22.38 -47.38
CA ARG J 74 -24.99 23.67 -46.83
C ARG J 74 -26.03 24.12 -45.81
N VAL J 75 -25.57 24.53 -44.64
CA VAL J 75 -26.44 25.00 -43.57
C VAL J 75 -26.89 26.42 -43.88
N VAL J 76 -28.20 26.66 -43.83
CA VAL J 76 -28.78 27.99 -44.01
C VAL J 76 -29.65 28.30 -42.80
N LEU J 77 -29.25 29.31 -42.03
CA LEU J 77 -29.93 29.65 -40.79
C LEU J 77 -30.97 30.74 -40.99
N GLN J 78 -32.01 30.71 -40.16
CA GLN J 78 -33.09 31.68 -40.20
C GLN J 78 -33.25 32.31 -38.82
N ASP J 79 -34.16 33.28 -38.71
CA ASP J 79 -34.49 33.90 -37.44
C ASP J 79 -35.12 32.90 -36.48
N ILE J 80 -34.83 33.06 -35.20
CA ILE J 80 -35.45 32.30 -34.14
C ILE J 80 -36.53 33.16 -33.51
N GLN J 81 -37.78 32.72 -33.61
CA GLN J 81 -38.90 33.48 -33.08
C GLN J 81 -38.94 33.39 -31.56
N LYS J 82 -39.44 34.46 -30.93
CA LYS J 82 -39.57 34.48 -29.49
C LYS J 82 -40.72 33.56 -29.06
N PRO J 83 -40.70 33.06 -27.83
CA PRO J 83 -41.77 32.17 -27.37
C PRO J 83 -43.11 32.88 -27.26
N GLU J 84 -44.17 32.06 -27.19
CA GLU J 84 -45.53 32.58 -27.24
C GLU J 84 -45.93 33.32 -25.97
N ASN J 85 -45.37 32.94 -24.82
CA ASN J 85 -45.74 33.53 -23.56
C ASN J 85 -44.49 33.97 -22.80
N ASP J 86 -44.65 35.00 -21.98
CA ASP J 86 -43.61 35.39 -21.05
C ASP J 86 -43.74 34.69 -19.71
N GLU J 87 -44.97 34.40 -19.28
CA GLU J 87 -45.23 33.68 -18.04
C GLU J 87 -46.13 32.49 -18.34
N TRP J 88 -45.90 31.40 -17.59
CA TRP J 88 -46.45 30.10 -17.96
C TRP J 88 -47.44 29.54 -16.95
N GLY J 89 -47.93 30.36 -16.01
CA GLY J 89 -49.00 29.92 -15.13
C GLY J 89 -48.53 28.97 -14.05
N THR J 90 -49.38 28.00 -13.71
CA THR J 90 -49.04 26.99 -12.73
C THR J 90 -48.09 25.96 -13.34
N ALA J 91 -47.64 25.02 -12.51
CA ALA J 91 -46.74 23.98 -13.00
C ALA J 91 -47.44 23.03 -13.96
N LEU J 92 -48.73 22.76 -13.72
CA LEU J 92 -49.50 21.86 -14.57
C LEU J 92 -49.69 22.44 -15.97
N LYS J 93 -49.97 23.73 -16.06
CA LYS J 93 -50.13 24.40 -17.36
C LYS J 93 -48.81 24.42 -18.14
N ALA J 94 -47.70 24.64 -17.45
CA ALA J 94 -46.40 24.65 -18.10
C ALA J 94 -46.02 23.28 -18.63
N PHE J 95 -46.29 22.22 -17.86
CA PHE J 95 -45.95 20.89 -18.34
C PHE J 95 -46.88 20.43 -19.45
N GLU J 96 -48.14 20.91 -19.45
CA GLU J 96 -49.04 20.61 -20.56
C GLU J 96 -48.60 21.30 -21.85
N ALA J 97 -48.16 22.56 -21.74
CA ALA J 97 -47.62 23.25 -22.91
C ALA J 97 -46.34 22.60 -23.43
N ALA J 98 -45.50 22.10 -22.52
CA ALA J 98 -44.30 21.38 -22.93
C ALA J 98 -44.63 20.07 -23.64
N LEU J 99 -45.68 19.37 -23.18
CA LEU J 99 -46.10 18.14 -23.85
C LEU J 99 -46.61 18.42 -25.25
N ALA J 100 -47.38 19.52 -25.42
CA ALA J 100 -47.85 19.89 -26.75
C ALA J 100 -46.69 20.26 -27.68
N LEU J 101 -45.66 20.92 -27.14
CA LEU J 101 -44.49 21.26 -27.95
C LEU J 101 -43.72 20.00 -28.39
N GLU J 102 -43.58 19.02 -27.49
CA GLU J 102 -42.90 17.77 -27.85
C GLU J 102 -43.67 17.01 -28.93
N LYS J 103 -45.01 17.04 -28.88
CA LYS J 103 -45.78 16.34 -29.90
C LYS J 103 -45.69 17.04 -31.26
N PHE J 104 -45.66 18.38 -31.27
CA PHE J 104 -45.43 19.13 -32.51
C PHE J 104 -44.08 18.79 -33.13
N ASN J 105 -43.04 18.70 -32.29
N ASN J 105 -43.04 18.68 -32.30
CA ASN J 105 -41.71 18.34 -32.76
CA ASN J 105 -41.71 18.33 -32.80
C ASN J 105 -41.67 16.92 -33.32
C ASN J 105 -41.67 16.91 -33.33
N ASN J 106 -42.41 15.99 -32.70
CA ASN J 106 -42.49 14.62 -33.20
C ASN J 106 -43.17 14.55 -34.56
N GLU J 107 -44.21 15.37 -34.77
CA GLU J 107 -44.87 15.40 -36.06
C GLU J 107 -43.96 15.96 -37.16
N SER J 108 -43.15 16.98 -36.82
CA SER J 108 -42.18 17.49 -37.78
C SER J 108 -41.09 16.47 -38.11
N LEU J 109 -40.63 15.73 -37.10
CA LEU J 109 -39.62 14.69 -37.35
C LEU J 109 -40.15 13.57 -38.22
N LEU J 110 -41.42 13.18 -38.03
CA LEU J 110 -42.01 12.14 -38.87
C LEU J 110 -42.18 12.61 -40.30
N LYS J 111 -42.49 13.90 -40.50
CA LYS J 111 -42.58 14.43 -41.86
C LYS J 111 -41.20 14.45 -42.54
N LEU J 112 -40.15 14.79 -41.79
CA LEU J 112 -38.80 14.74 -42.36
C LEU J 112 -38.38 13.32 -42.74
N HIS J 113 -38.72 12.35 -41.88
CA HIS J 113 -38.44 10.95 -42.17
C HIS J 113 -39.21 10.47 -43.41
N SER J 114 -40.44 10.95 -43.58
CA SER J 114 -41.21 10.58 -44.76
C SER J 114 -40.63 11.17 -46.03
N THR J 115 -40.14 12.41 -45.99
CA THR J 115 -39.51 13.02 -47.16
C THR J 115 -38.22 12.28 -47.55
N ALA J 116 -37.38 11.97 -46.56
CA ALA J 116 -36.15 11.22 -46.83
C ALA J 116 -36.43 9.82 -47.33
N GLY J 117 -37.51 9.19 -46.87
CA GLY J 117 -37.90 7.90 -47.41
C GLY J 117 -38.44 7.98 -48.83
N ASN J 118 -39.14 9.07 -49.16
CA ASN J 118 -39.66 9.22 -50.52
C ASN J 118 -38.55 9.48 -51.52
N HIS J 119 -37.44 10.08 -51.09
CA HIS J 119 -36.34 10.32 -52.03
C HIS J 119 -35.28 9.23 -52.00
N ASN J 120 -35.57 8.07 -51.39
CA ASN J 120 -34.70 6.89 -51.35
C ASN J 120 -33.33 7.18 -50.74
N ASP J 121 -33.34 7.90 -49.62
CA ASP J 121 -32.11 8.26 -48.92
C ASP J 121 -32.00 7.34 -47.70
N ALA J 122 -31.26 6.25 -47.87
CA ALA J 122 -31.23 5.21 -46.84
C ALA J 122 -30.45 5.65 -45.60
N HIS J 123 -29.33 6.35 -45.81
CA HIS J 123 -28.48 6.78 -44.70
C HIS J 123 -29.20 7.78 -43.80
N LEU J 124 -29.97 8.69 -44.38
CA LEU J 124 -30.62 9.70 -43.56
C LEU J 124 -31.84 9.15 -42.82
N THR J 125 -32.59 8.23 -43.43
CA THR J 125 -33.68 7.59 -42.71
C THR J 125 -33.16 6.76 -41.54
N ASP J 126 -32.03 6.06 -41.75
CA ASP J 126 -31.43 5.33 -40.64
C ASP J 126 -30.91 6.25 -39.55
N PHE J 127 -30.35 7.41 -39.95
CA PHE J 127 -29.85 8.40 -38.99
C PHE J 127 -30.98 8.95 -38.14
N ILE J 128 -32.10 9.32 -38.77
CA ILE J 128 -33.25 9.87 -38.07
C ILE J 128 -33.85 8.85 -37.13
N GLU J 129 -34.03 7.61 -37.61
CA GLU J 129 -34.58 6.53 -36.78
C GLU J 129 -33.69 6.21 -35.59
N GLU J 130 -32.38 6.25 -35.78
CA GLU J 130 -31.49 5.88 -34.68
C GLU J 130 -31.37 7.00 -33.65
N LYS J 131 -31.29 8.26 -34.08
CA LYS J 131 -30.96 9.32 -33.14
C LYS J 131 -32.12 10.20 -32.69
N TYR J 132 -33.28 10.18 -33.35
CA TYR J 132 -34.28 11.17 -33.00
C TYR J 132 -35.63 10.60 -32.62
N LEU J 133 -36.10 9.54 -33.30
CA LEU J 133 -37.48 9.08 -33.12
C LEU J 133 -37.70 8.41 -31.77
N ASP J 134 -36.78 7.54 -31.35
CA ASP J 134 -36.92 6.85 -30.07
C ASP J 134 -36.77 7.81 -28.90
N GLU J 135 -35.83 8.76 -29.01
CA GLU J 135 -35.66 9.79 -27.99
C GLU J 135 -36.90 10.67 -27.88
N GLN J 136 -37.53 10.97 -29.00
CA GLN J 136 -38.74 11.79 -28.98
C GLN J 136 -39.92 11.05 -28.34
N VAL J 137 -40.04 9.75 -28.62
CA VAL J 137 -41.10 8.93 -28.01
C VAL J 137 -40.91 8.86 -26.50
N LYS J 138 -39.65 8.68 -26.05
CA LYS J 138 -39.39 8.63 -24.61
C LYS J 138 -39.62 9.97 -23.93
N SER J 139 -39.32 11.08 -24.62
CA SER J 139 -39.57 12.40 -24.06
C SER J 139 -41.07 12.69 -23.91
N ILE J 140 -41.87 12.29 -24.89
CA ILE J 140 -43.32 12.47 -24.82
C ILE J 140 -43.91 11.65 -23.67
N ASN J 141 -43.41 10.41 -23.50
CA ASN J 141 -43.89 9.57 -22.41
C ASN J 141 -43.52 10.15 -21.04
N GLU J 142 -42.32 10.72 -20.92
CA GLU J 142 -41.89 11.34 -19.66
C GLU J 142 -42.76 12.54 -19.29
N PHE J 143 -43.05 13.39 -20.27
CA PHE J 143 -43.90 14.55 -19.99
C PHE J 143 -45.34 14.15 -19.68
N ALA J 144 -45.85 13.09 -20.30
CA ALA J 144 -47.20 12.64 -19.99
C ALA J 144 -47.29 12.08 -18.57
N ARG J 145 -46.26 11.36 -18.12
CA ARG J 145 -46.24 10.86 -16.75
C ARG J 145 -46.15 12.01 -15.74
N MET J 146 -45.39 13.06 -16.08
CA MET J 146 -45.30 14.20 -15.16
C MET J 146 -46.61 14.97 -15.08
N VAL J 147 -47.35 15.06 -16.21
CA VAL J 147 -48.67 15.69 -16.18
C VAL J 147 -49.64 14.89 -15.32
N ALA J 148 -49.58 13.56 -15.42
CA ALA J 148 -50.45 12.71 -14.59
C ALA J 148 -50.14 12.86 -13.10
N ASN J 149 -48.85 12.93 -12.74
CA ASN J 149 -48.53 13.09 -11.32
C ASN J 149 -48.87 14.47 -10.80
N LEU J 150 -48.75 15.51 -11.64
CA LEU J 150 -49.15 16.85 -11.21
C LEU J 150 -50.65 16.97 -11.06
N LYS J 151 -51.42 16.24 -11.86
CA LYS J 151 -52.85 16.18 -11.63
C LYS J 151 -53.18 15.42 -10.35
N ARG J 152 -52.37 14.42 -10.00
CA ARG J 152 -52.62 13.65 -8.78
C ARG J 152 -52.37 14.48 -7.53
N VAL J 153 -51.23 15.17 -7.44
CA VAL J 153 -50.87 15.81 -6.18
C VAL J 153 -51.65 17.09 -5.90
N GLY J 154 -52.19 17.75 -6.91
CA GLY J 154 -52.95 18.96 -6.71
C GLY J 154 -52.09 20.16 -6.38
N PRO J 155 -52.72 21.32 -6.16
CA PRO J 155 -51.96 22.55 -5.90
C PRO J 155 -51.53 22.67 -4.44
N GLY J 156 -50.47 23.42 -4.23
CA GLY J 156 -50.01 23.78 -2.89
C GLY J 156 -48.93 22.82 -2.39
N VAL J 157 -49.23 22.10 -1.31
CA VAL J 157 -48.23 21.26 -0.68
C VAL J 157 -47.88 20.07 -1.58
N GLY J 158 -48.81 19.64 -2.42
CA GLY J 158 -48.50 18.62 -3.40
C GLY J 158 -47.51 19.09 -4.45
N GLU J 159 -47.64 20.36 -4.86
CA GLU J 159 -46.69 20.95 -5.79
C GLU J 159 -45.30 21.09 -5.17
N TYR J 160 -45.25 21.46 -3.88
CA TYR J 160 -43.97 21.53 -3.18
C TYR J 160 -43.32 20.15 -3.05
N VAL J 161 -44.11 19.13 -2.73
CA VAL J 161 -43.58 17.76 -2.58
C VAL J 161 -43.11 17.23 -3.93
N PHE J 162 -43.86 17.54 -5.00
CA PHE J 162 -43.44 17.16 -6.35
C PHE J 162 -42.12 17.81 -6.73
N ASP J 163 -41.94 19.10 -6.40
CA ASP J 163 -40.67 19.75 -6.72
C ASP J 163 -39.52 19.18 -5.89
N LYS J 164 -39.78 18.76 -4.65
CA LYS J 164 -38.70 18.21 -3.85
C LYS J 164 -38.34 16.78 -4.22
N GLU J 165 -39.30 15.97 -4.68
CA GLU J 165 -39.09 14.54 -4.77
C GLU J 165 -38.87 14.01 -6.18
N HIS J 166 -39.46 14.62 -7.20
CA HIS J 166 -39.56 13.99 -8.51
C HIS J 166 -38.26 13.99 -9.30
N PHE J 167 -37.31 14.87 -8.97
CA PHE J 167 -36.12 15.04 -9.79
C PHE J 167 -34.85 14.60 -9.09
N SER J 168 -34.96 13.92 -7.95
CA SER J 168 -33.79 13.46 -7.22
C SER J 168 -33.61 11.96 -7.39
N SER K 1 -38.78 -44.69 -12.25
CA SER K 1 -37.71 -44.05 -11.52
C SER K 1 -37.03 -45.01 -10.55
N LEU K 2 -35.70 -45.05 -10.58
CA LEU K 2 -34.95 -45.85 -9.63
C LEU K 2 -34.91 -45.25 -8.24
N ALA K 3 -35.21 -43.97 -8.11
CA ALA K 3 -35.09 -43.25 -6.85
C ALA K 3 -36.38 -43.18 -6.05
N ARG K 4 -37.53 -43.54 -6.63
CA ARG K 4 -38.81 -43.32 -6.00
C ARG K 4 -39.02 -44.25 -4.81
N GLN K 5 -39.39 -43.68 -3.66
CA GLN K 5 -39.57 -44.44 -2.42
C GLN K 5 -40.46 -43.62 -1.50
N ASN K 6 -41.56 -44.22 -1.03
CA ASN K 6 -42.54 -43.59 -0.13
C ASN K 6 -43.11 -42.30 -0.72
N TYR K 7 -43.58 -42.38 -1.96
CA TYR K 7 -44.10 -41.22 -2.67
C TYR K 7 -45.34 -41.67 -3.44
N HIS K 8 -46.51 -41.46 -2.86
CA HIS K 8 -47.75 -41.93 -3.45
C HIS K 8 -48.22 -41.00 -4.56
N SER K 9 -49.14 -41.52 -5.39
CA SER K 9 -49.56 -40.80 -6.59
C SER K 9 -50.46 -39.61 -6.27
N GLU K 10 -51.21 -39.68 -5.18
CA GLU K 10 -52.06 -38.55 -4.78
C GLU K 10 -51.24 -37.34 -4.41
N VAL K 11 -50.11 -37.56 -3.74
CA VAL K 11 -49.20 -36.48 -3.38
C VAL K 11 -48.57 -35.87 -4.63
N GLU K 12 -48.24 -36.70 -5.62
CA GLU K 12 -47.70 -36.23 -6.89
C GLU K 12 -48.70 -35.35 -7.64
N ALA K 13 -49.97 -35.76 -7.66
CA ALA K 13 -51.01 -34.98 -8.32
C ALA K 13 -51.24 -33.64 -7.59
N ALA K 14 -51.20 -33.64 -6.26
CA ALA K 14 -51.36 -32.40 -5.51
C ALA K 14 -50.19 -31.44 -5.73
N VAL K 15 -48.97 -31.96 -5.91
CA VAL K 15 -47.82 -31.11 -6.21
C VAL K 15 -47.97 -30.46 -7.58
N ASN K 16 -48.47 -31.21 -8.57
CA ASN K 16 -48.70 -30.63 -9.90
C ASN K 16 -49.77 -29.53 -9.87
N LYS K 17 -50.83 -29.74 -9.07
CA LYS K 17 -51.85 -28.71 -8.88
C LYS K 17 -51.28 -27.43 -8.26
N GLN K 18 -50.42 -27.58 -7.25
CA GLN K 18 -49.80 -26.41 -6.63
C GLN K 18 -48.87 -25.67 -7.57
N ILE K 19 -48.20 -26.39 -8.48
CA ILE K 19 -47.36 -25.76 -9.50
C ILE K 19 -48.18 -24.83 -10.39
N ASN K 20 -49.35 -25.32 -10.83
CA ASN K 20 -50.20 -24.48 -11.68
C ASN K 20 -50.72 -23.24 -10.92
N ILE K 21 -51.00 -23.40 -9.62
CA ILE K 21 -51.47 -22.27 -8.82
C ILE K 21 -50.40 -21.19 -8.69
N GLU K 22 -49.13 -21.58 -8.47
CA GLU K 22 -48.05 -20.59 -8.37
C GLU K 22 -47.81 -19.87 -9.70
N LEU K 23 -47.94 -20.59 -10.82
CA LEU K 23 -47.74 -19.94 -12.11
C LEU K 23 -48.84 -18.93 -12.42
N TYR K 24 -50.09 -19.26 -12.04
CA TYR K 24 -51.19 -18.31 -12.21
C TYR K 24 -50.99 -17.05 -11.37
N ALA K 25 -50.49 -17.20 -10.13
CA ALA K 25 -50.24 -16.05 -9.29
C ALA K 25 -49.15 -15.14 -9.87
N SER K 26 -48.11 -15.76 -10.45
CA SER K 26 -47.06 -14.99 -11.11
C SER K 26 -47.61 -14.16 -12.28
N TYR K 27 -48.53 -14.74 -13.05
CA TYR K 27 -49.05 -14.03 -14.21
C TYR K 27 -50.00 -12.90 -13.80
N VAL K 28 -50.74 -13.08 -12.69
CA VAL K 28 -51.57 -12.00 -12.13
C VAL K 28 -50.70 -10.83 -11.68
N TYR K 29 -49.59 -11.11 -11.00
CA TYR K 29 -48.72 -10.02 -10.56
C TYR K 29 -48.04 -9.31 -11.72
N LEU K 30 -47.76 -10.02 -12.81
CA LEU K 30 -47.24 -9.36 -14.01
C LEU K 30 -48.25 -8.39 -14.61
N SER K 31 -49.53 -8.80 -14.63
CA SER K 31 -50.59 -7.91 -15.10
C SER K 31 -50.72 -6.65 -14.25
N MET K 32 -50.62 -6.80 -12.92
CA MET K 32 -50.70 -5.64 -12.03
C MET K 32 -49.50 -4.70 -12.23
N SER K 33 -48.31 -5.29 -12.39
CA SER K 33 -47.08 -4.52 -12.61
C SER K 33 -47.17 -3.66 -13.86
N PHE K 34 -47.73 -4.20 -14.94
CA PHE K 34 -47.81 -3.36 -16.13
C PHE K 34 -49.07 -2.51 -16.17
N TYR K 35 -50.03 -2.73 -15.26
CA TYR K 35 -51.06 -1.71 -15.09
C TYR K 35 -50.50 -0.45 -14.44
N PHE K 36 -49.68 -0.60 -13.41
CA PHE K 36 -49.15 0.60 -12.75
C PHE K 36 -48.04 1.28 -13.54
N ASP K 37 -47.61 0.71 -14.66
CA ASP K 37 -46.62 1.31 -15.55
C ASP K 37 -47.25 2.21 -16.61
N ARG K 38 -48.57 2.29 -16.68
CA ARG K 38 -49.25 3.08 -17.70
C ARG K 38 -48.99 4.57 -17.51
N ASP K 39 -49.09 5.32 -18.61
CA ASP K 39 -48.75 6.74 -18.56
C ASP K 39 -49.81 7.58 -17.88
N ASP K 40 -51.03 7.08 -17.73
CA ASP K 40 -52.07 7.78 -17.00
C ASP K 40 -52.22 7.30 -15.57
N VAL K 41 -51.39 6.35 -15.13
CA VAL K 41 -51.34 5.95 -13.72
C VAL K 41 -50.03 6.41 -13.08
N ALA K 42 -48.89 5.93 -13.59
CA ALA K 42 -47.55 6.47 -13.36
C ALA K 42 -47.14 6.43 -11.88
N LEU K 43 -47.14 5.22 -11.33
CA LEU K 43 -46.60 4.97 -9.99
C LEU K 43 -45.50 3.93 -10.12
N PRO K 44 -44.25 4.36 -10.34
CA PRO K 44 -43.22 3.41 -10.79
C PRO K 44 -42.71 2.46 -9.72
N ASN K 45 -42.68 2.88 -8.44
CA ASN K 45 -42.16 1.99 -7.40
C ASN K 45 -43.14 0.87 -7.10
N ILE K 46 -44.44 1.12 -7.20
CA ILE K 46 -45.45 0.09 -7.06
C ILE K 46 -45.34 -0.93 -8.20
N ALA K 47 -45.08 -0.44 -9.42
CA ALA K 47 -44.90 -1.33 -10.57
C ALA K 47 -43.67 -2.20 -10.42
N LYS K 48 -42.58 -1.63 -9.93
CA LYS K 48 -41.36 -2.40 -9.67
C LYS K 48 -41.58 -3.46 -8.59
N PHE K 49 -42.35 -3.10 -7.56
CA PHE K 49 -42.69 -4.04 -6.48
C PHE K 49 -43.48 -5.25 -7.02
N PHE K 50 -44.47 -4.99 -7.86
CA PHE K 50 -45.26 -6.09 -8.40
C PHE K 50 -44.48 -6.93 -9.40
N LYS K 51 -43.51 -6.33 -10.11
CA LYS K 51 -42.63 -7.12 -10.96
C LYS K 51 -41.77 -8.08 -10.14
N GLU K 52 -41.25 -7.61 -9.00
CA GLU K 52 -40.49 -8.48 -8.11
C GLU K 52 -41.35 -9.60 -7.53
N GLN K 53 -42.62 -9.31 -7.22
CA GLN K 53 -43.54 -10.34 -6.73
C GLN K 53 -43.81 -11.40 -7.78
N SER K 54 -43.92 -10.99 -9.06
CA SER K 54 -44.11 -11.93 -10.14
C SER K 54 -42.91 -12.87 -10.30
N ASP K 55 -41.70 -12.31 -10.21
CA ASP K 55 -40.48 -13.13 -10.26
C ASP K 55 -40.41 -14.12 -9.10
N GLU K 56 -40.84 -13.69 -7.90
CA GLU K 56 -40.82 -14.57 -6.74
C GLU K 56 -41.79 -15.73 -6.88
N GLU K 57 -42.99 -15.49 -7.40
CA GLU K 57 -43.94 -16.57 -7.60
C GLU K 57 -43.46 -17.56 -8.67
N ARG K 58 -42.76 -17.07 -9.69
CA ARG K 58 -42.17 -17.98 -10.67
C ARG K 58 -41.08 -18.85 -10.03
N GLU K 59 -40.31 -18.28 -9.10
CA GLU K 59 -39.31 -19.08 -8.38
C GLU K 59 -39.96 -20.15 -7.51
N HIS K 60 -41.10 -19.84 -6.89
CA HIS K 60 -41.83 -20.83 -6.10
C HIS K 60 -42.28 -22.01 -6.96
N ALA K 61 -42.80 -21.71 -8.16
CA ALA K 61 -43.21 -22.78 -9.07
C ALA K 61 -42.04 -23.65 -9.52
N THR K 62 -40.89 -23.03 -9.81
CA THR K 62 -39.76 -23.84 -10.26
C THR K 62 -39.16 -24.68 -9.13
N GLU K 63 -39.22 -24.21 -7.88
CA GLU K 63 -38.76 -25.04 -6.78
C GLU K 63 -39.67 -26.24 -6.53
N LEU K 64 -40.98 -26.07 -6.74
CA LEU K 64 -41.87 -27.22 -6.66
C LEU K 64 -41.61 -28.23 -7.77
N MET K 65 -41.31 -27.75 -8.99
CA MET K 65 -40.92 -28.65 -10.07
C MET K 65 -39.64 -29.42 -9.74
N ARG K 66 -38.68 -28.74 -9.10
CA ARG K 66 -37.43 -29.37 -8.72
C ARG K 66 -37.63 -30.46 -7.67
N VAL K 67 -38.49 -30.23 -6.67
CA VAL K 67 -38.68 -31.27 -5.66
C VAL K 67 -39.51 -32.43 -6.22
N GLN K 68 -40.38 -32.15 -7.20
CA GLN K 68 -41.08 -33.23 -7.90
C GLN K 68 -40.11 -34.13 -8.65
N ASN K 69 -39.12 -33.54 -9.32
CA ASN K 69 -38.09 -34.36 -9.95
C ASN K 69 -37.20 -35.07 -8.94
N LEU K 70 -36.96 -34.43 -7.79
CA LEU K 70 -36.09 -35.03 -6.77
C LEU K 70 -36.71 -36.27 -6.15
N ARG K 71 -38.03 -36.28 -5.94
CA ARG K 71 -38.66 -37.44 -5.34
C ARG K 71 -38.99 -38.54 -6.34
N GLY K 72 -38.71 -38.34 -7.63
CA GLY K 72 -38.97 -39.35 -8.63
C GLY K 72 -40.34 -39.29 -9.26
N GLY K 73 -41.10 -38.23 -9.04
CA GLY K 73 -42.35 -38.04 -9.75
C GLY K 73 -42.14 -37.38 -11.10
N ARG K 74 -43.25 -37.14 -11.80
CA ARG K 74 -43.22 -36.58 -13.14
C ARG K 74 -44.04 -35.29 -13.18
N VAL K 75 -43.45 -34.24 -13.73
CA VAL K 75 -44.10 -32.94 -13.84
C VAL K 75 -45.09 -32.99 -15.00
N VAL K 76 -46.34 -32.59 -14.76
CA VAL K 76 -47.37 -32.50 -15.77
C VAL K 76 -47.93 -31.08 -15.75
N LEU K 77 -47.72 -30.34 -16.83
CA LEU K 77 -48.11 -28.93 -16.90
C LEU K 77 -49.49 -28.77 -17.55
N GLN K 78 -50.19 -27.71 -17.14
CA GLN K 78 -51.51 -27.38 -17.66
C GLN K 78 -51.50 -25.95 -18.19
N ASP K 79 -52.63 -25.53 -18.75
CA ASP K 79 -52.80 -24.16 -19.21
C ASP K 79 -52.76 -23.17 -18.05
N ILE K 80 -52.22 -22.00 -18.31
CA ILE K 80 -52.22 -20.90 -17.36
C ILE K 80 -53.33 -19.94 -17.77
N GLN K 81 -54.33 -19.77 -16.91
CA GLN K 81 -55.44 -18.90 -17.21
C GLN K 81 -55.05 -17.43 -17.11
N LYS K 82 -55.70 -16.60 -17.92
CA LYS K 82 -55.45 -15.17 -17.90
C LYS K 82 -56.04 -14.57 -16.62
N PRO K 83 -55.52 -13.44 -16.15
CA PRO K 83 -56.05 -12.81 -14.94
C PRO K 83 -57.47 -12.31 -15.12
N GLU K 84 -58.11 -12.04 -13.97
CA GLU K 84 -59.53 -11.71 -13.97
C GLU K 84 -59.80 -10.31 -14.50
N ASN K 85 -58.88 -9.38 -14.34
CA ASN K 85 -59.06 -8.01 -14.76
C ASN K 85 -57.90 -7.55 -15.62
N ASP K 86 -58.18 -6.62 -16.53
CA ASP K 86 -57.13 -5.95 -17.26
C ASP K 86 -56.65 -4.69 -16.56
N GLU K 87 -57.53 -4.01 -15.82
CA GLU K 87 -57.19 -2.82 -15.06
C GLU K 87 -57.66 -3.00 -13.63
N TRP K 88 -56.88 -2.45 -12.69
CA TRP K 88 -57.02 -2.79 -11.29
C TRP K 88 -57.44 -1.62 -10.40
N GLY K 89 -57.92 -0.52 -10.99
CA GLY K 89 -58.49 0.55 -10.19
C GLY K 89 -57.44 1.38 -9.47
N THR K 90 -57.78 1.82 -8.27
CA THR K 90 -56.86 2.59 -7.43
C THR K 90 -55.82 1.66 -6.83
N ALA K 91 -54.86 2.25 -6.11
CA ALA K 91 -53.82 1.44 -5.46
C ALA K 91 -54.38 0.61 -4.33
N LEU K 92 -55.38 1.13 -3.61
CA LEU K 92 -55.98 0.41 -2.50
C LEU K 92 -56.72 -0.83 -2.97
N LYS K 93 -57.45 -0.72 -4.08
CA LYS K 93 -58.18 -1.87 -4.64
C LYS K 93 -57.21 -2.94 -5.14
N ALA K 94 -56.11 -2.53 -5.74
CA ALA K 94 -55.12 -3.48 -6.23
C ALA K 94 -54.44 -4.22 -5.09
N PHE K 95 -54.10 -3.51 -4.01
CA PHE K 95 -53.46 -4.19 -2.89
C PHE K 95 -54.44 -5.07 -2.12
N GLU K 96 -55.73 -4.72 -2.11
CA GLU K 96 -56.73 -5.60 -1.51
C GLU K 96 -56.92 -6.88 -2.32
N ALA K 97 -56.94 -6.76 -3.65
CA ALA K 97 -57.01 -7.95 -4.50
C ALA K 97 -55.77 -8.83 -4.35
N ALA K 98 -54.60 -8.21 -4.19
CA ALA K 98 -53.37 -8.98 -3.95
C ALA K 98 -53.41 -9.71 -2.61
N LEU K 99 -53.99 -9.07 -1.58
CA LEU K 99 -54.12 -9.74 -0.29
C LEU K 99 -55.05 -10.93 -0.37
N ALA K 100 -56.16 -10.80 -1.11
CA ALA K 100 -57.07 -11.93 -1.29
C ALA K 100 -56.41 -13.08 -2.06
N LEU K 101 -55.57 -12.74 -3.04
CA LEU K 101 -54.84 -13.78 -3.78
C LEU K 101 -53.84 -14.52 -2.89
N GLU K 102 -53.13 -13.79 -2.03
CA GLU K 102 -52.18 -14.42 -1.11
C GLU K 102 -52.89 -15.35 -0.12
N LYS K 103 -54.09 -14.97 0.33
CA LYS K 103 -54.81 -15.83 1.26
C LYS K 103 -55.34 -17.10 0.57
N PHE K 104 -55.78 -16.97 -0.69
CA PHE K 104 -56.17 -18.15 -1.47
C PHE K 104 -55.00 -19.12 -1.64
N ASN K 105 -53.82 -18.58 -1.93
N ASN K 105 -53.81 -18.59 -1.91
CA ASN K 105 -52.62 -19.39 -2.08
CA ASN K 105 -52.63 -19.43 -2.07
C ASN K 105 -52.24 -20.09 -0.77
C ASN K 105 -52.23 -20.10 -0.76
N ASN K 106 -52.42 -19.40 0.36
CA ASN K 106 -52.14 -20.00 1.66
C ASN K 106 -53.09 -21.15 1.97
N GLU K 107 -54.37 -21.00 1.59
CA GLU K 107 -55.32 -22.08 1.80
C GLU K 107 -54.98 -23.31 0.94
N SER K 108 -54.53 -23.08 -0.30
CA SER K 108 -54.09 -24.20 -1.13
C SER K 108 -52.84 -24.89 -0.57
N LEU K 109 -51.90 -24.10 -0.04
CA LEU K 109 -50.70 -24.70 0.55
C LEU K 109 -51.02 -25.52 1.79
N LEU K 110 -51.97 -25.06 2.61
CA LEU K 110 -52.36 -25.82 3.80
C LEU K 110 -53.06 -27.11 3.41
N LYS K 111 -53.85 -27.10 2.33
CA LYS K 111 -54.47 -28.34 1.85
C LYS K 111 -53.43 -29.33 1.34
N LEU K 112 -52.39 -28.84 0.64
CA LEU K 112 -51.32 -29.72 0.20
C LEU K 112 -50.55 -30.33 1.37
N HIS K 113 -50.29 -29.52 2.40
CA HIS K 113 -49.63 -30.01 3.61
C HIS K 113 -50.48 -31.06 4.32
N SER K 114 -51.80 -30.87 4.32
CA SER K 114 -52.68 -31.85 4.94
C SER K 114 -52.70 -33.16 4.18
N THR K 115 -52.68 -33.11 2.85
CA THR K 115 -52.63 -34.34 2.05
C THR K 115 -51.33 -35.11 2.27
N ALA K 116 -50.19 -34.40 2.26
CA ALA K 116 -48.91 -35.04 2.50
C ALA K 116 -48.81 -35.59 3.92
N GLY K 117 -49.43 -34.94 4.89
CA GLY K 117 -49.48 -35.50 6.23
C GLY K 117 -50.37 -36.72 6.35
N ASN K 118 -51.47 -36.75 5.59
CA ASN K 118 -52.35 -37.92 5.63
C ASN K 118 -51.71 -39.13 4.98
N HIS K 119 -50.81 -38.94 4.02
CA HIS K 119 -50.16 -40.09 3.40
C HIS K 119 -48.81 -40.43 4.04
N ASN K 120 -48.52 -39.89 5.22
CA ASN K 120 -47.31 -40.18 6.01
C ASN K 120 -46.02 -39.91 5.24
N ASP K 121 -45.97 -38.77 4.58
CA ASP K 121 -44.81 -38.35 3.80
C ASP K 121 -44.06 -37.30 4.61
N ALA K 122 -43.06 -37.74 5.38
CA ALA K 122 -42.39 -36.86 6.33
C ALA K 122 -41.51 -35.83 5.64
N HIS K 123 -40.82 -36.24 4.58
CA HIS K 123 -39.91 -35.34 3.88
C HIS K 123 -40.66 -34.19 3.21
N LEU K 124 -41.82 -34.47 2.63
CA LEU K 124 -42.54 -33.41 1.93
C LEU K 124 -43.24 -32.45 2.89
N THR K 125 -43.77 -32.95 4.01
CA THR K 125 -44.33 -32.04 5.01
C THR K 125 -43.25 -31.14 5.59
N ASP K 126 -42.05 -31.68 5.83
CA ASP K 126 -40.96 -30.83 6.31
C ASP K 126 -40.52 -29.82 5.25
N PHE K 127 -40.52 -30.24 3.97
CA PHE K 127 -40.16 -29.33 2.88
C PHE K 127 -41.14 -28.16 2.78
N ILE K 128 -42.44 -28.47 2.83
CA ILE K 128 -43.47 -27.44 2.74
C ILE K 128 -43.39 -26.50 3.93
N GLU K 129 -43.21 -27.05 5.13
CA GLU K 129 -43.09 -26.22 6.33
C GLU K 129 -41.87 -25.31 6.29
N GLU K 130 -40.74 -25.81 5.80
CA GLU K 130 -39.53 -24.99 5.83
C GLU K 130 -39.48 -23.96 4.70
N LYS K 131 -40.11 -24.25 3.56
CA LYS K 131 -39.95 -23.35 2.43
C LYS K 131 -41.17 -22.54 2.04
N TYR K 132 -42.38 -22.89 2.49
CA TYR K 132 -43.51 -22.19 1.91
C TYR K 132 -44.43 -21.52 2.94
N LEU K 133 -44.67 -22.17 4.08
CA LEU K 133 -45.70 -21.70 5.01
C LEU K 133 -45.30 -20.41 5.72
N ASP K 134 -44.05 -20.33 6.20
CA ASP K 134 -43.60 -19.13 6.90
C ASP K 134 -43.48 -17.94 5.95
N GLU K 135 -42.99 -18.18 4.74
CA GLU K 135 -42.92 -17.14 3.72
C GLU K 135 -44.32 -16.64 3.34
N GLN K 136 -45.30 -17.54 3.29
CA GLN K 136 -46.66 -17.13 2.96
C GLN K 136 -47.29 -16.31 4.08
N VAL K 137 -47.03 -16.67 5.34
CA VAL K 137 -47.53 -15.90 6.48
C VAL K 137 -46.92 -14.50 6.48
N LYS K 138 -45.62 -14.40 6.19
CA LYS K 138 -44.97 -13.08 6.15
C LYS K 138 -45.47 -12.24 4.99
N SER K 139 -45.77 -12.87 3.85
CA SER K 139 -46.30 -12.13 2.71
C SER K 139 -47.71 -11.59 2.98
N ILE K 140 -48.55 -12.38 3.64
CA ILE K 140 -49.90 -11.93 3.99
C ILE K 140 -49.83 -10.76 4.98
N ASN K 141 -48.91 -10.83 5.95
CA ASN K 141 -48.75 -9.75 6.91
C ASN K 141 -48.26 -8.46 6.24
N GLU K 142 -47.35 -8.59 5.27
CA GLU K 142 -46.84 -7.42 4.55
C GLU K 142 -47.94 -6.73 3.74
N PHE K 143 -48.76 -7.51 3.04
CA PHE K 143 -49.86 -6.92 2.27
C PHE K 143 -50.93 -6.30 3.17
N ALA K 144 -51.17 -6.88 4.35
CA ALA K 144 -52.15 -6.29 5.26
C ALA K 144 -51.66 -4.95 5.82
N ARG K 145 -50.37 -4.85 6.11
CA ARG K 145 -49.80 -3.58 6.57
C ARG K 145 -49.86 -2.52 5.48
N MET K 146 -49.62 -2.92 4.22
CA MET K 146 -49.70 -1.96 3.13
C MET K 146 -51.13 -1.49 2.88
N VAL K 147 -52.12 -2.37 3.06
CA VAL K 147 -53.52 -1.96 2.95
C VAL K 147 -53.88 -0.97 4.04
N ALA K 148 -53.39 -1.20 5.27
CA ALA K 148 -53.65 -0.28 6.37
C ALA K 148 -53.03 1.10 6.13
N ASN K 149 -51.80 1.14 5.60
CA ASN K 149 -51.18 2.44 5.33
C ASN K 149 -51.84 3.16 4.17
N LEU K 150 -52.31 2.43 3.16
CA LEU K 150 -53.02 3.07 2.06
C LEU K 150 -54.38 3.60 2.48
N LYS K 151 -55.03 2.95 3.44
CA LYS K 151 -56.23 3.52 4.02
C LYS K 151 -55.92 4.75 4.85
N ARG K 152 -54.75 4.79 5.49
CA ARG K 152 -54.39 5.95 6.30
C ARG K 152 -54.11 7.18 5.44
N VAL K 153 -53.30 7.05 4.39
CA VAL K 153 -52.86 8.24 3.66
C VAL K 153 -53.93 8.83 2.75
N GLY K 154 -54.92 8.05 2.33
CA GLY K 154 -55.97 8.56 1.47
C GLY K 154 -55.53 8.77 0.04
N PRO K 155 -56.44 9.27 -0.81
CA PRO K 155 -56.11 9.45 -2.23
C PRO K 155 -55.38 10.76 -2.49
N GLY K 156 -54.64 10.77 -3.58
CA GLY K 156 -53.99 11.99 -4.07
C GLY K 156 -52.55 12.11 -3.57
N VAL K 157 -52.28 13.15 -2.79
CA VAL K 157 -50.92 13.43 -2.36
C VAL K 157 -50.43 12.36 -1.38
N GLY K 158 -51.35 11.73 -0.64
CA GLY K 158 -50.97 10.61 0.19
C GLY K 158 -50.53 9.40 -0.61
N GLU K 159 -51.19 9.17 -1.74
CA GLU K 159 -50.79 8.09 -2.64
C GLU K 159 -49.43 8.35 -3.27
N TYR K 160 -49.17 9.62 -3.63
CA TYR K 160 -47.85 9.98 -4.16
C TYR K 160 -46.76 9.81 -3.12
N VAL K 161 -47.02 10.23 -1.87
CA VAL K 161 -46.03 10.10 -0.79
C VAL K 161 -45.78 8.63 -0.46
N PHE K 162 -46.85 7.81 -0.49
CA PHE K 162 -46.71 6.36 -0.29
C PHE K 162 -45.84 5.73 -1.38
N ASP K 163 -46.04 6.13 -2.64
CA ASP K 163 -45.22 5.58 -3.71
C ASP K 163 -43.76 6.04 -3.59
N LYS K 164 -43.52 7.25 -3.10
CA LYS K 164 -42.14 7.70 -2.98
C LYS K 164 -41.42 7.11 -1.78
N GLU K 165 -42.12 6.83 -0.68
CA GLU K 165 -41.46 6.55 0.58
C GLU K 165 -41.45 5.08 0.99
N HIS K 166 -42.48 4.31 0.64
CA HIS K 166 -42.68 3.01 1.26
C HIS K 166 -41.73 1.92 0.78
N PHE K 167 -41.10 2.09 -0.38
CA PHE K 167 -40.31 1.03 -0.97
C PHE K 167 -38.82 1.34 -1.02
N SER K 168 -38.38 2.40 -0.35
CA SER K 168 -36.97 2.76 -0.33
C SER K 168 -36.34 2.41 1.00
N SER L 1 -22.56 -6.60 55.66
CA SER L 1 -21.62 -6.09 54.68
C SER L 1 -20.42 -5.43 55.34
N LEU L 2 -19.22 -5.79 54.89
CA LEU L 2 -18.01 -5.14 55.37
C LEU L 2 -17.81 -3.75 54.79
N ALA L 3 -18.50 -3.43 53.71
CA ALA L 3 -18.30 -2.17 53.00
C ALA L 3 -19.27 -1.07 53.41
N ARG L 4 -20.33 -1.38 54.15
CA ARG L 4 -21.39 -0.43 54.42
C ARG L 4 -20.93 0.68 55.37
N GLN L 5 -21.16 1.93 54.97
CA GLN L 5 -20.73 3.09 55.74
C GLN L 5 -21.56 4.28 55.30
N ASN L 6 -22.22 4.95 56.26
CA ASN L 6 -23.08 6.13 56.04
C ASN L 6 -24.20 5.83 55.03
N TYR L 7 -24.93 4.75 55.27
CA TYR L 7 -25.99 4.30 54.38
C TYR L 7 -27.15 3.82 55.25
N HIS L 8 -28.13 4.70 55.46
CA HIS L 8 -29.23 4.40 56.36
C HIS L 8 -30.28 3.53 55.67
N SER L 9 -31.13 2.92 56.49
CA SER L 9 -32.09 1.94 55.99
C SER L 9 -33.23 2.57 55.19
N GLU L 10 -33.59 3.81 55.52
CA GLU L 10 -34.64 4.51 54.77
C GLU L 10 -34.22 4.78 53.34
N VAL L 11 -32.94 5.12 53.14
CA VAL L 11 -32.41 5.35 51.81
C VAL L 11 -32.39 4.05 51.00
N GLU L 12 -32.07 2.93 51.67
CA GLU L 12 -32.09 1.61 51.03
C GLU L 12 -33.49 1.23 50.57
N ALA L 13 -34.49 1.48 51.42
CA ALA L 13 -35.88 1.19 51.05
C ALA L 13 -36.35 2.07 49.90
N ALA L 14 -35.96 3.34 49.89
CA ALA L 14 -36.34 4.22 48.78
C ALA L 14 -35.68 3.83 47.47
N VAL L 15 -34.45 3.30 47.51
CA VAL L 15 -33.79 2.81 46.30
C VAL L 15 -34.52 1.60 45.74
N ASN L 16 -34.98 0.69 46.62
CA ASN L 16 -35.74 -0.48 46.16
C ASN L 16 -37.07 -0.07 45.51
N LYS L 17 -37.74 0.94 46.10
CA LYS L 17 -38.96 1.47 45.52
C LYS L 17 -38.73 2.05 44.11
N GLN L 18 -37.64 2.80 43.95
CA GLN L 18 -37.33 3.37 42.63
C GLN L 18 -37.00 2.29 41.60
N ILE L 19 -36.38 1.18 42.03
CA ILE L 19 -36.12 0.05 41.14
C ILE L 19 -37.43 -0.51 40.56
N ASN L 20 -38.42 -0.69 41.44
CA ASN L 20 -39.70 -1.21 40.96
C ASN L 20 -40.40 -0.23 40.00
N ILE L 21 -40.25 1.08 40.26
CA ILE L 21 -40.85 2.09 39.37
C ILE L 21 -40.23 2.04 37.97
N GLU L 22 -38.90 1.90 37.88
CA GLU L 22 -38.24 1.83 36.57
C GLU L 22 -38.63 0.56 35.81
N LEU L 23 -38.79 -0.56 36.52
CA LEU L 23 -39.19 -1.79 35.84
C LEU L 23 -40.61 -1.72 35.30
N TYR L 24 -41.52 -1.07 36.06
CA TYR L 24 -42.88 -0.86 35.57
C TYR L 24 -42.92 0.02 34.32
N ALA L 25 -42.08 1.07 34.29
CA ALA L 25 -42.04 1.93 33.12
C ALA L 25 -41.53 1.20 31.88
N SER L 26 -40.53 0.32 32.07
CA SER L 26 -40.04 -0.52 30.97
C SER L 26 -41.13 -1.42 30.40
N TYR L 27 -41.96 -1.99 31.28
CA TYR L 27 -42.98 -2.90 30.80
C TYR L 27 -44.12 -2.16 30.09
N VAL L 28 -44.43 -0.93 30.53
CA VAL L 28 -45.40 -0.08 29.83
C VAL L 28 -44.91 0.26 28.42
N TYR L 29 -43.63 0.61 28.28
CA TYR L 29 -43.11 0.93 26.95
C TYR L 29 -43.05 -0.29 26.03
N LEU L 30 -42.85 -1.48 26.59
CA LEU L 30 -42.93 -2.70 25.79
C LEU L 30 -44.34 -2.93 25.25
N SER L 31 -45.35 -2.67 26.10
CA SER L 31 -46.74 -2.78 25.65
C SER L 31 -47.06 -1.79 24.52
N MET L 32 -46.57 -0.54 24.63
CA MET L 32 -46.80 0.44 23.58
C MET L 32 -46.11 0.04 22.27
N SER L 33 -44.88 -0.47 22.39
CA SER L 33 -44.10 -0.91 21.22
C SER L 33 -44.83 -2.01 20.45
N PHE L 34 -45.41 -2.96 21.16
CA PHE L 34 -46.10 -4.00 20.40
C PHE L 34 -47.54 -3.64 20.06
N TYR L 35 -48.08 -2.55 20.61
CA TYR L 35 -49.32 -2.03 20.04
C TYR L 35 -49.08 -1.41 18.67
N PHE L 36 -48.01 -0.64 18.51
CA PHE L 36 -47.78 -0.03 17.20
C PHE L 36 -47.23 -1.00 16.16
N ASP L 37 -46.94 -2.24 16.53
CA ASP L 37 -46.51 -3.28 15.62
C ASP L 37 -47.66 -4.06 15.00
N ARG L 38 -48.90 -3.78 15.41
CA ARG L 38 -50.06 -4.52 14.91
C ARG L 38 -50.29 -4.25 13.43
N ASP L 39 -50.94 -5.22 12.76
CA ASP L 39 -51.11 -5.12 11.32
C ASP L 39 -52.18 -4.11 10.92
N ASP L 40 -53.05 -3.71 11.83
CA ASP L 40 -54.04 -2.68 11.55
C ASP L 40 -53.63 -1.32 12.06
N VAL L 41 -52.43 -1.18 12.64
CA VAL L 41 -51.87 0.11 13.00
C VAL L 41 -50.68 0.46 12.10
N ALA L 42 -49.63 -0.37 12.13
CA ALA L 42 -48.55 -0.42 11.14
C ALA L 42 -47.77 0.89 11.04
N LEU L 43 -47.20 1.31 12.17
CA LEU L 43 -46.27 2.44 12.21
C LEU L 43 -44.95 1.94 12.78
N PRO L 44 -44.04 1.45 11.92
CA PRO L 44 -42.90 0.67 12.43
C PRO L 44 -41.83 1.48 13.14
N ASN L 45 -41.61 2.75 12.74
CA ASN L 45 -40.55 3.53 13.38
C ASN L 45 -40.96 3.96 14.79
N ILE L 46 -42.25 4.20 15.02
CA ILE L 46 -42.76 4.49 16.35
C ILE L 46 -42.60 3.26 17.26
N ALA L 47 -42.87 2.07 16.71
CA ALA L 47 -42.71 0.83 17.46
C ALA L 47 -41.26 0.58 17.83
N LYS L 48 -40.34 0.85 16.90
CA LYS L 48 -38.92 0.71 17.18
C LYS L 48 -38.46 1.71 18.25
N PHE L 49 -38.99 2.93 18.21
CA PHE L 49 -38.68 3.95 19.21
C PHE L 49 -39.11 3.52 20.61
N PHE L 50 -40.32 2.97 20.73
CA PHE L 50 -40.79 2.55 22.04
C PHE L 50 -40.06 1.30 22.53
N LYS L 51 -39.60 0.44 21.63
CA LYS L 51 -38.75 -0.68 22.04
C LYS L 51 -37.42 -0.20 22.63
N GLU L 52 -36.82 0.81 22.00
CA GLU L 52 -35.60 1.40 22.54
C GLU L 52 -35.82 2.06 23.90
N GLN L 53 -36.98 2.71 24.08
CA GLN L 53 -37.32 3.31 25.38
C GLN L 53 -37.47 2.25 26.46
N SER L 54 -38.06 1.09 26.12
CA SER L 54 -38.19 0.00 27.06
C SER L 54 -36.83 -0.54 27.50
N ASP L 55 -35.91 -0.70 26.54
CA ASP L 55 -34.55 -1.14 26.87
C ASP L 55 -33.83 -0.13 27.77
N GLU L 56 -34.04 1.17 27.52
CA GLU L 56 -33.40 2.20 28.34
C GLU L 56 -33.91 2.19 29.78
N GLU L 57 -35.22 2.01 29.98
CA GLU L 57 -35.74 1.95 31.34
C GLU L 57 -35.25 0.70 32.08
N ARG L 58 -35.07 -0.41 31.37
CA ARG L 58 -34.48 -1.59 32.00
C ARG L 58 -33.03 -1.33 32.42
N GLU L 59 -32.28 -0.57 31.61
CA GLU L 59 -30.92 -0.20 31.99
C GLU L 59 -30.89 0.69 33.23
N HIS L 60 -31.86 1.61 33.35
CA HIS L 60 -31.96 2.45 34.55
C HIS L 60 -32.18 1.62 35.80
N ALA L 61 -33.08 0.61 35.71
CA ALA L 61 -33.32 -0.27 36.85
C ALA L 61 -32.08 -1.07 37.23
N THR L 62 -31.34 -1.58 36.25
CA THR L 62 -30.16 -2.38 36.59
C THR L 62 -29.03 -1.51 37.16
N GLU L 63 -28.92 -0.25 36.75
CA GLU L 63 -27.92 0.61 37.35
C GLU L 63 -28.25 0.96 38.80
N LEU L 64 -29.55 1.10 39.12
CA LEU L 64 -29.92 1.29 40.51
C LEU L 64 -29.63 0.05 41.35
N MET L 65 -29.86 -1.15 40.80
CA MET L 65 -29.48 -2.38 41.50
C MET L 65 -27.97 -2.45 41.75
N ARG L 66 -27.18 -2.01 40.77
CA ARG L 66 -25.73 -2.02 40.91
C ARG L 66 -25.25 -1.06 42.00
N VAL L 67 -25.84 0.13 42.09
CA VAL L 67 -25.38 1.05 43.14
C VAL L 67 -25.87 0.61 44.51
N GLN L 68 -27.01 -0.10 44.57
CA GLN L 68 -27.46 -0.70 45.82
C GLN L 68 -26.47 -1.75 46.31
N ASN L 69 -25.96 -2.58 45.40
CA ASN L 69 -24.93 -3.54 45.79
C ASN L 69 -23.60 -2.85 46.13
N LEU L 70 -23.30 -1.74 45.45
CA LEU L 70 -22.04 -1.04 45.70
C LEU L 70 -22.00 -0.40 47.09
N ARG L 71 -23.13 0.13 47.57
CA ARG L 71 -23.13 0.74 48.88
C ARG L 71 -23.32 -0.25 50.02
N GLY L 72 -23.47 -1.53 49.73
CA GLY L 72 -23.62 -2.53 50.77
C GLY L 72 -25.04 -2.80 51.21
N GLY L 73 -26.04 -2.29 50.49
CA GLY L 73 -27.41 -2.64 50.76
C GLY L 73 -27.82 -3.93 50.07
N ARG L 74 -29.08 -4.31 50.25
CA ARG L 74 -29.61 -5.55 49.71
C ARG L 74 -30.80 -5.26 48.81
N VAL L 75 -30.79 -5.83 47.61
CA VAL L 75 -31.86 -5.65 46.64
C VAL L 75 -33.04 -6.53 47.03
N VAL L 76 -34.23 -5.94 47.12
CA VAL L 76 -35.47 -6.66 47.40
C VAL L 76 -36.46 -6.35 46.28
N LEU L 77 -36.82 -7.38 45.51
CA LEU L 77 -37.68 -7.21 44.35
C LEU L 77 -39.14 -7.47 44.70
N GLN L 78 -40.03 -6.80 43.96
CA GLN L 78 -41.47 -6.93 44.13
C GLN L 78 -42.10 -7.31 42.78
N ASP L 79 -43.41 -7.53 42.80
CA ASP L 79 -44.17 -7.79 41.59
C ASP L 79 -44.16 -6.58 40.66
N ILE L 80 -44.15 -6.85 39.36
CA ILE L 80 -44.29 -5.83 38.34
C ILE L 80 -45.72 -5.85 37.84
N GLN L 81 -46.45 -4.76 38.05
CA GLN L 81 -47.85 -4.68 37.65
C GLN L 81 -47.97 -4.55 36.13
N LYS L 82 -49.06 -5.08 35.59
CA LYS L 82 -49.32 -4.98 34.17
C LYS L 82 -49.73 -3.54 33.82
N PRO L 83 -49.52 -3.11 32.58
CA PRO L 83 -49.89 -1.75 32.19
C PRO L 83 -51.39 -1.51 32.23
N GLU L 84 -51.76 -0.22 32.24
CA GLU L 84 -53.14 0.17 32.44
C GLU L 84 -54.02 -0.14 31.24
N ASN L 85 -53.46 -0.13 30.03
CA ASN L 85 -54.23 -0.35 28.82
C ASN L 85 -53.56 -1.42 27.97
N ASP L 86 -54.38 -2.13 27.20
CA ASP L 86 -53.88 -3.04 26.18
C ASP L 86 -53.69 -2.35 24.84
N GLU L 87 -54.54 -1.37 24.53
CA GLU L 87 -54.43 -0.60 23.30
C GLU L 87 -54.41 0.88 23.63
N TRP L 88 -53.65 1.64 22.84
CA TRP L 88 -53.27 3.00 23.21
C TRP L 88 -53.83 4.08 22.27
N GLY L 89 -54.79 3.74 21.42
CA GLY L 89 -55.47 4.76 20.63
C GLY L 89 -54.62 5.27 19.49
N THR L 90 -54.76 6.56 19.20
CA THR L 90 -53.98 7.21 18.16
C THR L 90 -52.56 7.44 18.64
N ALA L 91 -51.70 7.96 17.75
CA ALA L 91 -50.32 8.24 18.12
C ALA L 91 -50.23 9.40 19.11
N LEU L 92 -51.12 10.39 18.98
CA LEU L 92 -51.11 11.54 19.87
C LEU L 92 -51.47 11.14 21.30
N LYS L 93 -52.46 10.26 21.46
CA LYS L 93 -52.87 9.79 22.79
C LYS L 93 -51.76 8.96 23.44
N ALA L 94 -51.07 8.15 22.65
CA ALA L 94 -49.98 7.34 23.18
C ALA L 94 -48.81 8.19 23.62
N PHE L 95 -48.46 9.23 22.85
CA PHE L 95 -47.34 10.08 23.25
C PHE L 95 -47.72 10.97 24.43
N GLU L 96 -49.00 11.34 24.57
CA GLU L 96 -49.43 12.08 25.75
C GLU L 96 -49.37 11.22 27.01
N ALA L 97 -49.78 9.95 26.90
CA ALA L 97 -49.65 9.04 28.04
C ALA L 97 -48.20 8.78 28.41
N ALA L 98 -47.32 8.71 27.41
CA ALA L 98 -45.89 8.55 27.68
C ALA L 98 -45.31 9.78 28.37
N LEU L 99 -45.77 10.98 27.99
CA LEU L 99 -45.31 12.20 28.67
C LEU L 99 -45.75 12.23 30.12
N ALA L 100 -47.00 11.81 30.39
CA ALA L 100 -47.47 11.75 31.77
C ALA L 100 -46.68 10.73 32.60
N LEU L 101 -46.30 9.61 31.98
CA LEU L 101 -45.49 8.61 32.69
C LEU L 101 -44.09 9.15 33.02
N GLU L 102 -43.48 9.88 32.08
CA GLU L 102 -42.16 10.46 32.33
C GLU L 102 -42.21 11.50 33.45
N LYS L 103 -43.30 12.27 33.53
CA LYS L 103 -43.40 13.26 34.60
C LYS L 103 -43.62 12.60 35.97
N PHE L 104 -44.39 11.51 36.01
CA PHE L 104 -44.54 10.74 37.25
C PHE L 104 -43.20 10.18 37.73
N ASN L 105 -42.40 9.67 36.79
N ASN L 105 -42.39 9.68 36.80
CA ASN L 105 -41.08 9.14 37.12
CA ASN L 105 -41.08 9.15 37.16
C ASN L 105 -40.15 10.24 37.63
C ASN L 105 -40.14 10.25 37.64
N ASN L 106 -40.25 11.44 37.06
CA ASN L 106 -39.45 12.57 37.52
C ASN L 106 -39.81 12.99 38.94
N GLU L 107 -41.12 12.95 39.27
CA GLU L 107 -41.54 13.28 40.62
C GLU L 107 -41.03 12.25 41.63
N SER L 108 -41.04 10.97 41.25
CA SER L 108 -40.48 9.94 42.14
C SER L 108 -38.97 10.11 42.33
N LEU L 109 -38.25 10.46 41.26
CA LEU L 109 -36.80 10.67 41.38
C LEU L 109 -36.48 11.86 42.26
N LEU L 110 -37.28 12.94 42.18
CA LEU L 110 -37.05 14.10 43.02
C LEU L 110 -37.33 13.78 44.49
N LYS L 111 -38.32 12.93 44.76
CA LYS L 111 -38.58 12.51 46.14
C LYS L 111 -37.43 11.65 46.68
N LEU L 112 -36.86 10.78 45.86
CA LEU L 112 -35.71 9.98 46.28
C LEU L 112 -34.49 10.87 46.58
N HIS L 113 -34.26 11.88 45.72
CA HIS L 113 -33.18 12.83 45.95
C HIS L 113 -33.38 13.62 47.23
N SER L 114 -34.64 13.97 47.54
CA SER L 114 -34.92 14.69 48.77
C SER L 114 -34.69 13.83 50.00
N THR L 115 -35.04 12.55 49.95
CA THR L 115 -34.79 11.64 51.07
C THR L 115 -33.29 11.46 51.32
N ALA L 116 -32.52 11.23 50.24
CA ALA L 116 -31.07 11.09 50.37
C ALA L 116 -30.41 12.37 50.86
N GLY L 117 -30.94 13.54 50.48
CA GLY L 117 -30.43 14.78 51.01
C GLY L 117 -30.78 14.99 52.48
N ASN L 118 -31.95 14.54 52.90
CA ASN L 118 -32.33 14.67 54.31
C ASN L 118 -31.50 13.77 55.21
N HIS L 119 -31.02 12.64 54.69
CA HIS L 119 -30.20 11.76 55.53
C HIS L 119 -28.70 12.01 55.37
N ASN L 120 -28.30 13.13 54.75
CA ASN L 120 -26.91 13.56 54.59
C ASN L 120 -26.05 12.53 53.86
N ASP L 121 -26.59 11.99 52.78
CA ASP L 121 -25.89 10.99 51.97
C ASP L 121 -25.37 11.70 50.72
N ALA L 122 -24.11 12.14 50.78
CA ALA L 122 -23.56 12.98 49.72
C ALA L 122 -23.32 12.20 48.43
N HIS L 123 -22.83 10.96 48.56
CA HIS L 123 -22.51 10.15 47.39
C HIS L 123 -23.77 9.81 46.59
N LEU L 124 -24.87 9.51 47.28
CA LEU L 124 -26.07 9.11 46.55
C LEU L 124 -26.78 10.30 45.91
N THR L 125 -26.77 11.48 46.56
CA THR L 125 -27.33 12.66 45.92
C THR L 125 -26.52 13.05 44.69
N ASP L 126 -25.19 12.93 44.76
CA ASP L 126 -24.38 13.20 43.57
C ASP L 126 -24.62 12.17 42.47
N PHE L 127 -24.82 10.90 42.85
CA PHE L 127 -25.11 9.85 41.88
C PHE L 127 -26.42 10.11 41.15
N ILE L 128 -27.47 10.45 41.91
CA ILE L 128 -28.78 10.71 41.33
C ILE L 128 -28.74 11.93 40.43
N GLU L 129 -28.10 13.01 40.88
CA GLU L 129 -27.98 14.23 40.08
C GLU L 129 -27.19 13.99 38.80
N GLU L 130 -26.14 13.18 38.87
CA GLU L 130 -25.33 12.97 37.67
C GLU L 130 -25.99 12.05 36.68
N LYS L 131 -26.64 10.98 37.12
CA LYS L 131 -27.09 9.95 36.19
C LYS L 131 -28.59 9.95 35.89
N TYR L 132 -29.44 10.64 36.65
CA TYR L 132 -30.86 10.45 36.43
C TYR L 132 -31.63 11.73 36.16
N LEU L 133 -31.31 12.83 36.85
CA LEU L 133 -32.15 14.03 36.79
C LEU L 133 -32.06 14.74 35.44
N ASP L 134 -30.84 14.90 34.92
CA ASP L 134 -30.67 15.58 33.63
C ASP L 134 -31.23 14.76 32.48
N GLU L 135 -31.04 13.43 32.53
CA GLU L 135 -31.61 12.54 31.53
C GLU L 135 -33.13 12.58 31.56
N GLN L 136 -33.71 12.68 32.76
CA GLN L 136 -35.17 12.74 32.87
C GLN L 136 -35.73 14.05 32.32
N VAL L 137 -35.02 15.17 32.58
CA VAL L 137 -35.43 16.47 32.04
C VAL L 137 -35.38 16.46 30.52
N LYS L 138 -34.32 15.87 29.95
CA LYS L 138 -34.21 15.80 28.49
C LYS L 138 -35.26 14.89 27.88
N SER L 139 -35.62 13.80 28.57
CA SER L 139 -36.66 12.90 28.08
C SER L 139 -38.04 13.57 28.08
N ILE L 140 -38.34 14.34 29.12
CA ILE L 140 -39.62 15.06 29.19
C ILE L 140 -39.70 16.11 28.08
N ASN L 141 -38.58 16.81 27.82
CA ASN L 141 -38.56 17.80 26.75
C ASN L 141 -38.75 17.16 25.37
N GLU L 142 -38.14 15.99 25.16
CA GLU L 142 -38.28 15.28 23.89
C GLU L 142 -39.73 14.84 23.64
N PHE L 143 -40.38 14.30 24.67
CA PHE L 143 -41.78 13.88 24.50
C PHE L 143 -42.72 15.07 24.32
N ALA L 144 -42.42 16.22 24.95
CA ALA L 144 -43.27 17.39 24.75
C ALA L 144 -43.14 17.94 23.33
N ARG L 145 -41.93 17.92 22.77
CA ARG L 145 -41.75 18.34 21.38
C ARG L 145 -42.46 17.41 20.41
N MET L 146 -42.44 16.10 20.70
CA MET L 146 -43.14 15.15 19.82
C MET L 146 -44.65 15.32 19.89
N VAL L 147 -45.19 15.65 21.08
CA VAL L 147 -46.62 15.93 21.20
C VAL L 147 -46.99 17.18 20.41
N ALA L 148 -46.14 18.21 20.46
CA ALA L 148 -46.41 19.44 19.70
C ALA L 148 -46.39 19.18 18.18
N ASN L 149 -45.44 18.37 17.70
CA ASN L 149 -45.41 18.09 16.27
C ASN L 149 -46.56 17.20 15.82
N LEU L 150 -47.00 16.28 16.68
CA LEU L 150 -48.16 15.45 16.33
C LEU L 150 -49.45 16.25 16.33
N LYS L 151 -49.55 17.28 17.18
CA LYS L 151 -50.68 18.19 17.08
C LYS L 151 -50.60 19.02 15.82
N ARG L 152 -49.40 19.36 15.36
CA ARG L 152 -49.26 20.16 14.15
C ARG L 152 -49.66 19.39 12.91
N VAL L 153 -49.17 18.16 12.73
CA VAL L 153 -49.38 17.47 11.46
C VAL L 153 -50.80 16.92 11.30
N GLY L 154 -51.53 16.68 12.38
CA GLY L 154 -52.88 16.16 12.28
C GLY L 154 -52.94 14.68 11.92
N PRO L 155 -54.15 14.15 11.79
CA PRO L 155 -54.30 12.72 11.49
C PRO L 155 -54.18 12.41 10.01
N GLY L 156 -53.79 11.18 9.72
CA GLY L 156 -53.77 10.67 8.36
C GLY L 156 -52.38 10.80 7.72
N VAL L 157 -52.29 11.59 6.66
CA VAL L 157 -51.05 11.70 5.91
C VAL L 157 -49.98 12.41 6.73
N GLY L 158 -50.39 13.30 7.65
CA GLY L 158 -49.44 13.89 8.56
C GLY L 158 -48.83 12.89 9.53
N GLU L 159 -49.65 11.94 9.98
CA GLU L 159 -49.16 10.87 10.84
C GLU L 159 -48.20 9.95 10.10
N TYR L 160 -48.50 9.66 8.82
CA TYR L 160 -47.58 8.86 8.00
C TYR L 160 -46.26 9.58 7.77
N VAL L 161 -46.30 10.89 7.48
CA VAL L 161 -45.09 11.67 7.25
C VAL L 161 -44.26 11.78 8.53
N PHE L 162 -44.94 11.94 9.68
CA PHE L 162 -44.26 11.95 10.97
C PHE L 162 -43.56 10.62 11.25
N ASP L 163 -44.21 9.50 10.94
CA ASP L 163 -43.56 8.21 11.16
C ASP L 163 -42.38 8.00 10.20
N LYS L 164 -42.46 8.54 8.99
CA LYS L 164 -41.34 8.36 8.07
C LYS L 164 -40.16 9.28 8.36
N GLU L 165 -40.40 10.48 8.88
CA GLU L 165 -39.38 11.50 8.91
C GLU L 165 -38.75 11.75 10.27
N HIS L 166 -39.50 11.59 11.36
CA HIS L 166 -39.06 12.11 12.65
C HIS L 166 -37.96 11.30 13.31
N PHE L 167 -37.76 10.05 12.93
CA PHE L 167 -36.83 9.17 13.63
C PHE L 167 -35.62 8.80 12.80
N SER L 168 -35.41 9.43 11.66
CA SER L 168 -34.27 9.13 10.80
C SER L 168 -33.22 10.22 10.91
N SER M 1 -3.49 36.92 47.70
CA SER M 1 -3.90 36.40 46.41
C SER M 1 -4.94 37.31 45.75
N LEU M 2 -4.72 37.62 44.48
CA LEU M 2 -5.68 38.39 43.71
C LEU M 2 -6.90 37.57 43.30
N ALA M 3 -6.79 36.25 43.34
CA ALA M 3 -7.84 35.36 42.86
C ALA M 3 -8.80 34.88 43.94
N ARG M 4 -8.48 35.09 45.22
CA ARG M 4 -9.25 34.49 46.30
C ARG M 4 -10.63 35.14 46.44
N GLN M 5 -11.66 34.30 46.48
CA GLN M 5 -13.05 34.77 46.56
C GLN M 5 -13.90 33.63 47.09
N ASN M 6 -14.64 33.89 48.17
CA ASN M 6 -15.53 32.92 48.83
C ASN M 6 -14.78 31.66 49.27
N TYR M 7 -13.67 31.86 49.97
CA TYR M 7 -12.81 30.76 50.40
C TYR M 7 -12.35 31.06 51.82
N HIS M 8 -13.04 30.51 52.80
CA HIS M 8 -12.78 30.81 54.20
C HIS M 8 -11.58 30.02 54.70
N SER M 9 -11.04 30.47 55.84
CA SER M 9 -9.79 29.92 56.36
C SER M 9 -9.96 28.52 56.95
N GLU M 10 -11.15 28.22 57.48
CA GLU M 10 -11.42 26.89 58.03
C GLU M 10 -11.39 25.83 56.93
N VAL M 11 -11.91 26.17 55.76
CA VAL M 11 -11.90 25.25 54.62
C VAL M 11 -10.47 25.02 54.14
N GLU M 12 -9.63 26.08 54.17
CA GLU M 12 -8.22 25.96 53.80
C GLU M 12 -7.47 25.03 54.75
N ALA M 13 -7.72 25.17 56.06
CA ALA M 13 -7.08 24.31 57.04
C ALA M 13 -7.53 22.85 56.89
N ALA M 14 -8.81 22.63 56.60
CA ALA M 14 -9.30 21.27 56.39
C ALA M 14 -8.70 20.62 55.14
N VAL M 15 -8.46 21.41 54.08
CA VAL M 15 -7.82 20.89 52.88
C VAL M 15 -6.38 20.47 53.16
N ASN M 16 -5.66 21.27 53.97
CA ASN M 16 -4.28 20.90 54.34
C ASN M 16 -4.25 19.60 55.17
N LYS M 17 -5.23 19.44 56.08
CA LYS M 17 -5.34 18.21 56.85
C LYS M 17 -5.58 16.99 55.95
N GLN M 18 -6.46 17.14 54.96
CA GLN M 18 -6.72 16.02 54.04
C GLN M 18 -5.51 15.68 53.18
N ILE M 19 -4.69 16.68 52.84
CA ILE M 19 -3.44 16.43 52.10
C ILE M 19 -2.51 15.52 52.91
N ASN M 20 -2.36 15.82 54.20
CA ASN M 20 -1.50 14.98 55.04
C ASN M 20 -2.05 13.55 55.18
N ILE M 21 -3.38 13.42 55.23
CA ILE M 21 -3.99 12.09 55.33
C ILE M 21 -3.72 11.25 54.07
N GLU M 22 -3.82 11.85 52.88
CA GLU M 22 -3.55 11.12 51.64
C GLU M 22 -2.08 10.71 51.53
N LEU M 23 -1.16 11.57 52.00
CA LEU M 23 0.26 11.23 51.94
C LEU M 23 0.60 10.07 52.88
N TYR M 24 -0.03 10.06 54.07
CA TYR M 24 0.17 8.94 55.00
C TYR M 24 -0.34 7.62 54.42
N ALA M 25 -1.49 7.66 53.74
CA ALA M 25 -2.03 6.44 53.12
C ALA M 25 -1.11 5.91 52.02
N SER M 26 -0.52 6.82 51.23
CA SER M 26 0.44 6.42 50.22
C SER M 26 1.65 5.72 50.82
N TYR M 27 2.14 6.22 51.96
CA TYR M 27 3.33 5.63 52.55
C TYR M 27 3.03 4.27 53.20
N VAL M 28 1.81 4.09 53.73
CA VAL M 28 1.38 2.78 54.23
C VAL M 28 1.31 1.76 53.10
N TYR M 29 0.77 2.14 51.95
CA TYR M 29 0.69 1.20 50.83
C TYR M 29 2.08 0.86 50.26
N LEU M 30 3.03 1.80 50.32
CA LEU M 30 4.40 1.49 49.94
C LEU M 30 5.03 0.45 50.86
N SER M 31 4.77 0.58 52.17
CA SER M 31 5.26 -0.41 53.13
C SER M 31 4.68 -1.80 52.86
N MET M 32 3.38 -1.88 52.54
CA MET M 32 2.75 -3.17 52.24
C MET M 32 3.33 -3.78 50.96
N SER M 33 3.53 -2.94 49.94
CA SER M 33 4.10 -3.38 48.66
C SER M 33 5.48 -4.00 48.84
N PHE M 34 6.32 -3.40 49.67
CA PHE M 34 7.63 -4.03 49.83
C PHE M 34 7.66 -5.10 50.90
N TYR M 35 6.59 -5.25 51.69
CA TYR M 35 6.49 -6.48 52.48
C TYR M 35 6.20 -7.69 51.59
N PHE M 36 5.30 -7.55 50.63
CA PHE M 36 5.01 -8.71 49.78
C PHE M 36 6.08 -8.99 48.73
N ASP M 37 7.10 -8.15 48.63
CA ASP M 37 8.24 -8.36 47.74
C ASP M 37 9.36 -9.17 48.39
N ARG M 38 9.24 -9.51 49.67
CA ARG M 38 10.29 -10.24 50.38
C ARG M 38 10.46 -11.65 49.82
N ASP M 39 11.67 -12.20 50.00
CA ASP M 39 11.97 -13.49 49.40
C ASP M 39 11.33 -14.65 50.15
N ASP M 40 10.90 -14.45 51.39
CA ASP M 40 10.18 -15.48 52.13
C ASP M 40 8.68 -15.30 52.09
N VAL M 41 8.17 -14.29 51.37
CA VAL M 41 6.74 -14.14 51.12
C VAL M 41 6.41 -14.43 49.66
N ALA M 42 6.98 -13.63 48.74
CA ALA M 42 7.07 -13.91 47.30
C ALA M 42 5.70 -14.04 46.63
N LEU M 43 4.90 -12.98 46.74
CA LEU M 43 3.64 -12.86 46.02
C LEU M 43 3.72 -11.61 45.16
N PRO M 44 4.22 -11.72 43.92
CA PRO M 44 4.60 -10.51 43.18
C PRO M 44 3.44 -9.68 42.65
N ASN M 45 2.30 -10.30 42.31
CA ASN M 45 1.19 -9.51 41.77
C ASN M 45 0.51 -8.70 42.85
N ILE M 46 0.47 -9.20 44.08
CA ILE M 46 -0.04 -8.45 45.22
C ILE M 46 0.86 -7.24 45.50
N ALA M 47 2.18 -7.44 45.40
CA ALA M 47 3.13 -6.35 45.60
C ALA M 47 2.99 -5.26 44.54
N LYS M 48 2.80 -5.68 43.29
CA LYS M 48 2.58 -4.72 42.21
C LYS M 48 1.27 -3.95 42.40
N PHE M 49 0.23 -4.64 42.88
CA PHE M 49 -1.06 -3.99 43.17
C PHE M 49 -0.91 -2.91 44.24
N PHE M 50 -0.19 -3.22 45.32
CA PHE M 50 -0.03 -2.23 46.38
C PHE M 50 0.88 -1.08 45.96
N LYS M 51 1.84 -1.33 45.06
CA LYS M 51 2.63 -0.23 44.51
C LYS M 51 1.76 0.73 43.69
N GLU M 52 0.84 0.18 42.89
CA GLU M 52 -0.09 1.03 42.15
C GLU M 52 -1.01 1.82 43.06
N GLN M 53 -1.45 1.21 44.18
CA GLN M 53 -2.28 1.92 45.15
C GLN M 53 -1.53 3.07 45.80
N SER M 54 -0.23 2.88 46.08
CA SER M 54 0.60 3.94 46.64
C SER M 54 0.73 5.12 45.67
N ASP M 55 0.94 4.82 44.39
CA ASP M 55 1.01 5.89 43.38
C ASP M 55 -0.32 6.64 43.26
N GLU M 56 -1.45 5.92 43.36
CA GLU M 56 -2.75 6.56 43.28
C GLU M 56 -3.01 7.50 44.45
N GLU M 57 -2.63 7.11 45.67
CA GLU M 57 -2.82 7.98 46.82
C GLU M 57 -1.92 9.23 46.73
N ARG M 58 -0.72 9.08 46.16
CA ARG M 58 0.12 10.25 45.93
C ARG M 58 -0.52 11.21 44.92
N GLU M 59 -1.17 10.66 43.89
CA GLU M 59 -1.89 11.51 42.93
C GLU M 59 -3.06 12.25 43.58
N HIS M 60 -3.77 11.59 44.51
CA HIS M 60 -4.85 12.26 45.25
C HIS M 60 -4.34 13.45 46.05
N ALA M 61 -3.19 13.26 46.72
CA ALA M 61 -2.60 14.37 47.49
C ALA M 61 -2.17 15.52 46.59
N THR M 62 -1.58 15.23 45.43
CA THR M 62 -1.15 16.33 44.57
C THR M 62 -2.33 17.06 43.93
N GLU M 63 -3.44 16.37 43.67
CA GLU M 63 -4.61 17.07 43.15
C GLU M 63 -5.25 17.98 44.20
N LEU M 64 -5.21 17.58 45.48
CA LEU M 64 -5.66 18.49 46.52
C LEU M 64 -4.77 19.71 46.66
N MET M 65 -3.44 19.53 46.52
CA MET M 65 -2.52 20.67 46.51
C MET M 65 -2.82 21.61 45.34
N ARG M 66 -3.14 21.05 44.18
CA ARG M 66 -3.45 21.87 43.00
C ARG M 66 -4.73 22.68 43.20
N VAL M 67 -5.77 22.09 43.80
CA VAL M 67 -7.00 22.88 43.97
C VAL M 67 -6.83 23.91 45.09
N GLN M 68 -5.95 23.64 46.06
CA GLN M 68 -5.62 24.65 47.06
C GLN M 68 -4.94 25.85 46.43
N ASN M 69 -4.02 25.62 45.49
CA ASN M 69 -3.41 26.73 44.77
C ASN M 69 -4.41 27.42 43.84
N LEU M 70 -5.35 26.66 43.28
CA LEU M 70 -6.33 27.24 42.35
C LEU M 70 -7.29 28.19 43.05
N ARG M 71 -7.69 27.88 44.29
CA ARG M 71 -8.61 28.76 44.99
C ARG M 71 -7.93 29.92 45.69
N GLY M 72 -6.60 30.01 45.63
CA GLY M 72 -5.89 31.11 46.25
C GLY M 72 -5.47 30.88 47.68
N GLY M 73 -5.57 29.66 48.19
CA GLY M 73 -5.04 29.33 49.50
C GLY M 73 -3.57 28.98 49.43
N ARG M 74 -3.01 28.64 50.59
CA ARG M 74 -1.59 28.34 50.71
C ARG M 74 -1.40 26.95 51.29
N VAL M 75 -0.56 26.16 50.63
CA VAL M 75 -0.27 24.79 51.06
C VAL M 75 0.69 24.83 52.24
N VAL M 76 0.35 24.14 53.33
CA VAL M 76 1.20 24.01 54.50
C VAL M 76 1.39 22.53 54.79
N LEU M 77 2.63 22.05 54.67
CA LEU M 77 2.92 20.64 54.81
C LEU M 77 3.36 20.31 56.23
N GLN M 78 3.11 19.06 56.63
CA GLN M 78 3.47 18.55 57.95
C GLN M 78 4.28 17.27 57.79
N ASP M 79 4.74 16.73 58.91
CA ASP M 79 5.45 15.46 58.92
C ASP M 79 4.54 14.32 58.49
N ILE M 80 5.12 13.34 57.80
CA ILE M 80 4.44 12.12 57.43
C ILE M 80 4.87 11.03 58.41
N GLN M 81 3.92 10.51 59.18
CA GLN M 81 4.22 9.49 60.16
C GLN M 81 4.50 8.15 59.50
N LYS M 82 5.36 7.36 60.14
CA LYS M 82 5.67 6.03 59.63
C LYS M 82 4.49 5.09 59.86
N PRO M 83 4.36 4.04 59.05
CA PRO M 83 3.24 3.11 59.23
C PRO M 83 3.29 2.35 60.55
N GLU M 84 2.15 1.77 60.91
CA GLU M 84 2.00 1.14 62.22
C GLU M 84 2.78 -0.16 62.34
N ASN M 85 2.95 -0.89 61.23
CA ASN M 85 3.62 -2.18 61.26
C ASN M 85 4.72 -2.22 60.22
N ASP M 86 5.75 -3.01 60.50
CA ASP M 86 6.76 -3.31 59.50
C ASP M 86 6.43 -4.54 58.68
N GLU M 87 5.73 -5.50 59.28
CA GLU M 87 5.29 -6.70 58.59
C GLU M 87 3.80 -6.89 58.80
N TRP M 88 3.13 -7.42 57.77
CA TRP M 88 1.68 -7.37 57.70
C TRP M 88 1.01 -8.75 57.73
N GLY M 89 1.74 -9.80 58.11
CA GLY M 89 1.11 -11.10 58.32
C GLY M 89 0.74 -11.80 57.02
N THR M 90 -0.38 -12.50 57.04
CA THR M 90 -0.88 -13.19 55.86
C THR M 90 -1.50 -12.19 54.90
N ALA M 91 -1.93 -12.68 53.73
CA ALA M 91 -2.56 -11.80 52.75
C ALA M 91 -3.92 -11.32 53.22
N LEU M 92 -4.66 -12.16 53.96
CA LEU M 92 -5.97 -11.80 54.46
C LEU M 92 -5.88 -10.68 55.48
N LYS M 93 -4.91 -10.73 56.38
CA LYS M 93 -4.72 -9.69 57.39
C LYS M 93 -4.31 -8.36 56.74
N ALA M 94 -3.48 -8.42 55.71
CA ALA M 94 -3.06 -7.21 55.02
C ALA M 94 -4.21 -6.56 54.28
N PHE M 95 -5.06 -7.36 53.63
CA PHE M 95 -6.19 -6.76 52.91
C PHE M 95 -7.26 -6.26 53.87
N GLU M 96 -7.39 -6.88 55.06
CA GLU M 96 -8.31 -6.35 56.06
C GLU M 96 -7.83 -5.02 56.63
N ALA M 97 -6.52 -4.90 56.87
CA ALA M 97 -5.97 -3.61 57.31
C ALA M 97 -6.11 -2.54 56.25
N ALA M 98 -5.95 -2.91 54.97
CA ALA M 98 -6.16 -1.96 53.88
C ALA M 98 -7.61 -1.50 53.79
N LEU M 99 -8.56 -2.42 54.04
CA LEU M 99 -9.97 -2.04 54.04
C LEU M 99 -10.29 -1.07 55.16
N ALA M 100 -9.71 -1.30 56.35
CA ALA M 100 -9.92 -0.38 57.47
C ALA M 100 -9.31 1.00 57.18
N LEU M 101 -8.17 1.03 56.49
CA LEU M 101 -7.56 2.32 56.12
C LEU M 101 -8.43 3.08 55.11
N GLU M 102 -9.00 2.37 54.13
CA GLU M 102 -9.88 3.02 53.16
C GLU M 102 -11.13 3.59 53.82
N LYS M 103 -11.67 2.89 54.82
CA LYS M 103 -12.86 3.40 55.49
C LYS M 103 -12.54 4.62 56.36
N PHE M 104 -11.37 4.64 57.00
CA PHE M 104 -10.92 5.83 57.74
C PHE M 104 -10.78 7.03 56.81
N ASN M 105 -10.21 6.82 55.63
N ASN M 105 -10.23 6.83 55.62
CA ASN M 105 -10.06 7.88 54.64
CA ASN M 105 -10.08 7.91 54.66
C ASN M 105 -11.41 8.40 54.15
C ASN M 105 -11.42 8.40 54.15
N ASN M 106 -12.38 7.49 53.98
CA ASN M 106 -13.73 7.89 53.58
C ASN M 106 -14.41 8.74 54.64
N GLU M 107 -14.20 8.41 55.92
CA GLU M 107 -14.78 9.21 56.99
C GLU M 107 -14.16 10.61 57.05
N SER M 108 -12.84 10.71 56.81
CA SER M 108 -12.21 12.02 56.74
C SER M 108 -12.71 12.85 55.55
N LEU M 109 -12.91 12.20 54.40
CA LEU M 109 -13.43 12.92 53.23
C LEU M 109 -14.84 13.42 53.45
N LEU M 110 -15.68 12.62 54.12
CA LEU M 110 -17.04 13.08 54.41
C LEU M 110 -17.05 14.23 55.40
N LYS M 111 -16.12 14.24 56.36
CA LYS M 111 -16.02 15.38 57.27
C LYS M 111 -15.59 16.66 56.55
N LEU M 112 -14.66 16.53 55.58
CA LEU M 112 -14.24 17.69 54.79
C LEU M 112 -15.39 18.22 53.93
N HIS M 113 -16.17 17.31 53.34
CA HIS M 113 -17.34 17.71 52.56
C HIS M 113 -18.38 18.41 53.43
N SER M 114 -18.54 17.95 54.67
CA SER M 114 -19.48 18.59 55.57
C SER M 114 -19.03 19.99 55.98
N THR M 115 -17.72 20.19 56.20
CA THR M 115 -17.20 21.52 56.52
C THR M 115 -17.39 22.49 55.36
N ALA M 116 -17.05 22.04 54.14
CA ALA M 116 -17.23 22.89 52.97
C ALA M 116 -18.70 23.19 52.70
N GLY M 117 -19.60 22.26 53.01
CA GLY M 117 -21.01 22.54 52.89
C GLY M 117 -21.52 23.51 53.94
N ASN M 118 -20.97 23.45 55.15
CA ASN M 118 -21.38 24.38 56.19
C ASN M 118 -20.91 25.79 55.92
N HIS M 119 -19.80 25.97 55.20
CA HIS M 119 -19.35 27.32 54.90
C HIS M 119 -19.84 27.82 53.54
N ASN M 120 -20.82 27.15 52.92
CA ASN M 120 -21.46 27.55 51.66
C ASN M 120 -20.46 27.69 50.51
N ASP M 121 -19.58 26.72 50.39
CA ASP M 121 -18.56 26.71 49.34
C ASP M 121 -19.01 25.71 48.28
N ALA M 122 -19.69 26.21 47.25
CA ALA M 122 -20.33 25.34 46.27
C ALA M 122 -19.31 24.65 45.36
N HIS M 123 -18.26 25.38 44.96
CA HIS M 123 -17.26 24.83 44.06
C HIS M 123 -16.48 23.69 44.71
N LEU M 124 -16.16 23.81 45.99
CA LEU M 124 -15.37 22.78 46.63
C LEU M 124 -16.19 21.54 46.96
N THR M 125 -17.47 21.70 47.33
CA THR M 125 -18.32 20.53 47.52
C THR M 125 -18.53 19.78 46.22
N ASP M 126 -18.70 20.52 45.11
CA ASP M 126 -18.81 19.85 43.82
C ASP M 126 -17.52 19.16 43.41
N PHE M 127 -16.37 19.78 43.73
CA PHE M 127 -15.06 19.18 43.44
C PHE M 127 -14.86 17.88 44.20
N ILE M 128 -15.18 17.88 45.50
CA ILE M 128 -15.02 16.70 46.34
C ILE M 128 -15.96 15.59 45.88
N GLU M 129 -17.22 15.92 45.61
CA GLU M 129 -18.19 14.94 45.14
C GLU M 129 -17.80 14.34 43.79
N GLU M 130 -17.25 15.15 42.90
CA GLU M 130 -16.91 14.63 41.58
C GLU M 130 -15.64 13.79 41.60
N LYS M 131 -14.62 14.20 42.35
CA LYS M 131 -13.33 13.54 42.22
C LYS M 131 -12.95 12.58 43.34
N TYR M 132 -13.63 12.58 44.48
CA TYR M 132 -13.12 11.78 45.59
C TYR M 132 -14.11 10.78 46.16
N LEU M 133 -15.39 11.14 46.28
CA LEU M 133 -16.35 10.31 47.02
C LEU M 133 -16.70 9.03 46.27
N ASP M 134 -16.96 9.13 44.97
CA ASP M 134 -17.31 7.94 44.18
C ASP M 134 -16.12 6.99 44.04
N GLU M 135 -14.92 7.55 43.85
CA GLU M 135 -13.71 6.74 43.79
C GLU M 135 -13.45 6.03 45.11
N GLN M 136 -13.74 6.70 46.22
CA GLN M 136 -13.54 6.07 47.54
C GLN M 136 -14.54 4.94 47.78
N VAL M 137 -15.79 5.14 47.35
CA VAL M 137 -16.81 4.08 47.48
C VAL M 137 -16.43 2.86 46.65
N LYS M 138 -15.93 3.09 45.43
CA LYS M 138 -15.51 1.97 44.58
C LYS M 138 -14.28 1.26 45.13
N SER M 139 -13.36 2.00 45.75
CA SER M 139 -12.18 1.39 46.35
C SER M 139 -12.55 0.52 47.56
N ILE M 140 -13.48 0.98 48.38
CA ILE M 140 -13.93 0.20 49.54
C ILE M 140 -14.62 -1.08 49.08
N ASN M 141 -15.44 -0.99 48.02
CA ASN M 141 -16.11 -2.17 47.49
C ASN M 141 -15.12 -3.19 46.92
N GLU M 142 -14.07 -2.70 46.24
CA GLU M 142 -13.05 -3.58 45.68
C GLU M 142 -12.29 -4.33 46.77
N PHE M 143 -11.90 -3.63 47.84
CA PHE M 143 -11.20 -4.29 48.93
C PHE M 143 -12.10 -5.27 49.69
N ALA M 144 -13.40 -4.98 49.81
CA ALA M 144 -14.30 -5.92 50.47
C ALA M 144 -14.48 -7.20 49.65
N ARG M 145 -14.55 -7.07 48.32
CA ARG M 145 -14.64 -8.26 47.48
C ARG M 145 -13.36 -9.09 47.55
N MET M 146 -12.20 -8.44 47.63
CA MET M 146 -10.96 -9.19 47.74
C MET M 146 -10.84 -9.89 49.09
N VAL M 147 -11.34 -9.29 50.16
CA VAL M 147 -11.36 -9.96 51.46
C VAL M 147 -12.26 -11.18 51.43
N ALA M 148 -13.42 -11.07 50.76
CA ALA M 148 -14.33 -12.21 50.65
C ALA M 148 -13.71 -13.36 49.84
N ASN M 149 -13.01 -13.04 48.75
CA ASN M 149 -12.38 -14.11 47.97
C ASN M 149 -11.20 -14.75 48.70
N LEU M 150 -10.46 -13.96 49.48
CA LEU M 150 -9.36 -14.53 50.25
C LEU M 150 -9.86 -15.40 51.39
N LYS M 151 -11.03 -15.08 51.96
CA LYS M 151 -11.65 -15.99 52.91
C LYS M 151 -12.13 -17.26 52.23
N ARG M 152 -12.57 -17.16 50.97
CA ARG M 152 -13.05 -18.34 50.26
C ARG M 152 -11.92 -19.31 49.94
N VAL M 153 -10.81 -18.83 49.38
CA VAL M 153 -9.79 -19.75 48.88
C VAL M 153 -8.95 -20.38 49.99
N GLY M 154 -8.86 -19.77 51.16
CA GLY M 154 -8.08 -20.33 52.24
C GLY M 154 -6.59 -20.19 52.05
N PRO M 155 -5.80 -20.70 53.00
CA PRO M 155 -4.34 -20.56 52.93
C PRO M 155 -3.70 -21.62 52.04
N GLY M 156 -2.53 -21.28 51.52
CA GLY M 156 -1.70 -22.22 50.78
C GLY M 156 -1.94 -22.12 49.27
N VAL M 157 -2.43 -23.20 48.68
CA VAL M 157 -2.58 -23.26 47.23
C VAL M 157 -3.68 -22.30 46.76
N GLY M 158 -4.66 -22.02 47.62
CA GLY M 158 -5.65 -21.01 47.30
C GLY M 158 -5.07 -19.61 47.24
N GLU M 159 -4.12 -19.32 48.14
CA GLU M 159 -3.42 -18.05 48.11
C GLU M 159 -2.56 -17.90 46.87
N TYR M 160 -1.90 -19.00 46.46
CA TYR M 160 -1.11 -18.98 45.22
C TYR M 160 -1.99 -18.77 44.00
N VAL M 161 -3.14 -19.43 43.94
CA VAL M 161 -4.07 -19.30 42.81
C VAL M 161 -4.66 -17.89 42.77
N PHE M 162 -4.97 -17.33 43.94
CA PHE M 162 -5.44 -15.94 44.03
C PHE M 162 -4.39 -14.96 43.51
N ASP M 163 -3.12 -15.16 43.87
CA ASP M 163 -2.08 -14.27 43.37
C ASP M 163 -1.87 -14.42 41.87
N LYS M 164 -2.06 -15.62 41.33
CA LYS M 164 -1.87 -15.79 39.89
C LYS M 164 -3.05 -15.28 39.07
N GLU M 165 -4.28 -15.35 39.59
CA GLU M 165 -5.45 -15.17 38.76
C GLU M 165 -6.16 -13.83 38.93
N HIS M 166 -6.13 -13.23 40.13
CA HIS M 166 -7.04 -12.14 40.44
C HIS M 166 -6.66 -10.81 39.81
N PHE M 167 -5.41 -10.64 39.39
CA PHE M 167 -4.94 -9.34 38.92
C PHE M 167 -4.61 -9.31 37.44
N SER M 168 -4.97 -10.36 36.70
CA SER M 168 -4.69 -10.41 35.28
C SER M 168 -5.95 -10.17 34.47
N SER N 1 -58.56 -8.31 12.37
CA SER N 1 -57.36 -8.42 11.56
C SER N 1 -57.67 -8.92 10.16
N LEU N 2 -57.13 -8.24 9.15
CA LEU N 2 -57.28 -8.69 7.78
C LEU N 2 -56.40 -9.88 7.44
N ALA N 3 -55.39 -10.15 8.26
CA ALA N 3 -54.41 -11.19 7.98
C ALA N 3 -54.71 -12.53 8.64
N ARG N 4 -55.66 -12.58 9.58
CA ARG N 4 -55.87 -13.77 10.38
C ARG N 4 -56.48 -14.90 9.56
N GLN N 5 -55.87 -16.08 9.64
CA GLN N 5 -56.31 -17.24 8.87
C GLN N 5 -55.76 -18.49 9.55
N ASN N 6 -56.64 -19.44 9.89
CA ASN N 6 -56.30 -20.71 10.54
C ASN N 6 -55.57 -20.48 11.87
N TYR N 7 -56.14 -19.64 12.71
CA TYR N 7 -55.53 -19.27 13.99
C TYR N 7 -56.64 -19.22 15.04
N HIS N 8 -56.81 -20.30 15.77
CA HIS N 8 -57.91 -20.40 16.72
C HIS N 8 -57.59 -19.67 18.02
N SER N 9 -58.63 -19.41 18.80
CA SER N 9 -58.51 -18.58 19.99
C SER N 9 -57.77 -19.29 21.13
N GLU N 10 -57.88 -20.61 21.20
CA GLU N 10 -57.17 -21.38 22.23
C GLU N 10 -55.67 -21.29 22.05
N VAL N 11 -55.21 -21.31 20.80
CA VAL N 11 -53.80 -21.19 20.49
C VAL N 11 -53.29 -19.79 20.85
N GLU N 12 -54.12 -18.76 20.62
CA GLU N 12 -53.79 -17.39 20.99
C GLU N 12 -53.63 -17.24 22.51
N ALA N 13 -54.55 -17.84 23.27
CA ALA N 13 -54.47 -17.78 24.72
C ALA N 13 -53.24 -18.53 25.25
N ALA N 14 -52.90 -19.67 24.64
CA ALA N 14 -51.71 -20.40 25.06
C ALA N 14 -50.42 -19.64 24.76
N VAL N 15 -50.39 -18.89 23.65
CA VAL N 15 -49.22 -18.07 23.33
C VAL N 15 -49.05 -16.94 24.36
N ASN N 16 -50.16 -16.33 24.79
CA ASN N 16 -50.08 -15.28 25.82
C ASN N 16 -49.57 -15.84 27.15
N LYS N 17 -50.02 -17.06 27.51
CA LYS N 17 -49.54 -17.73 28.71
C LYS N 17 -48.02 -17.99 28.64
N GLN N 18 -47.54 -18.45 27.49
CA GLN N 18 -46.10 -18.69 27.34
C GLN N 18 -45.28 -17.41 27.41
N ILE N 19 -45.84 -16.29 26.93
CA ILE N 19 -45.18 -14.98 27.05
C ILE N 19 -44.94 -14.62 28.51
N ASN N 20 -45.97 -14.81 29.34
CA ASN N 20 -45.81 -14.50 30.76
C ASN N 20 -44.79 -15.42 31.44
N ILE N 21 -44.73 -16.69 31.02
CA ILE N 21 -43.76 -17.63 31.58
C ILE N 21 -42.32 -17.21 31.26
N GLU N 22 -42.06 -16.77 30.02
CA GLU N 22 -40.71 -16.34 29.64
C GLU N 22 -40.30 -15.06 30.39
N LEU N 23 -41.25 -14.15 30.61
CA LEU N 23 -40.91 -12.92 31.34
C LEU N 23 -40.59 -13.20 32.81
N TYR N 24 -41.33 -14.15 33.42
CA TYR N 24 -41.02 -14.55 34.79
C TYR N 24 -39.63 -15.18 34.91
N ALA N 25 -39.25 -16.01 33.92
CA ALA N 25 -37.93 -16.63 33.95
C ALA N 25 -36.81 -15.59 33.82
N SER N 26 -37.04 -14.57 32.98
CA SER N 26 -36.08 -13.48 32.86
C SER N 26 -35.88 -12.74 34.18
N TYR N 27 -36.97 -12.51 34.92
CA TYR N 27 -36.86 -11.77 36.16
C TYR N 27 -36.19 -12.60 37.27
N VAL N 28 -36.40 -13.92 37.26
CA VAL N 28 -35.69 -14.82 38.18
C VAL N 28 -34.18 -14.79 37.91
N TYR N 29 -33.78 -14.83 36.64
CA TYR N 29 -32.35 -14.80 36.33
C TYR N 29 -31.71 -13.45 36.67
N LEU N 30 -32.47 -12.36 36.58
CA LEU N 30 -31.97 -11.06 37.03
C LEU N 30 -31.71 -11.04 38.53
N SER N 31 -32.63 -11.66 39.30
CA SER N 31 -32.43 -11.77 40.74
C SER N 31 -31.18 -12.58 41.10
N MET N 32 -30.95 -13.70 40.38
CA MET N 32 -29.75 -14.50 40.63
C MET N 32 -28.48 -13.75 40.28
N SER N 33 -28.50 -13.02 39.16
CA SER N 33 -27.36 -12.22 38.71
C SER N 33 -26.96 -11.18 39.75
N PHE N 34 -27.93 -10.51 40.35
CA PHE N 34 -27.52 -9.52 41.35
C PHE N 34 -27.33 -10.11 42.74
N TYR N 35 -27.72 -11.37 42.96
CA TYR N 35 -27.24 -12.03 44.17
C TYR N 35 -25.75 -12.33 44.09
N PHE N 36 -25.28 -12.82 42.95
CA PHE N 36 -23.84 -13.13 42.87
C PHE N 36 -22.96 -11.90 42.71
N ASP N 37 -23.54 -10.71 42.58
CA ASP N 37 -22.81 -9.45 42.52
C ASP N 37 -22.56 -8.84 43.89
N ARG N 38 -23.08 -9.44 44.96
CA ARG N 38 -22.93 -8.89 46.30
C ARG N 38 -21.47 -8.93 46.76
N ASP N 39 -21.13 -8.02 47.68
CA ASP N 39 -19.74 -7.90 48.11
C ASP N 39 -19.31 -9.02 49.04
N ASP N 40 -20.23 -9.75 49.64
CA ASP N 40 -19.90 -10.90 50.46
C ASP N 40 -20.03 -12.22 49.72
N VAL N 41 -20.39 -12.19 48.44
CA VAL N 41 -20.38 -13.38 47.59
C VAL N 41 -19.25 -13.30 46.56
N ALA N 42 -19.30 -12.29 45.68
CA ALA N 42 -18.19 -11.84 44.83
C ALA N 42 -17.70 -12.92 43.86
N LEU N 43 -18.62 -13.39 43.02
CA LEU N 43 -18.28 -14.30 41.93
C LEU N 43 -18.73 -13.64 40.63
N PRO N 44 -17.87 -12.83 40.00
CA PRO N 44 -18.35 -11.93 38.94
C PRO N 44 -18.70 -12.60 37.63
N ASN N 45 -18.02 -13.70 37.26
CA ASN N 45 -18.31 -14.35 35.99
C ASN N 45 -19.64 -15.09 36.04
N ILE N 46 -20.01 -15.64 37.19
CA ILE N 46 -21.31 -16.26 37.38
C ILE N 46 -22.42 -15.21 37.27
N ALA N 47 -22.18 -14.02 37.85
CA ALA N 47 -23.15 -12.93 37.77
C ALA N 47 -23.34 -12.45 36.34
N LYS N 48 -22.25 -12.34 35.59
CA LYS N 48 -22.33 -11.96 34.18
C LYS N 48 -23.08 -13.01 33.36
N PHE N 49 -22.85 -14.29 33.67
CA PHE N 49 -23.56 -15.39 33.00
C PHE N 49 -25.07 -15.31 33.22
N PHE N 50 -25.48 -15.06 34.47
CA PHE N 50 -26.91 -14.98 34.75
C PHE N 50 -27.55 -13.72 34.17
N LYS N 51 -26.78 -12.63 34.04
CA LYS N 51 -27.29 -11.45 33.35
C LYS N 51 -27.56 -11.73 31.87
N GLU N 52 -26.64 -12.47 31.23
CA GLU N 52 -26.86 -12.88 29.83
C GLU N 52 -28.06 -13.79 29.68
N GLN N 53 -28.28 -14.70 30.65
CA GLN N 53 -29.46 -15.57 30.62
C GLN N 53 -30.75 -14.78 30.75
N SER N 54 -30.74 -13.73 31.59
CA SER N 54 -31.91 -12.87 31.73
C SER N 54 -32.24 -12.15 30.43
N ASP N 55 -31.21 -11.63 29.75
CA ASP N 55 -31.41 -10.98 28.45
C ASP N 55 -31.96 -11.96 27.40
N GLU N 56 -31.48 -13.21 27.43
CA GLU N 56 -31.95 -14.20 26.48
C GLU N 56 -33.42 -14.56 26.69
N GLU N 57 -33.85 -14.70 27.95
CA GLU N 57 -35.26 -14.99 28.21
C GLU N 57 -36.16 -13.82 27.81
N ARG N 58 -35.68 -12.59 27.97
CA ARG N 58 -36.45 -11.44 27.49
C ARG N 58 -36.58 -11.46 25.97
N GLU N 59 -35.53 -11.88 25.26
CA GLU N 59 -35.61 -12.02 23.80
C GLU N 59 -36.61 -13.10 23.39
N HIS N 60 -36.68 -14.20 24.14
CA HIS N 60 -37.68 -15.24 23.86
C HIS N 60 -39.10 -14.71 23.98
N ALA N 61 -39.35 -13.92 25.04
CA ALA N 61 -40.68 -13.33 25.21
C ALA N 61 -41.03 -12.36 24.09
N THR N 62 -40.08 -11.54 23.65
CA THR N 62 -40.40 -10.58 22.59
C THR N 62 -40.59 -11.28 21.24
N GLU N 63 -39.91 -12.40 20.98
CA GLU N 63 -40.16 -13.12 19.74
C GLU N 63 -41.54 -13.78 19.73
N LEU N 64 -42.01 -14.25 20.90
CA LEU N 64 -43.37 -14.75 20.96
C LEU N 64 -44.40 -13.66 20.74
N MET N 65 -44.15 -12.45 21.28
CA MET N 65 -45.04 -11.31 21.00
C MET N 65 -45.06 -10.97 19.51
N ARG N 66 -43.90 -11.05 18.85
CA ARG N 66 -43.82 -10.76 17.43
C ARG N 66 -44.60 -11.77 16.58
N VAL N 67 -44.52 -13.06 16.93
CA VAL N 67 -45.27 -14.03 16.11
C VAL N 67 -46.77 -13.95 16.41
N GLN N 68 -47.14 -13.52 17.63
CA GLN N 68 -48.55 -13.27 17.93
C GLN N 68 -49.09 -12.13 17.06
N ASN N 69 -48.31 -11.06 16.89
CA ASN N 69 -48.73 -9.99 15.99
C ASN N 69 -48.72 -10.44 14.52
N LEU N 70 -47.78 -11.32 14.17
CA LEU N 70 -47.68 -11.77 12.78
C LEU N 70 -48.88 -12.62 12.36
N ARG N 71 -49.40 -13.45 13.27
CA ARG N 71 -50.54 -14.28 12.90
C ARG N 71 -51.88 -13.57 13.04
N GLY N 72 -51.90 -12.31 13.48
CA GLY N 72 -53.13 -11.57 13.60
C GLY N 72 -53.83 -11.69 14.94
N GLY N 73 -53.18 -12.26 15.95
CA GLY N 73 -53.72 -12.26 17.29
C GLY N 73 -53.39 -10.99 18.03
N ARG N 74 -53.83 -10.93 19.29
CA ARG N 74 -53.65 -9.75 20.12
C ARG N 74 -52.90 -10.12 21.39
N VAL N 75 -51.86 -9.36 21.71
CA VAL N 75 -51.05 -9.58 22.90
C VAL N 75 -51.79 -9.06 24.11
N VAL N 76 -51.92 -9.89 25.15
CA VAL N 76 -52.54 -9.51 26.42
C VAL N 76 -51.55 -9.81 27.53
N LEU N 77 -51.08 -8.76 28.21
CA LEU N 77 -50.05 -8.91 29.22
C LEU N 77 -50.66 -9.02 30.62
N GLN N 78 -49.94 -9.73 31.50
CA GLN N 78 -50.35 -9.94 32.88
C GLN N 78 -49.23 -9.48 33.80
N ASP N 79 -49.49 -9.54 35.12
CA ASP N 79 -48.49 -9.23 36.12
C ASP N 79 -47.33 -10.22 36.08
N ILE N 80 -46.13 -9.74 36.36
CA ILE N 80 -44.95 -10.56 36.51
C ILE N 80 -44.70 -10.76 37.99
N GLN N 81 -44.78 -12.00 38.46
CA GLN N 81 -44.58 -12.30 39.87
C GLN N 81 -43.11 -12.18 40.25
N LYS N 82 -42.87 -11.80 41.50
CA LYS N 82 -41.51 -11.71 42.01
C LYS N 82 -40.93 -13.12 42.21
N PRO N 83 -39.60 -13.26 42.17
CA PRO N 83 -39.01 -14.58 42.36
C PRO N 83 -39.22 -15.14 43.76
N GLU N 84 -39.01 -16.46 43.88
CA GLU N 84 -39.34 -17.16 45.12
C GLU N 84 -38.37 -16.84 46.24
N ASN N 85 -37.12 -16.53 45.93
CA ASN N 85 -36.11 -16.27 46.94
C ASN N 85 -35.42 -14.94 46.69
N ASP N 86 -34.97 -14.32 47.77
CA ASP N 86 -34.12 -13.14 47.66
C ASP N 86 -32.65 -13.52 47.58
N GLU N 87 -32.23 -14.57 48.26
CA GLU N 87 -30.87 -15.06 48.24
C GLU N 87 -30.87 -16.55 47.88
N TRP N 88 -29.83 -16.97 47.17
CA TRP N 88 -29.84 -18.27 46.50
C TRP N 88 -28.80 -19.24 47.02
N GLY N 89 -28.19 -18.98 48.17
CA GLY N 89 -27.32 -19.96 48.80
C GLY N 89 -25.97 -20.08 48.10
N THR N 90 -25.44 -21.29 48.06
CA THR N 90 -24.18 -21.56 47.39
C THR N 90 -24.38 -21.58 45.88
N ALA N 91 -23.28 -21.73 45.14
CA ALA N 91 -23.37 -21.77 43.69
C ALA N 91 -24.06 -23.04 43.20
N LEU N 92 -23.86 -24.16 43.91
CA LEU N 92 -24.48 -25.42 43.53
C LEU N 92 -26.00 -25.37 43.68
N LYS N 93 -26.49 -24.77 44.76
CA LYS N 93 -27.93 -24.64 44.98
C LYS N 93 -28.57 -23.72 43.93
N ALA N 94 -27.87 -22.64 43.55
CA ALA N 94 -28.39 -21.73 42.55
C ALA N 94 -28.46 -22.39 41.18
N PHE N 95 -27.44 -23.17 40.81
CA PHE N 95 -27.49 -23.82 39.51
C PHE N 95 -28.49 -24.97 39.48
N GLU N 96 -28.74 -25.62 40.63
CA GLU N 96 -29.79 -26.63 40.69
C GLU N 96 -31.18 -26.02 40.55
N ALA N 97 -31.40 -24.87 41.19
CA ALA N 97 -32.68 -24.16 41.01
C ALA N 97 -32.87 -23.68 39.58
N ALA N 98 -31.78 -23.24 38.93
CA ALA N 98 -31.86 -22.84 37.53
C ALA N 98 -32.19 -24.02 36.61
N LEU N 99 -31.63 -25.20 36.93
CA LEU N 99 -31.95 -26.40 36.14
C LEU N 99 -33.41 -26.78 36.28
N ALA N 100 -33.96 -26.68 37.50
CA ALA N 100 -35.38 -26.97 37.71
C ALA N 100 -36.27 -25.97 36.97
N LEU N 101 -35.86 -24.70 36.92
CA LEU N 101 -36.63 -23.70 36.18
C LEU N 101 -36.62 -23.97 34.67
N GLU N 102 -35.46 -24.38 34.13
CA GLU N 102 -35.39 -24.71 32.70
C GLU N 102 -36.26 -25.91 32.36
N LYS N 103 -36.34 -26.90 33.26
CA LYS N 103 -37.17 -28.06 32.98
C LYS N 103 -38.67 -27.72 33.04
N PHE N 104 -39.05 -26.84 33.98
CA PHE N 104 -40.44 -26.35 34.02
C PHE N 104 -40.81 -25.62 32.74
N ASN N 105 -39.90 -24.78 32.23
N ASN N 105 -39.90 -24.80 32.21
CA ASN N 105 -40.12 -24.06 30.99
CA ASN N 105 -40.16 -24.08 30.97
C ASN N 105 -40.25 -25.01 29.80
C ASN N 105 -40.25 -25.01 29.78
N ASN N 106 -39.45 -26.08 29.79
CA ASN N 106 -39.54 -27.08 28.72
C ASN N 106 -40.88 -27.81 28.73
N GLU N 107 -41.39 -28.11 29.94
CA GLU N 107 -42.69 -28.76 30.03
C GLU N 107 -43.82 -27.84 29.53
N SER N 108 -43.72 -26.54 29.83
CA SER N 108 -44.71 -25.59 29.31
C SER N 108 -44.63 -25.46 27.79
N LEU N 109 -43.41 -25.46 27.24
CA LEU N 109 -43.26 -25.38 25.78
C LEU N 109 -43.81 -26.61 25.08
N LEU N 110 -43.62 -27.80 25.67
CA LEU N 110 -44.18 -29.01 25.08
C LEU N 110 -45.70 -29.03 25.14
N LYS N 111 -46.28 -28.47 26.20
CA LYS N 111 -47.74 -28.36 26.26
C LYS N 111 -48.29 -27.41 25.21
N LEU N 112 -47.58 -26.29 24.96
CA LEU N 112 -47.99 -25.36 23.90
C LEU N 112 -47.89 -26.00 22.52
N HIS N 113 -46.82 -26.78 22.28
CA HIS N 113 -46.67 -27.50 21.02
C HIS N 113 -47.78 -28.53 20.84
N SER N 114 -48.19 -29.18 21.93
CA SER N 114 -49.27 -30.16 21.84
C SER N 114 -50.60 -29.50 21.53
N THR N 115 -50.88 -28.33 22.11
CA THR N 115 -52.11 -27.60 21.81
C THR N 115 -52.17 -27.16 20.35
N ALA N 116 -51.05 -26.59 19.86
CA ALA N 116 -50.99 -26.17 18.46
C ALA N 116 -51.09 -27.34 17.50
N GLY N 117 -50.56 -28.51 17.89
CA GLY N 117 -50.73 -29.69 17.07
C GLY N 117 -52.16 -30.23 17.08
N ASN N 118 -52.85 -30.12 18.21
CA ASN N 118 -54.23 -30.57 18.28
C ASN N 118 -55.17 -29.69 17.48
N HIS N 119 -54.84 -28.41 17.31
CA HIS N 119 -55.70 -27.54 16.51
C HIS N 119 -55.27 -27.43 15.06
N ASN N 120 -54.37 -28.32 14.58
CA ASN N 120 -53.92 -28.41 13.20
C ASN N 120 -53.30 -27.10 12.69
N ASP N 121 -52.45 -26.51 13.51
CA ASP N 121 -51.78 -25.26 13.16
C ASP N 121 -50.34 -25.61 12.78
N ALA N 122 -50.12 -25.77 11.47
CA ALA N 122 -48.83 -26.28 10.99
C ALA N 122 -47.71 -25.25 11.14
N HIS N 123 -48.02 -23.98 10.86
CA HIS N 123 -47.02 -22.92 10.93
C HIS N 123 -46.50 -22.72 12.35
N LEU N 124 -47.40 -22.79 13.34
CA LEU N 124 -46.96 -22.53 14.70
C LEU N 124 -46.20 -23.71 15.30
N THR N 125 -46.58 -24.95 14.96
CA THR N 125 -45.80 -26.10 15.41
C THR N 125 -44.40 -26.08 14.80
N ASP N 126 -44.30 -25.69 13.52
CA ASP N 126 -42.97 -25.57 12.92
C ASP N 126 -42.17 -24.45 13.54
N PHE N 127 -42.83 -23.33 13.88
CA PHE N 127 -42.16 -22.20 14.53
C PHE N 127 -41.59 -22.60 15.89
N ILE N 128 -42.41 -23.29 16.70
CA ILE N 128 -42.00 -23.72 18.03
C ILE N 128 -40.86 -24.72 17.95
N GLU N 129 -40.98 -25.70 17.05
CA GLU N 129 -39.92 -26.71 16.87
C GLU N 129 -38.62 -26.08 16.39
N GLU N 130 -38.70 -25.09 15.52
CA GLU N 130 -37.47 -24.51 14.99
C GLU N 130 -36.80 -23.57 15.99
N LYS N 131 -37.56 -22.77 16.72
CA LYS N 131 -36.94 -21.72 17.51
C LYS N 131 -36.88 -21.97 19.01
N TYR N 132 -37.59 -22.95 19.57
CA TYR N 132 -37.64 -23.03 21.02
C TYR N 132 -37.22 -24.38 21.59
N LEU N 133 -37.60 -25.49 20.95
CA LEU N 133 -37.42 -26.81 21.56
C LEU N 133 -35.95 -27.24 21.60
N ASP N 134 -35.23 -27.04 20.50
CA ASP N 134 -33.82 -27.43 20.45
C ASP N 134 -32.96 -26.55 21.36
N GLU N 135 -33.27 -25.25 21.40
CA GLU N 135 -32.58 -24.33 22.30
C GLU N 135 -32.83 -24.69 23.76
N GLN N 136 -34.05 -25.13 24.07
CA GLN N 136 -34.37 -25.52 25.45
C GLN N 136 -33.64 -26.80 25.86
N VAL N 137 -33.55 -27.76 24.93
CA VAL N 137 -32.82 -29.01 25.20
C VAL N 137 -31.34 -28.72 25.44
N LYS N 138 -30.76 -27.82 24.63
CA LYS N 138 -29.34 -27.47 24.81
C LYS N 138 -29.11 -26.71 26.11
N SER N 139 -30.06 -25.86 26.51
CA SER N 139 -29.93 -25.13 27.77
C SER N 139 -30.00 -26.07 28.98
N ILE N 140 -30.89 -27.06 28.94
CA ILE N 140 -30.99 -28.03 30.03
C ILE N 140 -29.71 -28.86 30.14
N ASN N 141 -29.14 -29.25 28.98
CA ASN N 141 -27.90 -30.01 28.99
C ASN N 141 -26.73 -29.19 29.55
N GLU N 142 -26.68 -27.90 29.21
CA GLU N 142 -25.62 -27.02 29.72
C GLU N 142 -25.70 -26.86 31.24
N PHE N 143 -26.90 -26.66 31.77
CA PHE N 143 -27.05 -26.53 33.22
C PHE N 143 -26.75 -27.83 33.95
N ALA N 144 -27.07 -28.98 33.35
CA ALA N 144 -26.77 -30.26 33.98
C ALA N 144 -25.26 -30.51 34.03
N ARG N 145 -24.54 -30.13 32.98
CA ARG N 145 -23.08 -30.25 32.99
C ARG N 145 -22.45 -29.33 34.03
N MET N 146 -23.01 -28.12 34.19
CA MET N 146 -22.46 -27.20 35.20
C MET N 146 -22.72 -27.70 36.61
N VAL N 147 -23.88 -28.34 36.85
CA VAL N 147 -24.16 -28.94 38.15
C VAL N 147 -23.18 -30.07 38.45
N ALA N 148 -22.88 -30.89 37.43
CA ALA N 148 -21.93 -31.99 37.62
C ALA N 148 -20.52 -31.48 37.94
N ASN N 149 -20.08 -30.41 37.25
CA ASN N 149 -18.75 -29.88 37.55
C ASN N 149 -18.69 -29.19 38.90
N LEU N 150 -19.78 -28.55 39.33
CA LEU N 150 -19.79 -27.94 40.66
C LEU N 150 -19.81 -28.98 41.76
N LYS N 151 -20.43 -30.13 41.51
CA LYS N 151 -20.31 -31.23 42.46
C LYS N 151 -18.91 -31.79 42.48
N ARG N 152 -18.21 -31.78 41.34
CA ARG N 152 -16.85 -32.31 41.29
C ARG N 152 -15.88 -31.43 42.06
N VAL N 153 -15.89 -30.11 41.84
CA VAL N 153 -14.85 -29.27 42.41
C VAL N 153 -15.02 -29.01 43.90
N GLY N 154 -16.22 -29.13 44.44
CA GLY N 154 -16.44 -28.90 45.85
C GLY N 154 -16.42 -27.43 46.24
N PRO N 155 -16.58 -27.15 47.54
CA PRO N 155 -16.62 -25.75 47.99
C PRO N 155 -15.23 -25.17 48.21
N GLY N 156 -15.16 -23.85 48.11
CA GLY N 156 -13.94 -23.11 48.43
C GLY N 156 -13.10 -22.83 47.20
N VAL N 157 -11.89 -23.39 47.17
CA VAL N 157 -10.95 -23.09 46.10
C VAL N 157 -11.44 -23.70 44.78
N GLY N 158 -12.20 -24.79 44.85
CA GLY N 158 -12.81 -25.33 43.64
C GLY N 158 -13.86 -24.40 43.06
N GLU N 159 -14.62 -23.75 43.93
CA GLU N 159 -15.61 -22.77 43.48
C GLU N 159 -14.94 -21.55 42.85
N TYR N 160 -13.81 -21.11 43.44
CA TYR N 160 -13.05 -20.00 42.85
C TYR N 160 -12.48 -20.37 41.49
N VAL N 161 -11.93 -21.58 41.36
CA VAL N 161 -11.35 -22.04 40.09
C VAL N 161 -12.45 -22.20 39.03
N PHE N 162 -13.62 -22.69 39.44
CA PHE N 162 -14.77 -22.79 38.53
C PHE N 162 -15.20 -21.42 38.03
N ASP N 163 -15.25 -20.42 38.92
CA ASP N 163 -15.63 -19.08 38.48
C ASP N 163 -14.57 -18.46 37.56
N LYS N 164 -13.30 -18.78 37.77
CA LYS N 164 -12.28 -18.21 36.90
C LYS N 164 -12.18 -18.89 35.55
N GLU N 165 -12.47 -20.20 35.47
CA GLU N 165 -12.13 -20.96 34.29
C GLU N 165 -13.29 -21.31 33.38
N HIS N 166 -14.50 -21.50 33.92
CA HIS N 166 -15.56 -22.15 33.17
C HIS N 166 -16.21 -21.26 32.11
N PHE N 167 -16.07 -19.94 32.22
CA PHE N 167 -16.80 -19.02 31.35
C PHE N 167 -15.89 -18.26 30.40
N SER N 168 -14.62 -18.63 30.31
CA SER N 168 -13.69 -17.95 29.42
C SER N 168 -13.40 -18.78 28.19
N SER O 1 -2.03 -59.53 -10.15
CA SER O 1 -1.43 -58.21 -10.19
C SER O 1 -0.17 -58.20 -11.05
N LEU O 2 -0.07 -57.21 -11.94
CA LEU O 2 1.13 -57.04 -12.74
C LEU O 2 2.28 -56.44 -11.95
N ALA O 3 2.01 -55.84 -10.81
CA ALA O 3 3.01 -55.13 -10.03
C ALA O 3 3.65 -55.96 -8.92
N ARG O 4 3.10 -57.13 -8.60
CA ARG O 4 3.53 -57.89 -7.44
C ARG O 4 4.92 -58.49 -7.65
N GLN O 5 5.81 -58.26 -6.68
CA GLN O 5 7.19 -58.73 -6.76
C GLN O 5 7.76 -58.76 -5.35
N ASN O 6 8.28 -59.92 -4.94
CA ASN O 6 8.89 -60.15 -3.61
C ASN O 6 7.89 -59.83 -2.48
N TYR O 7 6.70 -60.39 -2.58
CA TYR O 7 5.63 -60.14 -1.61
C TYR O 7 4.92 -61.47 -1.34
N HIS O 8 5.32 -62.13 -0.26
CA HIS O 8 4.80 -63.46 0.03
C HIS O 8 3.42 -63.37 0.69
N SER O 9 2.72 -64.50 0.68
CA SER O 9 1.33 -64.54 1.13
C SER O 9 1.19 -64.40 2.65
N GLU O 10 2.19 -64.87 3.39
CA GLU O 10 2.16 -64.75 4.86
C GLU O 10 2.24 -63.29 5.28
N VAL O 11 3.03 -62.49 4.58
CA VAL O 11 3.14 -61.07 4.86
C VAL O 11 1.83 -60.35 4.54
N GLU O 12 1.15 -60.77 3.46
CA GLU O 12 -0.15 -60.22 3.10
C GLU O 12 -1.20 -60.51 4.17
N ALA O 13 -1.22 -61.74 4.68
CA ALA O 13 -2.16 -62.10 5.74
C ALA O 13 -1.88 -61.34 7.03
N ALA O 14 -0.60 -61.14 7.37
CA ALA O 14 -0.27 -60.37 8.57
C ALA O 14 -0.64 -58.90 8.44
N VAL O 15 -0.56 -58.33 7.24
CA VAL O 15 -0.99 -56.95 7.01
C VAL O 15 -2.50 -56.82 7.20
N ASN O 16 -3.27 -57.81 6.72
CA ASN O 16 -4.73 -57.77 6.91
C ASN O 16 -5.11 -57.87 8.39
N LYS O 17 -4.37 -58.71 9.15
CA LYS O 17 -4.59 -58.81 10.59
C LYS O 17 -4.32 -57.48 11.30
N GLN O 18 -3.23 -56.80 10.92
CA GLN O 18 -2.93 -55.50 11.53
C GLN O 18 -3.97 -54.44 11.20
N ILE O 19 -4.56 -54.51 9.99
CA ILE O 19 -5.65 -53.60 9.62
C ILE O 19 -6.84 -53.74 10.57
N ASN O 20 -7.21 -54.99 10.86
CA ASN O 20 -8.34 -55.20 11.77
C ASN O 20 -8.01 -54.72 13.20
N ILE O 21 -6.76 -54.87 13.62
CA ILE O 21 -6.35 -54.40 14.95
C ILE O 21 -6.46 -52.87 15.06
N GLU O 22 -6.03 -52.14 14.03
CA GLU O 22 -6.12 -50.67 14.06
C GLU O 22 -7.58 -50.20 14.05
N LEU O 23 -8.45 -50.89 13.31
CA LEU O 23 -9.86 -50.49 13.29
C LEU O 23 -10.54 -50.72 14.64
N TYR O 24 -10.18 -51.83 15.32
CA TYR O 24 -10.71 -52.08 16.66
C TYR O 24 -10.26 -51.01 17.66
N ALA O 25 -9.00 -50.58 17.57
CA ALA O 25 -8.51 -49.54 18.46
C ALA O 25 -9.23 -48.21 18.24
N SER O 26 -9.51 -47.89 16.97
CA SER O 26 -10.29 -46.68 16.66
C SER O 26 -11.69 -46.72 17.28
N TYR O 27 -12.33 -47.89 17.25
CA TYR O 27 -13.68 -47.97 17.77
C TYR O 27 -13.70 -47.92 19.31
N VAL O 28 -12.66 -48.46 19.96
CA VAL O 28 -12.51 -48.33 21.42
C VAL O 28 -12.34 -46.87 21.82
N TYR O 29 -11.52 -46.11 21.08
CA TYR O 29 -11.33 -44.70 21.42
C TYR O 29 -12.59 -43.87 21.17
N LEU O 30 -13.40 -44.25 20.18
CA LEU O 30 -14.69 -43.59 19.98
C LEU O 30 -15.63 -43.82 21.17
N SER O 31 -15.64 -45.05 21.69
CA SER O 31 -16.44 -45.35 22.88
C SER O 31 -16.00 -44.53 24.10
N MET O 32 -14.68 -44.38 24.30
CA MET O 32 -14.18 -43.58 25.41
C MET O 32 -14.54 -42.11 25.25
N SER O 33 -14.42 -41.60 24.02
CA SER O 33 -14.75 -40.20 23.72
C SER O 33 -16.20 -39.88 24.05
N PHE O 34 -17.12 -40.78 23.72
CA PHE O 34 -18.50 -40.46 24.05
C PHE O 34 -18.89 -40.87 25.46
N TYR O 35 -18.05 -41.62 26.17
CA TYR O 35 -18.27 -41.74 27.61
C TYR O 35 -17.96 -40.43 28.32
N PHE O 36 -16.87 -39.77 27.96
CA PHE O 36 -16.55 -38.52 28.66
C PHE O 36 -17.40 -37.33 28.21
N ASP O 37 -18.27 -37.52 27.22
CA ASP O 37 -19.21 -36.50 26.76
C ASP O 37 -20.53 -36.53 27.51
N ARG O 38 -20.73 -37.50 28.41
CA ARG O 38 -21.99 -37.63 29.13
C ARG O 38 -22.22 -36.46 30.08
N ASP O 39 -23.50 -36.20 30.37
CA ASP O 39 -23.83 -35.02 31.17
C ASP O 39 -23.52 -35.20 32.65
N ASP O 40 -23.33 -36.43 33.12
CA ASP O 40 -22.93 -36.68 34.50
C ASP O 40 -21.44 -36.92 34.64
N VAL O 41 -20.67 -36.84 33.56
CA VAL O 41 -19.22 -36.88 33.62
C VAL O 41 -18.62 -35.51 33.28
N ALA O 42 -18.87 -35.02 32.06
CA ALA O 42 -18.69 -33.62 31.64
C ALA O 42 -17.23 -33.15 31.75
N LEU O 43 -16.36 -33.86 31.04
CA LEU O 43 -14.96 -33.44 30.89
C LEU O 43 -14.69 -33.28 29.40
N PRO O 44 -14.92 -32.09 28.84
CA PRO O 44 -14.98 -31.97 27.37
C PRO O 44 -13.64 -32.05 26.66
N ASN O 45 -12.55 -31.61 27.29
CA ASN O 45 -11.25 -31.64 26.61
C ASN O 45 -10.72 -33.07 26.52
N ILE O 46 -11.01 -33.91 27.52
CA ILE O 46 -10.66 -35.32 27.47
C ILE O 46 -11.44 -36.03 26.36
N ALA O 47 -12.72 -35.67 26.21
CA ALA O 47 -13.55 -36.25 25.15
C ALA O 47 -13.05 -35.85 23.77
N LYS O 48 -12.64 -34.59 23.61
CA LYS O 48 -12.07 -34.14 22.34
C LYS O 48 -10.75 -34.84 22.03
N PHE O 49 -9.93 -35.07 23.06
CA PHE O 49 -8.67 -35.79 22.91
C PHE O 49 -8.90 -37.22 22.41
N PHE O 50 -9.87 -37.92 23.00
CA PHE O 50 -10.12 -39.29 22.59
C PHE O 50 -10.77 -39.36 21.20
N LYS O 51 -11.53 -38.33 20.81
CA LYS O 51 -12.04 -38.28 19.44
C LYS O 51 -10.91 -38.13 18.42
N GLU O 52 -9.92 -37.30 18.75
CA GLU O 52 -8.75 -37.17 17.88
C GLU O 52 -7.94 -38.46 17.79
N GLN O 53 -7.84 -39.19 18.91
CA GLN O 53 -7.15 -40.49 18.90
C GLN O 53 -7.87 -41.50 18.03
N SER O 54 -9.21 -41.48 18.04
CA SER O 54 -9.99 -42.37 17.20
C SER O 54 -9.76 -42.08 15.71
N ASP O 55 -9.73 -40.79 15.35
CA ASP O 55 -9.45 -40.40 13.97
C ASP O 55 -8.04 -40.83 13.54
N GLU O 56 -7.07 -40.73 14.45
CA GLU O 56 -5.69 -41.13 14.13
C GLU O 56 -5.58 -42.63 13.89
N GLU O 57 -6.25 -43.45 14.70
CA GLU O 57 -6.20 -44.89 14.48
C GLU O 57 -6.89 -45.29 13.17
N ARG O 58 -7.95 -44.58 12.79
CA ARG O 58 -8.57 -44.83 11.49
C ARG O 58 -7.62 -44.48 10.34
N GLU O 59 -6.83 -43.41 10.50
CA GLU O 59 -5.82 -43.07 9.49
C GLU O 59 -4.74 -44.14 9.39
N HIS O 60 -4.33 -44.73 10.52
CA HIS O 60 -3.36 -45.82 10.50
C HIS O 60 -3.87 -47.02 9.71
N ALA O 61 -5.15 -47.37 9.93
CA ALA O 61 -5.75 -48.49 9.19
C ALA O 61 -5.82 -48.20 7.69
N THR O 62 -6.18 -46.98 7.30
CA THR O 62 -6.28 -46.69 5.87
C THR O 62 -4.90 -46.64 5.20
N GLU O 63 -3.85 -46.23 5.92
CA GLU O 63 -2.52 -46.26 5.33
C GLU O 63 -2.01 -47.69 5.13
N LEU O 64 -2.37 -48.60 6.05
CA LEU O 64 -2.04 -50.00 5.82
C LEU O 64 -2.79 -50.58 4.63
N MET O 65 -4.06 -50.21 4.44
CA MET O 65 -4.80 -50.63 3.25
C MET O 65 -4.14 -50.11 1.96
N ARG O 66 -3.65 -48.86 2.01
CA ARG O 66 -3.00 -48.27 0.85
C ARG O 66 -1.70 -48.99 0.49
N VAL O 67 -0.89 -49.36 1.49
CA VAL O 67 0.36 -50.04 1.15
C VAL O 67 0.09 -51.48 0.71
N GLN O 68 -1.00 -52.09 1.20
CA GLN O 68 -1.41 -53.40 0.70
C GLN O 68 -1.78 -53.33 -0.78
N ASN O 69 -2.50 -52.29 -1.19
CA ASN O 69 -2.79 -52.11 -2.61
C ASN O 69 -1.54 -51.76 -3.41
N LEU O 70 -0.61 -51.03 -2.80
CA LEU O 70 0.61 -50.62 -3.51
C LEU O 70 1.52 -51.81 -3.82
N ARG O 71 1.60 -52.79 -2.91
CA ARG O 71 2.45 -53.93 -3.17
C ARG O 71 1.78 -55.01 -4.01
N GLY O 72 0.54 -54.83 -4.41
CA GLY O 72 -0.15 -55.80 -5.23
C GLY O 72 -0.89 -56.89 -4.49
N GLY O 73 -1.05 -56.76 -3.18
CA GLY O 73 -1.89 -57.67 -2.42
C GLY O 73 -3.34 -57.26 -2.46
N ARG O 74 -4.18 -58.04 -1.77
CA ARG O 74 -5.62 -57.83 -1.76
C ARG O 74 -6.10 -57.63 -0.32
N VAL O 75 -6.88 -56.58 -0.10
CA VAL O 75 -7.42 -56.26 1.21
C VAL O 75 -8.60 -57.18 1.49
N VAL O 76 -8.59 -57.85 2.65
CA VAL O 76 -9.67 -58.70 3.11
C VAL O 76 -10.11 -58.22 4.49
N LEU O 77 -11.33 -57.72 4.58
CA LEU O 77 -11.85 -57.12 5.82
C LEU O 77 -12.62 -58.15 6.64
N GLN O 78 -12.60 -57.95 7.96
CA GLN O 78 -13.31 -58.81 8.91
C GLN O 78 -14.23 -57.95 9.77
N ASP O 79 -14.98 -58.61 10.65
CA ASP O 79 -15.83 -57.93 11.61
C ASP O 79 -15.00 -57.12 12.60
N ILE O 80 -15.54 -55.98 13.02
CA ILE O 80 -14.96 -55.17 14.07
C ILE O 80 -15.73 -55.44 15.35
N GLN O 81 -15.04 -55.99 16.35
CA GLN O 81 -15.68 -56.32 17.62
C GLN O 81 -15.98 -55.07 18.43
N LYS O 82 -17.04 -55.13 19.22
CA LYS O 82 -17.41 -54.02 20.08
C LYS O 82 -16.42 -53.93 21.25
N PRO O 83 -16.26 -52.73 21.84
CA PRO O 83 -15.33 -52.60 22.96
C PRO O 83 -15.77 -53.37 24.19
N GLU O 84 -14.80 -53.56 25.10
CA GLU O 84 -15.02 -54.43 26.26
C GLU O 84 -15.95 -53.81 27.28
N ASN O 85 -15.98 -52.49 27.39
CA ASN O 85 -16.79 -51.81 28.39
C ASN O 85 -17.66 -50.75 27.74
N ASP O 86 -18.82 -50.51 28.35
CA ASP O 86 -19.66 -49.39 27.96
C ASP O 86 -19.29 -48.12 28.71
N GLU O 87 -18.88 -48.24 29.97
CA GLU O 87 -18.45 -47.12 30.78
C GLU O 87 -17.07 -47.39 31.34
N TRP O 88 -16.27 -46.33 31.50
CA TRP O 88 -14.84 -46.46 31.71
C TRP O 88 -14.38 -45.93 33.07
N GLY O 89 -15.30 -45.66 33.99
CA GLY O 89 -14.91 -45.30 35.34
C GLY O 89 -14.37 -43.90 35.46
N THR O 90 -13.38 -43.72 36.33
CA THR O 90 -12.72 -42.44 36.51
C THR O 90 -11.78 -42.16 35.34
N ALA O 91 -11.19 -40.96 35.34
CA ALA O 91 -10.26 -40.60 34.28
C ALA O 91 -8.97 -41.42 34.36
N LEU O 92 -8.52 -41.74 35.58
CA LEU O 92 -7.30 -42.52 35.76
C LEU O 92 -7.46 -43.94 35.22
N LYS O 93 -8.61 -44.57 35.47
CA LYS O 93 -8.87 -45.92 34.97
C LYS O 93 -8.96 -45.93 33.44
N ALA O 94 -9.56 -44.91 32.85
CA ALA O 94 -9.66 -44.83 31.40
C ALA O 94 -8.30 -44.64 30.75
N PHE O 95 -7.44 -43.80 31.34
CA PHE O 95 -6.12 -43.60 30.74
C PHE O 95 -5.23 -44.81 30.96
N GLU O 96 -5.43 -45.57 32.05
CA GLU O 96 -4.68 -46.81 32.23
C GLU O 96 -5.10 -47.87 31.23
N ALA O 97 -6.40 -47.98 30.95
CA ALA O 97 -6.87 -48.90 29.91
C ALA O 97 -6.37 -48.51 28.53
N ALA O 98 -6.30 -47.20 28.26
CA ALA O 98 -5.75 -46.73 26.98
C ALA O 98 -4.27 -47.05 26.86
N LEU O 99 -3.51 -46.96 27.97
CA LEU O 99 -2.09 -47.31 27.94
C LEU O 99 -1.90 -48.80 27.66
N ALA O 100 -2.74 -49.65 28.27
CA ALA O 100 -2.66 -51.08 28.01
C ALA O 100 -3.01 -51.41 26.55
N LEU O 101 -3.97 -50.68 25.97
CA LEU O 101 -4.31 -50.89 24.56
C LEU O 101 -3.16 -50.49 23.63
N GLU O 102 -2.49 -49.37 23.93
CA GLU O 102 -1.35 -48.95 23.12
C GLU O 102 -0.20 -49.95 23.19
N LYS O 103 0.02 -50.56 24.36
CA LYS O 103 1.09 -51.54 24.47
C LYS O 103 0.76 -52.84 23.72
N PHE O 104 -0.52 -53.25 23.75
CA PHE O 104 -0.95 -54.40 22.94
C PHE O 104 -0.74 -54.16 21.45
N ASN O 105 -1.07 -52.94 20.99
N ASN O 105 -1.05 -52.95 20.98
CA ASN O 105 -0.87 -52.58 19.59
CA ASN O 105 -0.85 -52.61 19.58
C ASN O 105 0.61 -52.57 19.22
C ASN O 105 0.62 -52.57 19.21
N ASN O 106 1.47 -52.12 20.13
CA ASN O 106 2.91 -52.13 19.89
C ASN O 106 3.46 -53.55 19.76
N GLU O 107 2.94 -54.47 20.58
CA GLU O 107 3.37 -55.86 20.49
C GLU O 107 2.95 -56.49 19.16
N SER O 108 1.74 -56.15 18.69
CA SER O 108 1.30 -56.65 17.38
C SER O 108 2.14 -56.07 16.24
N LEU O 109 2.50 -54.79 16.34
CA LEU O 109 3.34 -54.18 15.30
C LEU O 109 4.73 -54.79 15.26
N LEU O 110 5.30 -55.10 16.43
CA LEU O 110 6.61 -55.75 16.46
C LEU O 110 6.56 -57.16 15.89
N LYS O 111 5.46 -57.88 16.11
CA LYS O 111 5.31 -59.20 15.50
C LYS O 111 5.21 -59.13 13.98
N LEU O 112 4.50 -58.10 13.47
CA LEU O 112 4.40 -57.91 12.02
C LEU O 112 5.77 -57.56 11.42
N HIS O 113 6.54 -56.71 12.11
CA HIS O 113 7.89 -56.38 11.67
C HIS O 113 8.80 -57.60 11.67
N SER O 114 8.63 -58.48 12.65
CA SER O 114 9.43 -59.69 12.70
C SER O 114 9.09 -60.65 11.56
N THR O 115 7.81 -60.77 11.21
CA THR O 115 7.40 -61.62 10.09
C THR O 115 7.95 -61.10 8.76
N ALA O 116 7.83 -59.78 8.54
CA ALA O 116 8.36 -59.18 7.32
C ALA O 116 9.87 -59.28 7.24
N GLY O 117 10.57 -59.22 8.39
CA GLY O 117 11.99 -59.44 8.39
C GLY O 117 12.39 -60.88 8.12
N ASN O 118 11.59 -61.83 8.60
CA ASN O 118 11.88 -63.23 8.34
C ASN O 118 11.67 -63.62 6.89
N HIS O 119 10.77 -62.93 6.18
CA HIS O 119 10.57 -63.24 4.77
C HIS O 119 11.39 -62.37 3.83
N ASN O 120 12.39 -61.63 4.35
CA ASN O 120 13.33 -60.81 3.58
C ASN O 120 12.62 -59.75 2.73
N ASP O 121 11.67 -59.07 3.34
CA ASP O 121 10.91 -58.02 2.66
C ASP O 121 11.44 -56.68 3.16
N ALA O 122 12.38 -56.11 2.40
CA ALA O 122 13.09 -54.92 2.86
C ALA O 122 12.21 -53.67 2.85
N HIS O 123 11.38 -53.54 1.81
CA HIS O 123 10.53 -52.36 1.67
C HIS O 123 9.49 -52.28 2.79
N LEU O 124 8.92 -53.43 3.18
CA LEU O 124 7.89 -53.38 4.20
C LEU O 124 8.46 -53.18 5.60
N THR O 125 9.64 -53.74 5.90
CA THR O 125 10.27 -53.46 7.18
C THR O 125 10.66 -52.00 7.30
N ASP O 126 11.15 -51.41 6.20
CA ASP O 126 11.44 -49.97 6.23
C ASP O 126 10.18 -49.14 6.37
N PHE O 127 9.09 -49.55 5.73
CA PHE O 127 7.81 -48.85 5.84
C PHE O 127 7.29 -48.86 7.28
N ILE O 128 7.32 -50.04 7.91
CA ILE O 128 6.84 -50.19 9.28
C ILE O 128 7.70 -49.38 10.25
N GLU O 129 9.02 -49.46 10.10
CA GLU O 129 9.94 -48.71 10.96
C GLU O 129 9.76 -47.21 10.79
N GLU O 130 9.53 -46.75 9.57
CA GLU O 130 9.41 -45.31 9.37
C GLU O 130 8.08 -44.76 9.83
N LYS O 131 6.98 -45.47 9.60
CA LYS O 131 5.67 -44.88 9.84
C LYS O 131 4.94 -45.35 11.09
N TYR O 132 5.36 -46.43 11.75
CA TYR O 132 4.52 -46.95 12.82
C TYR O 132 5.23 -47.09 14.16
N LEU O 133 6.50 -47.54 14.17
CA LEU O 133 7.16 -47.90 15.42
C LEU O 133 7.49 -46.69 16.29
N ASP O 134 8.03 -45.63 15.67
CA ASP O 134 8.39 -44.43 16.42
C ASP O 134 7.15 -43.70 16.94
N GLU O 135 6.10 -43.65 16.11
CA GLU O 135 4.83 -43.06 16.53
C GLU O 135 4.21 -43.84 17.68
N GLN O 136 4.34 -45.16 17.66
CA GLN O 136 3.79 -45.98 18.74
C GLN O 136 4.55 -45.78 20.05
N VAL O 137 5.89 -45.66 19.95
CA VAL O 137 6.71 -45.40 21.15
C VAL O 137 6.36 -44.05 21.76
N LYS O 138 6.17 -43.03 20.91
CA LYS O 138 5.80 -41.70 21.42
C LYS O 138 4.40 -41.69 22.02
N SER O 139 3.47 -42.46 21.45
CA SER O 139 2.12 -42.54 22.00
C SER O 139 2.11 -43.23 23.38
N ILE O 140 2.89 -44.28 23.54
CA ILE O 140 2.98 -44.98 24.83
C ILE O 140 3.59 -44.05 25.89
N ASN O 141 4.62 -43.28 25.51
CA ASN O 141 5.23 -42.34 26.44
C ASN O 141 4.26 -41.23 26.86
N GLU O 142 3.46 -40.74 25.91
CA GLU O 142 2.47 -39.70 26.21
C GLU O 142 1.40 -40.20 27.19
N PHE O 143 0.90 -41.42 26.97
CA PHE O 143 -0.10 -41.96 27.89
C PHE O 143 0.48 -42.27 29.27
N ALA O 144 1.75 -42.67 29.34
CA ALA O 144 2.36 -42.92 30.65
C ALA O 144 2.54 -41.63 31.43
N ARG O 145 2.91 -40.54 30.74
CA ARG O 145 3.03 -39.25 31.42
C ARG O 145 1.67 -38.74 31.91
N MET O 146 0.61 -38.98 31.13
CA MET O 146 -0.72 -38.57 31.56
C MET O 146 -1.21 -39.38 32.75
N VAL O 147 -0.87 -40.67 32.81
CA VAL O 147 -1.22 -41.48 33.98
C VAL O 147 -0.49 -40.99 35.22
N ALA O 148 0.79 -40.61 35.07
CA ALA O 148 1.55 -40.08 36.20
C ALA O 148 0.97 -38.75 36.72
N ASN O 149 0.56 -37.87 35.80
CA ASN O 149 -0.02 -36.60 36.26
C ASN O 149 -1.39 -36.78 36.88
N LEU O 150 -2.18 -37.74 36.38
CA LEU O 150 -3.48 -38.00 36.99
C LEU O 150 -3.35 -38.64 38.36
N LYS O 151 -2.29 -39.43 38.58
CA LYS O 151 -2.02 -39.90 39.93
C LYS O 151 -1.56 -38.77 40.83
N ARG O 152 -0.86 -37.78 40.28
CA ARG O 152 -0.39 -36.66 41.10
C ARG O 152 -1.54 -35.78 41.55
N VAL O 153 -2.44 -35.38 40.65
CA VAL O 153 -3.44 -34.38 41.01
C VAL O 153 -4.57 -34.93 41.88
N GLY O 154 -4.83 -36.23 41.84
CA GLY O 154 -5.89 -36.80 42.65
C GLY O 154 -7.29 -36.52 42.12
N PRO O 155 -8.30 -37.00 42.82
CA PRO O 155 -9.68 -36.81 42.36
C PRO O 155 -10.25 -35.45 42.75
N GLY O 156 -11.23 -35.02 41.97
CA GLY O 156 -11.99 -33.81 42.28
C GLY O 156 -11.43 -32.58 41.57
N VAL O 157 -10.96 -31.61 42.36
CA VAL O 157 -10.52 -30.34 41.80
C VAL O 157 -9.23 -30.54 40.99
N GLY O 158 -8.42 -31.54 41.34
CA GLY O 158 -7.27 -31.86 40.52
C GLY O 158 -7.65 -32.40 39.16
N GLU O 159 -8.72 -33.19 39.11
CA GLU O 159 -9.22 -33.70 37.84
C GLU O 159 -9.78 -32.58 36.97
N TYR O 160 -10.47 -31.61 37.60
CA TYR O 160 -10.97 -30.45 36.87
C TYR O 160 -9.83 -29.60 36.32
N VAL O 161 -8.78 -29.37 37.13
CA VAL O 161 -7.63 -28.57 36.70
C VAL O 161 -6.87 -29.28 35.58
N PHE O 162 -6.75 -30.61 35.68
CA PHE O 162 -6.13 -31.41 34.61
C PHE O 162 -6.91 -31.29 33.31
N ASP O 163 -8.24 -31.34 33.38
CA ASP O 163 -9.03 -31.21 32.15
C ASP O 163 -8.93 -29.80 31.57
N LYS O 164 -8.79 -28.78 32.42
CA LYS O 164 -8.69 -27.42 31.88
C LYS O 164 -7.30 -27.10 31.33
N GLU O 165 -6.24 -27.68 31.88
CA GLU O 165 -4.91 -27.20 31.60
C GLU O 165 -4.08 -28.07 30.66
N HIS O 166 -4.29 -29.39 30.67
CA HIS O 166 -3.34 -30.30 30.05
C HIS O 166 -3.40 -30.33 28.53
N PHE O 167 -4.50 -29.90 27.93
CA PHE O 167 -4.69 -30.05 26.49
C PHE O 167 -4.69 -28.72 25.75
N SER O 168 -4.32 -27.63 26.40
CA SER O 168 -4.30 -26.33 25.75
C SER O 168 -2.87 -25.90 25.45
N SER P 1 53.03 -14.30 25.18
CA SER P 1 52.03 -13.39 24.66
C SER P 1 52.57 -11.97 24.54
N LEU P 2 52.34 -11.35 23.39
CA LEU P 2 52.72 -9.96 23.20
C LEU P 2 51.78 -8.99 23.90
N ALA P 3 50.60 -9.44 24.28
CA ALA P 3 49.57 -8.58 24.85
C ALA P 3 49.56 -8.56 26.38
N ARG P 4 50.27 -9.47 27.04
CA ARG P 4 50.15 -9.63 28.48
C ARG P 4 50.78 -8.45 29.23
N GLN P 5 50.01 -7.88 30.16
CA GLN P 5 50.45 -6.72 30.92
C GLN P 5 49.61 -6.64 32.19
N ASN P 6 50.28 -6.60 33.36
CA ASN P 6 49.65 -6.52 34.68
C ASN P 6 48.68 -7.69 34.91
N TYR P 7 49.16 -8.90 34.68
CA TYR P 7 48.35 -10.11 34.79
C TYR P 7 49.21 -11.18 35.45
N HIS P 8 49.08 -11.33 36.76
CA HIS P 8 49.93 -12.25 37.51
C HIS P 8 49.44 -13.68 37.38
N SER P 9 50.32 -14.62 37.72
CA SER P 9 50.04 -16.03 37.50
C SER P 9 49.00 -16.60 38.47
N GLU P 10 48.92 -16.04 39.67
CA GLU P 10 47.92 -16.48 40.65
C GLU P 10 46.51 -16.17 40.17
N VAL P 11 46.34 -15.01 39.54
CA VAL P 11 45.04 -14.63 38.99
C VAL P 11 44.66 -15.54 37.83
N GLU P 12 45.64 -15.94 37.01
CA GLU P 12 45.41 -16.87 35.90
C GLU P 12 44.96 -18.24 36.41
N ALA P 13 45.61 -18.73 37.47
CA ALA P 13 45.23 -20.01 38.05
C ALA P 13 43.84 -19.96 38.67
N ALA P 14 43.49 -18.85 39.33
CA ALA P 14 42.15 -18.71 39.89
C ALA P 14 41.07 -18.63 38.83
N VAL P 15 41.36 -18.03 37.67
CA VAL P 15 40.41 -17.99 36.56
C VAL P 15 40.17 -19.39 36.01
N ASN P 16 41.23 -20.21 35.90
CA ASN P 16 41.06 -21.59 35.43
C ASN P 16 40.22 -22.42 36.41
N LYS P 17 40.42 -22.21 37.72
CA LYS P 17 39.61 -22.87 38.73
C LYS P 17 38.12 -22.50 38.61
N GLN P 18 37.84 -21.21 38.39
CA GLN P 18 36.45 -20.79 38.23
C GLN P 18 35.80 -21.35 36.97
N ILE P 19 36.59 -21.54 35.90
CA ILE P 19 36.08 -22.18 34.68
C ILE P 19 35.60 -23.60 34.96
N ASN P 20 36.40 -24.36 35.71
CA ASN P 20 35.98 -25.72 36.04
C ASN P 20 34.72 -25.74 36.93
N ILE P 21 34.60 -24.76 37.83
CA ILE P 21 33.42 -24.68 38.69
C ILE P 21 32.14 -24.42 37.88
N GLU P 22 32.21 -23.51 36.89
CA GLU P 22 31.04 -23.22 36.06
C GLU P 22 30.65 -24.43 35.19
N LEU P 23 31.64 -25.18 34.70
CA LEU P 23 31.32 -26.35 33.89
C LEU P 23 30.65 -27.45 34.71
N TYR P 24 31.11 -27.63 35.97
CA TYR P 24 30.47 -28.59 36.86
C TYR P 24 29.02 -28.21 37.17
N ALA P 25 28.77 -26.92 37.37
CA ALA P 25 27.40 -26.47 37.63
C ALA P 25 26.47 -26.71 36.44
N SER P 26 27.00 -26.50 35.22
CA SER P 26 26.23 -26.80 34.01
C SER P 26 25.86 -28.27 33.91
N TYR P 27 26.78 -29.15 34.28
CA TYR P 27 26.51 -30.58 34.16
C TYR P 27 25.52 -31.05 35.24
N VAL P 28 25.55 -30.45 36.43
CA VAL P 28 24.55 -30.73 37.47
C VAL P 28 23.16 -30.31 37.01
N TYR P 29 23.03 -29.14 36.39
CA TYR P 29 21.71 -28.70 35.91
C TYR P 29 21.20 -29.56 34.76
N LEU P 30 22.10 -30.10 33.93
CA LEU P 30 21.68 -31.04 32.89
C LEU P 30 21.11 -32.32 33.49
N SER P 31 21.76 -32.81 34.57
CA SER P 31 21.24 -33.99 35.26
C SER P 31 19.86 -33.75 35.86
N MET P 32 19.64 -32.57 36.46
CA MET P 32 18.33 -32.25 37.02
C MET P 32 17.25 -32.14 35.93
N SER P 33 17.62 -31.52 34.81
CA SER P 33 16.70 -31.36 33.67
C SER P 33 16.23 -32.71 33.14
N PHE P 34 17.13 -33.68 33.03
CA PHE P 34 16.64 -34.96 32.53
C PHE P 34 16.09 -35.86 33.63
N TYR P 35 16.26 -35.51 34.90
CA TYR P 35 15.46 -36.18 35.92
C TYR P 35 13.99 -35.78 35.82
N PHE P 36 13.71 -34.50 35.64
CA PHE P 36 12.30 -34.09 35.57
C PHE P 36 11.63 -34.43 34.23
N ASP P 37 12.38 -34.96 33.27
CA ASP P 37 11.84 -35.41 31.99
C ASP P 37 11.39 -36.86 32.01
N ARG P 38 11.59 -37.57 33.12
CA ARG P 38 11.23 -38.98 33.21
C ARG P 38 9.72 -39.17 33.14
N ASP P 39 9.31 -40.37 32.69
CA ASP P 39 7.88 -40.62 32.47
C ASP P 39 7.12 -40.84 33.77
N ASP P 40 7.80 -41.13 34.87
CA ASP P 40 7.15 -41.26 36.17
C ASP P 40 7.27 -40.00 37.01
N VAL P 41 7.89 -38.94 36.49
CA VAL P 41 7.90 -37.64 37.15
C VAL P 41 7.05 -36.63 36.38
N ALA P 42 7.41 -36.35 35.12
CA ALA P 42 6.57 -35.70 34.11
C ALA P 42 6.16 -34.27 34.52
N LEU P 43 7.16 -33.43 34.75
CA LEU P 43 6.96 -32.00 34.98
C LEU P 43 7.76 -31.25 33.93
N PRO P 44 7.16 -30.98 32.76
CA PRO P 44 7.97 -30.55 31.61
C PRO P 44 8.50 -29.13 31.68
N ASN P 45 7.78 -28.20 32.33
CA ASN P 45 8.26 -26.82 32.38
C ASN P 45 9.43 -26.68 33.34
N ILE P 46 9.47 -27.47 34.41
CA ILE P 46 10.61 -27.50 35.31
C ILE P 46 11.85 -28.05 34.58
N ALA P 47 11.64 -29.09 33.75
CA ALA P 47 12.73 -29.67 32.99
C ALA P 47 13.30 -28.68 31.96
N LYS P 48 12.40 -27.93 31.30
CA LYS P 48 12.84 -26.90 30.36
C LYS P 48 13.60 -25.78 31.07
N PHE P 49 13.15 -25.41 32.28
CA PHE P 49 13.84 -24.39 33.08
C PHE P 49 15.26 -24.82 33.43
N PHE P 50 15.43 -26.08 33.85
CA PHE P 50 16.76 -26.54 34.22
C PHE P 50 17.66 -26.72 33.00
N LYS P 51 17.09 -27.03 31.83
CA LYS P 51 17.88 -27.05 30.60
C LYS P 51 18.41 -25.66 30.25
N GLU P 52 17.57 -24.64 30.41
CA GLU P 52 18.03 -23.27 30.19
C GLU P 52 19.11 -22.84 31.18
N GLN P 53 18.99 -23.29 32.44
CA GLN P 53 20.03 -22.99 33.43
C GLN P 53 21.35 -23.65 33.08
N SER P 54 21.31 -24.88 32.54
CA SER P 54 22.52 -25.56 32.10
C SER P 54 23.21 -24.81 30.96
N ASP P 55 22.42 -24.34 29.99
CA ASP P 55 22.98 -23.55 28.89
C ASP P 55 23.60 -22.23 29.38
N GLU P 56 22.97 -21.61 30.38
CA GLU P 56 23.51 -20.35 30.94
C GLU P 56 24.83 -20.57 31.65
N GLU P 57 24.97 -21.65 32.42
CA GLU P 57 26.23 -21.92 33.09
C GLU P 57 27.35 -22.24 32.09
N ARG P 58 27.01 -22.91 30.98
CA ARG P 58 28.00 -23.13 29.94
C ARG P 58 28.45 -21.82 29.30
N GLU P 59 27.52 -20.87 29.13
CA GLU P 59 27.89 -19.54 28.62
C GLU P 59 28.81 -18.80 29.58
N HIS P 60 28.58 -18.93 30.89
CA HIS P 60 29.47 -18.32 31.88
C HIS P 60 30.89 -18.86 31.78
N ALA P 61 31.01 -20.19 31.62
CA ALA P 61 32.34 -20.80 31.46
C ALA P 61 33.05 -20.32 30.19
N THR P 62 32.32 -20.21 29.08
CA THR P 62 32.97 -19.78 27.85
C THR P 62 33.36 -18.30 27.89
N GLU P 63 32.61 -17.46 28.61
CA GLU P 63 33.03 -16.07 28.74
C GLU P 63 34.28 -15.92 29.60
N LEU P 64 34.43 -16.77 30.63
CA LEU P 64 35.67 -16.76 31.38
C LEU P 64 36.85 -17.23 30.54
N MET P 65 36.65 -18.24 29.69
CA MET P 65 37.71 -18.65 28.76
C MET P 65 38.09 -17.51 27.80
N ARG P 66 37.11 -16.76 27.34
CA ARG P 66 37.36 -15.65 26.43
C ARG P 66 38.17 -14.53 27.10
N VAL P 67 37.86 -14.20 28.36
CA VAL P 67 38.63 -13.13 29.00
C VAL P 67 40.03 -13.62 29.39
N GLN P 68 40.19 -14.93 29.63
CA GLN P 68 41.52 -15.49 29.84
C GLN P 68 42.37 -15.35 28.58
N ASN P 69 41.79 -15.61 27.41
CA ASN P 69 42.53 -15.39 26.17
C ASN P 69 42.77 -13.90 25.90
N LEU P 70 41.83 -13.05 26.31
CA LEU P 70 41.96 -11.61 26.07
C LEU P 70 43.11 -11.00 26.87
N ARG P 71 43.31 -11.46 28.11
CA ARG P 71 44.39 -10.90 28.91
C ARG P 71 45.74 -11.53 28.64
N GLY P 72 45.83 -12.51 27.75
CA GLY P 72 47.09 -13.13 27.42
C GLY P 72 47.47 -14.32 28.26
N GLY P 73 46.56 -14.84 29.07
CA GLY P 73 46.80 -16.08 29.79
C GLY P 73 46.48 -17.29 28.94
N ARG P 74 46.64 -18.47 29.53
CA ARG P 74 46.44 -19.73 28.84
C ARG P 74 45.40 -20.57 29.57
N VAL P 75 44.42 -21.07 28.83
CA VAL P 75 43.36 -21.89 29.38
C VAL P 75 43.89 -23.30 29.62
N VAL P 76 43.69 -23.82 30.83
CA VAL P 76 44.06 -25.18 31.20
C VAL P 76 42.82 -25.88 31.75
N LEU P 77 42.36 -26.90 31.04
CA LEU P 77 41.13 -27.59 31.40
C LEU P 77 41.40 -28.82 32.25
N GLN P 78 40.43 -29.16 33.10
CA GLN P 78 40.51 -30.32 33.98
C GLN P 78 39.28 -31.21 33.75
N ASP P 79 39.25 -32.34 34.45
CA ASP P 79 38.11 -33.24 34.41
C ASP P 79 36.87 -32.58 35.01
N ILE P 80 35.71 -32.90 34.46
CA ILE P 80 34.42 -32.48 34.99
C ILE P 80 33.84 -33.65 35.77
N GLN P 81 33.66 -33.48 37.07
CA GLN P 81 33.13 -34.54 37.92
C GLN P 81 31.64 -34.73 37.67
N LYS P 82 31.19 -35.97 37.85
CA LYS P 82 29.78 -36.28 37.70
C LYS P 82 29.00 -35.72 38.89
N PRO P 83 27.70 -35.44 38.73
CA PRO P 83 26.91 -34.90 39.83
C PRO P 83 26.75 -35.88 40.98
N GLU P 84 26.36 -35.34 42.13
CA GLU P 84 26.32 -36.11 43.37
C GLU P 84 25.18 -37.12 43.38
N ASN P 85 24.08 -36.85 42.69
CA ASN P 85 22.91 -37.71 42.72
C ASN P 85 22.47 -38.03 41.30
N ASP P 86 21.90 -39.21 41.13
CA ASP P 86 21.24 -39.57 39.89
C ASP P 86 19.78 -39.13 39.87
N GLU P 87 19.10 -39.18 41.00
CA GLU P 87 17.72 -38.74 41.13
C GLU P 87 17.61 -37.73 42.26
N TRP P 88 16.69 -36.77 42.09
CA TRP P 88 16.68 -35.57 42.92
C TRP P 88 15.43 -35.43 43.78
N GLY P 89 14.63 -36.48 43.93
CA GLY P 89 13.53 -36.44 44.89
C GLY P 89 12.36 -35.61 44.39
N THR P 90 11.69 -34.93 45.32
CA THR P 90 10.58 -34.05 44.99
C THR P 90 11.10 -32.76 44.37
N ALA P 91 10.17 -31.90 43.94
CA ALA P 91 10.56 -30.62 43.35
C ALA P 91 11.18 -29.69 44.38
N LEU P 92 10.69 -29.75 45.63
CA LEU P 92 11.20 -28.89 46.69
C LEU P 92 12.65 -29.25 47.03
N LYS P 93 12.97 -30.53 47.09
CA LYS P 93 14.34 -30.97 47.38
C LYS P 93 15.29 -30.58 46.25
N ALA P 94 14.84 -30.67 45.00
CA ALA P 94 15.67 -30.30 43.88
C ALA P 94 15.95 -28.81 43.85
N PHE P 95 14.94 -27.98 44.15
CA PHE P 95 15.17 -26.54 44.15
C PHE P 95 16.00 -26.11 45.34
N GLU P 96 15.92 -26.83 46.47
CA GLU P 96 16.80 -26.53 47.61
C GLU P 96 18.25 -26.88 47.31
N ALA P 97 18.48 -28.01 46.63
CA ALA P 97 19.84 -28.36 46.21
C ALA P 97 20.39 -27.37 45.20
N ALA P 98 19.53 -26.87 44.30
CA ALA P 98 19.96 -25.85 43.34
C ALA P 98 20.31 -24.54 44.03
N LEU P 99 19.56 -24.17 45.08
CA LEU P 99 19.89 -22.96 45.83
C LEU P 99 21.23 -23.09 46.54
N ALA P 100 21.51 -24.27 47.12
CA ALA P 100 22.80 -24.49 47.76
C ALA P 100 23.95 -24.44 46.75
N LEU P 101 23.72 -24.95 45.54
CA LEU P 101 24.75 -24.88 44.50
C LEU P 101 25.03 -23.44 44.07
N GLU P 102 23.98 -22.62 43.93
CA GLU P 102 24.16 -21.21 43.57
C GLU P 102 24.92 -20.45 44.65
N LYS P 103 24.68 -20.77 45.93
CA LYS P 103 25.40 -20.08 46.99
C LYS P 103 26.88 -20.50 47.04
N PHE P 104 27.17 -21.78 46.77
CA PHE P 104 28.56 -22.23 46.66
C PHE P 104 29.29 -21.50 45.53
N ASN P 105 28.62 -21.34 44.39
N ASN P 105 28.63 -21.32 44.39
CA ASN P 105 29.20 -20.64 43.25
CA ASN P 105 29.24 -20.62 43.26
C ASN P 105 29.45 -19.16 43.57
C ASN P 105 29.46 -19.15 43.57
N ASN P 106 28.55 -18.54 44.33
CA ASN P 106 28.72 -17.15 44.75
C ASN P 106 29.92 -16.99 45.67
N GLU P 107 30.13 -17.96 46.58
CA GLU P 107 31.29 -17.89 47.46
C GLU P 107 32.60 -18.04 46.68
N SER P 108 32.61 -18.91 45.66
CA SER P 108 33.80 -19.03 44.81
C SER P 108 34.06 -17.76 44.00
N LEU P 109 33.00 -17.13 43.50
CA LEU P 109 33.18 -15.87 42.75
C LEU P 109 33.70 -14.76 43.63
N LEU P 110 33.24 -14.69 44.89
CA LEU P 110 33.74 -13.66 45.80
C LEU P 110 35.20 -13.90 46.16
N LYS P 111 35.62 -15.16 46.27
CA LYS P 111 37.03 -15.45 46.51
C LYS P 111 37.90 -15.05 45.32
N LEU P 112 37.41 -15.28 44.09
CA LEU P 112 38.15 -14.87 42.90
C LEU P 112 38.28 -13.34 42.83
N HIS P 113 37.19 -12.63 43.17
CA HIS P 113 37.22 -11.17 43.20
C HIS P 113 38.20 -10.66 44.25
N SER P 114 38.28 -11.35 45.39
CA SER P 114 39.22 -10.95 46.43
C SER P 114 40.66 -11.16 46.01
N THR P 115 40.96 -12.26 45.31
CA THR P 115 42.31 -12.50 44.81
C THR P 115 42.73 -11.45 43.77
N ALA P 116 41.83 -11.15 42.82
CA ALA P 116 42.13 -10.13 41.82
C ALA P 116 42.27 -8.75 42.44
N GLY P 117 41.53 -8.45 43.51
CA GLY P 117 41.72 -7.20 44.21
C GLY P 117 43.02 -7.14 44.99
N ASN P 118 43.46 -8.27 45.53
CA ASN P 118 44.73 -8.29 46.26
C ASN P 118 45.92 -8.13 45.33
N HIS P 119 45.80 -8.55 44.08
CA HIS P 119 46.92 -8.38 43.15
C HIS P 119 46.83 -7.11 42.32
N ASN P 120 45.95 -6.16 42.69
CA ASN P 120 45.79 -4.85 42.05
C ASN P 120 45.47 -4.95 40.56
N ASP P 121 44.54 -5.84 40.23
CA ASP P 121 44.12 -6.05 38.84
C ASP P 121 42.77 -5.37 38.67
N ALA P 122 42.80 -4.12 38.18
CA ALA P 122 41.59 -3.30 38.14
C ALA P 122 40.62 -3.78 37.07
N HIS P 123 41.14 -4.18 35.90
CA HIS P 123 40.29 -4.61 34.80
C HIS P 123 39.52 -5.88 35.15
N LEU P 124 40.16 -6.82 35.84
CA LEU P 124 39.48 -8.07 36.13
C LEU P 124 38.47 -7.93 37.26
N THR P 125 38.75 -7.09 38.27
CA THR P 125 37.75 -6.84 39.30
C THR P 125 36.53 -6.14 38.72
N ASP P 126 36.75 -5.20 37.79
CA ASP P 126 35.61 -4.56 37.13
C ASP P 126 34.83 -5.54 36.25
N PHE P 127 35.55 -6.45 35.58
CA PHE P 127 34.90 -7.47 34.75
C PHE P 127 34.03 -8.39 35.58
N ILE P 128 34.55 -8.87 36.71
CA ILE P 128 33.81 -9.77 37.59
C ILE P 128 32.60 -9.08 38.18
N GLU P 129 32.77 -7.84 38.66
CA GLU P 129 31.67 -7.07 39.23
C GLU P 129 30.59 -6.78 38.19
N GLU P 130 30.97 -6.50 36.96
CA GLU P 130 29.97 -6.16 35.96
C GLU P 130 29.23 -7.39 35.45
N LYS P 131 29.92 -8.51 35.23
CA LYS P 131 29.28 -9.62 34.54
C LYS P 131 28.87 -10.80 35.42
N TYR P 132 29.32 -10.91 36.67
CA TYR P 132 29.04 -12.13 37.39
C TYR P 132 28.34 -11.94 38.73
N LEU P 133 28.71 -10.90 39.50
CA LEU P 133 28.23 -10.78 40.88
C LEU P 133 26.75 -10.43 40.95
N ASP P 134 26.31 -9.47 40.14
CA ASP P 134 24.90 -9.06 40.15
C ASP P 134 23.99 -10.16 39.61
N GLU P 135 24.44 -10.85 38.56
CA GLU P 135 23.70 -11.98 38.01
C GLU P 135 23.59 -13.11 39.04
N GLN P 136 24.65 -13.33 39.81
CA GLN P 136 24.61 -14.39 40.83
C GLN P 136 23.66 -14.03 41.98
N VAL P 137 23.64 -12.76 42.37
CA VAL P 137 22.72 -12.31 43.43
C VAL P 137 21.27 -12.47 42.97
N LYS P 138 21.00 -12.11 41.70
CA LYS P 138 19.63 -12.26 41.18
C LYS P 138 19.22 -13.72 41.04
N SER P 139 20.17 -14.60 40.69
CA SER P 139 19.87 -16.02 40.59
C SER P 139 19.56 -16.64 41.95
N ILE P 140 20.31 -16.25 42.98
CA ILE P 140 20.05 -16.75 44.34
C ILE P 140 18.68 -16.28 44.83
N ASN P 141 18.32 -15.02 44.54
CA ASN P 141 17.02 -14.50 44.94
C ASN P 141 15.87 -15.23 44.23
N GLU P 142 16.06 -15.54 42.94
CA GLU P 142 15.04 -16.26 42.18
C GLU P 142 14.81 -17.67 42.73
N PHE P 143 15.89 -18.38 43.05
CA PHE P 143 15.74 -19.73 43.61
C PHE P 143 15.14 -19.70 45.01
N ALA P 144 15.44 -18.67 45.81
CA ALA P 144 14.83 -18.58 47.14
C ALA P 144 13.33 -18.32 47.05
N ARG P 145 12.90 -17.49 46.10
CA ARG P 145 11.47 -17.25 45.91
C ARG P 145 10.76 -18.51 45.43
N MET P 146 11.42 -19.30 44.57
CA MET P 146 10.79 -20.54 44.10
C MET P 146 10.68 -21.57 45.22
N VAL P 147 11.67 -21.62 46.13
CA VAL P 147 11.58 -22.51 47.29
C VAL P 147 10.43 -22.09 48.20
N ALA P 148 10.25 -20.78 48.40
CA ALA P 148 9.15 -20.30 49.23
C ALA P 148 7.78 -20.64 48.63
N ASN P 149 7.64 -20.50 47.30
CA ASN P 149 6.36 -20.84 46.69
C ASN P 149 6.09 -22.33 46.68
N LEU P 150 7.14 -23.15 46.54
CA LEU P 150 6.95 -24.60 46.60
C LEU P 150 6.60 -25.07 48.00
N LYS P 151 7.11 -24.38 49.03
CA LYS P 151 6.65 -24.67 50.38
C LYS P 151 5.21 -24.23 50.58
N ARG P 152 4.78 -23.16 49.91
CA ARG P 152 3.41 -22.69 50.06
C ARG P 152 2.41 -23.66 49.43
N VAL P 153 2.64 -24.09 48.19
CA VAL P 153 1.62 -24.85 47.49
C VAL P 153 1.50 -26.30 47.96
N GLY P 154 2.53 -26.87 48.56
CA GLY P 154 2.47 -28.23 49.04
C GLY P 154 2.56 -29.28 47.93
N PRO P 155 2.48 -30.55 48.29
CA PRO P 155 2.60 -31.61 47.29
C PRO P 155 1.28 -31.90 46.58
N GLY P 156 1.40 -32.44 45.38
CA GLY P 156 0.25 -32.92 44.62
C GLY P 156 -0.27 -31.86 43.65
N VAL P 157 -1.51 -31.42 43.86
CA VAL P 157 -2.15 -30.51 42.93
C VAL P 157 -1.48 -29.14 42.97
N GLY P 158 -0.89 -28.76 44.12
CA GLY P 158 -0.12 -27.55 44.17
C GLY P 158 1.15 -27.61 43.33
N GLU P 159 1.79 -28.78 43.31
CA GLU P 159 2.96 -28.98 42.47
C GLU P 159 2.60 -28.93 40.99
N TYR P 160 1.44 -29.51 40.63
CA TYR P 160 0.97 -29.43 39.24
C TYR P 160 0.66 -27.99 38.83
N VAL P 161 0.01 -27.23 39.71
CA VAL P 161 -0.35 -25.83 39.42
C VAL P 161 0.91 -24.98 39.32
N PHE P 162 1.90 -25.25 40.19
CA PHE P 162 3.19 -24.56 40.11
C PHE P 162 3.90 -24.83 38.79
N ASP P 163 3.88 -26.09 38.32
CA ASP P 163 4.51 -26.39 37.05
C ASP P 163 3.77 -25.75 35.87
N LYS P 164 2.44 -25.62 35.97
CA LYS P 164 1.71 -25.00 34.87
C LYS P 164 1.83 -23.48 34.85
N GLU P 165 1.96 -22.83 36.00
CA GLU P 165 1.77 -21.39 36.06
C GLU P 165 3.05 -20.59 36.22
N HIS P 166 4.08 -21.12 36.88
CA HIS P 166 5.19 -20.30 37.33
C HIS P 166 6.15 -19.89 36.23
N PHE P 167 6.16 -20.59 35.10
CA PHE P 167 7.17 -20.36 34.07
C PHE P 167 6.60 -19.79 32.79
N SER P 168 5.33 -19.37 32.80
CA SER P 168 4.71 -18.81 31.61
C SER P 168 4.58 -17.29 31.73
N SER Q 1 -46.42 25.64 28.97
CA SER Q 1 -45.52 24.55 28.64
C SER Q 1 -46.00 23.22 29.21
N LEU Q 2 -46.02 22.19 28.39
CA LEU Q 2 -46.36 20.86 28.85
C LEU Q 2 -45.24 20.20 29.65
N ALA Q 3 -44.02 20.71 29.53
CA ALA Q 3 -42.86 20.09 30.14
C ALA Q 3 -42.49 20.67 31.50
N ARG Q 4 -43.07 21.80 31.90
CA ARG Q 4 -42.63 22.52 33.09
C ARG Q 4 -43.01 21.76 34.36
N GLN Q 5 -42.02 21.57 35.24
CA GLN Q 5 -42.22 20.82 36.48
C GLN Q 5 -41.11 21.21 37.44
N ASN Q 6 -41.49 21.66 38.64
CA ASN Q 6 -40.56 22.09 39.71
C ASN Q 6 -39.62 23.21 39.24
N TYR Q 7 -40.21 24.25 38.66
CA TYR Q 7 -39.44 25.36 38.10
C TYR Q 7 -40.18 26.65 38.45
N HIS Q 8 -39.76 27.30 39.53
CA HIS Q 8 -40.46 28.47 40.03
C HIS Q 8 -40.08 29.72 39.23
N SER Q 9 -40.90 30.75 39.37
CA SER Q 9 -40.76 31.95 38.55
C SER Q 9 -39.55 32.80 38.94
N GLU Q 10 -39.16 32.76 40.22
CA GLU Q 10 -37.99 33.51 40.68
C GLU Q 10 -36.71 32.96 40.05
N VAL Q 11 -36.63 31.64 39.91
CA VAL Q 11 -35.48 31.01 39.27
C VAL Q 11 -35.42 31.37 37.79
N GLU Q 12 -36.59 31.45 37.13
CA GLU Q 12 -36.66 31.86 35.73
C GLU Q 12 -36.17 33.30 35.54
N ALA Q 13 -36.59 34.20 36.43
CA ALA Q 13 -36.14 35.59 36.36
C ALA Q 13 -34.64 35.71 36.61
N ALA Q 14 -34.10 34.94 37.55
CA ALA Q 14 -32.66 34.97 37.79
C ALA Q 14 -31.85 34.43 36.62
N VAL Q 15 -32.38 33.43 35.90
CA VAL Q 15 -31.70 32.91 34.72
C VAL Q 15 -31.66 33.97 33.61
N ASN Q 16 -32.76 34.73 33.44
CA ASN Q 16 -32.77 35.80 32.44
C ASN Q 16 -31.77 36.91 32.78
N LYS Q 17 -31.65 37.24 34.08
CA LYS Q 17 -30.65 38.21 34.53
C LYS Q 17 -29.23 37.74 34.22
N GLN Q 18 -28.94 36.46 34.47
CA GLN Q 18 -27.60 35.94 34.18
C GLN Q 18 -27.30 35.93 32.69
N ILE Q 19 -28.32 35.72 31.84
CA ILE Q 19 -28.15 35.80 30.39
C ILE Q 19 -27.66 37.19 29.97
N ASN Q 20 -28.30 38.22 30.52
CA ASN Q 20 -27.89 39.59 30.18
C ASN Q 20 -26.47 39.89 30.67
N ILE Q 21 -26.09 39.34 31.83
CA ILE Q 21 -24.74 39.55 32.35
C ILE Q 21 -23.68 38.93 31.44
N GLU Q 22 -23.93 37.71 30.94
CA GLU Q 22 -22.97 37.06 30.04
C GLU Q 22 -22.84 37.80 28.70
N LEU Q 23 -23.96 38.34 28.19
CA LEU Q 23 -23.88 39.08 26.93
C LEU Q 23 -23.10 40.39 27.08
N TYR Q 24 -23.27 41.07 28.23
CA TYR Q 24 -22.49 42.27 28.50
C TYR Q 24 -20.99 41.98 28.58
N ALA Q 25 -20.62 40.85 29.22
CA ALA Q 25 -19.22 40.49 29.31
C ALA Q 25 -18.61 40.19 27.94
N SER Q 26 -19.39 39.53 27.07
CA SER Q 26 -18.94 39.29 25.70
C SER Q 26 -18.67 40.59 24.95
N TYR Q 27 -19.53 41.59 25.13
CA TYR Q 27 -19.35 42.83 24.40
C TYR Q 27 -18.17 43.65 24.94
N VAL Q 28 -17.89 43.57 26.24
CA VAL Q 28 -16.70 44.18 26.83
C VAL Q 28 -15.43 43.55 26.26
N TYR Q 29 -15.39 42.23 26.15
CA TYR Q 29 -14.20 41.58 25.59
C TYR Q 29 -14.01 41.88 24.11
N LEU Q 30 -15.10 42.09 23.37
CA LEU Q 30 -14.97 42.52 21.97
C LEU Q 30 -14.35 43.91 21.87
N SER Q 31 -14.75 44.81 22.78
CA SER Q 31 -14.15 46.15 22.81
C SER Q 31 -12.65 46.10 23.12
N MET Q 32 -12.24 45.24 24.06
CA MET Q 32 -10.82 45.11 24.39
C MET Q 32 -10.03 44.53 23.21
N SER Q 33 -10.61 43.52 22.55
CA SER Q 33 -9.98 42.89 21.39
C SER Q 33 -9.71 43.88 20.27
N PHE Q 34 -10.65 44.78 20.01
CA PHE Q 34 -10.35 45.73 18.94
C PHE Q 34 -9.61 46.97 19.43
N TYR Q 35 -9.46 47.16 20.74
CA TYR Q 35 -8.47 48.15 21.19
C TYR Q 35 -7.06 47.66 20.93
N PHE Q 36 -6.77 46.40 21.20
CA PHE Q 36 -5.39 45.94 20.98
C PHE Q 36 -5.07 45.68 19.51
N ASP Q 37 -6.04 45.82 18.61
CA ASP Q 37 -5.84 45.70 17.17
C ASP Q 37 -5.46 47.02 16.52
N ARG Q 38 -5.43 48.12 17.26
CA ARG Q 38 -5.13 49.43 16.70
C ARG Q 38 -3.69 49.50 16.22
N ASP Q 39 -3.45 50.40 15.25
CA ASP Q 39 -2.13 50.47 14.63
C ASP Q 39 -1.10 51.15 15.52
N ASP Q 40 -1.52 51.89 16.54
CA ASP Q 40 -0.59 52.49 17.49
C ASP Q 40 -0.45 51.69 18.77
N VAL Q 41 -1.13 50.53 18.87
CA VAL Q 41 -0.93 49.59 19.97
C VAL Q 41 -0.22 48.33 19.49
N ALA Q 42 -0.85 47.59 18.56
CA ALA Q 42 -0.24 46.55 17.73
C ALA Q 42 0.32 45.38 18.55
N LEU Q 43 -0.56 44.76 19.34
CA LEU Q 43 -0.24 43.52 20.05
C LEU Q 43 -1.22 42.46 19.59
N PRO Q 44 -0.90 41.71 18.52
CA PRO Q 44 -1.93 40.90 17.86
C PRO Q 44 -2.36 39.65 18.61
N ASN Q 45 -1.46 39.03 19.39
CA ASN Q 45 -1.84 37.80 20.09
C ASN Q 45 -2.76 38.11 21.27
N ILE Q 46 -2.59 39.26 21.91
CA ILE Q 46 -3.49 39.70 22.97
C ILE Q 46 -4.89 39.98 22.39
N ALA Q 47 -4.93 40.59 21.19
CA ALA Q 47 -6.20 40.87 20.53
C ALA Q 47 -6.92 39.58 20.14
N LYS Q 48 -6.18 38.60 19.65
CA LYS Q 48 -6.76 37.30 19.32
C LYS Q 48 -7.29 36.59 20.57
N PHE Q 49 -6.56 36.71 21.68
CA PHE Q 49 -6.99 36.12 22.96
C PHE Q 49 -8.32 36.73 23.43
N PHE Q 50 -8.44 38.05 23.35
CA PHE Q 50 -9.67 38.68 23.80
C PHE Q 50 -10.84 38.41 22.85
N LYS Q 51 -10.56 38.20 21.55
CA LYS Q 51 -11.62 37.78 20.64
C LYS Q 51 -12.16 36.39 20.99
N GLU Q 52 -11.25 35.47 21.35
CA GLU Q 52 -11.68 34.15 21.80
C GLU Q 52 -12.47 34.21 23.09
N GLN Q 53 -12.10 35.10 24.01
CA GLN Q 53 -12.86 35.28 25.25
C GLN Q 53 -14.26 35.80 24.99
N SER Q 54 -14.40 36.71 24.01
CA SER Q 54 -15.71 37.22 23.63
C SER Q 54 -16.61 36.12 23.07
N ASP Q 55 -16.04 35.26 22.21
CA ASP Q 55 -16.80 34.13 21.68
C ASP Q 55 -17.23 33.16 22.78
N GLU Q 56 -16.35 32.94 23.78
CA GLU Q 56 -16.69 32.04 24.87
C GLU Q 56 -17.82 32.58 25.73
N GLU Q 57 -17.83 33.88 26.02
CA GLU Q 57 -18.92 34.45 26.81
C GLU Q 57 -20.25 34.41 26.05
N ARG Q 58 -20.20 34.57 24.72
CA ARG Q 58 -21.42 34.41 23.93
C ARG Q 58 -21.94 32.97 23.99
N GLU Q 59 -21.03 31.99 24.00
CA GLU Q 59 -21.45 30.59 24.16
C GLU Q 59 -22.08 30.33 25.52
N HIS Q 60 -21.56 30.96 26.57
CA HIS Q 60 -22.17 30.84 27.90
C HIS Q 60 -23.60 31.36 27.93
N ALA Q 61 -23.82 32.51 27.28
CA ALA Q 61 -25.18 33.07 27.22
C ALA Q 61 -26.13 32.18 26.43
N THR Q 62 -25.67 31.60 25.32
CA THR Q 62 -26.57 30.75 24.54
C THR Q 62 -26.87 29.43 25.26
N GLU Q 63 -25.94 28.91 26.05
CA GLU Q 63 -26.25 27.69 26.81
C GLU Q 63 -27.25 27.96 27.93
N LEU Q 64 -27.20 29.16 28.54
CA LEU Q 64 -28.23 29.51 29.50
C LEU Q 64 -29.60 29.66 28.85
N MET Q 65 -29.65 30.24 27.64
CA MET Q 65 -30.92 30.29 26.89
C MET Q 65 -31.46 28.90 26.58
N ARG Q 66 -30.56 27.97 26.24
CA ARG Q 66 -30.97 26.60 25.93
C ARG Q 66 -31.54 25.89 27.16
N VAL Q 67 -30.93 26.07 28.33
CA VAL Q 67 -31.48 25.38 29.51
C VAL Q 67 -32.78 26.05 29.98
N GLN Q 68 -32.94 27.35 29.72
CA GLN Q 68 -34.21 28.02 29.99
C GLN Q 68 -35.33 27.43 29.12
N ASN Q 69 -35.04 27.18 27.84
CA ASN Q 69 -36.04 26.51 27.00
C ASN Q 69 -36.26 25.06 27.40
N LEU Q 70 -35.21 24.39 27.88
CA LEU Q 70 -35.33 22.99 28.27
C LEU Q 70 -36.22 22.80 29.49
N ARG Q 71 -36.16 23.72 30.45
CA ARG Q 71 -36.99 23.57 31.64
C ARG Q 71 -38.41 24.11 31.46
N GLY Q 72 -38.74 24.66 30.30
CA GLY Q 72 -40.07 25.16 30.05
C GLY Q 72 -40.30 26.60 30.42
N GLY Q 73 -39.25 27.36 30.72
CA GLY Q 73 -39.38 28.78 30.92
C GLY Q 73 -39.32 29.55 29.61
N ARG Q 74 -39.41 30.87 29.72
CA ARG Q 74 -39.43 31.74 28.56
C ARG Q 74 -38.29 32.75 28.64
N VAL Q 75 -37.54 32.87 27.55
CA VAL Q 75 -36.41 33.79 27.47
C VAL Q 75 -36.94 35.20 27.25
N VAL Q 76 -36.49 36.15 28.08
CA VAL Q 76 -36.84 37.56 27.95
C VAL Q 76 -35.54 38.36 27.88
N LEU Q 77 -35.31 39.00 26.73
CA LEU Q 77 -34.06 39.71 26.49
C LEU Q 77 -34.19 41.19 26.83
N GLN Q 78 -33.06 41.79 27.22
CA GLN Q 78 -32.99 43.20 27.57
C GLN Q 78 -31.90 43.86 26.74
N ASP Q 79 -31.76 45.18 26.89
CA ASP Q 79 -30.70 45.93 26.24
C ASP Q 79 -29.32 45.51 26.75
N ILE Q 80 -28.35 45.53 25.87
CA ILE Q 80 -26.95 45.30 26.21
C ILE Q 80 -26.26 46.64 26.30
N GLN Q 81 -25.78 46.99 27.49
CA GLN Q 81 -25.12 48.27 27.69
C GLN Q 81 -23.73 48.29 27.06
N LYS Q 82 -23.31 49.46 26.62
CA LYS Q 82 -21.99 49.63 26.04
C LYS Q 82 -20.93 49.54 27.15
N PRO Q 83 -19.70 49.16 26.81
CA PRO Q 83 -18.65 49.06 27.82
C PRO Q 83 -18.28 50.41 28.42
N GLU Q 84 -17.58 50.34 29.56
CA GLU Q 84 -17.30 51.55 30.34
C GLU Q 84 -16.24 52.43 29.68
N ASN Q 85 -15.31 51.85 28.94
CA ASN Q 85 -14.23 52.59 28.32
C ASN Q 85 -14.14 52.28 26.84
N ASP Q 86 -13.67 53.25 26.07
CA ASP Q 86 -13.33 53.01 24.68
C ASP Q 86 -11.88 52.57 24.50
N GLU Q 87 -10.99 53.03 25.37
CA GLU Q 87 -9.59 52.65 25.34
C GLU Q 87 -9.17 52.17 26.72
N TRP Q 88 -8.28 51.17 26.74
CA TRP Q 88 -8.02 50.41 27.96
C TRP Q 88 -6.60 50.55 28.49
N GLY Q 89 -5.84 51.54 28.02
CA GLY Q 89 -4.54 51.83 28.62
C GLY Q 89 -3.47 50.81 28.23
N THR Q 90 -2.59 50.52 29.18
CA THR Q 90 -1.54 49.53 28.97
C THR Q 90 -2.13 48.13 29.05
N ALA Q 91 -1.28 47.12 28.80
CA ALA Q 91 -1.74 45.74 28.87
C ALA Q 91 -2.04 45.32 30.29
N LEU Q 92 -1.29 45.84 31.27
CA LEU Q 92 -1.51 45.51 32.67
C LEU Q 92 -2.85 46.03 33.17
N LYS Q 93 -3.21 47.25 32.79
CA LYS Q 93 -4.50 47.83 33.18
C LYS Q 93 -5.67 47.08 32.56
N ALA Q 94 -5.52 46.65 31.31
CA ALA Q 94 -6.57 45.90 30.64
C ALA Q 94 -6.77 44.53 31.27
N PHE Q 95 -5.68 43.85 31.63
CA PHE Q 95 -5.84 42.54 32.26
C PHE Q 95 -6.35 42.65 33.68
N GLU Q 96 -6.04 43.75 34.38
CA GLU Q 96 -6.62 43.97 35.71
C GLU Q 96 -8.12 44.23 35.64
N ALA Q 97 -8.55 45.02 34.65
CA ALA Q 97 -9.99 45.24 34.45
C ALA Q 97 -10.71 43.96 34.07
N ALA Q 98 -10.06 43.11 33.26
CA ALA Q 98 -10.65 41.81 32.91
C ALA Q 98 -10.77 40.90 34.13
N LEU Q 99 -9.78 40.94 35.04
CA LEU Q 99 -9.86 40.14 36.26
C LEU Q 99 -11.00 40.61 37.15
N ALA Q 100 -11.20 41.93 37.26
CA ALA Q 100 -12.32 42.45 38.04
C ALA Q 100 -13.67 42.06 37.43
N LEU Q 101 -13.75 42.04 36.10
CA LEU Q 101 -14.99 41.61 35.44
C LEU Q 101 -15.29 40.13 35.69
N GLU Q 102 -14.25 39.28 35.65
CA GLU Q 102 -14.45 37.85 35.92
C GLU Q 102 -14.91 37.62 37.36
N LYS Q 103 -14.39 38.41 38.31
CA LYS Q 103 -14.81 38.23 39.70
C LYS Q 103 -16.26 38.70 39.92
N PHE Q 104 -16.66 39.78 39.24
CA PHE Q 104 -18.07 40.22 39.28
C PHE Q 104 -19.00 39.14 38.74
N ASN Q 105 -18.60 38.51 37.63
N ASN Q 105 -18.61 38.49 37.64
CA ASN Q 105 -19.39 37.44 37.03
CA ASN Q 105 -19.42 37.43 37.06
C ASN Q 105 -19.49 36.23 37.96
C ASN Q 105 -19.50 36.22 37.96
N ASN Q 106 -18.41 35.92 38.67
CA ASN Q 106 -18.42 34.82 39.63
C ASN Q 106 -19.36 35.09 40.79
N GLU Q 107 -19.41 36.34 41.26
CA GLU Q 107 -20.32 36.69 42.34
C GLU Q 107 -21.78 36.58 41.89
N SER Q 108 -22.07 36.98 40.64
CA SER Q 108 -23.43 36.81 40.11
C SER Q 108 -23.81 35.34 39.96
N LEU Q 109 -22.86 34.50 39.52
CA LEU Q 109 -23.15 33.07 39.39
C LEU Q 109 -23.40 32.41 40.73
N LEU Q 110 -22.66 32.82 41.77
CA LEU Q 110 -22.88 32.27 43.11
C LEU Q 110 -24.22 32.70 43.66
N LYS Q 111 -24.67 33.92 43.36
CA LYS Q 111 -26.00 34.35 43.79
C LYS Q 111 -27.10 33.56 43.08
N LEU Q 112 -26.92 33.26 41.78
CA LEU Q 112 -27.90 32.44 41.07
C LEU Q 112 -27.96 31.02 41.63
N HIS Q 113 -26.79 30.45 41.97
CA HIS Q 113 -26.74 29.13 42.58
C HIS Q 113 -27.42 29.12 43.94
N SER Q 114 -27.28 30.21 44.70
CA SER Q 114 -27.93 30.29 46.00
C SER Q 114 -29.45 30.40 45.87
N THR Q 115 -29.94 31.13 44.88
CA THR Q 115 -31.38 31.22 44.65
C THR Q 115 -31.98 29.88 44.25
N ALA Q 116 -31.31 29.18 43.31
CA ALA Q 116 -31.77 27.86 42.90
C ALA Q 116 -31.71 26.84 44.03
N GLY Q 117 -30.72 26.97 44.93
CA GLY Q 117 -30.69 26.11 46.09
C GLY Q 117 -31.77 26.42 47.10
N ASN Q 118 -32.13 27.69 47.25
CA ASN Q 118 -33.20 28.06 48.17
C ASN Q 118 -34.57 27.60 47.68
N HIS Q 119 -34.76 27.48 46.37
CA HIS Q 119 -36.05 27.02 45.88
C HIS Q 119 -36.09 25.51 45.61
N ASN Q 120 -35.10 24.75 46.12
CA ASN Q 120 -35.03 23.29 46.03
C ASN Q 120 -35.07 22.77 44.60
N ASP Q 121 -34.29 23.41 43.73
CA ASP Q 121 -34.21 23.04 42.32
C ASP Q 121 -32.90 22.28 42.12
N ALA Q 122 -32.98 20.95 42.19
CA ALA Q 122 -31.78 20.11 42.20
C ALA Q 122 -31.10 20.09 40.83
N HIS Q 123 -31.90 20.02 39.76
CA HIS Q 123 -31.34 19.93 38.41
C HIS Q 123 -30.57 21.20 38.04
N LEU Q 124 -31.09 22.37 38.43
CA LEU Q 124 -30.42 23.60 38.04
C LEU Q 124 -29.16 23.87 38.87
N THR Q 125 -29.17 23.51 40.16
CA THR Q 125 -27.94 23.63 40.94
C THR Q 125 -26.86 22.70 40.43
N ASP Q 126 -27.24 21.48 40.02
CA ASP Q 126 -26.25 20.58 39.42
C ASP Q 126 -25.76 21.09 38.09
N PHE Q 127 -26.65 21.70 37.29
CA PHE Q 127 -26.26 22.27 35.99
C PHE Q 127 -25.26 23.41 36.17
N ILE Q 128 -25.54 24.32 37.11
CA ILE Q 128 -24.66 25.46 37.36
C ILE Q 128 -23.31 24.99 37.87
N GLU Q 129 -23.31 24.06 38.83
CA GLU Q 129 -22.06 23.52 39.39
C GLU Q 129 -21.24 22.80 38.33
N GLU Q 130 -21.89 22.08 37.44
CA GLU Q 130 -21.12 21.32 36.45
C GLU Q 130 -20.58 22.21 35.33
N LYS Q 131 -21.35 23.18 34.86
CA LYS Q 131 -20.95 23.90 33.66
C LYS Q 131 -20.40 25.30 33.88
N TYR Q 132 -20.56 25.92 35.05
CA TYR Q 132 -20.18 27.32 35.15
C TYR Q 132 -19.19 27.63 36.25
N LEU Q 133 -19.31 27.00 37.43
CA LEU Q 133 -18.52 27.42 38.59
C LEU Q 133 -17.05 27.05 38.46
N ASP Q 134 -16.76 25.82 38.01
CA ASP Q 134 -15.37 25.39 37.86
C ASP Q 134 -14.66 26.14 36.74
N GLU Q 135 -15.38 26.38 35.63
CA GLU Q 135 -14.84 27.17 34.53
C GLU Q 135 -14.55 28.60 34.96
N GLN Q 136 -15.41 29.17 35.81
CA GLN Q 136 -15.19 30.53 36.29
C GLN Q 136 -13.99 30.62 37.22
N VAL Q 137 -13.81 29.60 38.08
CA VAL Q 137 -12.65 29.56 38.98
C VAL Q 137 -11.36 29.45 38.18
N LYS Q 138 -11.36 28.61 37.13
CA LYS Q 138 -10.17 28.47 36.30
C LYS Q 138 -9.87 29.74 35.50
N SER Q 139 -10.92 30.45 35.06
CA SER Q 139 -10.72 31.70 34.33
C SER Q 139 -10.13 32.80 35.23
N ILE Q 140 -10.60 32.88 36.47
CA ILE Q 140 -10.06 33.86 37.42
C ILE Q 140 -8.59 33.56 37.73
N ASN Q 141 -8.25 32.27 37.89
CA ASN Q 141 -6.87 31.89 38.14
C ASN Q 141 -5.96 32.22 36.96
N GLU Q 142 -6.45 32.01 35.73
CA GLU Q 142 -5.67 32.32 34.53
C GLU Q 142 -5.39 33.82 34.42
N PHE Q 143 -6.40 34.66 34.67
CA PHE Q 143 -6.19 36.10 34.60
C PHE Q 143 -5.27 36.60 35.72
N ALA Q 144 -5.32 35.98 36.90
CA ALA Q 144 -4.43 36.40 37.98
C ALA Q 144 -2.98 36.05 37.67
N ARG Q 145 -2.75 34.88 37.05
CA ARG Q 145 -1.39 34.52 36.64
C ARG Q 145 -0.86 35.46 35.55
N MET Q 146 -1.73 35.87 34.63
CA MET Q 146 -1.30 36.80 33.59
C MET Q 146 -0.99 38.18 34.15
N VAL Q 147 -1.74 38.63 35.16
CA VAL Q 147 -1.43 39.90 35.81
C VAL Q 147 -0.09 39.83 36.52
N ALA Q 148 0.20 38.70 37.17
CA ALA Q 148 1.49 38.53 37.85
C ALA Q 148 2.66 38.53 36.86
N ASN Q 149 2.50 37.88 35.72
CA ASN Q 149 3.59 37.87 34.73
C ASN Q 149 3.77 39.23 34.07
N LEU Q 150 2.68 39.98 33.87
CA LEU Q 150 2.81 41.32 33.30
C LEU Q 150 3.45 42.29 34.29
N LYS Q 151 3.23 42.09 35.58
CA LYS Q 151 3.97 42.87 36.57
C LYS Q 151 5.44 42.48 36.59
N ARG Q 152 5.75 41.21 36.32
CA ARG Q 152 7.14 40.77 36.31
C ARG Q 152 7.92 41.36 35.15
N VAL Q 153 7.39 41.28 33.93
CA VAL Q 153 8.19 41.65 32.76
C VAL Q 153 8.34 43.16 32.59
N GLY Q 154 7.45 43.97 33.13
CA GLY Q 154 7.55 45.41 33.00
C GLY Q 154 7.16 45.92 31.63
N PRO Q 155 7.26 47.24 31.43
CA PRO Q 155 6.86 47.82 30.14
C PRO Q 155 7.96 47.75 29.09
N GLY Q 156 7.54 47.77 27.85
CA GLY Q 156 8.46 47.85 26.71
C GLY Q 156 8.80 46.47 26.14
N VAL Q 157 10.07 46.09 26.22
CA VAL Q 157 10.52 44.86 25.60
C VAL Q 157 9.95 43.64 26.34
N GLY Q 158 9.66 43.79 27.63
CA GLY Q 158 8.98 42.73 28.35
C GLY Q 158 7.55 42.52 27.87
N GLU Q 159 6.87 43.61 27.54
CA GLU Q 159 5.53 43.52 26.98
C GLU Q 159 5.53 42.87 25.60
N TYR Q 160 6.55 43.20 24.78
CA TYR Q 160 6.69 42.55 23.48
C TYR Q 160 6.97 41.06 23.61
N VAL Q 161 7.85 40.68 24.54
CA VAL Q 161 8.19 39.27 24.75
C VAL Q 161 6.98 38.50 25.29
N PHE Q 162 6.21 39.14 26.18
CA PHE Q 162 4.97 38.54 26.69
C PHE Q 162 3.96 38.30 25.56
N ASP Q 163 3.82 39.27 24.65
CA ASP Q 163 2.89 39.07 23.54
C ASP Q 163 3.38 37.99 22.58
N LYS Q 164 4.69 37.84 22.41
CA LYS Q 164 5.17 36.81 21.51
C LYS Q 164 5.13 35.41 22.11
N GLU Q 165 5.30 35.27 23.43
CA GLU Q 165 5.57 33.98 24.02
C GLU Q 165 4.40 33.35 24.76
N HIS Q 166 3.53 34.16 25.38
CA HIS Q 166 2.59 33.63 26.36
C HIS Q 166 1.42 32.86 25.76
N PHE Q 167 1.11 33.06 24.48
CA PHE Q 167 -0.09 32.49 23.89
C PHE Q 167 0.20 31.43 22.85
N SER Q 168 1.45 30.99 22.73
CA SER Q 168 1.81 29.97 21.76
C SER Q 168 2.03 28.63 22.43
N SER R 1 16.19 -15.17 56.20
CA SER R 1 16.26 -15.23 54.76
C SER R 1 17.15 -16.37 54.28
N LEU R 2 16.67 -17.15 53.33
CA LEU R 2 17.47 -18.20 52.73
C LEU R 2 18.51 -17.67 51.76
N ALA R 3 18.36 -16.43 51.30
CA ALA R 3 19.22 -15.87 50.27
C ALA R 3 20.38 -15.04 50.83
N ARG R 4 20.37 -14.71 52.12
CA ARG R 4 21.34 -13.77 52.68
C ARG R 4 22.74 -14.38 52.73
N GLN R 5 23.72 -13.65 52.19
CA GLN R 5 25.10 -14.11 52.13
C GLN R 5 26.00 -12.90 51.95
N ASN R 6 26.98 -12.75 52.85
CA ASN R 6 27.96 -11.64 52.85
C ASN R 6 27.26 -10.28 52.90
N TYR R 7 26.36 -10.12 53.87
CA TYR R 7 25.57 -8.90 54.01
C TYR R 7 25.46 -8.60 55.51
N HIS R 8 26.34 -7.72 55.99
CA HIS R 8 26.41 -7.44 57.42
C HIS R 8 25.33 -6.46 57.84
N SER R 9 25.09 -6.40 59.14
CA SER R 9 23.97 -5.63 59.68
C SER R 9 24.20 -4.12 59.61
N GLU R 10 25.46 -3.70 59.69
CA GLU R 10 25.79 -2.27 59.58
C GLU R 10 25.46 -1.73 58.20
N VAL R 11 25.71 -2.53 57.17
CA VAL R 11 25.39 -2.14 55.80
C VAL R 11 23.88 -2.05 55.61
N GLU R 12 23.12 -2.96 56.24
CA GLU R 12 21.66 -2.94 56.20
C GLU R 12 21.10 -1.67 56.85
N ALA R 13 21.66 -1.30 58.01
CA ALA R 13 21.22 -0.08 58.69
C ALA R 13 21.55 1.17 57.88
N ALA R 14 22.72 1.20 57.23
CA ALA R 14 23.07 2.35 56.40
C ALA R 14 22.19 2.46 55.16
N VAL R 15 21.74 1.34 54.59
CA VAL R 15 20.81 1.37 53.46
C VAL R 15 19.46 1.93 53.89
N ASN R 16 18.98 1.56 55.09
CA ASN R 16 17.71 2.11 55.59
C ASN R 16 17.81 3.63 55.82
N LYS R 17 18.96 4.09 56.34
CA LYS R 17 19.19 5.52 56.51
C LYS R 17 19.16 6.27 55.17
N GLN R 18 19.79 5.70 54.14
CA GLN R 18 19.77 6.34 52.83
C GLN R 18 18.38 6.38 52.21
N ILE R 19 17.55 5.37 52.49
CA ILE R 19 16.16 5.36 52.03
C ILE R 19 15.39 6.56 52.59
N ASN R 20 15.56 6.81 53.90
CA ASN R 20 14.88 7.96 54.51
C ASN R 20 15.38 9.29 53.94
N ILE R 21 16.67 9.37 53.63
CA ILE R 21 17.23 10.60 53.05
C ILE R 21 16.63 10.89 51.66
N GLU R 22 16.49 9.85 50.82
CA GLU R 22 15.90 10.05 49.49
C GLU R 22 14.43 10.45 49.57
N LEU R 23 13.69 9.89 50.53
CA LEU R 23 12.28 10.26 50.67
C LEU R 23 12.11 11.70 51.13
N TYR R 24 12.99 12.16 52.04
CA TYR R 24 12.96 13.55 52.47
C TYR R 24 13.26 14.51 51.31
N ALA R 25 14.22 14.15 50.45
CA ALA R 25 14.54 15.00 49.31
C ALA R 25 13.37 15.10 48.33
N SER R 26 12.66 13.97 48.13
CA SER R 26 11.46 13.99 47.29
C SER R 26 10.39 14.93 47.82
N TYR R 27 10.21 14.94 49.15
CA TYR R 27 9.16 15.77 49.72
C TYR R 27 9.54 17.26 49.68
N VAL R 28 10.83 17.58 49.80
CA VAL R 28 11.31 18.96 49.63
C VAL R 28 11.06 19.45 48.21
N TYR R 29 11.34 18.61 47.21
CA TYR R 29 11.11 19.03 45.82
C TYR R 29 9.62 19.18 45.51
N LEU R 30 8.76 18.39 46.15
CA LEU R 30 7.32 18.59 46.00
C LEU R 30 6.87 19.93 46.57
N SER R 31 7.44 20.33 47.71
CA SER R 31 7.13 21.64 48.28
C SER R 31 7.57 22.78 47.36
N MET R 32 8.76 22.66 46.75
CA MET R 32 9.22 23.70 45.83
C MET R 32 8.34 23.78 44.58
N SER R 33 7.95 22.61 44.06
CA SER R 33 7.08 22.55 42.88
C SER R 33 5.76 23.25 43.11
N PHE R 34 5.16 23.07 44.27
CA PHE R 34 3.89 23.76 44.47
C PHE R 34 4.06 25.18 45.00
N TYR R 35 5.27 25.58 45.40
CA TYR R 35 5.50 27.01 45.59
C TYR R 35 5.51 27.75 44.26
N PHE R 36 6.17 27.20 43.25
CA PHE R 36 6.20 27.92 41.97
C PHE R 36 4.90 27.81 41.17
N ASP R 37 3.93 27.05 41.65
CA ASP R 37 2.60 26.95 41.04
C ASP R 37 1.63 27.99 41.55
N ARG R 38 2.02 28.81 42.53
CA ARG R 38 1.13 29.81 43.11
C ARG R 38 0.77 30.89 42.10
N ASP R 39 -0.39 31.52 42.32
CA ASP R 39 -0.89 32.49 41.35
C ASP R 39 -0.15 33.82 41.41
N ASP R 40 0.57 34.10 42.49
CA ASP R 40 1.39 35.30 42.58
C ASP R 40 2.85 35.06 42.27
N VAL R 41 3.22 33.82 41.91
CA VAL R 41 4.56 33.52 41.42
C VAL R 41 4.53 33.18 39.93
N ALA R 42 3.81 32.11 39.55
CA ALA R 42 3.37 31.80 38.19
C ALA R 42 4.54 31.59 37.22
N LEU R 43 5.39 30.62 37.56
CA LEU R 43 6.46 30.17 36.67
C LEU R 43 6.25 28.68 36.41
N PRO R 44 5.47 28.32 35.39
CA PRO R 44 4.99 26.93 35.29
C PRO R 44 6.03 25.90 34.88
N ASN R 45 7.03 26.28 34.07
CA ASN R 45 8.02 25.30 33.64
C ASN R 45 8.97 24.95 34.78
N ILE R 46 9.27 25.89 35.66
CA ILE R 46 10.07 25.62 36.85
C ILE R 46 9.31 24.67 37.79
N ALA R 47 8.00 24.88 37.92
CA ALA R 47 7.18 24.02 38.76
C ALA R 47 7.12 22.59 38.20
N LYS R 48 6.99 22.46 36.88
CA LYS R 48 7.01 21.15 36.25
C LYS R 48 8.36 20.45 36.43
N PHE R 49 9.45 21.22 36.34
CA PHE R 49 10.80 20.68 36.56
C PHE R 49 10.96 20.12 37.97
N PHE R 50 10.49 20.86 38.97
CA PHE R 50 10.62 20.39 40.35
C PHE R 50 9.70 19.21 40.64
N LYS R 51 8.55 19.12 39.96
CA LYS R 51 7.71 17.94 40.09
C LYS R 51 8.40 16.69 39.54
N GLU R 52 9.09 16.83 38.40
CA GLU R 52 9.86 15.72 37.86
C GLU R 52 11.02 15.32 38.77
N GLN R 53 11.66 16.29 39.42
CA GLN R 53 12.73 15.98 40.38
C GLN R 53 12.20 15.22 41.58
N SER R 54 10.99 15.57 42.05
CA SER R 54 10.37 14.86 43.16
C SER R 54 10.08 13.40 42.80
N ASP R 55 9.56 13.17 41.59
CA ASP R 55 9.31 11.81 41.12
C ASP R 55 10.61 11.00 41.01
N GLU R 56 11.69 11.65 40.56
CA GLU R 56 12.98 10.96 40.44
C GLU R 56 13.54 10.55 41.79
N GLU R 57 13.44 11.41 42.80
CA GLU R 57 13.93 11.05 44.13
C GLU R 57 13.10 9.92 44.75
N ARG R 58 11.80 9.89 44.47
CA ARG R 58 10.98 8.76 44.92
C ARG R 58 11.41 7.45 44.25
N GLU R 59 11.79 7.52 42.97
CA GLU R 59 12.30 6.33 42.28
C GLU R 59 13.62 5.85 42.88
N HIS R 60 14.49 6.78 43.29
CA HIS R 60 15.74 6.41 43.95
C HIS R 60 15.49 5.66 45.26
N ALA R 61 14.52 6.16 46.06
CA ALA R 61 14.17 5.48 47.30
C ALA R 61 13.61 4.08 47.06
N THR R 62 12.76 3.92 46.05
CA THR R 62 12.19 2.59 45.81
C THR R 62 13.23 1.61 45.26
N GLU R 63 14.22 2.08 44.50
CA GLU R 63 15.26 1.17 44.05
C GLU R 63 16.17 0.73 45.19
N LEU R 64 16.41 1.61 46.18
CA LEU R 64 17.13 1.16 47.36
C LEU R 64 16.34 0.15 48.18
N MET R 65 15.02 0.32 48.29
CA MET R 65 14.18 -0.70 48.94
C MET R 65 14.25 -2.04 48.21
N ARG R 66 14.27 -1.99 46.88
CA ARG R 66 14.33 -3.22 46.08
C ARG R 66 15.66 -3.95 46.28
N VAL R 67 16.78 -3.23 46.34
CA VAL R 67 18.05 -3.94 46.52
C VAL R 67 18.20 -4.43 47.96
N GLN R 68 17.56 -3.75 48.92
CA GLN R 68 17.51 -4.27 50.29
C GLN R 68 16.76 -5.59 50.36
N ASN R 69 15.64 -5.70 49.65
CA ASN R 69 14.94 -6.98 49.58
C ASN R 69 15.73 -8.03 48.80
N LEU R 70 16.47 -7.60 47.78
CA LEU R 70 17.24 -8.54 46.96
C LEU R 70 18.38 -9.19 47.74
N ARG R 71 19.04 -8.43 48.62
CA ARG R 71 20.13 -9.00 49.38
C ARG R 71 19.68 -9.75 50.63
N GLY R 72 18.40 -9.81 50.91
CA GLY R 72 17.90 -10.53 52.06
C GLY R 72 17.81 -9.73 53.34
N GLY R 73 17.96 -8.41 53.28
CA GLY R 73 17.74 -7.58 54.44
C GLY R 73 16.27 -7.21 54.58
N ARG R 74 15.98 -6.41 55.61
CA ARG R 74 14.62 -6.02 55.93
C ARG R 74 14.50 -4.50 55.93
N VAL R 75 13.50 -3.99 55.23
CA VAL R 75 13.25 -2.55 55.14
C VAL R 75 12.59 -2.08 56.43
N VAL R 76 13.14 -1.04 57.03
CA VAL R 76 12.57 -0.41 58.23
C VAL R 76 12.39 1.07 57.94
N LEU R 77 11.14 1.52 57.92
CA LEU R 77 10.80 2.89 57.57
C LEU R 77 10.68 3.78 58.80
N GLN R 78 10.98 5.06 58.62
CA GLN R 78 10.90 6.08 59.66
C GLN R 78 10.01 7.22 59.20
N ASP R 79 9.80 8.19 60.08
CA ASP R 79 9.04 9.38 59.74
C ASP R 79 9.77 10.22 58.70
N ILE R 80 9.00 10.87 57.84
CA ILE R 80 9.52 11.81 56.87
C ILE R 80 9.28 13.22 57.41
N GLN R 81 10.35 13.95 57.68
CA GLN R 81 10.23 15.30 58.22
C GLN R 81 9.74 16.27 57.16
N LYS R 82 9.02 17.29 57.61
CA LYS R 82 8.53 18.32 56.71
C LYS R 82 9.70 19.21 56.27
N PRO R 83 9.59 19.87 55.10
CA PRO R 83 10.67 20.72 54.64
C PRO R 83 10.88 21.94 55.52
N GLU R 84 12.06 22.56 55.35
CA GLU R 84 12.48 23.65 56.23
C GLU R 84 11.69 24.93 56.00
N ASN R 85 11.22 25.16 54.78
CA ASN R 85 10.52 26.39 54.45
C ASN R 85 9.21 26.07 53.76
N ASP R 86 8.23 26.95 53.92
CA ASP R 86 7.00 26.88 53.16
C ASP R 86 7.08 27.67 51.86
N GLU R 87 7.84 28.77 51.85
CA GLU R 87 8.04 29.58 50.66
C GLU R 87 9.54 29.76 50.43
N TRP R 88 9.92 29.81 49.15
CA TRP R 88 11.32 29.66 48.77
C TRP R 88 11.91 30.90 48.11
N GLY R 89 11.24 32.04 48.18
CA GLY R 89 11.84 33.29 47.72
C GLY R 89 11.86 33.40 46.21
N THR R 90 12.92 34.01 45.68
CA THR R 90 13.10 34.14 44.25
C THR R 90 13.54 32.82 43.64
N ALA R 91 13.66 32.78 42.31
CA ALA R 91 14.09 31.56 41.64
C ALA R 91 15.55 31.23 41.94
N LEU R 92 16.39 32.27 42.09
CA LEU R 92 17.80 32.06 42.37
C LEU R 92 18.01 31.45 43.75
N LYS R 93 17.26 31.90 44.75
CA LYS R 93 17.36 31.34 46.10
C LYS R 93 16.88 29.90 46.15
N ALA R 94 15.83 29.58 45.40
CA ALA R 94 15.32 28.22 45.36
C ALA R 94 16.30 27.27 44.69
N PHE R 95 16.94 27.71 43.60
CA PHE R 95 17.90 26.83 42.94
C PHE R 95 19.18 26.69 43.74
N GLU R 96 19.55 27.72 44.52
CA GLU R 96 20.71 27.59 45.41
C GLU R 96 20.43 26.62 46.55
N ALA R 97 19.22 26.66 47.12
CA ALA R 97 18.85 25.69 48.15
C ALA R 97 18.79 24.27 47.59
N ALA R 98 18.33 24.12 46.35
CA ALA R 98 18.32 22.80 45.71
C ALA R 98 19.73 22.28 45.47
N LEU R 99 20.67 23.17 45.11
CA LEU R 99 22.06 22.76 44.93
C LEU R 99 22.68 22.30 46.24
N ALA R 100 22.38 23.01 47.35
CA ALA R 100 22.88 22.59 48.65
C ALA R 100 22.29 21.24 49.08
N LEU R 101 21.03 20.99 48.75
CA LEU R 101 20.41 19.70 49.06
C LEU R 101 21.06 18.56 48.27
N GLU R 102 21.35 18.79 46.99
CA GLU R 102 22.01 17.77 46.17
C GLU R 102 23.41 17.45 46.69
N LYS R 103 24.13 18.47 47.19
CA LYS R 103 25.47 18.21 47.71
C LYS R 103 25.42 17.44 49.04
N PHE R 104 24.42 17.74 49.89
CA PHE R 104 24.22 16.96 51.12
C PHE R 104 23.93 15.49 50.80
N ASN R 105 23.09 15.25 49.79
N ASN R 105 23.10 15.24 49.79
CA ASN R 105 22.76 13.89 49.37
CA ASN R 105 22.79 13.87 49.40
C ASN R 105 23.99 13.16 48.83
C ASN R 105 24.00 13.15 48.83
N ASN R 106 24.85 13.87 48.10
CA ASN R 106 26.08 13.28 47.59
C ASN R 106 27.04 12.89 48.71
N GLU R 107 27.11 13.72 49.77
CA GLU R 107 27.96 13.38 50.90
C GLU R 107 27.44 12.14 51.64
N SER R 108 26.11 12.02 51.77
CA SER R 108 25.54 10.82 52.38
C SER R 108 25.79 9.57 51.53
N LEU R 109 25.69 9.70 50.21
CA LEU R 109 25.96 8.55 49.33
C LEU R 109 27.41 8.11 49.40
N LEU R 110 28.34 9.06 49.50
CA LEU R 110 29.75 8.71 49.61
C LEU R 110 30.05 8.03 50.94
N LYS R 111 29.36 8.44 52.02
CA LYS R 111 29.53 7.76 53.30
C LYS R 111 28.99 6.33 53.25
N LEU R 112 27.87 6.11 52.57
CA LEU R 112 27.33 4.76 52.42
C LEU R 112 28.28 3.87 51.60
N HIS R 113 28.86 4.43 50.53
CA HIS R 113 29.83 3.70 49.73
C HIS R 113 31.08 3.35 50.54
N SER R 114 31.50 4.26 51.42
CA SER R 114 32.66 3.99 52.27
C SER R 114 32.37 2.88 53.28
N THR R 115 31.17 2.85 53.86
CA THR R 115 30.80 1.79 54.79
C THR R 115 30.76 0.42 54.10
N ALA R 116 30.13 0.37 52.91
CA ALA R 116 30.07 -0.88 52.16
C ALA R 116 31.45 -1.34 51.71
N GLY R 117 32.36 -0.40 51.41
CA GLY R 117 33.71 -0.78 51.08
C GLY R 117 34.50 -1.27 52.29
N ASN R 118 34.23 -0.71 53.46
CA ASN R 118 34.92 -1.17 54.67
C ASN R 118 34.47 -2.55 55.09
N HIS R 119 33.24 -2.94 54.77
CA HIS R 119 32.79 -4.29 55.14
C HIS R 119 32.98 -5.31 54.02
N ASN R 120 33.76 -4.98 52.98
CA ASN R 120 34.11 -5.88 51.87
C ASN R 120 32.89 -6.42 51.13
N ASP R 121 31.95 -5.52 50.85
CA ASP R 121 30.71 -5.89 50.14
C ASP R 121 30.86 -5.41 48.70
N ALA R 122 31.30 -6.31 47.83
CA ALA R 122 31.65 -5.93 46.46
C ALA R 122 30.42 -5.60 45.62
N HIS R 123 29.35 -6.38 45.79
CA HIS R 123 28.14 -6.19 45.01
C HIS R 123 27.48 -4.84 45.31
N LEU R 124 27.47 -4.44 46.58
CA LEU R 124 26.79 -3.20 46.91
C LEU R 124 27.61 -1.97 46.53
N THR R 125 28.95 -2.03 46.63
CA THR R 125 29.76 -0.92 46.14
C THR R 125 29.63 -0.76 44.63
N ASP R 126 29.57 -1.88 43.90
CA ASP R 126 29.35 -1.78 42.46
C ASP R 126 27.96 -1.25 42.14
N PHE R 127 26.95 -1.64 42.92
CA PHE R 127 25.59 -1.14 42.73
C PHE R 127 25.51 0.37 42.93
N ILE R 128 26.12 0.85 44.02
CA ILE R 128 26.10 2.28 44.33
C ILE R 128 26.84 3.07 43.27
N GLU R 129 28.03 2.59 42.88
CA GLU R 129 28.82 3.27 41.84
C GLU R 129 28.09 3.30 40.50
N GLU R 130 27.39 2.23 40.15
CA GLU R 130 26.74 2.20 38.85
C GLU R 130 25.47 3.04 38.83
N LYS R 131 24.67 3.02 39.89
CA LYS R 131 23.35 3.63 39.81
C LYS R 131 23.20 4.97 40.51
N TYR R 132 24.12 5.40 41.38
CA TYR R 132 23.84 6.59 42.16
C TYR R 132 24.88 7.68 42.04
N LEU R 133 26.18 7.33 42.00
CA LEU R 133 27.24 8.34 42.10
C LEU R 133 27.34 9.21 40.85
N ASP R 134 27.30 8.59 39.67
CA ASP R 134 27.40 9.35 38.42
C ASP R 134 26.17 10.22 38.19
N GLU R 135 24.98 9.69 38.52
CA GLU R 135 23.75 10.47 38.43
C GLU R 135 23.77 11.66 39.39
N GLN R 136 24.34 11.47 40.59
CA GLN R 136 24.42 12.57 41.54
C GLN R 136 25.39 13.66 41.08
N VAL R 137 26.52 13.25 40.48
CA VAL R 137 27.49 14.22 39.95
C VAL R 137 26.87 15.03 38.81
N LYS R 138 26.11 14.35 37.93
CA LYS R 138 25.46 15.07 36.83
C LYS R 138 24.36 16.00 37.32
N SER R 139 23.64 15.61 38.38
CA SER R 139 22.60 16.46 38.95
C SER R 139 23.19 17.73 39.59
N ILE R 140 24.31 17.58 40.29
CA ILE R 140 24.98 18.73 40.91
C ILE R 140 25.48 19.69 39.83
N ASN R 141 26.03 19.15 38.74
CA ASN R 141 26.51 19.98 37.64
C ASN R 141 25.36 20.74 36.96
N GLU R 142 24.22 20.08 36.79
CA GLU R 142 23.05 20.72 36.18
C GLU R 142 22.52 21.87 37.04
N PHE R 143 22.44 21.67 38.35
CA PHE R 143 21.97 22.74 39.22
C PHE R 143 22.97 23.90 39.30
N ALA R 144 24.27 23.62 39.22
CA ALA R 144 25.26 24.70 39.23
C ALA R 144 25.18 25.53 37.96
N ARG R 145 24.95 24.89 36.81
CA ARG R 145 24.78 25.64 35.57
C ARG R 145 23.52 26.50 35.59
N MET R 146 22.44 25.98 36.19
CA MET R 146 21.22 26.77 36.29
C MET R 146 21.38 27.96 37.23
N VAL R 147 22.15 27.81 38.31
CA VAL R 147 22.43 28.94 39.19
C VAL R 147 23.24 30.00 38.47
N ALA R 148 24.22 29.58 37.66
CA ALA R 148 25.02 30.54 36.89
C ALA R 148 24.18 31.30 35.87
N ASN R 149 23.26 30.62 35.19
CA ASN R 149 22.42 31.31 34.21
C ASN R 149 21.41 32.24 34.88
N LEU R 150 20.91 31.86 36.06
CA LEU R 150 19.99 32.74 36.77
C LEU R 150 20.70 33.97 37.33
N LYS R 151 21.99 33.84 37.68
CA LYS R 151 22.75 35.03 38.03
C LYS R 151 23.01 35.89 36.81
N ARG R 152 23.15 35.29 35.63
CA ARG R 152 23.39 36.06 34.41
C ARG R 152 22.18 36.88 34.01
N VAL R 153 20.99 36.27 33.96
CA VAL R 153 19.84 36.97 33.39
C VAL R 153 19.25 38.03 34.32
N GLY R 154 19.46 37.94 35.62
CA GLY R 154 18.92 38.91 36.54
C GLY R 154 17.43 38.78 36.78
N PRO R 155 16.87 39.66 37.60
CA PRO R 155 15.44 39.57 37.92
C PRO R 155 14.56 40.23 36.87
N GLY R 156 13.32 39.77 36.81
CA GLY R 156 12.30 40.37 35.96
C GLY R 156 12.19 39.68 34.61
N VAL R 157 12.48 40.41 33.54
CA VAL R 157 12.29 39.88 32.20
C VAL R 157 13.29 38.77 31.91
N GLY R 158 14.47 38.80 32.55
CA GLY R 158 15.39 37.70 32.44
C GLY R 158 14.88 36.42 33.07
N GLU R 159 14.18 36.56 34.20
CA GLU R 159 13.56 35.41 34.85
C GLU R 159 12.43 34.83 34.00
N TYR R 160 11.65 35.71 33.35
CA TYR R 160 10.60 35.24 32.45
C TYR R 160 11.18 34.51 31.24
N VAL R 161 12.26 35.05 30.65
CA VAL R 161 12.90 34.43 29.49
C VAL R 161 13.53 33.10 29.87
N PHE R 162 14.13 33.03 31.07
CA PHE R 162 14.68 31.77 31.58
C PHE R 162 13.59 30.72 31.75
N ASP R 163 12.43 31.11 32.29
CA ASP R 163 11.34 30.14 32.44
C ASP R 163 10.79 29.69 31.09
N LYS R 164 10.78 30.57 30.09
CA LYS R 164 10.26 30.16 28.79
C LYS R 164 11.25 29.32 27.99
N GLU R 165 12.55 29.53 28.14
CA GLU R 165 13.51 28.97 27.21
C GLU R 165 14.30 27.78 27.73
N HIS R 166 14.58 27.71 29.03
CA HIS R 166 15.59 26.79 29.53
C HIS R 166 15.14 25.34 29.58
N PHE R 167 13.83 25.07 29.57
CA PHE R 167 13.33 23.72 29.77
C PHE R 167 12.67 23.13 28.54
N SER R 168 12.80 23.78 27.39
CA SER R 168 12.19 23.28 26.16
C SER R 168 13.25 22.68 25.25
N SER S 1 59.36 9.68 -5.80
CA SER S 1 58.00 9.52 -6.28
C SER S 1 57.96 9.41 -7.81
N LEU S 2 57.24 8.42 -8.31
CA LEU S 2 57.04 8.28 -9.74
C LEU S 2 56.05 9.28 -10.30
N ALA S 3 55.24 9.91 -9.45
CA ALA S 3 54.17 10.79 -9.89
C ALA S 3 54.56 12.26 -9.89
N ARG S 4 55.69 12.64 -9.30
CA ARG S 4 56.03 14.04 -9.10
C ARG S 4 56.38 14.72 -10.43
N GLN S 5 55.74 15.86 -10.68
CA GLN S 5 55.93 16.61 -11.92
C GLN S 5 55.49 18.04 -11.69
N ASN S 6 56.39 19.00 -11.97
CA ASN S 6 56.15 20.45 -11.82
C ASN S 6 55.75 20.79 -10.38
N TYR S 7 56.54 20.33 -9.42
CA TYR S 7 56.26 20.53 -8.00
C TYR S 7 57.58 20.84 -7.30
N HIS S 8 57.88 22.11 -7.11
CA HIS S 8 59.15 22.53 -6.57
C HIS S 8 59.17 22.38 -5.05
N SER S 9 60.38 22.41 -4.49
CA SER S 9 60.57 22.12 -3.07
C SER S 9 60.09 23.26 -2.17
N GLU S 10 60.15 24.50 -2.66
CA GLU S 10 59.66 25.64 -1.88
C GLU S 10 58.16 25.56 -1.66
N VAL S 11 57.43 25.11 -2.68
CA VAL S 11 55.98 24.94 -2.57
C VAL S 11 55.65 23.83 -1.58
N GLU S 12 56.45 22.75 -1.57
CA GLU S 12 56.27 21.65 -0.62
C GLU S 12 56.48 22.12 0.82
N ALA S 13 57.52 22.93 1.05
CA ALA S 13 57.78 23.46 2.38
C ALA S 13 56.67 24.40 2.83
N ALA S 14 56.15 25.23 1.92
CA ALA S 14 55.05 26.12 2.29
C ALA S 14 53.76 25.37 2.60
N VAL S 15 53.51 24.24 1.93
CA VAL S 15 52.35 23.42 2.24
C VAL S 15 52.47 22.81 3.63
N ASN S 16 53.68 22.35 4.01
CA ASN S 16 53.89 21.81 5.35
C ASN S 16 53.68 22.88 6.44
N LYS S 17 54.13 24.11 6.17
CA LYS S 17 53.91 25.22 7.08
C LYS S 17 52.41 25.51 7.27
N GLN S 18 51.65 25.49 6.17
CA GLN S 18 50.20 25.73 6.28
C GLN S 18 49.49 24.62 7.03
N ILE S 19 49.97 23.38 6.92
CA ILE S 19 49.41 22.26 7.70
C ILE S 19 49.54 22.51 9.20
N ASN S 20 50.73 22.97 9.62
CA ASN S 20 50.92 23.26 11.05
C ASN S 20 50.03 24.41 11.52
N ILE S 21 49.82 25.41 10.66
CA ILE S 21 48.96 26.54 11.01
C ILE S 21 47.51 26.10 11.22
N GLU S 22 46.99 25.22 10.35
CA GLU S 22 45.61 24.74 10.50
C GLU S 22 45.45 23.88 11.76
N LEU S 23 46.47 23.09 12.10
CA LEU S 23 46.38 22.27 13.31
C LEU S 23 46.38 23.12 14.58
N TYR S 24 47.19 24.20 14.58
CA TYR S 24 47.19 25.12 15.72
C TYR S 24 45.83 25.82 15.89
N ALA S 25 45.21 26.20 14.77
CA ALA S 25 43.89 26.84 14.86
C ALA S 25 42.83 25.89 15.41
N SER S 26 42.90 24.61 15.01
CA SER S 26 41.99 23.61 15.57
C SER S 26 42.14 23.46 17.08
N TYR S 27 43.38 23.50 17.57
CA TYR S 27 43.59 23.31 18.99
C TYR S 27 43.16 24.54 19.80
N VAL S 28 43.30 25.75 19.23
CA VAL S 28 42.77 26.97 19.85
C VAL S 28 41.25 26.91 19.97
N TYR S 29 40.56 26.46 18.91
CA TYR S 29 39.10 26.37 18.99
C TYR S 29 38.63 25.30 19.97
N LEU S 30 39.40 24.23 20.14
CA LEU S 30 39.08 23.24 21.17
C LEU S 30 39.18 23.83 22.57
N SER S 31 40.21 24.66 22.80
CA SER S 31 40.35 25.34 24.09
C SER S 31 39.18 26.28 24.37
N MET S 32 38.73 27.03 23.34
CA MET S 32 37.59 27.93 23.53
C MET S 32 36.30 27.15 23.81
N SER S 33 36.11 26.04 23.09
CA SER S 33 34.93 25.19 23.27
C SER S 33 34.83 24.66 24.69
N PHE S 34 35.94 24.25 25.28
CA PHE S 34 35.82 23.76 26.65
C PHE S 34 35.94 24.86 27.69
N TYR S 35 36.30 26.08 27.31
CA TYR S 35 36.09 27.20 28.23
C TYR S 35 34.60 27.50 28.38
N PHE S 36 33.86 27.52 27.28
CA PHE S 36 32.43 27.85 27.42
C PHE S 36 31.59 26.69 27.97
N ASP S 37 32.19 25.53 28.19
CA ASP S 37 31.52 24.38 28.80
C ASP S 37 31.62 24.37 30.32
N ARG S 38 32.35 25.32 30.91
CA ARG S 38 32.54 25.35 32.36
C ARG S 38 31.23 25.64 33.08
N ASP S 39 31.15 25.19 34.34
CA ASP S 39 29.90 25.31 35.09
C ASP S 39 29.64 26.73 35.57
N ASP S 40 30.65 27.59 35.61
CA ASP S 40 30.45 28.99 35.96
C ASP S 40 30.36 29.91 34.76
N VAL S 41 30.40 29.35 33.53
CA VAL S 41 30.14 30.11 32.32
C VAL S 41 28.81 29.68 31.69
N ALA S 42 28.71 28.41 31.29
CA ALA S 42 27.45 27.71 30.98
C ALA S 42 26.69 28.33 29.80
N LEU S 43 27.36 28.40 28.66
CA LEU S 43 26.75 28.81 27.40
C LEU S 43 26.92 27.67 26.41
N PRO S 44 25.98 26.72 26.37
CA PRO S 44 26.25 25.45 25.67
C PRO S 44 26.25 25.53 24.15
N ASN S 45 25.45 26.43 23.55
CA ASN S 45 25.42 26.50 22.10
C ASN S 45 26.68 27.14 21.54
N ILE S 46 27.27 28.09 22.26
CA ILE S 46 28.55 28.67 21.89
C ILE S 46 29.66 27.61 21.95
N ALA S 47 29.61 26.76 22.99
CA ALA S 47 30.59 25.68 23.13
C ALA S 47 30.47 24.65 22.01
N LYS S 48 29.23 24.32 21.63
CA LYS S 48 29.01 23.41 20.51
C LYS S 48 29.50 24.01 19.19
N PHE S 49 29.29 25.32 19.00
CA PHE S 49 29.77 26.02 17.81
C PHE S 49 31.29 25.97 17.70
N PHE S 50 31.99 26.21 18.81
CA PHE S 50 33.45 26.18 18.76
C PHE S 50 33.99 24.77 18.60
N LYS S 51 33.27 23.75 19.09
CA LYS S 51 33.66 22.37 18.82
C LYS S 51 33.56 22.04 17.34
N GLU S 52 32.50 22.50 16.68
CA GLU S 52 32.37 22.31 15.24
C GLU S 52 33.46 23.05 14.46
N GLN S 53 33.84 24.23 14.91
CA GLN S 53 34.94 24.97 14.27
C GLN S 53 36.26 24.23 14.40
N SER S 54 36.50 23.60 15.56
CA SER S 54 37.71 22.81 15.76
C SER S 54 37.77 21.61 14.81
N ASP S 55 36.63 20.92 14.65
CA ASP S 55 36.57 19.80 13.70
C ASP S 55 36.80 20.25 12.26
N GLU S 56 36.28 21.44 11.90
CA GLU S 56 36.48 21.96 10.54
C GLU S 56 37.93 22.29 10.26
N GLU S 57 38.64 22.90 11.22
CA GLU S 57 40.05 23.20 11.02
C GLU S 57 40.90 21.93 10.92
N ARG S 58 40.52 20.88 11.65
CA ARG S 58 41.21 19.61 11.50
C ARG S 58 40.99 19.01 10.11
N GLU S 59 39.78 19.17 9.56
CA GLU S 59 39.52 18.72 8.19
C GLU S 59 40.34 19.49 7.17
N HIS S 60 40.53 20.80 7.38
CA HIS S 60 41.38 21.59 6.49
C HIS S 60 42.82 21.09 6.48
N ALA S 61 43.35 20.77 7.67
CA ALA S 61 44.71 20.23 7.76
C ALA S 61 44.84 18.88 7.06
N THR S 62 43.85 18.00 7.22
CA THR S 62 43.96 16.69 6.58
C THR S 62 43.80 16.78 5.06
N GLU S 63 43.03 17.74 4.54
CA GLU S 63 42.95 17.89 3.09
C GLU S 63 44.25 18.44 2.51
N LEU S 64 44.96 19.30 3.25
CA LEU S 64 46.28 19.72 2.79
C LEU S 64 47.28 18.58 2.80
N MET S 65 47.22 17.70 3.81
CA MET S 65 48.06 16.49 3.80
C MET S 65 47.76 15.60 2.61
N ARG S 66 46.48 15.47 2.26
CA ARG S 66 46.08 14.64 1.12
C ARG S 66 46.60 15.20 -0.20
N VAL S 67 46.54 16.52 -0.39
CA VAL S 67 47.03 17.06 -1.67
C VAL S 67 48.56 17.03 -1.72
N GLN S 68 49.23 17.10 -0.56
CA GLN S 68 50.68 16.91 -0.51
C GLN S 68 51.06 15.50 -0.95
N ASN S 69 50.32 14.49 -0.51
CA ASN S 69 50.57 13.14 -0.99
C ASN S 69 50.19 12.96 -2.46
N LEU S 70 49.16 13.68 -2.91
CA LEU S 70 48.72 13.55 -4.30
C LEU S 70 49.75 14.10 -5.28
N ARG S 71 50.42 15.20 -4.92
CA ARG S 71 51.40 15.76 -5.83
C ARG S 71 52.77 15.09 -5.74
N GLY S 72 52.95 14.12 -4.86
CA GLY S 72 54.21 13.42 -4.74
C GLY S 72 55.19 14.03 -3.76
N GLY S 73 54.77 14.98 -2.94
CA GLY S 73 55.61 15.49 -1.88
C GLY S 73 55.51 14.63 -0.63
N ARG S 74 56.24 15.05 0.41
CA ARG S 74 56.31 14.31 1.65
C ARG S 74 55.86 15.19 2.81
N VAL S 75 54.96 14.66 3.63
CA VAL S 75 54.43 15.38 4.79
C VAL S 75 55.46 15.34 5.90
N VAL S 76 55.79 16.50 6.46
CA VAL S 76 56.69 16.63 7.60
C VAL S 76 55.97 17.40 8.70
N LEU S 77 55.73 16.73 9.82
CA LEU S 77 54.95 17.31 10.91
C LEU S 77 55.85 17.94 11.96
N GLN S 78 55.33 18.97 12.63
CA GLN S 78 56.04 19.68 13.69
C GLN S 78 55.18 19.68 14.96
N ASP S 79 55.73 20.25 16.03
CA ASP S 79 55.01 20.41 17.28
C ASP S 79 53.83 21.36 17.11
N ILE S 80 52.75 21.08 17.83
CA ILE S 80 51.60 21.95 17.91
C ILE S 80 51.68 22.73 19.21
N GLN S 81 51.81 24.05 19.12
CA GLN S 81 51.93 24.89 20.30
C GLN S 81 50.59 25.01 21.02
N LYS S 82 50.66 25.17 22.34
CA LYS S 82 49.47 25.34 23.14
C LYS S 82 48.88 26.74 22.90
N PRO S 83 47.59 26.93 23.11
CA PRO S 83 46.98 28.24 22.89
C PRO S 83 47.48 29.29 23.87
N GLU S 84 47.24 30.56 23.51
CA GLU S 84 47.80 31.68 24.25
C GLU S 84 47.14 31.87 25.61
N ASN S 85 45.87 31.51 25.74
CA ASN S 85 45.13 31.72 26.98
C ASN S 85 44.46 30.43 27.40
N ASP S 86 44.28 30.28 28.71
CA ASP S 86 43.46 29.20 29.25
C ASP S 86 42.00 29.61 29.39
N GLU S 87 41.74 30.88 29.69
CA GLU S 87 40.39 31.40 29.80
C GLU S 87 40.24 32.62 28.91
N TRP S 88 39.05 32.78 28.34
CA TRP S 88 38.85 33.70 27.23
C TRP S 88 37.91 34.86 27.54
N GLY S 89 37.59 35.09 28.81
CA GLY S 89 36.83 36.29 29.19
C GLY S 89 35.37 36.18 28.84
N THR S 90 34.78 37.31 28.44
CA THR S 90 33.39 37.35 28.03
C THR S 90 33.24 36.76 26.63
N ALA S 91 31.99 36.66 26.17
CA ALA S 91 31.74 36.12 24.83
C ALA S 91 32.24 37.06 23.74
N LEU S 92 32.16 38.37 23.98
CA LEU S 92 32.61 39.35 23.00
C LEU S 92 34.12 39.28 22.80
N LYS S 93 34.87 39.14 23.88
CA LYS S 93 36.33 39.02 23.79
C LYS S 93 36.75 37.74 23.09
N ALA S 94 36.04 36.65 23.34
CA ALA S 94 36.36 35.39 22.68
C ALA S 94 36.08 35.44 21.19
N PHE S 95 34.97 36.07 20.79
CA PHE S 95 34.68 36.15 19.36
C PHE S 95 35.59 37.14 18.66
N GLU S 96 36.07 38.17 19.36
CA GLU S 96 37.05 39.08 18.77
C GLU S 96 38.39 38.39 18.56
N ALA S 97 38.82 37.58 19.54
CA ALA S 97 40.05 36.80 19.37
C ALA S 97 39.93 35.78 18.24
N ALA S 98 38.75 35.17 18.09
CA ALA S 98 38.52 34.25 16.98
C ALA S 98 38.57 34.95 15.64
N LEU S 99 38.05 36.19 15.56
CA LEU S 99 38.12 36.95 14.32
C LEU S 99 39.55 37.29 13.96
N ALA S 100 40.37 37.66 14.96
CA ALA S 100 41.78 37.94 14.70
C ALA S 100 42.53 36.69 14.23
N LEU S 101 42.17 35.53 14.78
CA LEU S 101 42.80 34.27 14.34
C LEU S 101 42.43 33.93 12.90
N GLU S 102 41.16 34.14 12.52
CA GLU S 102 40.74 33.89 11.14
C GLU S 102 41.45 34.81 10.15
N LYS S 103 41.69 36.07 10.55
CA LYS S 103 42.38 36.98 9.64
C LYS S 103 43.86 36.63 9.49
N PHE S 104 44.50 36.17 10.58
CA PHE S 104 45.88 35.67 10.50
C PHE S 104 45.98 34.47 9.56
N ASN S 105 45.01 33.55 9.65
N ASN S 105 45.01 33.55 9.63
CA ASN S 105 44.98 32.38 8.78
CA ASN S 105 45.01 32.39 8.75
C ASN S 105 44.78 32.78 7.31
C ASN S 105 44.78 32.78 7.30
N ASN S 106 43.95 33.80 7.06
CA ASN S 106 43.74 34.29 5.71
C ASN S 106 45.00 34.91 5.12
N GLU S 107 45.78 35.62 5.95
CA GLU S 107 47.03 36.19 5.47
C GLU S 107 48.05 35.10 5.13
N SER S 108 48.10 34.03 5.94
CA SER S 108 48.97 32.90 5.62
C SER S 108 48.55 32.19 4.34
N LEU S 109 47.24 32.03 4.13
CA LEU S 109 46.77 31.38 2.90
C LEU S 109 47.08 32.21 1.66
N LEU S 110 46.98 33.55 1.77
CA LEU S 110 47.31 34.40 0.64
C LEU S 110 48.80 34.36 0.33
N LYS S 111 49.65 34.24 1.36
CA LYS S 111 51.08 34.10 1.12
C LYS S 111 51.41 32.76 0.43
N LEU S 112 50.72 31.69 0.81
CA LEU S 112 50.92 30.39 0.16
C LEU S 112 50.48 30.44 -1.31
N HIS S 113 49.35 31.11 -1.58
CA HIS S 113 48.88 31.28 -2.95
C HIS S 113 49.86 32.10 -3.78
N SER S 114 50.48 33.11 -3.17
CA SER S 114 51.46 33.92 -3.88
C SER S 114 52.72 33.13 -4.20
N THR S 115 53.18 32.27 -3.28
CA THR S 115 54.34 31.43 -3.55
C THR S 115 54.08 30.44 -4.68
N ALA S 116 52.91 29.77 -4.64
CA ALA S 116 52.56 28.84 -5.70
C ALA S 116 52.37 29.53 -7.04
N GLY S 117 51.89 30.78 -7.04
CA GLY S 117 51.80 31.53 -8.28
C GLY S 117 53.17 31.96 -8.80
N ASN S 118 54.11 32.27 -7.91
CA ASN S 118 55.45 32.65 -8.35
C ASN S 118 56.21 31.48 -8.93
N HIS S 119 55.91 30.25 -8.50
CA HIS S 119 56.61 29.10 -9.06
C HIS S 119 55.86 28.45 -10.22
N ASN S 120 54.84 29.11 -10.78
CA ASN S 120 54.07 28.67 -11.94
C ASN S 120 53.42 27.31 -11.75
N ASP S 121 52.81 27.13 -10.58
CA ASP S 121 52.14 25.87 -10.23
C ASP S 121 50.63 26.11 -10.38
N ALA S 122 50.11 25.76 -11.56
CA ALA S 122 48.72 26.09 -11.89
C ALA S 122 47.72 25.26 -11.09
N HIS S 123 48.02 23.97 -10.90
CA HIS S 123 47.11 23.08 -10.20
C HIS S 123 46.96 23.47 -8.74
N LEU S 124 48.04 23.89 -8.09
CA LEU S 124 47.94 24.21 -6.67
C LEU S 124 47.29 25.57 -6.44
N THR S 125 47.51 26.55 -7.32
CA THR S 125 46.80 27.82 -7.19
C THR S 125 45.30 27.63 -7.40
N ASP S 126 44.93 26.77 -8.36
CA ASP S 126 43.51 26.48 -8.55
C ASP S 126 42.92 25.74 -7.36
N PHE S 127 43.70 24.82 -6.77
CA PHE S 127 43.25 24.08 -5.59
C PHE S 127 43.01 25.00 -4.40
N ILE S 128 43.95 25.92 -4.15
CA ILE S 128 43.83 26.86 -3.04
C ILE S 128 42.65 27.79 -3.25
N GLU S 129 42.51 28.34 -4.46
CA GLU S 129 41.41 29.24 -4.78
C GLU S 129 40.05 28.54 -4.65
N GLU S 130 39.97 27.28 -5.06
CA GLU S 130 38.68 26.60 -5.01
C GLU S 130 38.31 26.17 -3.60
N LYS S 131 39.26 25.68 -2.81
CA LYS S 131 38.89 25.06 -1.54
C LYS S 131 39.16 25.89 -0.29
N TYR S 132 39.94 26.97 -0.35
CA TYR S 132 40.32 27.62 0.89
C TYR S 132 39.98 29.10 0.97
N LEU S 133 40.15 29.85 -0.13
CA LEU S 133 40.04 31.31 -0.07
C LEU S 133 38.61 31.79 0.14
N ASP S 134 37.66 31.21 -0.60
CA ASP S 134 36.26 31.61 -0.47
C ASP S 134 35.68 31.21 0.89
N GLU S 135 36.05 30.01 1.36
CA GLU S 135 35.63 29.56 2.69
C GLU S 135 36.20 30.46 3.78
N GLN S 136 37.43 30.93 3.61
CA GLN S 136 38.04 31.81 4.61
C GLN S 136 37.37 33.18 4.63
N VAL S 137 37.01 33.70 3.44
CA VAL S 137 36.31 34.99 3.36
C VAL S 137 34.94 34.89 4.03
N LYS S 138 34.23 33.77 3.80
CA LYS S 138 32.92 33.59 4.42
C LYS S 138 33.02 33.42 5.93
N SER S 139 34.08 32.75 6.41
CA SER S 139 34.28 32.59 7.84
C SER S 139 34.58 33.92 8.54
N ILE S 140 35.39 34.77 7.91
CA ILE S 140 35.70 36.09 8.46
C ILE S 140 34.44 36.95 8.53
N ASN S 141 33.60 36.88 7.48
CA ASN S 141 32.35 37.63 7.47
C ASN S 141 31.39 37.17 8.56
N GLU S 142 31.32 35.85 8.78
CA GLU S 142 30.45 35.30 9.82
C GLU S 142 30.89 35.75 11.22
N PHE S 143 32.19 35.72 11.49
CA PHE S 143 32.67 36.16 12.80
C PHE S 143 32.49 37.67 13.00
N ALA S 144 32.62 38.46 11.93
CA ALA S 144 32.39 39.90 12.07
C ALA S 144 30.93 40.22 12.37
N ARG S 145 30.00 39.49 11.74
CA ARG S 145 28.58 39.68 12.04
C ARG S 145 28.26 39.27 13.47
N MET S 146 28.89 38.20 13.97
CA MET S 146 28.64 37.79 15.35
C MET S 146 29.19 38.79 16.36
N VAL S 147 30.34 39.41 16.04
CA VAL S 147 30.88 40.46 16.91
C VAL S 147 29.95 41.67 16.94
N ALA S 148 29.38 42.03 15.78
CA ALA S 148 28.45 43.16 15.74
C ALA S 148 27.17 42.88 16.55
N ASN S 149 26.65 41.66 16.46
CA ASN S 149 25.44 41.34 17.23
C ASN S 149 25.73 41.25 18.73
N LEU S 150 26.92 40.78 19.11
CA LEU S 150 27.26 40.74 20.53
C LEU S 150 27.49 42.13 21.09
N LYS S 151 27.98 43.07 20.27
CA LYS S 151 28.03 44.45 20.71
C LYS S 151 26.64 45.04 20.83
N ARG S 152 25.70 44.62 19.99
CA ARG S 152 24.34 45.14 20.04
C ARG S 152 23.62 44.69 21.30
N VAL S 153 23.65 43.40 21.62
CA VAL S 153 22.80 42.90 22.70
C VAL S 153 23.32 43.24 24.09
N GLY S 154 24.61 43.51 24.25
CA GLY S 154 25.16 43.84 25.55
C GLY S 154 25.30 42.65 26.49
N PRO S 155 25.77 42.89 27.70
CA PRO S 155 25.98 41.80 28.65
C PRO S 155 24.71 41.41 29.39
N GLY S 156 24.69 40.17 29.84
CA GLY S 156 23.62 39.67 30.70
C GLY S 156 22.52 38.97 29.91
N VAL S 157 21.31 39.53 29.95
CA VAL S 157 20.17 38.88 29.33
C VAL S 157 20.30 38.89 27.80
N GLY S 158 21.00 39.89 27.25
CA GLY S 158 21.29 39.87 25.83
C GLY S 158 22.23 38.74 25.43
N GLU S 159 23.21 38.44 26.29
CA GLU S 159 24.10 37.32 26.05
C GLU S 159 23.37 35.99 26.13
N TYR S 160 22.43 35.87 27.08
CA TYR S 160 21.61 34.66 27.18
C TYR S 160 20.72 34.49 25.95
N VAL S 161 20.10 35.57 25.48
CA VAL S 161 19.22 35.51 24.31
C VAL S 161 20.03 35.19 23.05
N PHE S 162 21.24 35.75 22.95
CA PHE S 162 22.14 35.43 21.84
C PHE S 162 22.52 33.95 21.84
N ASP S 163 22.81 33.38 23.01
CA ASP S 163 23.14 31.96 23.06
C ASP S 163 21.94 31.08 22.73
N LYS S 164 20.73 31.52 23.09
CA LYS S 164 19.57 30.70 22.78
C LYS S 164 19.13 30.80 21.31
N GLU S 165 19.33 31.94 20.67
CA GLU S 165 18.68 32.20 19.40
C GLU S 165 19.59 32.11 18.18
N HIS S 166 20.88 32.44 18.31
CA HIS S 166 21.71 32.68 17.14
C HIS S 166 22.14 31.41 16.40
N PHE S 167 22.09 30.25 17.05
CA PHE S 167 22.64 29.03 16.47
C PHE S 167 21.58 28.00 16.14
N SER S 168 20.30 28.36 16.20
CA SER S 168 19.22 27.43 15.91
C SER S 168 18.62 27.73 14.54
N SER T 1 -3.24 50.49 -33.03
CA SER T 1 -3.77 49.30 -32.41
C SER T 1 -5.19 49.00 -32.88
N LEU T 2 -5.45 47.75 -33.25
CA LEU T 2 -6.79 47.33 -33.62
C LEU T 2 -7.70 47.15 -32.42
N ALA T 3 -7.14 47.05 -31.22
CA ALA T 3 -7.90 46.74 -30.02
C ALA T 3 -8.31 47.98 -29.22
N ARG T 4 -7.75 49.15 -29.52
CA ARG T 4 -7.94 50.34 -28.69
C ARG T 4 -9.37 50.87 -28.79
N GLN T 5 -10.00 51.08 -27.64
CA GLN T 5 -11.38 51.54 -27.57
C GLN T 5 -11.61 52.16 -26.20
N ASN T 6 -12.08 53.42 -26.17
CA ASN T 6 -12.37 54.17 -24.95
C ASN T 6 -11.13 54.28 -24.04
N TYR T 7 -10.02 54.70 -24.62
CA TYR T 7 -8.74 54.79 -23.91
C TYR T 7 -8.06 56.08 -24.35
N HIS T 8 -8.23 57.14 -23.58
CA HIS T 8 -7.72 58.45 -23.96
C HIS T 8 -6.23 58.57 -23.66
N SER T 9 -5.60 59.57 -24.27
CA SER T 9 -4.15 59.71 -24.21
C SER T 9 -3.66 60.18 -22.84
N GLU T 10 -4.48 60.95 -22.13
CA GLU T 10 -4.11 61.41 -20.78
C GLU T 10 -4.01 60.25 -19.81
N VAL T 11 -4.91 59.28 -19.94
CA VAL T 11 -4.88 58.09 -19.10
C VAL T 11 -3.65 57.24 -19.40
N GLU T 12 -3.26 57.17 -20.68
CA GLU T 12 -2.05 56.45 -21.09
C GLU T 12 -0.79 57.09 -20.50
N ALA T 13 -0.72 58.43 -20.53
CA ALA T 13 0.42 59.13 -19.95
C ALA T 13 0.48 58.95 -18.44
N ALA T 14 -0.67 58.97 -17.76
CA ALA T 14 -0.68 58.75 -16.32
C ALA T 14 -0.26 57.33 -15.93
N VAL T 15 -0.60 56.34 -16.76
CA VAL T 15 -0.17 54.96 -16.51
C VAL T 15 1.35 54.84 -16.64
N ASN T 16 1.94 55.52 -17.64
CA ASN T 16 3.40 55.50 -17.79
C ASN T 16 4.10 56.16 -16.60
N LYS T 17 3.53 57.26 -16.09
CA LYS T 17 4.06 57.91 -14.90
C LYS T 17 4.03 56.98 -13.68
N GLN T 18 2.92 56.26 -13.50
CA GLN T 18 2.83 55.32 -12.37
C GLN T 18 3.81 54.17 -12.49
N ILE T 19 4.10 53.73 -13.72
CA ILE T 19 5.12 52.69 -13.94
C ILE T 19 6.49 53.14 -13.43
N ASN T 20 6.86 54.38 -13.76
CA ASN T 20 8.15 54.90 -13.28
C ASN T 20 8.19 55.02 -11.75
N ILE T 21 7.06 55.39 -11.15
CA ILE T 21 6.99 55.50 -9.68
C ILE T 21 7.20 54.14 -9.00
N GLU T 22 6.58 53.08 -9.53
CA GLU T 22 6.75 51.74 -8.95
C GLU T 22 8.18 51.23 -9.10
N LEU T 23 8.82 51.54 -10.24
CA LEU T 23 10.21 51.10 -10.43
C LEU T 23 11.17 51.81 -9.47
N TYR T 24 10.93 53.11 -9.23
CA TYR T 24 11.74 53.84 -8.26
C TYR T 24 11.59 53.28 -6.84
N ALA T 25 10.35 52.91 -6.47
CA ALA T 25 10.14 52.33 -5.14
C ALA T 25 10.85 50.99 -4.98
N SER T 26 10.85 50.17 -6.04
CA SER T 26 11.58 48.91 -6.02
C SER T 26 13.08 49.13 -5.80
N TYR T 27 13.65 50.15 -6.45
CA TYR T 27 15.08 50.37 -6.32
C TYR T 27 15.45 50.93 -4.94
N VAL T 28 14.57 51.73 -4.33
CA VAL T 28 14.76 52.19 -2.96
C VAL T 28 14.76 51.02 -1.98
N TYR T 29 13.83 50.08 -2.15
CA TYR T 29 13.79 48.92 -1.24
C TYR T 29 15.00 48.00 -1.43
N LEU T 30 15.54 47.92 -2.65
CA LEU T 30 16.78 47.17 -2.86
C LEU T 30 17.96 47.81 -2.12
N SER T 31 18.03 49.15 -2.14
CA SER T 31 19.07 49.85 -1.38
C SER T 31 18.96 49.60 0.12
N MET T 32 17.73 49.60 0.66
CA MET T 32 17.54 49.34 2.09
C MET T 32 17.93 47.90 2.44
N SER T 33 17.55 46.96 1.58
CA SER T 33 17.87 45.54 1.79
C SER T 33 19.37 45.30 1.87
N PHE T 34 20.14 45.96 1.01
CA PHE T 34 21.58 45.72 1.12
C PHE T 34 22.26 46.64 2.11
N TYR T 35 21.57 47.66 2.65
CA TYR T 35 22.12 48.32 3.83
C TYR T 35 22.04 47.41 5.05
N PHE T 36 20.92 46.72 5.24
CA PHE T 36 20.84 45.87 6.44
C PHE T 36 21.62 44.56 6.30
N ASP T 37 22.22 44.29 5.15
CA ASP T 37 23.08 43.13 4.93
C ASP T 37 24.54 43.40 5.28
N ARG T 38 24.89 44.63 5.65
CA ARG T 38 26.28 44.97 5.94
C ARG T 38 26.77 44.26 7.20
N ASP T 39 28.09 44.08 7.27
CA ASP T 39 28.66 43.30 8.37
C ASP T 39 28.69 44.06 9.68
N ASP T 40 28.56 45.38 9.65
CA ASP T 40 28.47 46.18 10.87
C ASP T 40 27.05 46.53 11.26
N VAL T 41 26.05 46.06 10.50
CA VAL T 41 24.65 46.19 10.87
C VAL T 41 24.06 44.83 11.25
N ALA T 42 24.04 43.88 10.30
CA ALA T 42 23.84 42.45 10.52
C ALA T 42 22.47 42.13 11.14
N LEU T 43 21.42 42.54 10.45
CA LEU T 43 20.05 42.17 10.78
C LEU T 43 19.45 41.44 9.59
N PRO T 44 19.61 40.11 9.51
CA PRO T 44 19.33 39.42 8.24
C PRO T 44 17.86 39.28 7.88
N ASN T 45 16.96 39.17 8.87
CA ASN T 45 15.55 39.01 8.54
C ASN T 45 14.94 40.30 8.03
N ILE T 46 15.41 41.45 8.52
CA ILE T 46 14.99 42.75 8.00
C ILE T 46 15.45 42.92 6.55
N ALA T 47 16.68 42.47 6.26
CA ALA T 47 17.22 42.54 4.90
C ALA T 47 16.44 41.65 3.93
N LYS T 48 16.06 40.45 4.39
CA LYS T 48 15.24 39.56 3.58
C LYS T 48 13.85 40.15 3.33
N PHE T 49 13.28 40.81 4.34
CA PHE T 49 11.98 41.47 4.21
C PHE T 49 12.02 42.57 3.15
N PHE T 50 13.06 43.40 3.18
CA PHE T 50 13.15 44.48 2.21
C PHE T 50 13.45 43.96 0.80
N LYS T 51 14.16 42.83 0.68
CA LYS T 51 14.34 42.21 -0.63
C LYS T 51 13.01 41.74 -1.22
N GLU T 52 12.16 41.14 -0.37
CA GLU T 52 10.83 40.74 -0.82
C GLU T 52 9.97 41.94 -1.21
N GLN T 53 10.08 43.05 -0.49
CA GLN T 53 9.35 44.27 -0.85
C GLN T 53 9.80 44.82 -2.20
N SER T 54 11.11 44.74 -2.49
CA SER T 54 11.63 45.18 -3.78
C SER T 54 11.08 44.34 -4.92
N ASP T 55 11.03 43.01 -4.73
CA ASP T 55 10.45 42.13 -5.74
C ASP T 55 8.96 42.41 -5.97
N GLU T 56 8.23 42.73 -4.89
CA GLU T 56 6.81 43.04 -5.02
C GLU T 56 6.57 44.32 -5.79
N GLU T 57 7.37 45.36 -5.56
CA GLU T 57 7.20 46.60 -6.31
C GLU T 57 7.55 46.42 -7.79
N ARG T 58 8.53 45.56 -8.09
CA ARG T 58 8.81 45.25 -9.49
C ARG T 58 7.64 44.53 -10.15
N GLU T 59 6.97 43.64 -9.40
CA GLU T 59 5.77 42.98 -9.93
C GLU T 59 4.64 43.97 -10.20
N HIS T 60 4.48 44.97 -9.33
CA HIS T 60 3.47 46.02 -9.56
C HIS T 60 3.73 46.78 -10.85
N ALA T 61 5.01 47.13 -11.09
CA ALA T 61 5.36 47.83 -12.33
C ALA T 61 5.10 46.97 -13.57
N THR T 62 5.42 45.68 -13.51
CA THR T 62 5.20 44.85 -14.69
C THR T 62 3.71 44.60 -14.95
N GLU T 63 2.87 44.56 -13.90
CA GLU T 63 1.44 44.41 -14.14
C GLU T 63 0.84 45.67 -14.76
N LEU T 64 1.35 46.86 -14.39
CA LEU T 64 0.91 48.07 -15.07
C LEU T 64 1.33 48.10 -16.53
N MET T 65 2.54 47.62 -16.84
CA MET T 65 2.96 47.48 -18.25
C MET T 65 2.06 46.53 -19.01
N ARG T 66 1.65 45.44 -18.38
CA ARG T 66 0.78 44.46 -19.03
C ARG T 66 -0.60 45.04 -19.32
N VAL T 67 -1.17 45.82 -18.40
CA VAL T 67 -2.50 46.37 -18.68
C VAL T 67 -2.41 47.51 -19.70
N GLN T 68 -1.27 48.20 -19.76
CA GLN T 68 -1.05 49.19 -20.82
C GLN T 68 -1.02 48.52 -22.20
N ASN T 69 -0.37 47.37 -22.31
CA ASN T 69 -0.41 46.63 -23.57
C ASN T 69 -1.79 46.05 -23.86
N LEU T 70 -2.52 45.67 -22.81
CA LEU T 70 -3.85 45.08 -22.99
C LEU T 70 -4.86 46.09 -23.53
N ARG T 71 -4.78 47.35 -23.09
CA ARG T 71 -5.73 48.34 -23.58
C ARG T 71 -5.33 48.96 -24.91
N GLY T 72 -4.19 48.58 -25.47
CA GLY T 72 -3.76 49.11 -26.75
C GLY T 72 -2.92 50.36 -26.69
N GLY T 73 -2.45 50.76 -25.51
CA GLY T 73 -1.51 51.85 -25.39
C GLY T 73 -0.08 51.39 -25.60
N ARG T 74 0.85 52.33 -25.49
CA ARG T 74 2.26 52.07 -25.72
C ARG T 74 3.07 52.44 -24.49
N VAL T 75 3.93 51.53 -24.05
CA VAL T 75 4.77 51.73 -22.88
C VAL T 75 5.94 52.63 -23.27
N VAL T 76 6.16 53.69 -22.50
CA VAL T 76 7.29 54.60 -22.68
C VAL T 76 8.05 54.68 -21.36
N LEU T 77 9.28 54.21 -21.36
CA LEU T 77 10.09 54.13 -20.15
C LEU T 77 10.99 55.35 -20.00
N GLN T 78 11.29 55.70 -18.75
CA GLN T 78 12.15 56.82 -18.40
C GLN T 78 13.28 56.33 -17.51
N ASP T 79 14.18 57.25 -17.16
CA ASP T 79 15.26 56.96 -16.24
C ASP T 79 14.73 56.65 -14.84
N ILE T 80 15.41 55.75 -14.15
CA ILE T 80 15.12 55.44 -12.75
C ILE T 80 16.15 56.17 -11.90
N GLN T 81 15.69 57.09 -11.07
CA GLN T 81 16.58 57.87 -10.22
C GLN T 81 17.12 57.02 -9.08
N LYS T 82 18.34 57.34 -8.65
CA LYS T 82 18.94 56.65 -7.53
C LYS T 82 18.26 57.07 -6.22
N PRO T 83 18.30 56.23 -5.19
CA PRO T 83 17.66 56.58 -3.92
C PRO T 83 18.33 57.76 -3.23
N GLU T 84 17.59 58.34 -2.28
CA GLU T 84 18.02 59.57 -1.63
C GLU T 84 19.20 59.37 -0.70
N ASN T 85 19.33 58.19 -0.10
CA ASN T 85 20.38 57.92 0.87
C ASN T 85 21.10 56.63 0.50
N ASP T 86 22.38 56.57 0.87
CA ASP T 86 23.13 55.33 0.78
C ASP T 86 23.03 54.50 2.05
N GLU T 87 22.92 55.16 3.20
CA GLU T 87 22.76 54.48 4.48
C GLU T 87 21.54 55.03 5.20
N TRP T 88 20.85 54.16 5.92
CA TRP T 88 19.51 54.45 6.40
C TRP T 88 19.39 54.52 7.92
N GLY T 89 20.50 54.59 8.65
CA GLY T 89 20.45 54.82 10.09
C GLY T 89 20.02 53.60 10.86
N THR T 90 19.26 53.82 11.93
CA THR T 90 18.74 52.74 12.75
C THR T 90 17.57 52.07 12.04
N ALA T 91 17.05 51.00 12.65
CA ALA T 91 15.92 50.30 12.06
C ALA T 91 14.65 51.14 12.10
N LEU T 92 14.48 51.95 13.16
CA LEU T 92 13.30 52.79 13.29
C LEU T 92 13.26 53.87 12.22
N LYS T 93 14.40 54.49 11.92
CA LYS T 93 14.47 55.51 10.88
C LYS T 93 14.20 54.92 9.50
N ALA T 94 14.70 53.72 9.25
CA ALA T 94 14.47 53.07 7.96
C ALA T 94 13.01 52.70 7.77
N PHE T 95 12.35 52.20 8.82
CA PHE T 95 10.94 51.85 8.68
C PHE T 95 10.06 53.09 8.60
N GLU T 96 10.47 54.21 9.22
CA GLU T 96 9.73 55.46 9.07
C GLU T 96 9.85 56.01 7.65
N ALA T 97 11.05 55.94 7.07
CA ALA T 97 11.22 56.35 5.67
C ALA T 97 10.43 55.46 4.72
N ALA T 98 10.36 54.16 5.00
CA ALA T 98 9.55 53.26 4.19
C ALA T 98 8.06 53.57 4.29
N LEU T 99 7.60 53.96 5.49
CA LEU T 99 6.19 54.35 5.64
C LEU T 99 5.87 55.60 4.86
N ALA T 100 6.79 56.59 4.87
CA ALA T 100 6.58 57.80 4.09
C ALA T 100 6.56 57.51 2.58
N LEU T 101 7.40 56.57 2.13
CA LEU T 101 7.40 56.19 0.72
C LEU T 101 6.09 55.50 0.31
N GLU T 102 5.56 54.63 1.18
CA GLU T 102 4.28 53.97 0.89
C GLU T 102 3.13 54.98 0.82
N LYS T 103 3.16 56.01 1.67
CA LYS T 103 2.10 57.00 1.63
C LYS T 103 2.18 57.88 0.37
N PHE T 104 3.41 58.21 -0.06
CA PHE T 104 3.59 58.93 -1.34
C PHE T 104 3.05 58.12 -2.51
N ASN T 105 3.32 56.81 -2.52
N ASN T 105 3.30 56.81 -2.52
CA ASN T 105 2.83 55.93 -3.57
CA ASN T 105 2.80 55.96 -3.59
C ASN T 105 1.30 55.85 -3.56
C ASN T 105 1.29 55.84 -3.57
N ASN T 106 0.70 55.83 -2.36
CA ASN T 106 -0.76 55.82 -2.26
C ASN T 106 -1.39 57.09 -2.80
N GLU T 107 -0.74 58.25 -2.56
CA GLU T 107 -1.25 59.50 -3.09
C GLU T 107 -1.17 59.54 -4.62
N SER T 108 -0.08 58.99 -5.19
CA SER T 108 0.01 58.89 -6.65
C SER T 108 -1.04 57.95 -7.24
N LEU T 109 -1.31 56.84 -6.56
CA LEU T 109 -2.33 55.90 -7.05
C LEU T 109 -3.72 56.52 -7.00
N LEU T 110 -4.02 57.31 -5.96
CA LEU T 110 -5.32 57.96 -5.87
C LEU T 110 -5.47 59.03 -6.95
N LYS T 111 -4.38 59.72 -7.30
CA LYS T 111 -4.45 60.69 -8.40
C LYS T 111 -4.68 60.00 -9.74
N LEU T 112 -4.06 58.83 -9.96
CA LEU T 112 -4.31 58.08 -11.19
C LEU T 112 -5.75 57.59 -11.28
N HIS T 113 -6.30 57.12 -10.15
CA HIS T 113 -7.69 56.70 -10.10
C HIS T 113 -8.64 57.87 -10.37
N SER T 114 -8.29 59.06 -9.89
CA SER T 114 -9.12 60.23 -10.14
C SER T 114 -9.09 60.64 -11.60
N THR T 115 -7.93 60.56 -12.26
CA THR T 115 -7.84 60.87 -13.68
C THR T 115 -8.65 59.89 -14.53
N ALA T 116 -8.52 58.59 -14.24
CA ALA T 116 -9.29 57.58 -14.97
C ALA T 116 -10.79 57.72 -14.72
N GLY T 117 -11.19 58.15 -13.52
CA GLY T 117 -12.59 58.41 -13.28
C GLY T 117 -13.10 59.65 -13.99
N ASN T 118 -12.26 60.67 -14.13
CA ASN T 118 -12.67 61.88 -14.85
C ASN T 118 -12.82 61.63 -16.33
N HIS T 119 -12.08 60.68 -16.89
CA HIS T 119 -12.23 60.41 -18.32
C HIS T 119 -13.20 59.27 -18.62
N ASN T 120 -14.01 58.85 -17.64
CA ASN T 120 -15.06 57.84 -17.78
C ASN T 120 -14.53 56.50 -18.28
N ASP T 121 -13.43 56.06 -17.70
CA ASP T 121 -12.79 54.80 -18.06
C ASP T 121 -13.13 53.79 -16.96
N ALA T 122 -14.19 53.01 -17.18
CA ALA T 122 -14.72 52.13 -16.14
C ALA T 122 -13.80 50.95 -15.88
N HIS T 123 -13.23 50.37 -16.94
CA HIS T 123 -12.37 49.20 -16.79
C HIS T 123 -11.11 49.52 -16.01
N LEU T 124 -10.52 50.69 -16.23
CA LEU T 124 -9.27 51.00 -15.55
C LEU T 124 -9.50 51.40 -14.10
N THR T 125 -10.60 52.09 -13.79
CA THR T 125 -10.91 52.38 -12.39
C THR T 125 -11.19 51.10 -11.61
N ASP T 126 -11.89 50.14 -12.24
CA ASP T 126 -12.10 48.86 -11.59
C ASP T 126 -10.80 48.08 -11.41
N PHE T 127 -9.90 48.16 -12.40
CA PHE T 127 -8.60 47.50 -12.32
C PHE T 127 -7.76 48.05 -11.18
N ILE T 128 -7.71 49.38 -11.06
CA ILE T 128 -6.93 50.04 -10.01
C ILE T 128 -7.50 49.71 -8.65
N GLU T 129 -8.83 49.80 -8.49
CA GLU T 129 -9.48 49.50 -7.23
C GLU T 129 -9.28 48.04 -6.82
N GLU T 130 -9.31 47.12 -7.77
CA GLU T 130 -9.17 45.72 -7.41
C GLU T 130 -7.73 45.34 -7.09
N LYS T 131 -6.76 45.85 -7.84
CA LYS T 131 -5.40 45.33 -7.69
C LYS T 131 -4.43 46.22 -6.93
N TYR T 132 -4.74 47.50 -6.68
CA TYR T 132 -3.71 48.35 -6.12
C TYR T 132 -4.09 49.05 -4.83
N LEU T 133 -5.34 49.52 -4.70
CA LEU T 133 -5.71 50.38 -3.58
C LEU T 133 -5.78 49.63 -2.25
N ASP T 134 -6.39 48.44 -2.26
CA ASP T 134 -6.51 47.65 -1.03
C ASP T 134 -5.15 47.13 -0.57
N GLU T 135 -4.32 46.70 -1.53
CA GLU T 135 -2.96 46.26 -1.22
C GLU T 135 -2.13 47.41 -0.64
N GLN T 136 -2.32 48.62 -1.15
CA GLN T 136 -1.57 49.77 -0.64
C GLN T 136 -2.01 50.14 0.77
N VAL T 137 -3.32 50.05 1.05
CA VAL T 137 -3.83 50.33 2.40
C VAL T 137 -3.29 49.31 3.39
N LYS T 138 -3.25 48.03 2.99
CA LYS T 138 -2.71 47.00 3.89
C LYS T 138 -1.21 47.16 4.11
N SER T 139 -0.47 47.60 3.08
CA SER T 139 0.96 47.83 3.23
C SER T 139 1.26 49.00 4.18
N ILE T 140 0.48 50.07 4.09
CA ILE T 140 0.66 51.22 4.98
C ILE T 140 0.36 50.82 6.42
N ASN T 141 -0.69 50.01 6.63
CA ASN T 141 -1.03 49.54 7.97
C ASN T 141 0.07 48.65 8.56
N GLU T 142 0.65 47.78 7.72
CA GLU T 142 1.73 46.90 8.18
C GLU T 142 2.97 47.70 8.60
N PHE T 143 3.35 48.70 7.81
CA PHE T 143 4.51 49.51 8.18
C PHE T 143 4.25 50.37 9.42
N ALA T 144 3.01 50.83 9.61
CA ALA T 144 2.71 51.60 10.82
C ALA T 144 2.77 50.73 12.07
N ARG T 145 2.31 49.49 11.98
CA ARG T 145 2.41 48.57 13.11
C ARG T 145 3.87 48.24 13.43
N MET T 146 4.71 48.10 12.39
CA MET T 146 6.12 47.82 12.64
C MET T 146 6.84 49.00 13.27
N VAL T 147 6.46 50.23 12.89
CA VAL T 147 7.02 51.42 13.52
C VAL T 147 6.62 51.49 15.00
N ALA T 148 5.37 51.15 15.30
CA ALA T 148 4.91 51.15 16.70
C ALA T 148 5.66 50.11 17.54
N ASN T 149 5.89 48.92 16.99
CA ASN T 149 6.61 47.90 17.75
C ASN T 149 8.09 48.25 17.92
N LEU T 150 8.69 48.90 16.92
CA LEU T 150 10.08 49.31 17.06
C LEU T 150 10.24 50.45 18.06
N LYS T 151 9.23 51.31 18.18
CA LYS T 151 9.25 52.29 19.25
C LYS T 151 9.07 51.63 20.61
N ARG T 152 8.31 50.54 20.67
CA ARG T 152 8.09 49.85 21.94
C ARG T 152 9.36 49.17 22.44
N VAL T 153 10.04 48.41 21.59
CA VAL T 153 11.14 47.58 22.08
C VAL T 153 12.41 48.38 22.36
N GLY T 154 12.60 49.54 21.76
CA GLY T 154 13.78 50.34 22.01
C GLY T 154 15.03 49.80 21.33
N PRO T 155 16.17 50.46 21.53
CA PRO T 155 17.40 50.04 20.87
C PRO T 155 18.12 48.93 21.62
N GLY T 156 18.90 48.17 20.88
CA GLY T 156 19.78 47.15 21.45
C GLY T 156 19.13 45.77 21.44
N VAL T 157 18.90 45.21 22.63
CA VAL T 157 18.40 43.85 22.73
C VAL T 157 16.95 43.77 22.24
N GLY T 158 16.21 44.86 22.34
CA GLY T 158 14.88 44.90 21.75
C GLY T 158 14.90 44.83 20.23
N GLU T 159 15.89 45.50 19.63
CA GLU T 159 16.07 45.43 18.18
C GLU T 159 16.47 44.03 17.73
N TYR T 160 17.33 43.36 18.51
CA TYR T 160 17.70 41.98 18.21
C TYR T 160 16.51 41.03 18.32
N VAL T 161 15.69 41.20 19.36
CA VAL T 161 14.51 40.35 19.57
C VAL T 161 13.48 40.60 18.47
N PHE T 162 13.32 41.86 18.06
CA PHE T 162 12.43 42.20 16.94
C PHE T 162 12.89 41.54 15.65
N ASP T 163 14.20 41.55 15.38
CA ASP T 163 14.69 40.90 14.16
C ASP T 163 14.53 39.38 14.23
N LYS T 164 14.64 38.79 15.41
CA LYS T 164 14.48 37.34 15.50
C LYS T 164 13.03 36.89 15.45
N GLU T 165 12.09 37.69 15.95
CA GLU T 165 10.74 37.20 16.21
C GLU T 165 9.69 37.68 15.22
N HIS T 166 9.83 38.88 14.66
CA HIS T 166 8.71 39.52 13.97
C HIS T 166 8.42 38.94 12.59
N PHE T 167 9.37 38.25 11.97
CA PHE T 167 9.21 37.81 10.59
C PHE T 167 9.11 36.30 10.45
N SER T 168 8.96 35.57 11.55
CA SER T 168 8.84 34.13 11.49
C SER T 168 7.41 33.69 11.72
N SER U 1 42.08 -43.35 0.46
CA SER U 1 41.15 -42.43 1.06
C SER U 1 41.32 -42.36 2.58
N LEU U 2 41.38 -41.15 3.11
CA LEU U 2 41.45 -40.97 4.55
C LEU U 2 40.11 -41.20 5.24
N ALA U 3 39.02 -41.19 4.49
CA ALA U 3 37.68 -41.27 5.05
C ALA U 3 37.10 -42.69 5.06
N ARG U 4 37.73 -43.65 4.38
CA ARG U 4 37.15 -44.96 4.20
C ARG U 4 37.14 -45.76 5.50
N GLN U 5 35.98 -46.31 5.85
CA GLN U 5 35.80 -47.06 7.09
C GLN U 5 34.58 -47.94 6.95
N ASN U 6 34.74 -49.25 7.17
CA ASN U 6 33.68 -50.26 7.08
C ASN U 6 33.01 -50.26 5.69
N TYR U 7 33.83 -50.33 4.66
CA TYR U 7 33.36 -50.27 3.27
C TYR U 7 34.16 -51.29 2.47
N HIS U 8 33.62 -52.48 2.29
CA HIS U 8 34.33 -53.56 1.64
C HIS U 8 34.29 -53.40 0.13
N SER U 9 35.18 -54.13 -0.54
CA SER U 9 35.37 -53.97 -1.98
C SER U 9 34.23 -54.56 -2.80
N GLU U 10 33.58 -55.61 -2.28
CA GLU U 10 32.44 -56.21 -2.97
C GLU U 10 31.27 -55.24 -3.05
N VAL U 11 31.05 -54.47 -1.98
CA VAL U 11 29.99 -53.47 -1.96
C VAL U 11 30.29 -52.35 -2.94
N GLU U 12 31.57 -51.97 -3.06
CA GLU U 12 32.00 -50.95 -4.03
C GLU U 12 31.75 -51.40 -5.47
N ALA U 13 32.07 -52.67 -5.76
CA ALA U 13 31.83 -53.20 -7.10
C ALA U 13 30.34 -53.29 -7.42
N ALA U 14 29.52 -53.67 -6.44
CA ALA U 14 28.08 -53.72 -6.66
C ALA U 14 27.47 -52.33 -6.89
N VAL U 15 28.01 -51.30 -6.22
CA VAL U 15 27.54 -49.93 -6.45
C VAL U 15 27.87 -49.47 -7.87
N ASN U 16 29.07 -49.82 -8.37
CA ASN U 16 29.43 -49.46 -9.74
C ASN U 16 28.53 -50.16 -10.77
N LYS U 17 28.18 -51.43 -10.50
CA LYS U 17 27.25 -52.16 -11.36
C LYS U 17 25.87 -51.49 -11.39
N GLN U 18 25.38 -51.06 -10.23
CA GLN U 18 24.07 -50.38 -10.19
C GLN U 18 24.09 -49.04 -10.91
N ILE U 19 25.23 -48.34 -10.88
CA ILE U 19 25.38 -47.08 -11.64
C ILE U 19 25.19 -47.32 -13.14
N ASN U 20 25.82 -48.38 -13.66
CA ASN U 20 25.67 -48.67 -15.08
C ASN U 20 24.22 -49.06 -15.43
N ILE U 21 23.54 -49.76 -14.52
CA ILE U 21 22.15 -50.15 -14.76
C ILE U 21 21.23 -48.92 -14.84
N GLU U 22 21.43 -47.93 -13.95
CA GLU U 22 20.61 -46.72 -13.99
C GLU U 22 20.86 -45.90 -15.26
N LEU U 23 22.12 -45.85 -15.72
CA LEU U 23 22.42 -45.10 -16.94
C LEU U 23 21.79 -45.75 -18.17
N TYR U 24 21.80 -47.10 -18.22
CA TYR U 24 21.14 -47.80 -19.32
C TYR U 24 19.63 -47.54 -19.34
N ALA U 25 19.00 -47.52 -18.15
CA ALA U 25 17.57 -47.24 -18.09
C ALA U 25 17.23 -45.83 -18.57
N SER U 26 18.09 -44.86 -18.23
CA SER U 26 17.91 -43.50 -18.72
C SER U 26 17.97 -43.42 -20.24
N TYR U 27 18.90 -44.17 -20.85
CA TYR U 27 19.04 -44.10 -22.29
C TYR U 27 17.89 -44.81 -23.02
N VAL U 28 17.33 -45.87 -22.42
CA VAL U 28 16.13 -46.52 -22.95
C VAL U 28 14.94 -45.56 -22.93
N TYR U 29 14.76 -44.82 -21.83
CA TYR U 29 13.64 -43.89 -21.76
C TYR U 29 13.81 -42.71 -22.73
N LEU U 30 15.04 -42.30 -23.01
CA LEU U 30 15.28 -41.28 -24.03
C LEU U 30 14.87 -41.77 -25.42
N SER U 31 15.18 -43.04 -25.72
CA SER U 31 14.76 -43.63 -26.99
C SER U 31 13.24 -43.68 -27.13
N MET U 32 12.53 -44.05 -26.04
CA MET U 32 11.07 -44.08 -26.09
C MET U 32 10.47 -42.68 -26.26
N SER U 33 11.06 -41.70 -25.57
CA SER U 33 10.61 -40.31 -25.67
C SER U 33 10.71 -39.79 -27.10
N PHE U 34 11.79 -40.09 -27.79
CA PHE U 34 11.86 -39.58 -29.16
C PHE U 34 11.19 -40.50 -30.17
N TYR U 35 10.79 -41.71 -29.78
CA TYR U 35 9.87 -42.44 -30.65
C TYR U 35 8.49 -41.81 -30.65
N PHE U 36 7.98 -41.41 -29.49
CA PHE U 36 6.64 -40.82 -29.48
C PHE U 36 6.61 -39.37 -29.98
N ASP U 37 7.76 -38.78 -30.29
CA ASP U 37 7.85 -37.45 -30.87
C ASP U 37 7.79 -37.46 -32.39
N ARG U 38 7.75 -38.63 -33.02
CA ARG U 38 7.75 -38.72 -34.48
C ARG U 38 6.46 -38.15 -35.07
N ASP U 39 6.55 -37.71 -36.33
CA ASP U 39 5.41 -37.04 -36.95
C ASP U 39 4.31 -38.00 -37.36
N ASP U 40 4.60 -39.29 -37.46
CA ASP U 40 3.58 -40.29 -37.75
C ASP U 40 3.07 -40.99 -36.51
N VAL U 41 3.55 -40.62 -35.32
CA VAL U 41 3.00 -41.11 -34.06
C VAL U 41 2.26 -40.00 -33.33
N ALA U 42 2.97 -38.92 -32.96
CA ALA U 42 2.42 -37.62 -32.55
C ALA U 42 1.55 -37.72 -31.29
N LEU U 43 2.15 -38.21 -30.22
CA LEU U 43 1.54 -38.20 -28.89
C LEU U 43 2.45 -37.42 -27.96
N PRO U 44 2.27 -36.09 -27.86
CA PRO U 44 3.31 -35.26 -27.23
C PRO U 44 3.40 -35.37 -25.72
N ASN U 45 2.29 -35.64 -25.01
CA ASN U 45 2.36 -35.72 -23.56
C ASN U 45 3.03 -37.00 -23.10
N ILE U 46 2.87 -38.09 -23.85
CA ILE U 46 3.58 -39.33 -23.58
C ILE U 46 5.09 -39.14 -23.78
N ALA U 47 5.46 -38.40 -24.83
CA ALA U 47 6.87 -38.11 -25.10
C ALA U 47 7.50 -37.26 -24.01
N LYS U 48 6.75 -36.26 -23.52
CA LYS U 48 7.22 -35.44 -22.41
C LYS U 48 7.37 -36.25 -21.13
N PHE U 49 6.44 -37.18 -20.89
CA PHE U 49 6.52 -38.07 -19.73
C PHE U 49 7.78 -38.94 -19.76
N PHE U 50 8.08 -39.51 -20.92
CA PHE U 50 9.26 -40.36 -21.01
C PHE U 50 10.56 -39.55 -20.94
N LYS U 51 10.54 -38.30 -21.40
CA LYS U 51 11.70 -37.43 -21.21
C LYS U 51 11.97 -37.15 -19.73
N GLU U 52 10.90 -36.91 -18.97
CA GLU U 52 11.05 -36.72 -17.53
C GLU U 52 11.55 -37.97 -16.83
N GLN U 53 11.11 -39.15 -17.28
CA GLN U 53 11.60 -40.42 -16.72
C GLN U 53 13.08 -40.61 -17.00
N SER U 54 13.55 -40.21 -18.19
CA SER U 54 14.96 -40.29 -18.53
C SER U 54 15.81 -39.40 -17.63
N ASP U 55 15.33 -38.17 -17.38
CA ASP U 55 16.04 -37.26 -16.47
C ASP U 55 16.09 -37.82 -15.05
N GLU U 56 15.00 -38.46 -14.60
CA GLU U 56 14.98 -39.03 -13.26
C GLU U 56 15.96 -40.18 -13.10
N GLU U 57 16.08 -41.06 -14.11
CA GLU U 57 17.04 -42.15 -14.02
C GLU U 57 18.48 -41.64 -14.04
N ARG U 58 18.74 -40.55 -14.78
CA ARG U 58 20.06 -39.94 -14.73
C ARG U 58 20.38 -39.38 -13.35
N GLU U 59 19.37 -38.81 -12.68
CA GLU U 59 19.56 -38.33 -11.30
C GLU U 59 19.85 -39.47 -10.34
N HIS U 60 19.20 -40.62 -10.53
CA HIS U 60 19.49 -41.80 -9.70
C HIS U 60 20.94 -42.25 -9.84
N ALA U 61 21.43 -42.27 -11.09
CA ALA U 61 22.84 -42.65 -11.32
C ALA U 61 23.81 -41.66 -10.67
N THR U 62 23.53 -40.36 -10.77
CA THR U 62 24.46 -39.40 -10.18
C THR U 62 24.43 -39.43 -8.65
N GLU U 63 23.29 -39.75 -8.04
CA GLU U 63 23.27 -39.88 -6.59
C GLU U 63 24.03 -41.10 -6.10
N LEU U 64 24.01 -42.20 -6.88
CA LEU U 64 24.85 -43.33 -6.54
C LEU U 64 26.34 -43.01 -6.67
N MET U 65 26.72 -42.24 -7.70
CA MET U 65 28.11 -41.78 -7.82
C MET U 65 28.51 -40.91 -6.63
N ARG U 66 27.61 -40.06 -6.16
CA ARG U 66 27.89 -39.20 -5.02
C ARG U 66 28.09 -39.99 -3.73
N VAL U 67 27.28 -41.03 -3.50
CA VAL U 67 27.47 -41.79 -2.26
C VAL U 67 28.71 -42.68 -2.35
N GLN U 68 29.09 -43.09 -3.57
CA GLN U 68 30.35 -43.80 -3.75
C GLN U 68 31.54 -42.92 -3.40
N ASN U 69 31.51 -41.65 -3.80
CA ASN U 69 32.56 -40.73 -3.40
C ASN U 69 32.50 -40.41 -1.90
N LEU U 70 31.30 -40.38 -1.33
CA LEU U 70 31.15 -40.06 0.09
C LEU U 70 31.74 -41.15 0.99
N ARG U 71 31.59 -42.42 0.60
CA ARG U 71 32.12 -43.49 1.44
C ARG U 71 33.60 -43.77 1.19
N GLY U 72 34.24 -43.06 0.27
CA GLY U 72 35.65 -43.25 0.01
C GLY U 72 35.98 -44.29 -1.04
N GLY U 73 35.00 -44.78 -1.79
CA GLY U 73 35.26 -45.65 -2.91
C GLY U 73 35.58 -44.87 -4.17
N ARG U 74 35.81 -45.60 -5.26
CA ARG U 74 36.19 -45.01 -6.52
C ARG U 74 35.20 -45.41 -7.61
N VAL U 75 34.71 -44.43 -8.36
CA VAL U 75 33.76 -44.65 -9.43
C VAL U 75 34.49 -45.20 -10.64
N VAL U 76 34.01 -46.31 -11.20
CA VAL U 76 34.55 -46.91 -12.41
C VAL U 76 33.41 -47.07 -13.41
N LEU U 77 33.51 -46.34 -14.52
CA LEU U 77 32.44 -46.32 -15.51
C LEU U 77 32.68 -47.33 -16.63
N GLN U 78 31.59 -47.82 -17.21
CA GLN U 78 31.63 -48.78 -18.30
C GLN U 78 30.83 -48.23 -19.48
N ASP U 79 30.83 -48.98 -20.59
CA ASP U 79 30.04 -48.63 -21.76
C ASP U 79 28.54 -48.70 -21.45
N ILE U 80 27.78 -47.81 -22.07
CA ILE U 80 26.34 -47.82 -22.01
C ILE U 80 25.82 -48.46 -23.29
N GLN U 81 25.14 -49.59 -23.17
CA GLN U 81 24.62 -50.30 -24.33
C GLN U 81 23.42 -49.57 -24.92
N LYS U 82 23.25 -49.70 -26.23
CA LYS U 82 22.12 -49.11 -26.91
C LYS U 82 20.84 -49.89 -26.57
N PRO U 83 19.68 -49.25 -26.65
CA PRO U 83 18.43 -49.95 -26.34
C PRO U 83 18.11 -51.07 -27.33
N GLU U 84 17.21 -51.95 -26.90
CA GLU U 84 16.91 -53.17 -27.65
C GLU U 84 16.14 -52.88 -28.93
N ASN U 85 15.34 -51.83 -28.96
CA ASN U 85 14.49 -51.53 -30.11
C ASN U 85 14.68 -50.09 -30.54
N ASP U 86 14.51 -49.85 -31.83
CA ASP U 86 14.47 -48.50 -32.35
C ASP U 86 13.06 -47.93 -32.32
N GLU U 87 12.04 -48.75 -32.54
CA GLU U 87 10.65 -48.35 -32.49
C GLU U 87 9.89 -49.26 -31.54
N TRP U 88 8.89 -48.69 -30.87
CA TRP U 88 8.28 -49.34 -29.71
C TRP U 88 6.82 -49.69 -29.90
N GLY U 89 6.30 -49.66 -31.13
CA GLY U 89 4.96 -50.16 -31.39
C GLY U 89 3.88 -49.21 -30.90
N THR U 90 2.78 -49.77 -30.42
CA THR U 90 1.68 -48.99 -29.87
C THR U 90 2.04 -48.47 -28.49
N ALA U 91 1.15 -47.66 -27.91
CA ALA U 91 1.40 -47.12 -26.59
C ALA U 91 1.35 -48.20 -25.52
N LEU U 92 0.47 -49.20 -25.69
CA LEU U 92 0.34 -50.28 -24.73
C LEU U 92 1.60 -51.14 -24.68
N LYS U 93 2.19 -51.44 -25.84
CA LYS U 93 3.42 -52.23 -25.89
C LYS U 93 4.59 -51.47 -25.26
N ALA U 94 4.66 -50.16 -25.48
CA ALA U 94 5.73 -49.36 -24.90
C ALA U 94 5.61 -49.28 -23.39
N PHE U 95 4.39 -49.13 -22.86
CA PHE U 95 4.24 -49.06 -21.41
C PHE U 95 4.45 -50.43 -20.76
N GLU U 96 4.14 -51.52 -21.48
CA GLU U 96 4.45 -52.85 -20.96
C GLU U 96 5.95 -53.11 -20.90
N ALA U 97 6.68 -52.68 -21.93
CA ALA U 97 8.14 -52.79 -21.91
C ALA U 97 8.76 -51.94 -20.81
N ALA U 98 8.19 -50.75 -20.56
CA ALA U 98 8.67 -49.91 -19.47
C ALA U 98 8.41 -50.55 -18.10
N LEU U 99 7.26 -51.23 -17.95
CA LEU U 99 6.98 -51.92 -16.69
C LEU U 99 7.96 -53.06 -16.46
N ALA U 100 8.30 -53.81 -17.52
CA ALA U 100 9.28 -54.89 -17.39
C ALA U 100 10.67 -54.34 -17.03
N LEU U 101 11.02 -53.18 -17.59
CA LEU U 101 12.31 -52.56 -17.25
C LEU U 101 12.36 -52.12 -15.78
N GLU U 102 11.26 -51.54 -15.28
CA GLU U 102 11.20 -51.13 -13.88
C GLU U 102 11.31 -52.32 -12.93
N LYS U 103 10.71 -53.46 -13.31
CA LYS U 103 10.80 -54.63 -12.45
C LYS U 103 12.21 -55.24 -12.45
N PHE U 104 12.89 -55.21 -13.61
CA PHE U 104 14.30 -55.64 -13.67
C PHE U 104 15.18 -54.77 -12.78
N ASN U 105 14.95 -53.45 -12.81
N ASN U 105 14.95 -53.46 -12.78
CA ASN U 105 15.70 -52.53 -11.97
CA ASN U 105 15.73 -52.55 -11.95
C ASN U 105 15.45 -52.77 -10.49
C ASN U 105 15.45 -52.77 -10.47
N ASN U 106 14.20 -53.10 -10.13
CA ASN U 106 13.87 -53.41 -8.74
C ASN U 106 14.56 -54.67 -8.26
N GLU U 107 14.68 -55.69 -9.13
CA GLU U 107 15.38 -56.90 -8.76
C GLU U 107 16.88 -56.65 -8.55
N SER U 108 17.47 -55.79 -9.40
CA SER U 108 18.88 -55.43 -9.19
C SER U 108 19.09 -54.64 -7.90
N LEU U 109 18.16 -53.74 -7.57
CA LEU U 109 18.28 -52.97 -6.32
C LEU U 109 18.15 -53.87 -5.10
N LEU U 110 17.26 -54.86 -5.15
CA LEU U 110 17.14 -55.79 -4.03
C LEU U 110 18.38 -56.66 -3.87
N LYS U 111 19.02 -57.03 -4.97
CA LYS U 111 20.27 -57.78 -4.88
C LYS U 111 21.40 -56.94 -4.26
N LEU U 112 21.45 -55.64 -4.62
CA LEU U 112 22.44 -54.75 -4.01
C LEU U 112 22.20 -54.57 -2.52
N HIS U 113 20.93 -54.44 -2.12
CA HIS U 113 20.58 -54.34 -0.71
C HIS U 113 20.95 -55.61 0.05
N SER U 114 20.78 -56.76 -0.59
CA SER U 114 21.15 -58.02 0.05
C SER U 114 22.66 -58.15 0.23
N THR U 115 23.45 -57.70 -0.75
CA THR U 115 24.90 -57.73 -0.62
C THR U 115 25.39 -56.81 0.50
N ALA U 116 24.85 -55.58 0.54
CA ALA U 116 25.22 -54.65 1.61
C ALA U 116 24.79 -55.14 2.98
N GLY U 117 23.66 -55.86 3.06
CA GLY U 117 23.27 -56.45 4.32
C GLY U 117 24.14 -57.62 4.73
N ASN U 118 24.63 -58.40 3.77
CA ASN U 118 25.51 -59.51 4.09
C ASN U 118 26.87 -59.05 4.55
N HIS U 119 27.33 -57.88 4.11
CA HIS U 119 28.62 -57.40 4.57
C HIS U 119 28.52 -56.46 5.77
N ASN U 120 27.36 -56.40 6.45
CA ASN U 120 27.12 -55.62 7.67
C ASN U 120 27.40 -54.13 7.48
N ASP U 121 26.91 -53.59 6.38
CA ASP U 121 27.09 -52.17 6.06
C ASP U 121 25.77 -51.47 6.36
N ALA U 122 25.67 -50.91 7.56
CA ALA U 122 24.40 -50.36 8.03
C ALA U 122 24.02 -49.07 7.31
N HIS U 123 25.01 -48.21 7.06
CA HIS U 123 24.75 -46.92 6.41
C HIS U 123 24.25 -47.11 4.98
N LEU U 124 24.80 -48.07 4.25
CA LEU U 124 24.40 -48.22 2.86
C LEU U 124 23.05 -48.91 2.73
N THR U 125 22.73 -49.87 3.62
CA THR U 125 21.39 -50.45 3.60
C THR U 125 20.33 -49.42 3.95
N ASP U 126 20.63 -48.53 4.91
CA ASP U 126 19.69 -47.46 5.22
C ASP U 126 19.55 -46.47 4.07
N PHE U 127 20.66 -46.19 3.37
CA PHE U 127 20.64 -45.28 2.22
C PHE U 127 19.78 -45.85 1.10
N ILE U 128 19.96 -47.13 0.78
CA ILE U 128 19.20 -47.78 -0.28
C ILE U 128 17.72 -47.84 0.06
N GLU U 129 17.40 -48.22 1.30
CA GLU U 129 16.02 -48.30 1.75
C GLU U 129 15.34 -46.93 1.73
N GLU U 130 16.07 -45.88 2.10
CA GLU U 130 15.44 -44.56 2.16
C GLU U 130 15.26 -43.95 0.77
N LYS U 131 16.24 -44.10 -0.12
CA LYS U 131 16.20 -43.35 -1.36
C LYS U 131 15.80 -44.14 -2.60
N TYR U 132 15.78 -45.47 -2.58
CA TYR U 132 15.57 -46.17 -3.84
C TYR U 132 14.41 -47.15 -3.83
N LEU U 133 14.20 -47.89 -2.73
CA LEU U 133 13.25 -49.00 -2.74
C LEU U 133 11.80 -48.52 -2.80
N ASP U 134 11.46 -47.51 -1.99
CA ASP U 134 10.09 -47.00 -1.97
C ASP U 134 9.74 -46.29 -3.28
N GLU U 135 10.70 -45.53 -3.83
CA GLU U 135 10.51 -44.88 -5.12
C GLU U 135 10.32 -45.90 -6.23
N GLN U 136 11.05 -47.01 -6.16
CA GLN U 136 10.91 -48.06 -7.19
C GLN U 136 9.55 -48.75 -7.10
N VAL U 137 9.07 -49.00 -5.87
CA VAL U 137 7.75 -49.61 -5.68
C VAL U 137 6.66 -48.69 -6.22
N LYS U 138 6.78 -47.39 -5.96
CA LYS U 138 5.78 -46.44 -6.46
C LYS U 138 5.82 -46.31 -7.98
N SER U 139 7.02 -46.40 -8.57
CA SER U 139 7.14 -46.34 -10.02
C SER U 139 6.52 -47.57 -10.70
N ILE U 140 6.72 -48.74 -10.12
CA ILE U 140 6.12 -49.97 -10.67
C ILE U 140 4.60 -49.91 -10.58
N ASN U 141 4.07 -49.38 -9.46
CA ASN U 141 2.63 -49.25 -9.31
C ASN U 141 2.04 -48.26 -10.32
N GLU U 142 2.75 -47.16 -10.58
CA GLU U 142 2.29 -46.16 -11.55
C GLU U 142 2.23 -46.74 -12.96
N PHE U 143 3.26 -47.48 -13.36
CA PHE U 143 3.26 -48.08 -14.69
C PHE U 143 2.20 -49.18 -14.83
N ALA U 144 1.93 -49.92 -13.75
CA ALA U 144 0.88 -50.94 -13.82
C ALA U 144 -0.51 -50.32 -13.97
N ARG U 145 -0.75 -49.20 -13.29
CA ARG U 145 -2.02 -48.50 -13.44
C ARG U 145 -2.18 -47.93 -14.85
N MET U 146 -1.08 -47.43 -15.43
CA MET U 146 -1.17 -46.90 -16.80
C MET U 146 -1.42 -48.01 -17.82
N VAL U 147 -0.84 -49.20 -17.60
CA VAL U 147 -1.12 -50.34 -18.47
C VAL U 147 -2.59 -50.75 -18.38
N ALA U 148 -3.15 -50.74 -17.17
CA ALA U 148 -4.56 -51.09 -16.99
C ALA U 148 -5.49 -50.08 -17.69
N ASN U 149 -5.17 -48.78 -17.59
CA ASN U 149 -6.01 -47.80 -18.26
C ASN U 149 -5.88 -47.84 -19.78
N LEU U 150 -4.68 -48.16 -20.28
CA LEU U 150 -4.52 -48.30 -21.73
C LEU U 150 -5.22 -49.53 -22.27
N LYS U 151 -5.31 -50.59 -21.47
CA LYS U 151 -6.13 -51.72 -21.86
C LYS U 151 -7.61 -51.36 -21.83
N ARG U 152 -8.02 -50.49 -20.92
CA ARG U 152 -9.42 -50.10 -20.83
C ARG U 152 -9.85 -49.26 -22.03
N VAL U 153 -9.09 -48.23 -22.39
CA VAL U 153 -9.57 -47.29 -23.40
C VAL U 153 -9.48 -47.84 -24.82
N GLY U 154 -8.63 -48.81 -25.09
CA GLY U 154 -8.52 -49.37 -26.42
C GLY U 154 -7.79 -48.47 -27.40
N PRO U 155 -7.67 -48.90 -28.65
CA PRO U 155 -6.93 -48.12 -29.65
C PRO U 155 -7.78 -47.03 -30.28
N GLY U 156 -7.11 -46.01 -30.77
CA GLY U 156 -7.75 -44.94 -31.54
C GLY U 156 -8.13 -43.75 -30.67
N VAL U 157 -9.43 -43.47 -30.57
CA VAL U 157 -9.89 -42.29 -29.87
C VAL U 157 -9.65 -42.43 -28.36
N GLY U 158 -9.63 -43.66 -27.85
CA GLY U 158 -9.26 -43.87 -26.47
C GLY U 158 -7.80 -43.53 -26.19
N GLU U 159 -6.92 -43.85 -27.15
CA GLU U 159 -5.52 -43.49 -27.03
C GLU U 159 -5.32 -41.98 -27.08
N TYR U 160 -6.08 -41.29 -27.95
CA TYR U 160 -6.02 -39.83 -28.00
C TYR U 160 -6.52 -39.20 -26.70
N VAL U 161 -7.61 -39.72 -26.14
CA VAL U 161 -8.17 -39.18 -24.89
C VAL U 161 -7.21 -39.44 -23.73
N PHE U 162 -6.57 -40.62 -23.72
CA PHE U 162 -5.55 -40.93 -22.71
C PHE U 162 -4.37 -39.97 -22.79
N ASP U 163 -3.91 -39.66 -24.01
CA ASP U 163 -2.80 -38.72 -24.13
C ASP U 163 -3.21 -37.30 -23.72
N LYS U 164 -4.46 -36.92 -23.94
CA LYS U 164 -4.87 -35.58 -23.55
C LYS U 164 -5.14 -35.44 -22.06
N GLU U 165 -5.60 -36.50 -21.39
CA GLU U 165 -6.16 -36.36 -20.06
C GLU U 165 -5.26 -36.86 -18.93
N HIS U 166 -4.44 -37.89 -19.17
CA HIS U 166 -3.81 -38.62 -18.08
C HIS U 166 -2.65 -37.88 -17.43
N PHE U 167 -2.05 -36.90 -18.11
CA PHE U 167 -0.83 -36.27 -17.62
C PHE U 167 -1.03 -34.82 -17.22
N SER U 168 -2.27 -34.35 -17.15
CA SER U 168 -2.54 -32.97 -16.78
C SER U 168 -3.08 -32.89 -15.36
N SER V 1 -29.57 -39.60 34.76
CA SER V 1 -29.35 -38.30 34.15
C SER V 1 -30.26 -37.23 34.74
N LEU V 2 -29.68 -36.09 35.10
CA LEU V 2 -30.46 -34.97 35.58
C LEU V 2 -31.20 -34.24 34.46
N ALA V 3 -30.79 -34.45 33.22
CA ALA V 3 -31.34 -33.72 32.09
C ALA V 3 -32.47 -34.44 31.37
N ARG V 4 -32.70 -35.72 31.66
CA ARG V 4 -33.63 -36.53 30.88
C ARG V 4 -35.08 -36.11 31.13
N GLN V 5 -35.82 -35.87 30.05
CA GLN V 5 -37.21 -35.41 30.13
C GLN V 5 -37.89 -35.72 28.81
N ASN V 6 -39.01 -36.46 28.86
CA ASN V 6 -39.81 -36.85 27.70
C ASN V 6 -38.97 -37.65 26.68
N TYR V 7 -38.28 -38.67 27.17
CA TYR V 7 -37.38 -39.48 26.34
C TYR V 7 -37.57 -40.93 26.76
N HIS V 8 -38.41 -41.65 26.03
CA HIS V 8 -38.75 -43.03 26.41
C HIS V 8 -37.66 -44.00 25.97
N SER V 9 -37.70 -45.19 26.55
CA SER V 9 -36.63 -46.17 26.35
C SER V 9 -36.65 -46.80 24.96
N GLU V 10 -37.83 -46.91 24.36
CA GLU V 10 -37.94 -47.45 23.00
C GLU V 10 -37.26 -46.55 21.99
N VAL V 11 -37.38 -45.24 22.17
CA VAL V 11 -36.73 -44.27 21.29
C VAL V 11 -35.22 -44.34 21.45
N GLU V 12 -34.74 -44.56 22.69
CA GLU V 12 -33.31 -44.72 22.95
C GLU V 12 -32.74 -45.96 22.26
N ALA V 13 -33.48 -47.07 22.33
CA ALA V 13 -33.05 -48.30 21.67
C ALA V 13 -33.03 -48.15 20.15
N ALA V 14 -34.02 -47.45 19.59
CA ALA V 14 -34.04 -47.23 18.15
C ALA V 14 -32.90 -46.32 17.68
N VAL V 15 -32.50 -45.35 18.50
CA VAL V 15 -31.36 -44.50 18.17
C VAL V 15 -30.06 -45.31 18.15
N ASN V 16 -29.90 -46.24 19.12
CA ASN V 16 -28.71 -47.10 19.13
C ASN V 16 -28.65 -48.01 17.89
N LYS V 17 -29.82 -48.53 17.48
CA LYS V 17 -29.90 -49.33 16.26
C LYS V 17 -29.49 -48.53 15.02
N GLN V 18 -29.95 -47.28 14.92
CA GLN V 18 -29.58 -46.45 13.78
C GLN V 18 -28.09 -46.11 13.77
N ILE V 19 -27.48 -45.97 14.95
CA ILE V 19 -26.03 -45.75 15.05
C ILE V 19 -25.26 -46.91 14.42
N ASN V 20 -25.67 -48.14 14.75
CA ASN V 20 -24.99 -49.30 14.17
C ASN V 20 -25.18 -49.38 12.65
N ILE V 21 -26.36 -48.98 12.16
CA ILE V 21 -26.61 -48.99 10.72
C ILE V 21 -25.70 -48.00 9.98
N GLU V 22 -25.52 -46.79 10.53
CA GLU V 22 -24.64 -45.80 9.89
C GLU V 22 -23.18 -46.25 9.89
N LEU V 23 -22.74 -46.92 10.97
CA LEU V 23 -21.35 -47.39 11.01
C LEU V 23 -21.10 -48.51 10.00
N TYR V 24 -22.09 -49.40 9.82
CA TYR V 24 -21.98 -50.44 8.80
C TYR V 24 -21.90 -49.86 7.38
N ALA V 25 -22.70 -48.81 7.12
CA ALA V 25 -22.65 -48.18 5.80
C ALA V 25 -21.29 -47.52 5.53
N SER V 26 -20.71 -46.90 6.56
CA SER V 26 -19.37 -46.33 6.43
C SER V 26 -18.33 -47.38 6.08
N TYR V 27 -18.43 -48.56 6.70
CA TYR V 27 -17.43 -49.59 6.45
C TYR V 27 -17.59 -50.22 5.06
N VAL V 28 -18.83 -50.31 4.56
CA VAL V 28 -19.09 -50.76 3.18
C VAL V 28 -18.48 -49.78 2.18
N TYR V 29 -18.64 -48.48 2.40
CA TYR V 29 -18.07 -47.50 1.47
C TYR V 29 -16.54 -47.49 1.51
N LEU V 30 -15.94 -47.78 2.67
CA LEU V 30 -14.49 -47.93 2.74
C LEU V 30 -14.00 -49.13 1.92
N SER V 31 -14.75 -50.23 1.96
CA SER V 31 -14.40 -51.39 1.14
C SER V 31 -14.49 -51.08 -0.36
N MET V 32 -15.52 -50.35 -0.77
CA MET V 32 -15.65 -49.97 -2.19
C MET V 32 -14.52 -49.04 -2.62
N SER V 33 -14.17 -48.08 -1.76
CA SER V 33 -13.09 -47.13 -2.04
C SER V 33 -11.76 -47.83 -2.27
N PHE V 34 -11.46 -48.84 -1.47
CA PHE V 34 -10.18 -49.51 -1.72
C PHE V 34 -10.28 -50.62 -2.74
N TYR V 35 -11.48 -51.00 -3.17
CA TYR V 35 -11.55 -51.82 -4.38
C TYR V 35 -11.19 -51.01 -5.62
N PHE V 36 -11.69 -49.78 -5.73
CA PHE V 36 -11.36 -49.01 -6.93
C PHE V 36 -9.94 -48.43 -6.92
N ASP V 37 -9.20 -48.62 -5.84
CA ASP V 37 -7.80 -48.20 -5.74
C ASP V 37 -6.83 -49.27 -6.21
N ARG V 38 -7.32 -50.46 -6.57
CA ARG V 38 -6.45 -51.56 -6.99
C ARG V 38 -5.74 -51.24 -8.31
N ASP V 39 -4.59 -51.88 -8.51
CA ASP V 39 -3.77 -51.56 -9.68
C ASP V 39 -4.33 -52.15 -10.96
N ASP V 40 -5.22 -53.13 -10.88
CA ASP V 40 -5.88 -53.68 -12.06
C ASP V 40 -7.26 -53.09 -12.29
N VAL V 41 -7.70 -52.15 -11.46
CA VAL V 41 -8.93 -51.41 -11.70
C VAL V 41 -8.63 -49.95 -12.06
N ALA V 42 -7.99 -49.21 -11.15
CA ALA V 42 -7.31 -47.93 -11.40
C ALA V 42 -8.27 -46.84 -11.89
N LEU V 43 -9.29 -46.57 -11.08
CA LEU V 43 -10.19 -45.44 -11.30
C LEU V 43 -10.12 -44.54 -10.08
N PRO V 44 -9.20 -43.57 -10.06
CA PRO V 44 -8.89 -42.89 -8.79
C PRO V 44 -9.94 -41.91 -8.30
N ASN V 45 -10.69 -41.26 -9.20
CA ASN V 45 -11.68 -40.29 -8.75
C ASN V 45 -12.89 -40.98 -8.14
N ILE V 46 -13.25 -42.17 -8.63
CA ILE V 46 -14.31 -42.97 -8.04
C ILE V 46 -13.90 -43.43 -6.63
N ALA V 47 -12.63 -43.81 -6.47
CA ALA V 47 -12.12 -44.23 -5.17
C ALA V 47 -12.12 -43.08 -4.17
N LYS V 48 -11.74 -41.89 -4.62
CA LYS V 48 -11.79 -40.71 -3.76
C LYS V 48 -13.22 -40.36 -3.36
N PHE V 49 -14.17 -40.51 -4.30
CA PHE V 49 -15.58 -40.27 -4.02
C PHE V 49 -16.11 -41.21 -2.94
N PHE V 50 -15.77 -42.50 -3.04
CA PHE V 50 -16.26 -43.45 -2.05
C PHE V 50 -15.58 -43.26 -0.69
N LYS V 51 -14.33 -42.78 -0.68
CA LYS V 51 -13.69 -42.43 0.59
C LYS V 51 -14.41 -41.27 1.29
N GLU V 52 -14.81 -40.26 0.51
CA GLU V 52 -15.59 -39.16 1.07
C GLU V 52 -16.95 -39.61 1.59
N GLN V 53 -17.59 -40.56 0.89
CA GLN V 53 -18.87 -41.11 1.36
C GLN V 53 -18.71 -41.86 2.67
N SER V 54 -17.60 -42.59 2.83
CA SER V 54 -17.32 -43.29 4.07
C SER V 54 -17.15 -42.32 5.24
N ASP V 55 -16.42 -41.23 5.01
CA ASP V 55 -16.25 -40.20 6.04
C ASP V 55 -17.59 -39.55 6.42
N GLU V 56 -18.47 -39.33 5.42
CA GLU V 56 -19.76 -38.74 5.70
C GLU V 56 -20.65 -39.65 6.54
N GLU V 57 -20.66 -40.95 6.26
CA GLU V 57 -21.46 -41.87 7.06
C GLU V 57 -20.93 -41.98 8.49
N ARG V 58 -19.62 -41.88 8.67
CA ARG V 58 -19.07 -41.84 10.03
C ARG V 58 -19.51 -40.59 10.78
N GLU V 59 -19.59 -39.45 10.07
CA GLU V 59 -20.10 -38.22 10.69
C GLU V 59 -21.57 -38.35 11.09
N HIS V 60 -22.37 -39.03 10.27
CA HIS V 60 -23.78 -39.28 10.63
C HIS V 60 -23.90 -40.08 11.91
N ALA V 61 -23.07 -41.13 12.04
CA ALA V 61 -23.10 -41.94 13.27
C ALA V 61 -22.67 -41.14 14.49
N THR V 62 -21.65 -40.29 14.37
CA THR V 62 -21.22 -39.53 15.54
C THR V 62 -22.23 -38.45 15.92
N GLU V 63 -22.96 -37.89 14.96
CA GLU V 63 -24.01 -36.93 15.33
C GLU V 63 -25.18 -37.59 16.04
N LEU V 64 -25.51 -38.84 15.66
CA LEU V 64 -26.52 -39.57 16.42
C LEU V 64 -26.07 -39.88 17.83
N MET V 65 -24.78 -40.24 18.01
CA MET V 65 -24.24 -40.43 19.36
C MET V 65 -24.32 -39.15 20.19
N ARG V 66 -24.04 -38.00 19.56
CA ARG V 66 -24.10 -36.72 20.25
C ARG V 66 -25.52 -36.37 20.70
N VAL V 67 -26.52 -36.63 19.86
CA VAL V 67 -27.89 -36.29 20.29
C VAL V 67 -28.40 -37.28 21.33
N GLN V 68 -27.89 -38.53 21.30
CA GLN V 68 -28.21 -39.48 22.36
C GLN V 68 -27.66 -39.00 23.71
N ASN V 69 -26.44 -38.47 23.72
CA ASN V 69 -25.91 -37.90 24.96
C ASN V 69 -26.64 -36.61 25.35
N LEU V 70 -27.09 -35.84 24.37
CA LEU V 70 -27.78 -34.58 24.66
C LEU V 70 -29.13 -34.80 25.32
N ARG V 71 -29.86 -35.85 24.92
CA ARG V 71 -31.17 -36.09 25.52
C ARG V 71 -31.09 -36.87 26.82
N GLY V 72 -29.90 -37.26 27.27
CA GLY V 72 -29.76 -37.98 28.52
C GLY V 72 -29.84 -39.49 28.41
N GLY V 73 -29.81 -40.05 27.21
CA GLY V 73 -29.73 -41.48 27.04
C GLY V 73 -28.30 -41.97 27.10
N ARG V 74 -28.13 -43.28 26.92
CA ARG V 74 -26.83 -43.92 27.02
C ARG V 74 -26.52 -44.65 25.72
N VAL V 75 -25.33 -44.42 25.18
CA VAL V 75 -24.89 -45.05 23.94
C VAL V 75 -24.46 -46.48 24.24
N VAL V 76 -24.99 -47.44 23.49
CA VAL V 76 -24.62 -48.84 23.59
C VAL V 76 -24.18 -49.33 22.21
N LEU V 77 -22.91 -49.68 22.08
CA LEU V 77 -22.34 -50.06 20.80
C LEU V 77 -22.36 -51.57 20.60
N GLN V 78 -22.45 -51.99 19.34
CA GLN V 78 -22.46 -53.39 18.95
C GLN V 78 -21.36 -53.65 17.93
N ASP V 79 -21.22 -54.91 17.53
CA ASP V 79 -20.27 -55.30 16.50
C ASP V 79 -20.65 -54.69 15.15
N ILE V 80 -19.63 -54.34 14.37
CA ILE V 80 -19.81 -53.89 13.01
C ILE V 80 -19.50 -55.05 12.08
N GLN V 81 -20.50 -55.49 11.33
CA GLN V 81 -20.33 -56.62 10.42
C GLN V 81 -19.51 -56.23 9.21
N LYS V 82 -18.77 -57.20 8.67
CA LYS V 82 -17.98 -56.97 7.48
C LYS V 82 -18.90 -56.86 6.26
N PRO V 83 -18.47 -56.17 5.20
CA PRO V 83 -19.31 -56.03 4.01
C PRO V 83 -19.54 -57.36 3.30
N GLU V 84 -20.57 -57.36 2.44
CA GLU V 84 -21.02 -58.59 1.80
C GLU V 84 -20.05 -59.10 0.74
N ASN V 85 -19.31 -58.20 0.09
CA ASN V 85 -18.41 -58.59 -0.98
C ASN V 85 -17.02 -58.03 -0.73
N ASP V 86 -16.02 -58.75 -1.22
CA ASP V 86 -14.66 -58.23 -1.24
C ASP V 86 -14.37 -57.44 -2.50
N GLU V 87 -14.94 -57.84 -3.63
CA GLU V 87 -14.78 -57.13 -4.89
C GLU V 87 -16.15 -56.82 -5.48
N TRP V 88 -16.24 -55.68 -6.16
CA TRP V 88 -17.53 -55.10 -6.51
C TRP V 88 -17.80 -55.03 -8.00
N GLY V 89 -17.04 -55.74 -8.82
CA GLY V 89 -17.36 -55.85 -10.24
C GLY V 89 -17.04 -54.58 -11.02
N THR V 90 -17.88 -54.29 -12.00
CA THR V 90 -17.73 -53.08 -12.80
C THR V 90 -18.19 -51.85 -12.00
N ALA V 91 -18.03 -50.67 -12.60
CA ALA V 91 -18.46 -49.46 -11.93
C ALA V 91 -19.97 -49.37 -11.82
N LEU V 92 -20.69 -49.88 -12.83
CA LEU V 92 -22.15 -49.85 -12.83
C LEU V 92 -22.73 -50.73 -11.72
N LYS V 93 -22.15 -51.91 -11.51
CA LYS V 93 -22.61 -52.82 -10.46
C LYS V 93 -22.34 -52.22 -9.07
N ALA V 94 -21.20 -51.56 -8.90
CA ALA V 94 -20.88 -50.94 -7.62
C ALA V 94 -21.80 -49.78 -7.31
N PHE V 95 -22.13 -48.96 -8.31
CA PHE V 95 -23.03 -47.84 -8.04
C PHE V 95 -24.47 -48.31 -7.84
N GLU V 96 -24.86 -49.43 -8.47
CA GLU V 96 -26.18 -49.99 -8.20
C GLU V 96 -26.29 -50.56 -6.79
N ALA V 97 -25.23 -51.23 -6.32
CA ALA V 97 -25.21 -51.71 -4.93
C ALA V 97 -25.22 -50.56 -3.94
N ALA V 98 -24.52 -49.46 -4.26
CA ALA V 98 -24.55 -48.28 -3.40
C ALA V 98 -25.94 -47.64 -3.35
N LEU V 99 -26.65 -47.63 -4.48
CA LEU V 99 -28.01 -47.10 -4.49
C LEU V 99 -28.94 -47.94 -3.64
N ALA V 100 -28.80 -49.28 -3.71
CA ALA V 100 -29.62 -50.15 -2.87
C ALA V 100 -29.31 -49.96 -1.38
N LEU V 101 -28.05 -49.71 -1.05
CA LEU V 101 -27.68 -49.45 0.35
C LEU V 101 -28.29 -48.14 0.86
N GLU V 102 -28.27 -47.09 0.02
CA GLU V 102 -28.87 -45.81 0.40
C GLU V 102 -30.37 -45.94 0.61
N LYS V 103 -31.05 -46.75 -0.20
CA LYS V 103 -32.49 -46.92 -0.03
C LYS V 103 -32.82 -47.71 1.24
N PHE V 104 -32.00 -48.72 1.57
CA PHE V 104 -32.16 -49.44 2.84
C PHE V 104 -32.00 -48.51 4.04
N ASN V 105 -31.00 -47.62 3.98
N ASN V 105 -31.02 -47.61 3.98
CA ASN V 105 -30.77 -46.66 5.04
CA ASN V 105 -30.80 -46.66 5.07
C ASN V 105 -31.94 -45.68 5.18
C ASN V 105 -31.94 -45.67 5.18
N ASN V 106 -32.53 -45.27 4.05
CA ASN V 106 -33.69 -44.39 4.07
C ASN V 106 -34.90 -45.05 4.72
N GLU V 107 -35.09 -46.36 4.44
CA GLU V 107 -36.19 -47.07 5.06
C GLU V 107 -36.01 -47.20 6.58
N SER V 108 -34.76 -47.42 7.02
CA SER V 108 -34.49 -47.45 8.46
C SER V 108 -34.71 -46.09 9.12
N LEU V 109 -34.33 -45.01 8.44
CA LEU V 109 -34.54 -43.66 8.99
C LEU V 109 -36.01 -43.33 9.10
N LEU V 110 -36.82 -43.75 8.11
CA LEU V 110 -38.26 -43.50 8.17
C LEU V 110 -38.91 -44.29 9.29
N LYS V 111 -38.42 -45.51 9.56
CA LYS V 111 -38.95 -46.28 10.68
C LYS V 111 -38.60 -45.63 12.02
N LEU V 112 -37.38 -45.08 12.15
CA LEU V 112 -37.01 -44.37 13.37
C LEU V 112 -37.87 -43.11 13.58
N HIS V 113 -38.14 -42.37 12.49
CA HIS V 113 -39.00 -41.20 12.56
C HIS V 113 -40.42 -41.58 12.96
N SER V 114 -40.90 -42.73 12.48
CA SER V 114 -42.24 -43.18 12.84
C SER V 114 -42.32 -43.58 14.31
N THR V 115 -41.28 -44.22 14.85
CA THR V 115 -41.26 -44.57 16.27
C THR V 115 -41.24 -43.33 17.16
N ALA V 116 -40.39 -42.35 16.82
CA ALA V 116 -40.34 -41.10 17.58
C ALA V 116 -41.63 -40.32 17.48
N GLY V 117 -42.32 -40.38 16.34
CA GLY V 117 -43.62 -39.75 16.24
C GLY V 117 -44.70 -40.46 17.04
N ASN V 118 -44.62 -41.79 17.12
CA ASN V 118 -45.60 -42.53 17.92
C ASN V 118 -45.44 -42.30 19.40
N HIS V 119 -44.22 -41.99 19.86
CA HIS V 119 -44.04 -41.73 21.29
C HIS V 119 -44.11 -40.25 21.64
N ASN V 120 -44.60 -39.39 20.73
CA ASN V 120 -44.82 -37.96 20.94
C ASN V 120 -43.55 -37.21 21.34
N ASP V 121 -42.47 -37.51 20.64
CA ASP V 121 -41.17 -36.89 20.90
C ASP V 121 -40.94 -35.84 19.81
N ALA V 122 -41.30 -34.60 20.12
CA ALA V 122 -41.30 -33.54 19.10
C ALA V 122 -39.89 -33.13 18.70
N HIS V 123 -38.98 -33.04 19.69
CA HIS V 123 -37.62 -32.60 19.42
C HIS V 123 -36.87 -33.59 18.53
N LEU V 124 -37.09 -34.89 18.75
CA LEU V 124 -36.34 -35.86 17.96
C LEU V 124 -36.90 -36.01 16.54
N THR V 125 -38.22 -35.89 16.36
CA THR V 125 -38.76 -35.89 15.01
C THR V 125 -38.29 -34.67 14.22
N ASP V 126 -38.22 -33.51 14.88
CA ASP V 126 -37.69 -32.33 14.20
C ASP V 126 -36.21 -32.48 13.89
N PHE V 127 -35.45 -33.11 14.79
CA PHE V 127 -34.02 -33.35 14.56
C PHE V 127 -33.79 -34.25 13.36
N ILE V 128 -34.55 -35.36 13.29
CA ILE V 128 -34.42 -36.31 12.19
C ILE V 128 -34.82 -35.67 10.87
N GLU V 129 -35.94 -34.95 10.86
CA GLU V 129 -36.40 -34.26 9.64
C GLU V 129 -35.40 -33.21 9.17
N GLU V 130 -34.79 -32.49 10.10
CA GLU V 130 -33.88 -31.42 9.68
C GLU V 130 -32.53 -31.97 9.21
N LYS V 131 -31.99 -32.98 9.87
CA LYS V 131 -30.62 -33.37 9.59
C LYS V 131 -30.45 -34.64 8.77
N TYR V 132 -31.47 -35.48 8.59
CA TYR V 132 -31.21 -36.76 7.96
C TYR V 132 -32.06 -37.05 6.73
N LEU V 133 -33.35 -36.68 6.74
CA LEU V 133 -34.27 -37.11 5.68
C LEU V 133 -33.99 -36.43 4.35
N ASP V 134 -33.78 -35.11 4.37
CA ASP V 134 -33.51 -34.37 3.14
C ASP V 134 -32.16 -34.75 2.54
N GLU V 135 -31.15 -34.93 3.40
CA GLU V 135 -29.84 -35.38 2.94
C GLU V 135 -29.91 -36.77 2.33
N GLN V 136 -30.74 -37.65 2.90
CA GLN V 136 -30.88 -39.00 2.35
C GLN V 136 -31.58 -38.99 1.00
N VAL V 137 -32.60 -38.13 0.85
CA VAL V 137 -33.30 -38.00 -0.44
C VAL V 137 -32.35 -37.48 -1.52
N LYS V 138 -31.52 -36.49 -1.16
CA LYS V 138 -30.56 -35.96 -2.13
C LYS V 138 -29.48 -36.97 -2.49
N SER V 139 -29.06 -37.79 -1.53
CA SER V 139 -28.07 -38.83 -1.80
C SER V 139 -28.62 -39.92 -2.74
N ILE V 140 -29.87 -40.31 -2.54
CA ILE V 140 -30.50 -41.31 -3.41
C ILE V 140 -30.63 -40.77 -4.83
N ASN V 141 -31.01 -39.48 -4.96
CA ASN V 141 -31.13 -38.87 -6.28
C ASN V 141 -29.77 -38.79 -6.99
N GLU V 142 -28.71 -38.47 -6.24
CA GLU V 142 -27.37 -38.39 -6.82
C GLU V 142 -26.90 -39.75 -7.34
N PHE V 143 -27.11 -40.81 -6.56
CA PHE V 143 -26.71 -42.14 -7.01
C PHE V 143 -27.54 -42.64 -8.19
N ALA V 144 -28.82 -42.26 -8.26
CA ALA V 144 -29.65 -42.66 -9.40
C ALA V 144 -29.20 -41.96 -10.68
N ARG V 145 -28.81 -40.69 -10.58
CA ARG V 145 -28.29 -39.98 -11.75
C ARG V 145 -26.96 -40.57 -12.22
N MET V 146 -26.11 -40.99 -11.26
CA MET V 146 -24.85 -41.60 -11.66
C MET V 146 -25.04 -42.96 -12.32
N VAL V 147 -26.04 -43.73 -11.86
CA VAL V 147 -26.36 -45.01 -12.50
C VAL V 147 -26.85 -44.78 -13.93
N ALA V 148 -27.68 -43.74 -14.13
CA ALA V 148 -28.18 -43.43 -15.47
C ALA V 148 -27.04 -43.01 -16.42
N ASN V 149 -26.09 -42.21 -15.92
CA ASN V 149 -24.98 -41.81 -16.79
C ASN V 149 -24.03 -42.96 -17.08
N LEU V 150 -23.84 -43.87 -16.12
CA LEU V 150 -23.00 -45.03 -16.38
C LEU V 150 -23.64 -46.00 -17.35
N LYS V 151 -24.97 -46.09 -17.35
CA LYS V 151 -25.64 -46.85 -18.39
C LYS V 151 -25.52 -46.17 -19.74
N ARG V 152 -25.48 -44.84 -19.77
CA ARG V 152 -25.36 -44.12 -21.04
C ARG V 152 -23.99 -44.31 -21.67
N VAL V 153 -22.91 -44.13 -20.91
CA VAL V 153 -21.59 -44.11 -21.52
C VAL V 153 -21.08 -45.50 -21.91
N GLY V 154 -21.57 -46.56 -21.29
CA GLY V 154 -21.12 -47.90 -21.62
C GLY V 154 -19.75 -48.23 -21.08
N PRO V 155 -19.26 -49.44 -21.36
CA PRO V 155 -17.95 -49.86 -20.84
C PRO V 155 -16.79 -49.37 -21.69
N GLY V 156 -15.64 -49.25 -21.05
CA GLY V 156 -14.39 -48.94 -21.74
C GLY V 156 -14.09 -47.44 -21.71
N VAL V 157 -14.05 -46.82 -22.88
CA VAL V 157 -13.64 -45.43 -22.98
C VAL V 157 -14.70 -44.52 -22.35
N GLY V 158 -15.96 -44.95 -22.35
CA GLY V 158 -16.98 -44.20 -21.64
C GLY V 158 -16.78 -44.21 -20.13
N GLU V 159 -16.33 -45.35 -19.61
CA GLU V 159 -16.01 -45.44 -18.19
C GLU V 159 -14.82 -44.57 -17.82
N TYR V 160 -13.80 -44.53 -18.70
CA TYR V 160 -12.66 -43.65 -18.47
C TYR V 160 -13.06 -42.18 -18.50
N VAL V 161 -13.90 -41.79 -19.47
CA VAL V 161 -14.36 -40.40 -19.58
C VAL V 161 -15.23 -40.01 -18.38
N PHE V 162 -16.07 -40.95 -17.91
CA PHE V 162 -16.87 -40.72 -16.71
C PHE V 162 -15.98 -40.51 -15.48
N ASP V 163 -14.92 -41.31 -15.34
CA ASP V 163 -14.03 -41.12 -14.20
C ASP V 163 -13.26 -39.80 -14.29
N LYS V 164 -12.93 -39.35 -15.50
CA LYS V 164 -12.20 -38.10 -15.61
C LYS V 164 -13.09 -36.87 -15.44
N GLU V 165 -14.36 -36.94 -15.85
CA GLU V 165 -15.17 -35.72 -15.98
C GLU V 165 -16.19 -35.52 -14.87
N HIS V 166 -16.75 -36.59 -14.29
CA HIS V 166 -17.95 -36.45 -13.48
C HIS V 166 -17.71 -35.85 -12.11
N PHE V 167 -16.48 -35.89 -11.60
CA PHE V 167 -16.21 -35.49 -10.22
C PHE V 167 -15.38 -34.22 -10.12
N SER V 168 -15.17 -33.51 -11.22
CA SER V 168 -14.40 -32.28 -11.20
C SER V 168 -15.30 -31.07 -11.31
N SER W 1 -55.03 8.03 -23.63
CA SER W 1 -53.63 8.36 -23.41
C SER W 1 -53.28 9.73 -23.98
N LEU W 2 -52.60 10.55 -23.19
CA LEU W 2 -52.12 11.84 -23.66
C LEU W 2 -50.91 11.72 -24.58
N ALA W 3 -50.23 10.58 -24.56
CA ALA W 3 -48.99 10.40 -25.30
C ALA W 3 -49.18 9.75 -26.67
N ARG W 4 -50.35 9.21 -26.97
CA ARG W 4 -50.54 8.41 -28.17
C ARG W 4 -50.51 9.28 -29.44
N GLN W 5 -49.69 8.88 -30.41
CA GLN W 5 -49.52 9.63 -31.65
C GLN W 5 -48.96 8.68 -32.70
N ASN W 6 -49.65 8.58 -33.85
CA ASN W 6 -49.26 7.73 -34.98
C ASN W 6 -49.14 6.26 -34.56
N TYR W 7 -50.17 5.75 -33.90
CA TYR W 7 -50.17 4.38 -33.37
C TYR W 7 -51.56 3.80 -33.62
N HIS W 8 -51.71 3.07 -34.71
CA HIS W 8 -53.02 2.56 -35.10
C HIS W 8 -53.38 1.30 -34.31
N SER W 9 -54.67 0.97 -34.33
CA SER W 9 -55.19 -0.11 -33.49
C SER W 9 -54.77 -1.50 -33.97
N GLU W 10 -54.56 -1.65 -35.28
CA GLU W 10 -54.11 -2.94 -35.83
C GLU W 10 -52.71 -3.28 -35.34
N VAL W 11 -51.85 -2.27 -35.25
CA VAL W 11 -50.49 -2.47 -34.74
C VAL W 11 -50.52 -2.84 -33.26
N GLU W 12 -51.44 -2.24 -32.49
CA GLU W 12 -51.61 -2.56 -31.08
C GLU W 12 -52.06 -4.01 -30.89
N ALA W 13 -53.01 -4.46 -31.71
CA ALA W 13 -53.47 -5.84 -31.64
C ALA W 13 -52.38 -6.83 -32.02
N ALA W 14 -51.57 -6.50 -33.03
CA ALA W 14 -50.47 -7.38 -33.41
C ALA W 14 -49.39 -7.46 -32.35
N VAL W 15 -49.14 -6.37 -31.61
CA VAL W 15 -48.19 -6.40 -30.51
C VAL W 15 -48.68 -7.30 -29.38
N ASN W 16 -49.99 -7.26 -29.08
CA ASN W 16 -50.55 -8.14 -28.05
C ASN W 16 -50.44 -9.62 -28.45
N LYS W 17 -50.66 -9.92 -29.74
CA LYS W 17 -50.50 -11.27 -30.25
C LYS W 17 -49.05 -11.76 -30.10
N GLN W 18 -48.08 -10.90 -30.41
CA GLN W 18 -46.67 -11.29 -30.26
C GLN W 18 -46.28 -11.51 -28.81
N ILE W 19 -46.89 -10.76 -27.88
CA ILE W 19 -46.66 -10.97 -26.45
C ILE W 19 -47.07 -12.38 -26.03
N ASN W 20 -48.25 -12.81 -26.49
CA ASN W 20 -48.70 -14.16 -26.14
C ASN W 20 -47.79 -15.24 -26.75
N ILE W 21 -47.28 -14.99 -27.96
CA ILE W 21 -46.37 -15.95 -28.60
C ILE W 21 -45.07 -16.11 -27.81
N GLU W 22 -44.49 -15.00 -27.33
CA GLU W 22 -43.25 -15.08 -26.55
C GLU W 22 -43.47 -15.79 -25.21
N LEU W 23 -44.63 -15.57 -24.58
CA LEU W 23 -44.90 -16.25 -23.31
C LEU W 23 -45.07 -17.76 -23.49
N TYR W 24 -45.72 -18.17 -24.60
CA TYR W 24 -45.84 -19.59 -24.90
C TYR W 24 -44.47 -20.25 -25.14
N ALA W 25 -43.57 -19.54 -25.84
CA ALA W 25 -42.24 -20.09 -26.08
C ALA W 25 -41.45 -20.25 -24.78
N SER W 26 -41.60 -19.29 -23.85
CA SER W 26 -40.97 -19.41 -22.54
C SER W 26 -41.45 -20.64 -21.77
N TYR W 27 -42.75 -20.92 -21.85
CA TYR W 27 -43.28 -22.04 -21.10
C TYR W 27 -42.88 -23.39 -21.72
N VAL W 28 -42.73 -23.44 -23.05
CA VAL W 28 -42.20 -24.63 -23.72
C VAL W 28 -40.76 -24.90 -23.30
N TYR W 29 -39.93 -23.86 -23.23
CA TYR W 29 -38.54 -24.07 -22.82
C TYR W 29 -38.43 -24.48 -21.34
N LEU W 30 -39.35 -24.01 -20.49
CA LEU W 30 -39.38 -24.48 -19.11
C LEU W 30 -39.71 -25.97 -19.02
N SER W 31 -40.64 -26.43 -19.86
CA SER W 31 -40.96 -27.86 -19.91
C SER W 31 -39.77 -28.70 -20.36
N MET W 32 -39.03 -28.22 -21.37
CA MET W 32 -37.84 -28.95 -21.83
C MET W 32 -36.75 -28.99 -20.75
N SER W 33 -36.55 -27.87 -20.06
CA SER W 33 -35.56 -27.77 -18.99
C SER W 33 -35.83 -28.77 -17.88
N PHE W 34 -37.09 -28.93 -17.49
CA PHE W 34 -37.32 -29.91 -16.43
C PHE W 34 -37.52 -31.32 -16.95
N TYR W 35 -37.63 -31.52 -18.26
CA TYR W 35 -37.48 -32.88 -18.77
C TYR W 35 -36.03 -33.36 -18.66
N PHE W 36 -35.07 -32.51 -19.00
CA PHE W 36 -33.68 -32.96 -18.92
C PHE W 36 -33.13 -33.00 -17.49
N ASP W 37 -33.90 -32.56 -16.51
CA ASP W 37 -33.54 -32.63 -15.10
C ASP W 37 -33.96 -33.93 -14.44
N ARG W 38 -34.66 -34.81 -15.15
CA ARG W 38 -35.15 -36.06 -14.58
C ARG W 38 -34.00 -36.99 -14.23
N ASP W 39 -34.26 -37.89 -13.26
CA ASP W 39 -33.19 -38.75 -12.77
C ASP W 39 -32.86 -39.88 -13.73
N ASP W 40 -33.73 -40.19 -14.68
CA ASP W 40 -33.44 -41.19 -15.70
C ASP W 40 -32.97 -40.58 -17.00
N VAL W 41 -32.83 -39.26 -17.08
CA VAL W 41 -32.21 -38.59 -18.22
C VAL W 41 -30.85 -38.01 -17.85
N ALA W 42 -30.82 -37.07 -16.89
CA ALA W 42 -29.64 -36.63 -16.16
C ALA W 42 -28.57 -36.01 -17.07
N LEU W 43 -28.98 -34.96 -17.78
CA LEU W 43 -28.05 -34.13 -18.56
C LEU W 43 -28.15 -32.71 -18.05
N PRO W 44 -27.35 -32.34 -17.04
CA PRO W 44 -27.63 -31.09 -16.30
C PRO W 44 -27.29 -29.81 -17.05
N ASN W 45 -26.28 -29.82 -17.93
CA ASN W 45 -25.92 -28.59 -18.63
C ASN W 45 -26.95 -28.25 -19.70
N ILE W 46 -27.55 -29.25 -20.33
CA ILE W 46 -28.64 -29.04 -21.27
C ILE W 46 -29.86 -28.44 -20.56
N ALA W 47 -30.14 -28.95 -19.35
CA ALA W 47 -31.26 -28.43 -18.55
C ALA W 47 -31.03 -26.98 -18.14
N LYS W 48 -29.81 -26.65 -17.75
CA LYS W 48 -29.47 -25.27 -17.41
C LYS W 48 -29.58 -24.35 -18.62
N PHE W 49 -29.17 -24.84 -19.80
CA PHE W 49 -29.29 -24.08 -21.04
C PHE W 49 -30.75 -23.76 -21.37
N PHE W 50 -31.63 -24.75 -21.24
CA PHE W 50 -33.04 -24.51 -21.55
C PHE W 50 -33.71 -23.62 -20.50
N LYS W 51 -33.25 -23.66 -19.24
CA LYS W 51 -33.75 -22.72 -18.25
C LYS W 51 -33.38 -21.28 -18.59
N GLU W 52 -32.15 -21.07 -19.06
CA GLU W 52 -31.74 -19.74 -19.51
C GLU W 52 -32.53 -19.26 -20.73
N GLN W 53 -32.85 -20.18 -21.64
CA GLN W 53 -33.68 -19.83 -22.80
C GLN W 53 -35.09 -19.42 -22.39
N SER W 54 -35.65 -20.10 -21.37
CA SER W 54 -36.96 -19.74 -20.86
C SER W 54 -36.97 -18.34 -20.25
N ASP W 55 -35.92 -18.01 -19.47
CA ASP W 55 -35.79 -16.67 -18.91
C ASP W 55 -35.67 -15.60 -20.00
N GLU W 56 -34.93 -15.92 -21.07
CA GLU W 56 -34.76 -14.96 -22.17
C GLU W 56 -36.07 -14.69 -22.89
N GLU W 57 -36.88 -15.72 -23.14
CA GLU W 57 -38.17 -15.51 -23.80
C GLU W 57 -39.13 -14.70 -22.92
N ARG W 58 -39.06 -14.90 -21.60
CA ARG W 58 -39.86 -14.07 -20.70
C ARG W 58 -39.43 -12.60 -20.75
N GLU W 59 -38.12 -12.36 -20.89
CA GLU W 59 -37.63 -10.98 -21.04
C GLU W 59 -38.11 -10.35 -22.35
N HIS W 60 -38.17 -11.13 -23.43
CA HIS W 60 -38.70 -10.63 -24.70
C HIS W 60 -40.16 -10.20 -24.57
N ALA W 61 -40.97 -11.01 -23.87
CA ALA W 61 -42.37 -10.66 -23.65
C ALA W 61 -42.52 -9.39 -22.82
N THR W 62 -41.71 -9.24 -21.77
CA THR W 62 -41.85 -8.04 -20.94
C THR W 62 -41.36 -6.78 -21.66
N GLU W 63 -40.38 -6.89 -22.56
CA GLU W 63 -39.98 -5.72 -23.33
C GLU W 63 -41.04 -5.30 -24.33
N LEU W 64 -41.77 -6.26 -24.91
CA LEU W 64 -42.90 -5.90 -25.76
C LEU W 64 -44.02 -5.23 -24.97
N MET W 65 -44.28 -5.69 -23.75
CA MET W 65 -45.26 -5.02 -22.88
C MET W 65 -44.83 -3.58 -22.56
N ARG W 66 -43.53 -3.38 -22.34
CA ARG W 66 -43.00 -2.05 -22.03
C ARG W 66 -43.15 -1.10 -23.22
N VAL W 67 -42.89 -1.57 -24.45
CA VAL W 67 -43.02 -0.65 -25.58
C VAL W 67 -44.50 -0.40 -25.91
N GLN W 68 -45.38 -1.36 -25.59
CA GLN W 68 -46.82 -1.12 -25.72
C GLN W 68 -47.27 -0.01 -24.77
N ASN W 69 -46.78 -0.02 -23.53
CA ASN W 69 -47.09 1.08 -22.62
C ASN W 69 -46.44 2.39 -23.04
N LEU W 70 -45.25 2.31 -23.64
CA LEU W 70 -44.54 3.52 -24.06
C LEU W 70 -45.26 4.25 -25.20
N ARG W 71 -45.85 3.50 -26.13
CA ARG W 71 -46.54 4.15 -27.23
C ARG W 71 -47.97 4.56 -26.90
N GLY W 72 -48.45 4.28 -25.70
CA GLY W 72 -49.79 4.67 -25.32
C GLY W 72 -50.87 3.66 -25.61
N GLY W 73 -50.51 2.44 -25.99
CA GLY W 73 -51.48 1.38 -26.14
C GLY W 73 -51.77 0.69 -24.82
N ARG W 74 -52.64 -0.32 -24.87
CA ARG W 74 -53.07 -1.04 -23.68
C ARG W 74 -52.76 -2.52 -23.84
N VAL W 75 -52.13 -3.11 -22.83
CA VAL W 75 -51.78 -4.52 -22.82
C VAL W 75 -53.02 -5.34 -22.51
N VAL W 76 -53.31 -6.34 -23.34
CA VAL W 76 -54.41 -7.27 -23.15
C VAL W 76 -53.85 -8.69 -23.17
N LEU W 77 -53.92 -9.37 -22.04
CA LEU W 77 -53.33 -10.71 -21.88
C LEU W 77 -54.35 -11.80 -22.16
N GLN W 78 -53.86 -12.94 -22.65
CA GLN W 78 -54.67 -14.11 -22.94
C GLN W 78 -54.12 -15.31 -22.20
N ASP W 79 -54.81 -16.45 -22.33
CA ASP W 79 -54.35 -17.70 -21.76
C ASP W 79 -53.05 -18.17 -22.41
N ILE W 80 -52.19 -18.80 -21.62
CA ILE W 80 -50.98 -19.43 -22.10
C ILE W 80 -51.24 -20.92 -22.22
N GLN W 81 -51.17 -21.45 -23.43
CA GLN W 81 -51.44 -22.86 -23.67
C GLN W 81 -50.28 -23.72 -23.16
N LYS W 82 -50.61 -24.93 -22.73
CA LYS W 82 -49.59 -25.87 -22.27
C LYS W 82 -48.80 -26.40 -23.47
N PRO W 83 -47.56 -26.84 -23.26
CA PRO W 83 -46.76 -27.35 -24.37
C PRO W 83 -47.32 -28.64 -24.96
N GLU W 84 -46.86 -28.95 -26.17
CA GLU W 84 -47.41 -30.06 -26.94
C GLU W 84 -47.03 -31.42 -26.37
N ASN W 85 -45.87 -31.53 -25.73
CA ASN W 85 -45.39 -32.79 -25.21
C ASN W 85 -45.01 -32.67 -23.75
N ASP W 86 -45.16 -33.77 -23.02
CA ASP W 86 -44.64 -33.85 -21.67
C ASP W 86 -43.20 -34.32 -21.63
N GLU W 87 -42.82 -35.22 -22.54
CA GLU W 87 -41.46 -35.71 -22.65
C GLU W 87 -40.95 -35.53 -24.08
N TRP W 88 -39.66 -35.26 -24.21
CA TRP W 88 -39.11 -34.76 -25.46
C TRP W 88 -38.11 -35.71 -26.12
N GLY W 89 -38.06 -36.96 -25.70
CA GLY W 89 -37.25 -37.95 -26.41
C GLY W 89 -35.76 -37.79 -26.16
N THR W 90 -34.97 -38.05 -27.20
CA THR W 90 -33.52 -37.89 -27.12
C THR W 90 -33.15 -36.42 -27.19
N ALA W 91 -31.87 -36.12 -27.05
CA ALA W 91 -31.40 -34.75 -27.12
C ALA W 91 -31.54 -34.17 -28.52
N LEU W 92 -31.33 -35.01 -29.55
CA LEU W 92 -31.44 -34.57 -30.93
C LEU W 92 -32.87 -34.17 -31.29
N LYS W 93 -33.85 -34.95 -30.84
CA LYS W 93 -35.26 -34.64 -31.09
C LYS W 93 -35.68 -33.35 -30.38
N ALA W 94 -35.19 -33.14 -29.17
CA ALA W 94 -35.52 -31.93 -28.43
C ALA W 94 -34.92 -30.69 -29.08
N PHE W 95 -33.68 -30.78 -29.56
CA PHE W 95 -33.08 -29.62 -30.21
C PHE W 95 -33.69 -29.36 -31.58
N GLU W 96 -34.17 -30.41 -32.27
CA GLU W 96 -34.88 -30.19 -33.52
C GLU W 96 -36.23 -29.52 -33.30
N ALA W 97 -36.95 -29.92 -32.25
CA ALA W 97 -38.21 -29.24 -31.91
C ALA W 97 -37.98 -27.80 -31.50
N ALA W 98 -36.88 -27.53 -30.79
CA ALA W 98 -36.54 -26.15 -30.43
C ALA W 98 -36.21 -25.31 -31.65
N LEU W 99 -35.53 -25.90 -32.65
CA LEU W 99 -35.24 -25.17 -33.88
C LEU W 99 -36.51 -24.84 -34.64
N ALA W 100 -37.47 -25.78 -34.69
CA ALA W 100 -38.74 -25.51 -35.35
C ALA W 100 -39.53 -24.40 -34.63
N LEU W 101 -39.45 -24.38 -33.30
CA LEU W 101 -40.12 -23.32 -32.53
C LEU W 101 -39.50 -21.94 -32.80
N GLU W 102 -38.16 -21.88 -32.88
CA GLU W 102 -37.50 -20.61 -33.19
C GLU W 102 -37.85 -20.10 -34.58
N LYS W 103 -38.01 -21.01 -35.55
CA LYS W 103 -38.37 -20.58 -36.89
C LYS W 103 -39.82 -20.08 -36.97
N PHE W 104 -40.72 -20.73 -36.22
CA PHE W 104 -42.11 -20.24 -36.11
C PHE W 104 -42.16 -18.84 -35.51
N ASN W 105 -41.36 -18.61 -34.47
N ASN W 105 -41.36 -18.59 -34.48
CA ASN W 105 -41.29 -17.30 -33.83
CA ASN W 105 -41.32 -17.27 -33.86
C ASN W 105 -40.74 -16.24 -34.78
C ASN W 105 -40.73 -16.22 -34.79
N ASN W 106 -39.76 -16.61 -35.61
CA ASN W 106 -39.20 -15.69 -36.59
C ASN W 106 -40.22 -15.31 -37.65
N GLU W 107 -41.05 -16.28 -38.08
CA GLU W 107 -42.09 -15.97 -39.05
C GLU W 107 -43.15 -15.03 -38.47
N SER W 108 -43.49 -15.22 -37.19
CA SER W 108 -44.42 -14.29 -36.54
C SER W 108 -43.83 -12.88 -36.40
N LEU W 109 -42.54 -12.79 -36.07
CA LEU W 109 -41.90 -11.48 -35.96
C LEU W 109 -41.84 -10.76 -37.30
N LEU W 110 -41.59 -11.50 -38.39
CA LEU W 110 -41.56 -10.88 -39.70
C LEU W 110 -42.94 -10.40 -40.12
N LYS W 111 -44.00 -11.13 -39.74
CA LYS W 111 -45.36 -10.67 -40.03
C LYS W 111 -45.70 -9.40 -39.24
N LEU W 112 -45.25 -9.30 -37.99
CA LEU W 112 -45.47 -8.09 -37.20
C LEU W 112 -44.73 -6.89 -37.80
N HIS W 113 -43.49 -7.12 -38.26
CA HIS W 113 -42.72 -6.07 -38.92
C HIS W 113 -43.39 -5.61 -40.21
N SER W 114 -43.99 -6.55 -40.95
CA SER W 114 -44.68 -6.19 -42.18
C SER W 114 -45.94 -5.37 -41.90
N THR W 115 -46.69 -5.70 -40.85
CA THR W 115 -47.86 -4.92 -40.48
C THR W 115 -47.49 -3.50 -40.06
N ALA W 116 -46.46 -3.37 -39.22
CA ALA W 116 -46.00 -2.04 -38.80
C ALA W 116 -45.45 -1.23 -39.96
N GLY W 117 -44.82 -1.88 -40.94
CA GLY W 117 -44.39 -1.18 -42.13
C GLY W 117 -45.54 -0.75 -43.03
N ASN W 118 -46.60 -1.56 -43.09
CA ASN W 118 -47.75 -1.19 -43.91
C ASN W 118 -48.52 -0.03 -43.31
N HIS W 119 -48.48 0.14 -41.99
CA HIS W 119 -49.19 1.27 -41.39
C HIS W 119 -48.30 2.49 -41.17
N ASN W 120 -47.10 2.53 -41.78
CA ASN W 120 -46.17 3.66 -41.76
C ASN W 120 -45.75 4.05 -40.34
N ASP W 121 -45.43 3.05 -39.53
CA ASP W 121 -45.02 3.26 -38.15
C ASP W 121 -43.50 3.08 -38.10
N ALA W 122 -42.77 4.20 -38.20
CA ALA W 122 -41.32 4.15 -38.35
C ALA W 122 -40.64 3.73 -37.06
N HIS W 123 -41.13 4.21 -35.92
CA HIS W 123 -40.51 3.91 -34.63
C HIS W 123 -40.61 2.43 -34.29
N LEU W 124 -41.76 1.81 -34.59
CA LEU W 124 -41.92 0.42 -34.23
C LEU W 124 -41.17 -0.52 -35.16
N THR W 125 -41.07 -0.20 -36.46
CA THR W 125 -40.25 -1.00 -37.35
C THR W 125 -38.77 -0.92 -36.97
N ASP W 126 -38.31 0.28 -36.57
CA ASP W 126 -36.93 0.39 -36.10
C ASP W 126 -36.72 -0.36 -34.79
N PHE W 127 -37.71 -0.34 -33.90
CA PHE W 127 -37.63 -1.07 -32.63
C PHE W 127 -37.51 -2.57 -32.86
N ILE W 128 -38.37 -3.11 -33.74
CA ILE W 128 -38.38 -4.53 -34.04
C ILE W 128 -37.07 -4.95 -34.70
N GLU W 129 -36.60 -4.17 -35.68
CA GLU W 129 -35.34 -4.47 -36.36
C GLU W 129 -34.16 -4.41 -35.41
N GLU W 130 -34.15 -3.47 -34.48
CA GLU W 130 -33.00 -3.35 -33.60
C GLU W 130 -33.00 -4.42 -32.52
N LYS W 131 -34.14 -4.76 -31.94
CA LYS W 131 -34.14 -5.61 -30.76
C LYS W 131 -34.56 -7.06 -30.98
N TYR W 132 -35.16 -7.42 -32.12
CA TYR W 132 -35.71 -8.77 -32.20
C TYR W 132 -35.20 -9.58 -33.38
N LEU W 133 -35.04 -8.96 -34.57
CA LEU W 133 -34.77 -9.73 -35.79
C LEU W 133 -33.36 -10.32 -35.80
N ASP W 134 -32.36 -9.52 -35.42
CA ASP W 134 -30.98 -10.00 -35.42
C ASP W 134 -30.76 -11.07 -34.34
N GLU W 135 -31.37 -10.86 -33.17
CA GLU W 135 -31.30 -11.85 -32.10
C GLU W 135 -31.97 -13.16 -32.51
N GLN W 136 -33.08 -13.07 -33.26
CA GLN W 136 -33.76 -14.29 -33.71
C GLN W 136 -32.93 -15.04 -34.75
N VAL W 137 -32.27 -14.30 -35.66
CA VAL W 137 -31.41 -14.94 -36.66
C VAL W 137 -30.23 -15.65 -35.99
N LYS W 138 -29.64 -15.00 -34.97
CA LYS W 138 -28.53 -15.63 -34.26
C LYS W 138 -28.97 -16.85 -33.45
N SER W 139 -30.18 -16.81 -32.89
CA SER W 139 -30.70 -17.95 -32.15
C SER W 139 -30.97 -19.15 -33.07
N ILE W 140 -31.51 -18.90 -34.26
CA ILE W 140 -31.76 -19.98 -35.22
C ILE W 140 -30.44 -20.60 -35.67
N ASN W 141 -29.41 -19.77 -35.90
CA ASN W 141 -28.11 -20.28 -36.30
C ASN W 141 -27.47 -21.13 -35.20
N GLU W 142 -27.62 -20.70 -33.94
CA GLU W 142 -27.07 -21.45 -32.82
C GLU W 142 -27.73 -22.83 -32.67
N PHE W 143 -29.05 -22.88 -32.81
CA PHE W 143 -29.74 -24.18 -32.71
C PHE W 143 -29.42 -25.09 -33.89
N ALA W 144 -29.21 -24.52 -35.09
CA ALA W 144 -28.84 -25.36 -36.23
C ALA W 144 -27.45 -25.95 -36.06
N ARG W 145 -26.51 -25.18 -35.51
CA ARG W 145 -25.17 -25.71 -35.24
C ARG W 145 -25.20 -26.81 -34.18
N MET W 146 -26.07 -26.64 -33.16
CA MET W 146 -26.17 -27.68 -32.13
C MET W 146 -26.79 -28.96 -32.68
N VAL W 147 -27.76 -28.84 -33.60
CA VAL W 147 -28.33 -30.02 -34.24
C VAL W 147 -27.28 -30.75 -35.08
N ALA W 148 -26.44 -29.99 -35.79
CA ALA W 148 -25.38 -30.60 -36.59
C ALA W 148 -24.35 -31.34 -35.72
N ASN W 149 -23.98 -30.74 -34.58
CA ASN W 149 -23.02 -31.43 -33.71
C ASN W 149 -23.62 -32.65 -33.03
N LEU W 150 -24.92 -32.60 -32.70
CA LEU W 150 -25.56 -33.77 -32.11
C LEU W 150 -25.72 -34.90 -33.11
N LYS W 151 -25.90 -34.56 -34.40
CA LYS W 151 -25.87 -35.60 -35.42
C LYS W 151 -24.47 -36.16 -35.58
N ARG W 152 -23.44 -35.34 -35.39
CA ARG W 152 -22.07 -35.82 -35.53
C ARG W 152 -21.68 -36.79 -34.43
N VAL W 153 -21.95 -36.45 -33.16
CA VAL W 153 -21.42 -37.26 -32.07
C VAL W 153 -22.18 -38.57 -31.86
N GLY W 154 -23.43 -38.66 -32.29
CA GLY W 154 -24.19 -39.88 -32.13
C GLY W 154 -24.68 -40.11 -30.70
N PRO W 155 -25.36 -41.23 -30.47
CA PRO W 155 -25.91 -41.50 -29.14
C PRO W 155 -24.89 -42.13 -28.20
N GLY W 156 -25.12 -41.93 -26.92
CA GLY W 156 -24.33 -42.58 -25.88
C GLY W 156 -23.18 -41.70 -25.39
N VAL W 157 -21.95 -42.15 -25.60
CA VAL W 157 -20.80 -41.45 -25.06
C VAL W 157 -20.60 -40.11 -25.78
N GLY W 158 -21.03 -40.01 -27.04
CA GLY W 158 -21.02 -38.73 -27.72
C GLY W 158 -21.98 -37.73 -27.11
N GLU W 159 -23.14 -38.21 -26.68
CA GLU W 159 -24.11 -37.35 -26.00
C GLU W 159 -23.58 -36.88 -24.65
N TYR W 160 -22.89 -37.77 -23.92
CA TYR W 160 -22.27 -37.38 -22.65
C TYR W 160 -21.17 -36.35 -22.86
N VAL W 161 -20.33 -36.54 -23.88
CA VAL W 161 -19.24 -35.60 -24.17
C VAL W 161 -19.80 -34.25 -24.62
N PHE W 162 -20.88 -34.27 -25.41
CA PHE W 162 -21.55 -33.03 -25.81
C PHE W 162 -22.11 -32.28 -24.61
N ASP W 163 -22.72 -33.00 -23.66
CA ASP W 163 -23.23 -32.32 -22.47
C ASP W 163 -22.11 -31.77 -21.59
N LYS W 164 -20.96 -32.44 -21.56
CA LYS W 164 -19.87 -31.93 -20.74
C LYS W 164 -19.12 -30.77 -21.37
N GLU W 165 -19.03 -30.72 -22.71
CA GLU W 165 -18.10 -29.82 -23.36
C GLU W 165 -18.73 -28.60 -24.01
N HIS W 166 -19.96 -28.70 -24.51
CA HIS W 166 -20.49 -27.69 -25.42
C HIS W 166 -20.91 -26.40 -24.73
N PHE W 167 -21.15 -26.41 -23.43
CA PHE W 167 -21.71 -25.26 -22.74
C PHE W 167 -20.75 -24.61 -21.77
N SER W 168 -19.48 -25.00 -21.78
CA SER W 168 -18.49 -24.44 -20.87
C SER W 168 -17.58 -23.47 -21.61
N SER X 1 16.63 4.28 -57.93
CA SER X 1 16.86 4.23 -56.50
C SER X 1 18.30 4.60 -56.15
N LEU X 2 18.46 5.49 -55.18
CA LEU X 2 19.79 5.84 -54.69
C LEU X 2 20.39 4.76 -53.81
N ALA X 3 19.58 3.85 -53.30
CA ALA X 3 20.02 2.84 -52.34
C ALA X 3 20.40 1.51 -52.97
N ARG X 4 20.08 1.29 -54.25
CA ARG X 4 20.24 -0.02 -54.86
C ARG X 4 21.71 -0.38 -55.07
N GLN X 5 22.10 -1.56 -54.61
CA GLN X 5 23.49 -2.02 -54.69
C GLN X 5 23.50 -3.53 -54.56
N ASN X 6 24.11 -4.21 -55.54
CA ASN X 6 24.23 -5.68 -55.60
C ASN X 6 22.85 -6.36 -55.55
N TYR X 7 21.95 -5.91 -56.41
CA TYR X 7 20.58 -6.41 -56.45
C TYR X 7 20.17 -6.55 -57.92
N HIS X 8 20.30 -7.76 -58.45
CA HIS X 8 20.05 -7.98 -59.87
C HIS X 8 18.56 -8.11 -60.15
N SER X 9 18.21 -7.97 -61.43
CA SER X 9 16.81 -7.90 -61.83
C SER X 9 16.10 -9.26 -61.74
N GLU X 10 16.85 -10.35 -61.92
CA GLU X 10 16.26 -11.69 -61.80
C GLU X 10 15.81 -11.97 -60.38
N VAL X 11 16.59 -11.51 -59.40
CA VAL X 11 16.23 -11.67 -57.99
C VAL X 11 14.99 -10.85 -57.66
N GLU X 12 14.87 -9.65 -58.24
CA GLU X 12 13.70 -8.80 -58.06
C GLU X 12 12.44 -9.46 -58.62
N ALA X 13 12.54 -10.05 -59.81
CA ALA X 13 11.41 -10.75 -60.41
C ALA X 13 11.00 -11.97 -59.59
N ALA X 14 11.97 -12.71 -59.06
CA ALA X 14 11.66 -13.87 -58.23
C ALA X 14 10.99 -13.48 -56.91
N VAL X 15 11.36 -12.32 -56.34
CA VAL X 15 10.71 -11.83 -55.12
C VAL X 15 9.26 -11.47 -55.40
N ASN X 16 8.98 -10.83 -56.56
CA ASN X 16 7.60 -10.51 -56.92
C ASN X 16 6.74 -11.78 -57.11
N LYS X 17 7.34 -12.81 -57.72
CA LYS X 17 6.65 -14.09 -57.87
C LYS X 17 6.30 -14.72 -56.51
N GLN X 18 7.25 -14.67 -55.57
CA GLN X 18 6.98 -15.22 -54.23
C GLN X 18 5.90 -14.44 -53.49
N ILE X 19 5.82 -13.13 -53.72
CA ILE X 19 4.75 -12.31 -53.13
C ILE X 19 3.38 -12.79 -53.58
N ASN X 20 3.24 -13.05 -54.89
CA ASN X 20 1.95 -13.55 -55.40
C ASN X 20 1.61 -14.93 -54.83
N ILE X 21 2.62 -15.78 -54.64
CA ILE X 21 2.39 -17.11 -54.08
C ILE X 21 1.87 -17.03 -52.64
N GLU X 22 2.46 -16.14 -51.82
CA GLU X 22 1.99 -15.99 -50.43
C GLU X 22 0.57 -15.43 -50.36
N LEU X 23 0.23 -14.51 -51.27
CA LEU X 23 -1.13 -13.95 -51.26
C LEU X 23 -2.17 -15.00 -51.66
N TYR X 24 -1.82 -15.86 -52.63
CA TYR X 24 -2.72 -16.95 -53.01
C TYR X 24 -2.95 -17.94 -51.86
N ALA X 25 -1.88 -18.24 -51.11
CA ALA X 25 -2.03 -19.15 -49.97
C ALA X 25 -2.92 -18.56 -48.88
N SER X 26 -2.80 -17.25 -48.64
CA SER X 26 -3.69 -16.57 -47.70
C SER X 26 -5.14 -16.67 -48.10
N TYR X 27 -5.43 -16.53 -49.40
CA TYR X 27 -6.81 -16.55 -49.84
C TYR X 27 -7.40 -17.97 -49.79
N VAL X 28 -6.57 -19.00 -50.03
CA VAL X 28 -6.99 -20.39 -49.86
C VAL X 28 -7.35 -20.68 -48.40
N TYR X 29 -6.53 -20.21 -47.46
CA TYR X 29 -6.84 -20.45 -46.05
C TYR X 29 -8.08 -19.69 -45.59
N LEU X 30 -8.36 -18.53 -46.18
CA LEU X 30 -9.61 -17.83 -45.88
C LEU X 30 -10.83 -18.62 -46.35
N SER X 31 -10.71 -19.24 -47.54
CA SER X 31 -11.79 -20.09 -48.03
C SER X 31 -12.04 -21.30 -47.13
N MET X 32 -10.96 -21.93 -46.63
CA MET X 32 -11.12 -23.07 -45.73
C MET X 32 -11.75 -22.65 -44.39
N SER X 33 -11.32 -21.49 -43.88
CA SER X 33 -11.86 -20.95 -42.62
C SER X 33 -13.36 -20.73 -42.70
N PHE X 34 -13.84 -20.18 -43.81
CA PHE X 34 -15.28 -19.98 -43.87
C PHE X 34 -16.04 -21.20 -44.37
N TYR X 35 -15.35 -22.23 -44.87
CA TYR X 35 -16.04 -23.51 -45.03
C TYR X 35 -16.35 -24.15 -43.69
N PHE X 36 -15.40 -24.13 -42.76
CA PHE X 36 -15.68 -24.77 -41.47
C PHE X 36 -16.58 -23.93 -40.56
N ASP X 37 -16.95 -22.73 -40.97
CA ASP X 37 -17.88 -21.87 -40.24
C ASP X 37 -19.33 -22.12 -40.62
N ARG X 38 -19.60 -22.98 -41.60
CA ARG X 38 -20.96 -23.22 -42.07
C ARG X 38 -21.80 -23.91 -40.99
N ASP X 39 -23.12 -23.72 -41.08
CA ASP X 39 -24.00 -24.23 -40.04
C ASP X 39 -24.21 -25.73 -40.13
N ASP X 40 -23.91 -26.35 -41.26
CA ASP X 40 -23.98 -27.80 -41.39
C ASP X 40 -22.64 -28.48 -41.22
N VAL X 41 -21.57 -27.73 -40.94
CA VAL X 41 -20.28 -28.30 -40.59
C VAL X 41 -19.96 -28.06 -39.11
N ALA X 42 -19.86 -26.78 -38.71
CA ALA X 42 -19.90 -26.32 -37.32
C ALA X 42 -18.75 -26.88 -36.47
N LEU X 43 -17.52 -26.59 -36.91
CA LEU X 43 -16.32 -26.90 -36.15
C LEU X 43 -15.58 -25.59 -35.92
N PRO X 44 -15.88 -24.86 -34.84
CA PRO X 44 -15.43 -23.46 -34.74
C PRO X 44 -13.95 -23.27 -34.47
N ASN X 45 -13.30 -24.20 -33.74
CA ASN X 45 -11.89 -24.01 -33.44
C ASN X 45 -11.02 -24.27 -34.67
N ILE X 46 -11.43 -25.18 -35.55
CA ILE X 46 -10.75 -25.40 -36.81
C ILE X 46 -10.87 -24.15 -37.71
N ALA X 47 -12.05 -23.53 -37.71
CA ALA X 47 -12.27 -22.31 -38.49
C ALA X 47 -11.42 -21.16 -37.98
N LYS X 48 -11.32 -21.03 -36.66
CA LYS X 48 -10.46 -20.00 -36.07
C LYS X 48 -8.98 -20.24 -36.39
N PHE X 49 -8.56 -21.51 -36.39
CA PHE X 49 -7.19 -21.88 -36.75
C PHE X 49 -6.86 -21.48 -38.19
N PHE X 50 -7.78 -21.76 -39.12
CA PHE X 50 -7.51 -21.42 -40.51
C PHE X 50 -7.57 -19.91 -40.75
N LYS X 51 -8.38 -19.18 -39.97
CA LYS X 51 -8.35 -17.72 -40.05
C LYS X 51 -7.00 -17.16 -39.61
N GLU X 52 -6.43 -17.71 -38.54
CA GLU X 52 -5.10 -17.30 -38.11
C GLU X 52 -4.02 -17.63 -39.14
N GLN X 53 -4.15 -18.78 -39.81
CA GLN X 53 -3.21 -19.14 -40.88
C GLN X 53 -3.29 -18.18 -42.05
N SER X 54 -4.51 -17.72 -42.39
CA SER X 54 -4.68 -16.75 -43.46
C SER X 54 -4.01 -15.41 -43.12
N ASP X 55 -4.17 -14.96 -41.87
CA ASP X 55 -3.51 -13.73 -41.43
C ASP X 55 -1.99 -13.86 -41.46
N GLU X 56 -1.47 -15.04 -41.10
CA GLU X 56 -0.02 -15.26 -41.12
C GLU X 56 0.54 -15.23 -42.53
N GLU X 57 -0.15 -15.82 -43.50
CA GLU X 57 0.33 -15.78 -44.88
C GLU X 57 0.29 -14.37 -45.46
N ARG X 58 -0.71 -13.57 -45.05
CA ARG X 58 -0.73 -12.17 -45.46
C ARG X 58 0.46 -11.39 -44.88
N GLU X 59 0.84 -11.71 -43.63
CA GLU X 59 2.03 -11.09 -43.04
C GLU X 59 3.31 -11.47 -43.77
N HIS X 60 3.41 -12.72 -44.23
CA HIS X 60 4.56 -13.15 -45.02
C HIS X 60 4.68 -12.36 -46.32
N ALA X 61 3.54 -12.16 -47.00
CA ALA X 61 3.55 -11.36 -48.24
C ALA X 61 3.96 -9.91 -47.99
N THR X 62 3.47 -9.30 -46.90
CA THR X 62 3.83 -7.91 -46.66
C THR X 62 5.30 -7.76 -46.24
N GLU X 63 5.88 -8.75 -45.56
CA GLU X 63 7.29 -8.67 -45.24
C GLU X 63 8.17 -8.81 -46.48
N LEU X 64 7.75 -9.62 -47.45
CA LEU X 64 8.48 -9.66 -48.71
C LEU X 64 8.38 -8.35 -49.48
N MET X 65 7.21 -7.70 -49.46
CA MET X 65 7.09 -6.37 -50.06
C MET X 65 8.01 -5.35 -49.38
N ARG X 66 8.12 -5.44 -48.06
CA ARG X 66 8.98 -4.53 -47.31
C ARG X 66 10.46 -4.72 -47.66
N VAL X 67 10.91 -5.97 -47.80
CA VAL X 67 12.33 -6.15 -48.12
C VAL X 67 12.61 -5.79 -49.59
N GLN X 68 11.60 -5.92 -50.46
CA GLN X 68 11.74 -5.44 -51.83
C GLN X 68 11.93 -3.93 -51.87
N ASN X 69 11.17 -3.19 -51.06
CA ASN X 69 11.38 -1.75 -50.97
C ASN X 69 12.71 -1.41 -50.30
N LEU X 70 13.14 -2.23 -49.34
CA LEU X 70 14.39 -1.95 -48.63
C LEU X 70 15.61 -2.10 -49.53
N ARG X 71 15.59 -3.06 -50.45
CA ARG X 71 16.74 -3.24 -51.32
C ARG X 71 16.71 -2.33 -52.54
N GLY X 72 15.69 -1.51 -52.71
CA GLY X 72 15.62 -0.60 -53.83
C GLY X 72 14.95 -1.14 -55.06
N GLY X 73 14.30 -2.29 -54.98
CA GLY X 73 13.50 -2.79 -56.08
C GLY X 73 12.11 -2.21 -56.08
N ARG X 74 11.30 -2.64 -57.05
CA ARG X 74 9.95 -2.13 -57.22
C ARG X 74 8.95 -3.28 -57.17
N VAL X 75 7.91 -3.11 -56.36
CA VAL X 75 6.87 -4.11 -56.20
C VAL X 75 5.94 -4.06 -57.40
N VAL X 76 5.69 -5.21 -58.03
CA VAL X 76 4.76 -5.34 -59.14
C VAL X 76 3.75 -6.42 -58.79
N LEU X 77 2.48 -6.03 -58.64
CA LEU X 77 1.44 -6.95 -58.21
C LEU X 77 0.69 -7.55 -59.39
N GLN X 78 0.19 -8.77 -59.19
CA GLN X 78 -0.57 -9.49 -60.20
C GLN X 78 -1.93 -9.89 -59.62
N ASP X 79 -2.76 -10.51 -60.46
CA ASP X 79 -4.04 -11.04 -60.02
C ASP X 79 -3.86 -12.18 -59.02
N ILE X 80 -4.78 -12.27 -58.07
CA ILE X 80 -4.84 -13.37 -57.12
C ILE X 80 -5.92 -14.32 -57.59
N GLN X 81 -5.53 -15.55 -57.93
CA GLN X 81 -6.48 -16.54 -58.42
C GLN X 81 -7.35 -17.06 -57.29
N LYS X 82 -8.58 -17.44 -57.63
CA LYS X 82 -9.50 -18.00 -56.66
C LYS X 82 -9.06 -19.43 -56.30
N PRO X 83 -9.42 -19.92 -55.11
CA PRO X 83 -9.03 -21.27 -54.72
C PRO X 83 -9.66 -22.35 -55.59
N GLU X 84 -9.08 -23.55 -55.51
CA GLU X 84 -9.47 -24.64 -56.40
C GLU X 84 -10.84 -25.21 -56.04
N ASN X 85 -11.24 -25.14 -54.78
CA ASN X 85 -12.49 -25.74 -54.34
C ASN X 85 -13.31 -24.72 -53.55
N ASP X 86 -14.62 -24.86 -53.64
CA ASP X 86 -15.52 -24.10 -52.79
C ASP X 86 -15.78 -24.81 -51.46
N GLU X 87 -15.83 -26.13 -51.45
CA GLU X 87 -16.02 -26.92 -50.25
C GLU X 87 -14.92 -27.96 -50.15
N TRP X 88 -14.52 -28.27 -48.91
CA TRP X 88 -13.29 -29.00 -48.66
C TRP X 88 -13.49 -30.36 -48.02
N GLY X 89 -14.72 -30.89 -48.00
CA GLY X 89 -14.93 -32.26 -47.56
C GLY X 89 -14.84 -32.41 -46.05
N THR X 90 -14.31 -33.55 -45.61
CA THR X 90 -14.11 -33.81 -44.20
C THR X 90 -12.91 -33.02 -43.68
N ALA X 91 -12.67 -33.11 -42.36
CA ALA X 91 -11.53 -32.41 -41.78
C ALA X 91 -10.20 -33.01 -42.22
N LEU X 92 -10.17 -34.33 -42.41
CA LEU X 92 -8.95 -35.00 -42.84
C LEU X 92 -8.54 -34.59 -44.25
N LYS X 93 -9.51 -34.48 -45.16
CA LYS X 93 -9.23 -34.05 -46.53
C LYS X 93 -8.75 -32.60 -46.57
N ALA X 94 -9.33 -31.74 -45.74
CA ALA X 94 -8.91 -30.35 -45.70
C ALA X 94 -7.51 -30.19 -45.16
N PHE X 95 -7.16 -30.96 -44.12
CA PHE X 95 -5.80 -30.84 -43.58
C PHE X 95 -4.77 -31.48 -44.50
N GLU X 96 -5.16 -32.50 -45.28
CA GLU X 96 -4.25 -33.05 -46.28
C GLU X 96 -4.00 -32.07 -47.42
N ALA X 97 -5.04 -31.37 -47.87
CA ALA X 97 -4.86 -30.33 -48.88
C ALA X 97 -4.01 -29.18 -48.37
N ALA X 98 -4.17 -28.82 -47.10
CA ALA X 98 -3.33 -27.78 -46.50
C ALA X 98 -1.87 -28.21 -46.41
N LEU X 99 -1.62 -29.50 -46.12
CA LEU X 99 -0.24 -30.00 -46.08
C LEU X 99 0.40 -29.95 -47.46
N ALA X 100 -0.37 -30.31 -48.51
CA ALA X 100 0.15 -30.24 -49.87
C ALA X 100 0.46 -28.79 -50.28
N LEU X 101 -0.38 -27.85 -49.84
CA LEU X 101 -0.13 -26.43 -50.13
C LEU X 101 1.14 -25.92 -49.44
N GLU X 102 1.36 -26.33 -48.18
CA GLU X 102 2.58 -25.93 -47.47
C GLU X 102 3.83 -26.49 -48.13
N LYS X 103 3.75 -27.72 -48.66
CA LYS X 103 4.92 -28.29 -49.31
C LYS X 103 5.22 -27.61 -50.66
N PHE X 104 4.16 -27.23 -51.39
CA PHE X 104 4.35 -26.44 -52.62
C PHE X 104 5.02 -25.10 -52.33
N ASN X 105 4.59 -24.44 -51.25
N ASN X 105 4.61 -24.44 -51.25
CA ASN X 105 5.18 -23.17 -50.85
CA ASN X 105 5.21 -23.16 -50.87
C ASN X 105 6.65 -23.33 -50.45
C ASN X 105 6.66 -23.33 -50.44
N ASN X 106 6.98 -24.44 -49.77
CA ASN X 106 8.36 -24.72 -49.40
C ASN X 106 9.25 -24.93 -50.62
N GLU X 107 8.72 -25.61 -51.65
CA GLU X 107 9.48 -25.81 -52.87
C GLU X 107 9.74 -24.48 -53.60
N SER X 108 8.74 -23.59 -53.60
CA SER X 108 8.95 -22.26 -54.19
C SER X 108 9.97 -21.43 -53.42
N LEU X 109 9.94 -21.52 -52.08
CA LEU X 109 10.92 -20.79 -51.27
C LEU X 109 12.33 -21.30 -51.49
N LEU X 110 12.50 -22.62 -51.64
CA LEU X 110 13.82 -23.16 -51.91
C LEU X 110 14.34 -22.76 -53.29
N LYS X 111 13.44 -22.65 -54.27
CA LYS X 111 13.86 -22.16 -55.59
C LYS X 111 14.30 -20.70 -55.54
N LEU X 112 13.59 -19.87 -54.75
CA LEU X 112 13.98 -18.47 -54.59
C LEU X 112 15.34 -18.35 -53.90
N HIS X 113 15.57 -19.18 -52.87
CA HIS X 113 16.86 -19.20 -52.19
C HIS X 113 17.99 -19.64 -53.12
N SER X 114 17.70 -20.59 -54.01
CA SER X 114 18.70 -21.04 -54.97
C SER X 114 19.04 -19.95 -55.99
N THR X 115 18.04 -19.19 -56.45
CA THR X 115 18.31 -18.09 -57.38
C THR X 115 19.14 -16.98 -56.73
N ALA X 116 18.78 -16.60 -55.49
CA ALA X 116 19.56 -15.59 -54.78
C ALA X 116 20.97 -16.06 -54.47
N GLY X 117 21.16 -17.36 -54.22
CA GLY X 117 22.50 -17.88 -54.04
C GLY X 117 23.31 -17.91 -55.33
N ASN X 118 22.64 -18.16 -56.46
CA ASN X 118 23.36 -18.17 -57.74
C ASN X 118 23.78 -16.78 -58.16
N HIS X 119 23.06 -15.75 -57.73
CA HIS X 119 23.47 -14.39 -58.11
C HIS X 119 24.33 -13.71 -57.04
N ASN X 120 24.86 -14.47 -56.07
CA ASN X 120 25.78 -14.00 -55.03
C ASN X 120 25.20 -12.86 -54.19
N ASP X 121 23.94 -13.03 -53.79
CA ASP X 121 23.24 -12.02 -52.98
C ASP X 121 23.21 -12.54 -51.55
N ALA X 122 24.19 -12.11 -50.75
CA ALA X 122 24.37 -12.66 -49.42
C ALA X 122 23.27 -12.22 -48.45
N HIS X 123 22.86 -10.94 -48.54
CA HIS X 123 21.86 -10.41 -47.64
C HIS X 123 20.50 -11.08 -47.83
N LEU X 124 20.12 -11.36 -49.08
CA LEU X 124 18.82 -11.95 -49.31
C LEU X 124 18.78 -13.44 -48.96
N THR X 125 19.87 -14.17 -49.20
CA THR X 125 19.90 -15.57 -48.75
C THR X 125 19.86 -15.66 -47.24
N ASP X 126 20.54 -14.75 -46.54
CA ASP X 126 20.45 -14.74 -45.08
C ASP X 126 19.05 -14.36 -44.61
N PHE X 127 18.39 -13.42 -45.31
CA PHE X 127 17.03 -13.00 -44.97
C PHE X 127 16.05 -14.16 -45.12
N ILE X 128 16.14 -14.89 -46.24
CA ILE X 128 15.25 -16.01 -46.50
C ILE X 128 15.48 -17.13 -45.50
N GLU X 129 16.74 -17.46 -45.22
CA GLU X 129 17.07 -18.51 -44.27
C GLU X 129 16.60 -18.15 -42.86
N GLU X 130 16.73 -16.89 -42.47
CA GLU X 130 16.34 -16.51 -41.13
C GLU X 130 14.84 -16.44 -40.95
N LYS X 131 14.09 -15.90 -41.92
CA LYS X 131 12.69 -15.62 -41.67
C LYS X 131 11.69 -16.54 -42.37
N TYR X 132 12.10 -17.42 -43.28
CA TYR X 132 11.09 -18.18 -44.01
C TYR X 132 11.28 -19.69 -43.95
N LEU X 133 12.52 -20.18 -44.04
CA LEU X 133 12.75 -21.61 -44.21
C LEU X 133 12.43 -22.41 -42.95
N ASP X 134 12.88 -21.92 -41.79
CA ASP X 134 12.62 -22.63 -40.53
C ASP X 134 11.14 -22.61 -40.16
N GLU X 135 10.49 -21.46 -40.39
CA GLU X 135 9.06 -21.35 -40.16
C GLU X 135 8.27 -22.29 -41.08
N GLN X 136 8.72 -22.44 -42.32
CA GLN X 136 8.03 -23.34 -43.25
C GLN X 136 8.20 -24.80 -42.86
N VAL X 137 9.40 -25.17 -42.37
CA VAL X 137 9.65 -26.54 -41.90
C VAL X 137 8.78 -26.86 -40.69
N LYS X 138 8.66 -25.90 -39.76
CA LYS X 138 7.81 -26.11 -38.58
C LYS X 138 6.34 -26.19 -38.94
N SER X 139 5.90 -25.41 -39.94
CA SER X 139 4.51 -25.46 -40.37
C SER X 139 4.16 -26.81 -41.03
N ILE X 140 5.08 -27.33 -41.85
CA ILE X 140 4.86 -28.64 -42.48
C ILE X 140 4.79 -29.74 -41.43
N ASN X 141 5.66 -29.67 -40.41
CA ASN X 141 5.64 -30.66 -39.34
C ASN X 141 4.34 -30.60 -38.53
N GLU X 142 3.84 -29.39 -38.27
CA GLU X 142 2.59 -29.22 -37.53
C GLU X 142 1.40 -29.81 -38.30
N PHE X 143 1.33 -29.56 -39.60
CA PHE X 143 0.23 -30.11 -40.39
C PHE X 143 0.33 -31.64 -40.53
N ALA X 144 1.55 -32.19 -40.58
CA ALA X 144 1.68 -33.64 -40.65
C ALA X 144 1.24 -34.31 -39.35
N ARG X 145 1.55 -33.68 -38.21
CA ARG X 145 1.09 -34.23 -36.93
C ARG X 145 -0.43 -34.16 -36.81
N MET X 146 -1.04 -33.09 -37.32
CA MET X 146 -2.49 -32.99 -37.27
C MET X 146 -3.16 -34.01 -38.19
N VAL X 147 -2.56 -34.31 -39.34
CA VAL X 147 -3.09 -35.35 -40.21
C VAL X 147 -3.01 -36.71 -39.54
N ALA X 148 -1.90 -36.98 -38.83
CA ALA X 148 -1.76 -38.26 -38.12
C ALA X 148 -2.80 -38.40 -36.99
N ASN X 149 -3.05 -37.32 -36.25
CA ASN X 149 -4.05 -37.42 -35.18
C ASN X 149 -5.47 -37.53 -35.72
N LEU X 150 -5.76 -36.89 -36.86
CA LEU X 150 -7.08 -37.03 -37.45
C LEU X 150 -7.30 -38.42 -38.03
N LYS X 151 -6.23 -39.07 -38.51
CA LYS X 151 -6.36 -40.47 -38.89
C LYS X 151 -6.55 -41.35 -37.68
N ARG X 152 -5.97 -40.99 -36.54
CA ARG X 152 -6.13 -41.80 -35.33
C ARG X 152 -7.54 -41.74 -34.78
N VAL X 153 -8.12 -40.54 -34.64
CA VAL X 153 -9.40 -40.44 -33.94
C VAL X 153 -10.59 -40.90 -34.77
N GLY X 154 -10.49 -40.91 -36.09
CA GLY X 154 -11.59 -41.35 -36.93
C GLY X 154 -12.73 -40.35 -37.02
N PRO X 155 -13.78 -40.69 -37.76
CA PRO X 155 -14.89 -39.76 -37.95
C PRO X 155 -15.88 -39.79 -36.80
N GLY X 156 -16.59 -38.68 -36.64
CA GLY X 156 -17.68 -38.58 -35.68
C GLY X 156 -17.23 -38.00 -34.35
N VAL X 157 -17.33 -38.80 -33.29
CA VAL X 157 -17.04 -38.30 -31.95
C VAL X 157 -15.55 -38.02 -31.79
N GLY X 158 -14.70 -38.73 -32.54
CA GLY X 158 -13.29 -38.40 -32.55
C GLY X 158 -13.00 -37.04 -33.17
N GLU X 159 -13.74 -36.70 -34.23
CA GLU X 159 -13.62 -35.40 -34.84
C GLU X 159 -14.08 -34.28 -33.91
N TYR X 160 -15.17 -34.54 -33.17
CA TYR X 160 -15.64 -33.56 -32.18
C TYR X 160 -14.63 -33.37 -31.06
N VAL X 161 -14.04 -34.46 -30.57
CA VAL X 161 -13.05 -34.38 -29.48
C VAL X 161 -11.79 -33.68 -29.96
N PHE X 162 -11.38 -33.94 -31.22
CA PHE X 162 -10.24 -33.24 -31.82
C PHE X 162 -10.50 -31.74 -31.92
N ASP X 163 -11.71 -31.34 -32.32
CA ASP X 163 -12.01 -29.92 -32.40
C ASP X 163 -12.06 -29.27 -31.02
N LYS X 164 -12.49 -30.01 -30.00
CA LYS X 164 -12.54 -29.41 -28.67
C LYS X 164 -11.17 -29.34 -27.99
N GLU X 165 -10.27 -30.28 -28.26
CA GLU X 165 -9.09 -30.44 -27.43
C GLU X 165 -7.80 -29.94 -28.07
N HIS X 166 -7.66 -30.01 -29.39
CA HIS X 166 -6.35 -29.85 -30.02
C HIS X 166 -5.85 -28.42 -30.07
N PHE X 167 -6.73 -27.43 -29.94
CA PHE X 167 -6.34 -26.04 -30.14
C PHE X 167 -6.40 -25.21 -28.87
N SER X 168 -6.58 -25.84 -27.71
CA SER X 168 -6.65 -25.12 -26.45
C SER X 168 -5.36 -25.29 -25.66
FE FE Y . 43.19 6.44 23.91
FE FE Z . 28.56 -36.68 17.81
FE FE AA . 28.32 -30.18 -27.67
FE FE BA . 42.95 12.95 -21.58
FE FE CA . 24.62 39.90 -16.73
FE FE DA . 30.07 0.47 -39.67
FE FE EA . -15.19 -1.30 -47.39
FE FE FA . -20.63 38.15 -24.45
FE FE GA . -25.41 42.07 7.91
FE FE HA . -35.36 18.11 -30.00
FE FE IA . -46.10 -18.33 -4.15
FE FE JA . -36.15 5.63 33.77
FE FE KA . -6.84 8.61 48.55
FE FE LA . -36.88 -19.05 27.48
FE FE MA . -2.59 -47.21 15.57
FE FE NA . 27.45 -19.56 36.64
FE FE OA . -19.16 33.75 31.17
FE FE PA . 18.27 10.97 44.99
FE FE QA . 41.26 26.56 8.39
FE FE RA . 3.82 49.34 -5.43
FE FE SA . 16.25 -45.65 -11.42
FE FE TA . -25.86 -42.03 6.59
FE FE UA . -38.36 -14.66 -28.14
FE FE VA . 3.76 -18.28 -46.15
#